data_8ZP7
#
_entry.id   8ZP7
#
loop_
_entity.id
_entity.type
_entity.pdbx_description
1 polymer 'RNA (61-MER)'
2 polymer 'CRISPR-associated protein Cse1 (CRISPR_cse1)'
3 polymer 'CRISPR-associated protein Cse2 (CRISPR_cse2)'
4 polymer 'CRISPR system Cascade subunit CasC'
5 polymer 'CRISPR system Cascade subunit CasD'
6 polymer 'CRISPR-associated endoribonuclease Cse3'
7 polymer 'DNA (60-MER)'
8 non-polymer 'MAGNESIUM ION'
#
loop_
_entity_poly.entity_id
_entity_poly.type
_entity_poly.pdbx_seq_one_letter_code
_entity_poly.pdbx_strand_id
1 'polyribonucleotide' GUGAACCGGAUUGCCGUCAGGAAAUUAGGUGCGCUUAGCAGUAUUCCCCACGCAUGUGGGG A
2 'polypeptide(L)'
;MHHHHHHHHHHVYCAAVCFPQTKYQQRGTALKKPLVGLRKMGVEAAAWNTLKVTRDRPKLTFPDLITPQSKFLDNDLWLK
YKVPIEQKEHVMYNLLCDNWVNVVYLSGKPDRISLVQTLKDAHCLQLAYSNPMDRFTVFRFLLALGYWCFANTNVEPEPD
KPLPVSWIPWLEENKEYFELFGDGKRFFQADPSSRIRAITDLIHEIPTAHNLCHFKHVTDYIDGLCEACCIKGLLRLPVF
TTVGGRGIGAGINNTPPFYLLWHANDLAGMLAQNWQPWDNMGIPAWLGSFQKESREVGLLAGMTWLPRKVYLHDPVPGQA
ACCSCGLPSEALVYSCSIEVEPVPKGLEWKDPHGVYTDQGKSLQSKIKLMSNDRYTFADRDWYSPLFSYLHAEGNSRQGK
LWLVGFASDKAKSIDIWDKIIELEGTDTNDELLAQLANRATALNAMRKKPLRGDFKKSVGTPQIADIIPHAENRIAINAG
KMTENRGYSWQDADTEYGELLTKVAYSLEPAQTVDARLKRGNFISRKPWPIIPESKTKPAEGDQNE
;
C
3 'polypeptide(L)'
;MNRGTVDFIASLENLKEGDLGILRKLRGARLDEKLPGFDLFSALWWPLRQKNQRAPKREVAWLIAKLFAEFRFEQREGAT
LPILMGGICRKLEPKKELPRVLARFDQLASLDIMQMEEPLSVIMGILRKHQQVCLDWVGLTDVLSFWEQEPVKREWSDSF
IKAYKINKEDSDVD
;
E
4 'polypeptide(L)'
;MLIEIHMIQNHSPANLNRDDLGAPKTCYFGGVLRSRISSQCIKRSIRTSNDFKALLGGVRTRRLADLIQQEAGETECWKK
AQEILNKCGFKNKDDNTKMLVFMSKDKIKDLARIVLDNSLGLTEAAQQVANVIAQATLAPDIALCGRMLEPNDKDKDKKV
KWSNTTVEAALQVAHAISTHIARPEIDYFVAADDVPGEDAGAGHIGESMFASACFYKYFSIDWEQLVKNLKGDTNLAAHT
VGAFLLAAAKTNPSGKQNSFAAHNYPDGILVEFKNSPISYANAFVRPVSVVKESDLVEQSIGQLSNYVNDIRLGYYDEQS
PVIGFWFSPNNRYPLGYKHSKLASRNIGNLNELVGAVLDYIGGFKWEEVQKSKAYIGG
;
F,H,I,J,K,G
5 'polypeptide(L)'
;MSAPPNTLFLRLEGALQSWGSNEAKFALRRTADAPTKSGVLGLLCAAMGIGRAEAADSWLPKLANLRMGVRIDRPGIRWW
DFHTVGAGQRMRMAELKAPKKPSMVGAALAETLTPSKVKTRAETLLSRREYLADASFLVALQGEPELVAKLSAALAKPVW
AIYLGRKSCPPSRPVCEHPPGFYNTLEEALSAVPLQKRWHNEPLPQILPCVMDWIPGYDGEHAPDDAEIHYDLPVSFQPP
RHLPRFVIRRELVVGEDVQVSRETGTSVWRPKGTRADYNNSEYKKVRAERLVMDHAACMVCKAPATTVQHVNYRRAGGKE
IPEDLRALCRLCHDACTMLEYGSGMTTNRIDPCDPIWRERILAKRKEIVEFRSRGQRFRKMKPEEENG
;
B
6 'polypeptide(L)'
;MIYLSRLLIDTGGNPDRPRPGRKWLDNIYNVHRRLSMAFPSGLRREQDPHFLKPFSPNDFQKTPFLFRVDNNIDGNDKRA
IIIVQSVLEPDWDYCFQNALDFLAAPPETKEYNPEFKAGQLLRFRLRVNASVRRHIPEMVQQDGQTIETGKILHKRVSLT
WDASSTPDQALADWLAAKSPKLGFTLQRCELLQLGWVYGSKPEPKNVKVKEQGQGYWREHKYNPLRFRAALLEGVLEVDD
PKLFLKTLSSGIGKAKSFGFGLLSVLPIRNDG
;
D
7 'polydeoxyribonucleotide'
;(DC)(DG)(DG)(DA)(DG)(DA)(DG)(DC)(DT)(DT)(DG)(DA)(DC)(DA)(DT)(DG)(DT)(DG)(DT)(DG)
(DC)(DT)(DA)(DA)(DG)(DC)(DG)(DC)(DA)(DC)(DC)(DT)(DA)(DA)(DT)(DT)(DT)(DC)(DC)(DT)
(DG)(DA)(DC)(DG)(DG)(DC)(DA)(DA)(DT)(DC)(DC)(DT)(DT)(DA)(DC)(DC)(DA)(DG)(DC)(DT)
;
M
#
# COMPACT_ATOMS: atom_id res chain seq x y z
N VAL B 91 38.66 77.18 26.47
CA VAL B 91 40.01 77.67 26.23
C VAL B 91 40.17 78.09 24.78
N MET B 92 41.30 78.73 24.48
CA MET B 92 41.58 79.19 23.12
C MET B 92 41.96 77.99 22.27
N TYR B 93 41.14 77.67 21.27
CA TYR B 93 41.38 76.55 20.37
C TYR B 93 41.63 77.05 18.96
N ASN B 94 42.64 76.49 18.30
CA ASN B 94 42.96 76.81 16.93
C ASN B 94 43.07 75.53 16.13
N LEU B 95 42.64 75.58 14.87
CA LEU B 95 42.76 74.42 13.99
C LEU B 95 44.19 74.19 13.58
N LEU B 96 45.02 75.23 13.56
CA LEU B 96 46.38 75.12 13.03
C LEU B 96 47.29 74.37 13.99
N CYS B 97 47.22 74.67 15.28
CA CYS B 97 48.16 74.13 16.26
C CYS B 97 47.59 72.98 17.08
N ASP B 98 46.31 73.02 17.43
CA ASP B 98 45.73 71.98 18.25
C ASP B 98 45.30 70.80 17.40
N ASN B 99 45.43 69.60 17.98
CA ASN B 99 45.22 68.36 17.24
C ASN B 99 43.73 68.07 17.08
N TRP B 100 43.27 67.94 15.84
CA TRP B 100 41.89 67.57 15.59
C TRP B 100 41.69 66.54 14.49
N VAL B 101 42.73 66.15 13.76
CA VAL B 101 42.60 65.24 12.62
C VAL B 101 43.01 63.85 13.04
N ASN B 102 42.16 62.87 12.75
CA ASN B 102 42.45 61.45 12.97
C ASN B 102 43.10 60.89 11.70
N VAL B 103 44.38 60.55 11.80
CA VAL B 103 45.10 59.91 10.72
C VAL B 103 45.85 58.71 11.29
N VAL B 104 46.26 57.82 10.39
CA VAL B 104 47.16 56.73 10.73
C VAL B 104 48.41 56.89 9.87
N TYR B 105 49.57 56.74 10.48
CA TYR B 105 50.80 56.86 9.73
C TYR B 105 51.07 55.57 8.96
N LEU B 106 51.79 55.70 7.85
CA LEU B 106 52.09 54.52 7.03
C LEU B 106 53.02 53.56 7.76
N SER B 107 53.78 54.06 8.73
CA SER B 107 54.54 53.17 9.61
C SER B 107 53.62 52.35 10.50
N GLY B 108 52.48 52.93 10.89
CA GLY B 108 51.47 52.18 11.61
C GLY B 108 51.10 52.75 12.96
N LYS B 109 51.32 54.05 13.17
CA LYS B 109 51.00 54.67 14.44
C LYS B 109 49.87 55.68 14.25
N PRO B 110 48.66 55.39 14.74
CA PRO B 110 47.57 56.36 14.61
C PRO B 110 47.77 57.53 15.57
N ASP B 111 47.35 58.71 15.12
CA ASP B 111 47.54 59.88 15.97
C ASP B 111 46.49 60.94 15.67
N ARG B 112 46.16 61.71 16.71
CA ARG B 112 45.43 62.95 16.56
C ARG B 112 46.43 64.07 16.35
N ILE B 113 46.38 64.71 15.18
CA ILE B 113 47.36 65.73 14.83
C ILE B 113 46.67 66.97 14.28
N SER B 114 47.41 68.08 14.26
CA SER B 114 46.89 69.37 13.88
C SER B 114 46.94 69.57 12.37
N LEU B 115 46.53 70.75 11.92
CA LEU B 115 46.47 71.04 10.49
C LEU B 115 47.87 71.18 9.89
N VAL B 116 48.82 71.74 10.65
CA VAL B 116 50.17 71.87 10.15
C VAL B 116 50.82 70.51 9.96
N GLN B 117 50.58 69.59 10.90
CA GLN B 117 51.20 68.27 10.86
C GLN B 117 50.73 67.46 9.65
N THR B 118 49.43 67.47 9.38
CA THR B 118 48.93 66.82 8.17
C THR B 118 49.23 67.64 6.93
N LEU B 119 49.59 68.92 7.09
CA LEU B 119 49.94 69.74 5.94
C LEU B 119 51.32 69.40 5.41
N LYS B 120 52.35 69.58 6.23
CA LYS B 120 53.70 69.47 5.69
C LYS B 120 54.24 68.04 5.68
N ASP B 121 53.54 67.08 6.28
CA ASP B 121 53.94 65.69 6.08
C ASP B 121 53.37 65.16 4.77
N ALA B 122 52.05 64.97 4.71
CA ALA B 122 51.28 64.75 3.49
C ALA B 122 51.67 63.53 2.65
N HIS B 123 52.67 62.75 3.08
CA HIS B 123 53.00 61.53 2.36
C HIS B 123 53.32 60.38 3.29
N CYS B 124 53.22 60.57 4.60
CA CYS B 124 53.45 59.51 5.56
C CYS B 124 52.19 59.11 6.31
N LEU B 125 51.07 59.75 6.02
CA LEU B 125 49.83 59.52 6.76
C LEU B 125 48.68 59.31 5.78
N GLN B 126 47.65 58.64 6.28
CA GLN B 126 46.43 58.35 5.55
C GLN B 126 45.25 58.68 6.45
N LEU B 127 44.21 59.28 5.85
CA LEU B 127 43.04 59.68 6.61
C LEU B 127 42.32 58.47 7.16
N ALA B 128 42.05 58.49 8.47
CA ALA B 128 41.50 57.35 9.18
C ALA B 128 40.38 57.83 10.10
N TYR B 129 39.15 57.79 9.61
CA TYR B 129 37.98 58.16 10.39
C TYR B 129 37.02 56.99 10.44
N SER B 130 36.42 56.77 11.61
CA SER B 130 35.45 55.69 11.78
C SER B 130 34.22 55.92 10.91
N ASN B 131 33.73 57.15 10.87
CA ASN B 131 32.65 57.50 9.96
C ASN B 131 33.22 57.76 8.56
N PRO B 132 32.76 57.05 7.54
CA PRO B 132 33.26 57.31 6.18
C PRO B 132 33.00 58.71 5.66
N MET B 133 31.82 59.27 5.95
CA MET B 133 31.54 60.60 5.44
C MET B 133 32.24 61.68 6.25
N ASP B 134 32.65 61.39 7.48
CA ASP B 134 33.59 62.27 8.18
C ASP B 134 34.91 62.33 7.44
N ARG B 135 35.40 61.17 6.98
CA ARG B 135 36.63 61.13 6.19
C ARG B 135 36.47 61.94 4.91
N PHE B 136 35.32 61.80 4.24
CA PHE B 136 35.10 62.55 3.01
C PHE B 136 34.99 64.05 3.27
N THR B 137 34.34 64.47 4.36
CA THR B 137 34.24 65.90 4.65
C THR B 137 35.59 66.50 5.01
N VAL B 138 36.41 65.76 5.75
CA VAL B 138 37.76 66.24 6.07
C VAL B 138 38.60 66.34 4.80
N PHE B 139 38.47 65.35 3.89
CA PHE B 139 39.18 65.45 2.62
C PHE B 139 38.68 66.61 1.78
N ARG B 140 37.38 66.89 1.83
CA ARG B 140 36.84 68.04 1.10
C ARG B 140 37.39 69.35 1.65
N PHE B 141 37.50 69.46 2.97
CA PHE B 141 38.09 70.65 3.57
C PHE B 141 39.56 70.80 3.17
N LEU B 142 40.30 69.69 3.14
CA LEU B 142 41.70 69.75 2.72
C LEU B 142 41.81 70.10 1.24
N LEU B 143 40.91 69.60 0.41
CA LEU B 143 40.90 69.95 -1.01
C LEU B 143 40.60 71.43 -1.21
N ALA B 144 39.65 71.97 -0.44
CA ALA B 144 39.35 73.40 -0.52
C ALA B 144 40.52 74.24 -0.05
N LEU B 145 41.23 73.79 1.00
CA LEU B 145 42.42 74.50 1.44
C LEU B 145 43.52 74.47 0.38
N GLY B 146 43.67 73.32 -0.30
CA GLY B 146 44.63 73.25 -1.38
C GLY B 146 44.27 74.15 -2.54
N TYR B 147 42.97 74.25 -2.84
CA TYR B 147 42.51 75.18 -3.87
C TYR B 147 42.80 76.62 -3.50
N TRP B 148 42.59 76.98 -2.23
CA TRP B 148 42.92 78.34 -1.76
C TRP B 148 44.41 78.61 -1.86
N CYS B 149 45.23 77.64 -1.46
CA CYS B 149 46.67 77.79 -1.54
C CYS B 149 47.15 77.93 -2.98
N PHE B 150 46.54 77.19 -3.91
CA PHE B 150 46.89 77.33 -5.32
C PHE B 150 46.42 78.66 -5.87
N ALA B 151 45.26 79.14 -5.42
CA ALA B 151 44.76 80.42 -5.90
C ALA B 151 45.62 81.57 -5.40
N ASN B 152 46.31 81.39 -4.28
CA ASN B 152 47.18 82.44 -3.75
C ASN B 152 48.66 82.20 -3.98
N THR B 153 49.06 81.06 -4.56
CA THR B 153 50.46 80.78 -4.84
C THR B 153 50.74 80.30 -6.25
N ASN B 154 49.77 79.69 -6.94
CA ASN B 154 49.91 79.21 -8.32
C ASN B 154 51.04 78.18 -8.45
N VAL B 155 50.88 77.06 -7.75
CA VAL B 155 51.81 75.96 -7.86
C VAL B 155 51.08 74.64 -7.69
N GLU B 156 51.14 73.78 -8.69
CA GLU B 156 50.44 72.51 -8.70
C GLU B 156 51.12 71.50 -7.78
N PRO B 157 50.35 70.64 -7.12
CA PRO B 157 50.96 69.55 -6.36
C PRO B 157 51.39 68.42 -7.29
N GLU B 158 52.69 68.35 -7.54
CA GLU B 158 53.27 67.27 -8.31
C GLU B 158 53.18 65.95 -7.56
N PRO B 159 52.94 64.83 -8.26
CA PRO B 159 52.71 63.56 -7.59
C PRO B 159 54.01 62.87 -7.19
N ASP B 160 53.86 61.84 -6.35
CA ASP B 160 54.93 60.99 -5.84
C ASP B 160 55.99 61.77 -5.09
N LYS B 161 55.62 62.92 -4.56
CA LYS B 161 56.55 63.85 -3.93
C LYS B 161 55.62 64.81 -3.20
N PRO B 162 55.85 65.07 -1.90
CA PRO B 162 54.88 65.86 -1.11
C PRO B 162 54.63 67.27 -1.64
N LEU B 163 53.66 67.92 -1.00
CA LEU B 163 53.09 69.17 -1.47
C LEU B 163 54.12 70.31 -1.43
N PRO B 164 53.90 71.36 -2.21
CA PRO B 164 54.79 72.53 -2.17
C PRO B 164 54.87 73.15 -0.79
N VAL B 165 56.07 73.61 -0.43
CA VAL B 165 56.32 74.15 0.90
C VAL B 165 55.90 75.60 1.05
N SER B 166 55.36 76.22 0.01
CA SER B 166 54.89 77.59 0.08
C SER B 166 53.47 77.70 0.62
N TRP B 167 52.80 76.57 0.86
CA TRP B 167 51.44 76.59 1.38
C TRP B 167 51.40 76.85 2.88
N ILE B 168 52.40 76.35 3.62
CA ILE B 168 52.42 76.56 5.07
C ILE B 168 52.56 78.03 5.50
N PRO B 169 53.42 78.87 4.89
CA PRO B 169 53.41 80.27 5.35
C PRO B 169 52.17 81.02 4.92
N TRP B 170 51.49 80.59 3.85
CA TRP B 170 50.24 81.23 3.48
C TRP B 170 49.10 80.81 4.40
N LEU B 171 49.15 79.59 4.94
CA LEU B 171 48.15 79.18 5.92
C LEU B 171 48.55 79.51 7.36
N GLU B 172 49.74 80.06 7.58
CA GLU B 172 50.22 80.29 8.92
C GLU B 172 50.05 81.73 9.41
N GLU B 173 50.26 82.72 8.54
CA GLU B 173 50.27 84.11 9.00
C GLU B 173 48.89 84.60 9.42
N ASN B 174 47.83 83.92 8.99
CA ASN B 174 46.48 84.22 9.47
C ASN B 174 46.12 83.27 10.61
N LYS B 175 46.78 83.49 11.75
CA LYS B 175 46.64 82.59 12.90
C LYS B 175 45.31 82.79 13.60
N GLU B 176 44.89 84.06 13.77
CA GLU B 176 43.60 84.38 14.37
C GLU B 176 42.43 83.95 13.50
N TYR B 177 42.71 83.57 12.26
CA TYR B 177 41.68 83.39 11.24
C TYR B 177 40.94 82.06 11.41
N PHE B 178 41.64 80.92 11.34
CA PHE B 178 41.05 79.61 11.64
C PHE B 178 41.00 79.44 13.16
N GLU B 179 40.03 80.10 13.78
CA GLU B 179 39.90 80.07 15.22
C GLU B 179 38.46 79.74 15.61
N LEU B 180 38.33 78.92 16.65
CA LEU B 180 37.03 78.68 17.27
C LEU B 180 36.75 79.64 18.42
N PHE B 181 37.79 80.29 18.95
CA PHE B 181 37.68 81.24 20.05
C PHE B 181 38.37 82.53 19.65
N GLY B 182 38.38 83.49 20.58
CA GLY B 182 39.04 84.77 20.36
C GLY B 182 38.06 85.88 20.03
N ASP B 183 38.61 87.08 19.94
CA ASP B 183 37.83 88.29 19.65
C ASP B 183 38.02 88.63 18.18
N GLY B 184 37.12 88.12 17.34
CA GLY B 184 37.20 88.40 15.91
C GLY B 184 36.42 87.39 15.11
N LYS B 185 36.88 87.20 13.87
CA LYS B 185 36.25 86.24 12.97
C LYS B 185 36.42 84.81 13.49
N ARG B 186 35.41 83.99 13.25
CA ARG B 186 35.38 82.61 13.73
C ARG B 186 35.08 81.66 12.58
N PHE B 187 35.55 80.43 12.72
CA PHE B 187 35.49 79.45 11.64
C PHE B 187 34.12 78.80 11.61
N PHE B 188 33.45 78.90 10.45
CA PHE B 188 32.12 78.33 10.21
C PHE B 188 31.09 78.87 11.19
N GLN B 189 31.21 80.15 11.54
CA GLN B 189 30.29 80.84 12.43
C GLN B 189 29.86 82.15 11.78
N ALA B 190 28.71 82.67 12.19
CA ALA B 190 28.03 83.68 11.39
C ALA B 190 27.28 84.64 12.30
N ASP B 191 26.27 85.32 11.72
CA ASP B 191 25.51 86.41 12.36
C ASP B 191 24.89 86.01 13.69
N PRO B 192 24.53 86.98 14.54
CA PRO B 192 23.99 86.69 15.88
C PRO B 192 22.75 85.80 15.86
N SER B 193 22.54 85.13 17.00
CA SER B 193 21.62 84.01 17.11
C SER B 193 20.79 84.08 18.38
N SER B 194 19.62 83.44 18.35
CA SER B 194 18.74 83.28 19.49
C SER B 194 18.27 81.84 19.70
N ARG B 195 18.03 81.10 18.64
CA ARG B 195 17.51 79.74 18.75
C ARG B 195 18.64 78.78 19.16
N ILE B 196 18.36 77.94 20.15
CA ILE B 196 19.35 77.06 20.76
C ILE B 196 18.95 75.61 20.51
N ARG B 197 19.89 74.80 20.02
CA ARG B 197 19.69 73.38 19.81
C ARG B 197 20.88 72.63 20.38
N ALA B 198 20.64 71.36 20.76
CA ALA B 198 21.67 70.54 21.38
C ALA B 198 22.78 70.20 20.38
N ILE B 199 23.93 69.81 20.92
CA ILE B 199 25.07 69.44 20.08
C ILE B 199 24.87 68.11 19.36
N THR B 200 23.85 67.34 19.75
CA THR B 200 23.62 66.03 19.16
C THR B 200 23.14 66.12 17.71
N ASP B 201 22.54 67.23 17.30
CA ASP B 201 22.03 67.33 15.94
C ASP B 201 23.06 67.85 14.94
N LEU B 202 24.12 68.49 15.42
CA LEU B 202 25.24 68.84 14.54
C LEU B 202 25.87 67.59 13.96
N ILE B 203 26.11 66.60 14.81
CA ILE B 203 26.52 65.28 14.34
C ILE B 203 25.28 64.55 13.85
N HIS B 204 25.45 63.60 12.95
CA HIS B 204 24.32 62.86 12.41
C HIS B 204 24.31 61.41 12.82
N GLU B 205 25.47 60.85 13.15
CA GLU B 205 25.59 59.41 13.38
C GLU B 205 25.00 59.05 14.74
N ILE B 206 25.23 59.90 15.74
CA ILE B 206 24.58 59.79 17.06
C ILE B 206 23.14 60.27 16.93
N PRO B 207 22.16 59.56 17.51
CA PRO B 207 20.78 60.02 17.41
C PRO B 207 20.54 61.33 18.14
N THR B 208 19.57 62.08 17.64
CA THR B 208 19.27 63.44 18.06
C THR B 208 17.95 63.46 18.83
N ALA B 209 17.50 64.66 19.19
CA ALA B 209 16.21 64.83 19.84
C ALA B 209 15.08 64.71 18.83
N HIS B 210 14.63 63.48 18.58
CA HIS B 210 13.56 63.23 17.62
C HIS B 210 12.20 63.55 18.24
N ASN B 211 11.12 63.09 17.60
CA ASN B 211 9.79 63.16 18.20
C ASN B 211 9.59 62.00 19.16
N LEU B 212 10.54 61.82 20.08
CA LEU B 212 10.57 60.72 21.05
C LEU B 212 11.12 61.28 22.35
N CYS B 213 11.51 60.37 23.25
CA CYS B 213 12.28 60.77 24.42
C CYS B 213 13.50 59.89 24.54
N HIS B 214 13.38 58.63 24.13
CA HIS B 214 14.48 57.69 24.18
C HIS B 214 15.14 57.51 22.81
N PHE B 215 16.45 57.28 22.85
CA PHE B 215 17.29 57.24 21.65
C PHE B 215 18.17 56.00 21.79
N LYS B 216 19.24 55.92 20.97
CA LYS B 216 20.22 54.85 21.09
C LYS B 216 21.19 55.13 22.25
N HIS B 217 20.60 55.18 23.46
CA HIS B 217 21.31 55.39 24.73
C HIS B 217 22.13 56.68 24.72
N VAL B 218 21.48 57.74 24.26
CA VAL B 218 22.02 59.11 24.32
C VAL B 218 20.93 59.97 24.96
N THR B 219 21.35 61.09 25.55
CA THR B 219 20.42 62.04 26.13
C THR B 219 21.01 63.44 26.00
N ASP B 220 20.24 64.36 25.43
CA ASP B 220 20.72 65.70 25.15
C ASP B 220 20.94 66.48 26.44
N TYR B 221 21.81 67.50 26.35
CA TYR B 221 22.17 68.42 27.42
C TYR B 221 22.82 67.70 28.61
N ILE B 222 23.39 66.51 28.39
CA ILE B 222 24.06 65.77 29.45
C ILE B 222 25.48 65.45 28.99
N ASP B 223 25.61 64.84 27.82
CA ASP B 223 26.91 64.51 27.25
C ASP B 223 27.12 65.32 25.97
N GLY B 224 28.38 65.68 25.72
CA GLY B 224 28.73 66.48 24.56
C GLY B 224 29.95 65.91 23.85
N LEU B 225 30.27 66.54 22.72
CA LEU B 225 31.33 66.10 21.85
C LEU B 225 32.62 66.87 22.13
N CYS B 226 33.73 66.32 21.66
CA CYS B 226 35.01 66.98 21.80
C CYS B 226 35.18 68.03 20.71
N GLU B 227 36.31 68.74 20.75
CA GLU B 227 36.59 69.79 19.77
C GLU B 227 36.79 69.21 18.38
N ALA B 228 37.52 68.09 18.28
CA ALA B 228 37.72 67.44 16.99
C ALA B 228 36.41 66.91 16.42
N CYS B 229 35.57 66.32 17.27
CA CYS B 229 34.26 65.87 16.84
C CYS B 229 33.39 67.05 16.42
N CYS B 230 33.48 68.17 17.13
CA CYS B 230 32.72 69.36 16.75
C CYS B 230 33.18 69.90 15.40
N ILE B 231 34.49 69.87 15.14
CA ILE B 231 35.00 70.34 13.86
C ILE B 231 34.56 69.42 12.73
N LYS B 232 34.67 68.10 12.94
CA LYS B 232 34.25 67.17 11.90
C LYS B 232 32.74 67.16 11.71
N GLY B 233 31.97 67.59 12.71
CA GLY B 233 30.55 67.80 12.52
C GLY B 233 30.23 69.10 11.82
N LEU B 234 31.07 70.12 12.00
CA LEU B 234 30.89 71.36 11.28
C LEU B 234 31.20 71.21 9.79
N LEU B 235 32.16 70.33 9.46
CA LEU B 235 32.46 70.05 8.06
C LEU B 235 31.38 69.21 7.40
N ARG B 236 30.50 68.58 8.18
CA ARG B 236 29.37 67.84 7.62
C ARG B 236 28.29 68.75 7.08
N LEU B 237 28.27 70.02 7.50
CA LEU B 237 27.21 70.94 7.10
C LEU B 237 27.15 71.23 5.60
N PRO B 238 28.25 71.57 4.90
CA PRO B 238 28.10 71.85 3.46
C PRO B 238 27.85 70.62 2.60
N VAL B 239 28.03 69.42 3.14
CA VAL B 239 28.07 68.20 2.34
C VAL B 239 26.88 67.30 2.64
N PHE B 240 26.50 67.16 3.91
CA PHE B 240 25.57 66.12 4.34
C PHE B 240 24.49 66.69 5.25
N THR B 241 23.85 67.78 4.81
CA THR B 241 22.71 68.35 5.53
C THR B 241 21.43 67.97 4.79
N THR B 242 20.51 67.31 5.51
CA THR B 242 19.28 66.80 4.94
C THR B 242 18.13 67.76 5.23
N VAL B 243 16.94 67.37 4.81
CA VAL B 243 15.73 68.16 5.03
C VAL B 243 15.31 68.03 6.49
N GLY B 244 14.75 69.11 7.04
CA GLY B 244 14.31 69.10 8.41
C GLY B 244 12.79 69.10 8.55
N GLY B 245 12.11 68.37 7.68
CA GLY B 245 10.68 68.28 7.70
C GLY B 245 9.96 69.13 6.68
N ARG B 246 10.58 69.40 5.53
CA ARG B 246 10.08 70.18 4.39
C ARG B 246 9.93 71.67 4.71
N GLY B 247 10.18 72.09 5.94
CA GLY B 247 10.18 73.51 6.27
C GLY B 247 11.59 74.02 6.34
N ILE B 248 12.47 73.23 6.95
CA ILE B 248 13.90 73.56 7.01
C ILE B 248 14.55 73.17 5.70
N GLY B 249 15.24 74.11 5.08
CA GLY B 249 15.86 73.85 3.79
C GLY B 249 17.06 72.94 3.88
N ALA B 250 17.42 72.37 2.74
CA ALA B 250 18.54 71.46 2.62
C ALA B 250 19.83 72.26 2.41
N GLY B 251 20.91 71.57 2.05
CA GLY B 251 22.18 72.22 1.82
C GLY B 251 22.25 72.85 0.44
N ILE B 252 23.46 73.24 0.05
CA ILE B 252 23.66 73.89 -1.24
C ILE B 252 23.57 72.90 -2.40
N ASN B 253 23.70 71.60 -2.13
CA ASN B 253 23.69 70.65 -3.24
C ASN B 253 22.49 69.78 -2.86
N ASN B 254 21.36 70.47 -2.61
CA ASN B 254 20.06 69.88 -2.33
C ASN B 254 20.09 68.87 -1.18
N THR B 255 19.30 67.81 -1.31
CA THR B 255 19.47 66.65 -0.45
C THR B 255 20.82 66.01 -0.75
N PRO B 256 21.52 65.49 0.27
CA PRO B 256 22.92 65.06 0.07
C PRO B 256 23.02 63.88 -0.88
N PRO B 257 23.62 64.09 -2.05
CA PRO B 257 23.65 63.02 -3.06
C PRO B 257 24.79 62.04 -2.87
N PHE B 258 24.95 61.13 -3.83
CA PHE B 258 26.13 60.28 -3.87
C PHE B 258 27.38 61.12 -4.08
N TYR B 259 28.45 60.79 -3.38
CA TYR B 259 29.70 61.54 -3.50
C TYR B 259 30.79 60.61 -3.99
N LEU B 260 31.38 60.96 -5.13
CA LEU B 260 32.36 60.11 -5.80
C LEU B 260 33.66 60.87 -5.99
N LEU B 261 34.78 60.22 -5.72
CA LEU B 261 36.07 60.89 -5.81
C LEU B 261 37.14 59.86 -6.12
N TRP B 262 38.37 60.34 -6.30
CA TRP B 262 39.49 59.49 -6.65
C TRP B 262 40.41 59.32 -5.44
N HIS B 263 40.78 58.08 -5.17
CA HIS B 263 41.40 57.65 -3.93
C HIS B 263 42.80 57.09 -4.18
N ALA B 264 43.67 57.25 -3.19
CA ALA B 264 45.02 56.72 -3.27
C ALA B 264 45.51 56.38 -1.86
N ASN B 265 46.61 55.65 -1.80
CA ASN B 265 47.15 55.18 -0.52
C ASN B 265 47.77 56.28 0.32
N ASP B 266 48.01 57.45 -0.25
CA ASP B 266 48.71 58.53 0.43
C ASP B 266 47.86 59.79 0.42
N LEU B 267 48.19 60.72 1.32
CA LEU B 267 47.54 62.03 1.29
C LEU B 267 47.98 62.85 0.08
N ALA B 268 49.23 62.69 -0.35
CA ALA B 268 49.68 63.34 -1.57
C ALA B 268 48.90 62.83 -2.78
N GLY B 269 48.70 61.50 -2.85
CA GLY B 269 47.85 60.96 -3.91
C GLY B 269 46.39 61.23 -3.67
N MET B 270 46.00 61.46 -2.41
CA MET B 270 44.63 61.88 -2.11
C MET B 270 44.34 63.23 -2.74
N LEU B 271 45.25 64.19 -2.54
CA LEU B 271 45.05 65.54 -3.05
C LEU B 271 45.30 65.62 -4.55
N ALA B 272 46.28 64.86 -5.06
CA ALA B 272 46.67 65.01 -6.45
C ALA B 272 45.63 64.43 -7.41
N GLN B 273 45.00 63.31 -7.04
CA GLN B 273 44.07 62.63 -7.93
C GLN B 273 42.72 63.34 -8.05
N ASN B 274 42.45 64.31 -7.19
CA ASN B 274 41.19 65.07 -7.21
C ASN B 274 41.48 66.55 -7.27
N TRP B 275 42.37 66.94 -8.19
CA TRP B 275 42.91 68.30 -8.18
C TRP B 275 42.25 69.25 -9.17
N GLN B 276 41.55 68.74 -10.20
CA GLN B 276 41.04 69.46 -11.36
C GLN B 276 40.30 70.74 -10.93
N PRO B 277 40.90 71.92 -11.17
CA PRO B 277 40.27 73.18 -10.75
C PRO B 277 39.49 73.87 -11.85
N TRP B 278 38.81 74.97 -11.51
CA TRP B 278 38.11 75.79 -12.50
C TRP B 278 38.68 77.20 -12.50
N ASP B 279 38.37 77.92 -13.59
CA ASP B 279 38.94 79.25 -13.79
C ASP B 279 38.49 80.23 -12.72
N ASN B 280 37.21 80.24 -12.39
CA ASN B 280 36.70 81.07 -11.31
C ASN B 280 36.64 80.19 -10.06
N MET B 281 37.23 80.68 -8.96
CA MET B 281 37.30 79.88 -7.75
C MET B 281 36.07 80.10 -6.89
N GLY B 282 35.82 81.34 -6.50
CA GLY B 282 34.73 81.68 -5.60
C GLY B 282 35.24 82.23 -4.29
N ILE B 283 34.28 82.52 -3.42
CA ILE B 283 34.53 83.20 -2.16
C ILE B 283 34.12 82.25 -1.04
N PRO B 284 35.05 81.52 -0.44
CA PRO B 284 34.69 80.52 0.58
C PRO B 284 34.30 81.15 1.91
N ALA B 285 33.64 80.34 2.73
CA ALA B 285 33.02 80.82 3.96
C ALA B 285 33.98 80.93 5.13
N TRP B 286 35.25 80.58 4.97
CA TRP B 286 36.18 80.85 6.06
C TRP B 286 36.68 82.30 6.05
N LEU B 287 36.48 83.05 4.96
CA LEU B 287 36.36 84.51 5.06
C LEU B 287 35.07 84.87 5.78
N GLY B 288 34.83 86.17 5.93
CA GLY B 288 33.67 86.64 6.66
C GLY B 288 32.38 86.52 5.89
N SER B 289 31.48 87.48 6.09
CA SER B 289 30.19 87.49 5.41
C SER B 289 30.41 87.75 3.94
N PHE B 290 30.35 86.70 3.14
CA PHE B 290 30.60 86.81 1.71
C PHE B 290 29.49 87.58 1.03
N GLN B 291 29.88 88.36 0.00
CA GLN B 291 28.93 89.13 -0.78
C GLN B 291 28.29 88.22 -1.83
N LYS B 292 26.96 88.24 -1.89
CA LYS B 292 26.25 87.33 -2.78
C LYS B 292 26.51 87.67 -4.25
N GLU B 293 26.32 88.94 -4.62
CA GLU B 293 26.57 89.48 -5.96
C GLU B 293 25.76 88.66 -6.97
N SER B 294 26.38 88.15 -8.03
CA SER B 294 25.69 87.34 -9.02
C SER B 294 25.87 85.85 -8.72
N ARG B 295 25.24 85.02 -9.55
CA ARG B 295 25.32 83.57 -9.43
C ARG B 295 26.59 83.02 -10.04
N GLU B 296 26.65 81.71 -10.25
CA GLU B 296 27.82 80.99 -10.78
C GLU B 296 29.04 81.21 -9.88
N VAL B 297 28.92 80.67 -8.67
CA VAL B 297 29.93 80.87 -7.64
C VAL B 297 31.26 80.22 -8.02
N GLY B 298 31.20 79.03 -8.60
CA GLY B 298 32.41 78.31 -8.96
C GLY B 298 32.54 76.99 -8.21
N LEU B 299 33.67 76.79 -7.54
CA LEU B 299 33.84 75.62 -6.68
C LEU B 299 34.13 75.98 -5.24
N LEU B 300 34.96 76.98 -5.00
CA LEU B 300 35.44 77.25 -3.65
C LEU B 300 34.35 77.89 -2.78
N ALA B 301 33.45 78.66 -3.38
CA ALA B 301 32.32 79.18 -2.63
C ALA B 301 31.26 78.11 -2.42
N GLY B 302 31.04 77.26 -3.44
CA GLY B 302 29.99 76.26 -3.34
C GLY B 302 30.34 75.05 -2.50
N MET B 303 31.62 74.70 -2.43
CA MET B 303 32.02 73.54 -1.63
C MET B 303 32.00 73.82 -0.14
N THR B 304 32.04 75.10 0.27
CA THR B 304 32.08 75.48 1.66
C THR B 304 30.88 76.33 2.06
N TRP B 305 29.72 76.07 1.46
CA TRP B 305 28.54 76.85 1.80
C TRP B 305 28.03 76.48 3.19
N LEU B 306 27.67 77.49 3.97
CA LEU B 306 27.25 77.27 5.35
C LEU B 306 25.75 77.40 5.45
N PRO B 307 25.01 76.31 5.67
CA PRO B 307 23.56 76.44 5.84
C PRO B 307 23.14 76.64 7.30
N ARG B 308 24.06 76.42 8.24
CA ARG B 308 23.76 76.53 9.65
C ARG B 308 24.80 77.42 10.34
N LYS B 309 24.54 77.74 11.61
CA LYS B 309 25.40 78.56 12.44
C LYS B 309 25.77 77.79 13.70
N VAL B 310 26.76 78.31 14.42
CA VAL B 310 27.19 77.78 15.72
C VAL B 310 27.73 78.93 16.56
N TYR B 311 27.18 79.10 17.77
CA TYR B 311 27.78 79.96 18.79
C TYR B 311 28.23 79.21 20.02
N LEU B 312 27.32 78.45 20.65
CA LEU B 312 27.51 77.71 21.91
C LEU B 312 27.70 78.66 23.09
N HIS B 313 26.98 78.40 24.18
CA HIS B 313 27.11 79.18 25.41
C HIS B 313 28.01 78.40 26.37
N ASP B 314 29.14 79.00 26.73
CA ASP B 314 30.12 78.32 27.57
C ASP B 314 29.70 78.39 29.03
N PRO B 315 29.53 77.26 29.71
CA PRO B 315 29.22 77.30 31.14
C PRO B 315 30.47 77.53 31.98
N VAL B 316 30.24 77.83 33.25
CA VAL B 316 31.36 77.99 34.19
C VAL B 316 31.95 76.61 34.49
N PRO B 317 33.31 76.44 34.49
CA PRO B 317 33.93 75.16 34.08
C PRO B 317 33.17 74.26 33.10
N GLY B 318 33.35 72.95 33.22
CA GLY B 318 32.69 72.03 32.33
C GLY B 318 32.78 70.58 32.73
N GLN B 319 32.99 69.70 31.75
CA GLN B 319 33.01 68.27 31.99
C GLN B 319 34.27 67.86 32.77
N ALA B 320 34.17 66.71 33.43
CA ALA B 320 35.31 66.11 34.11
C ALA B 320 35.85 64.92 33.33
N ALA B 321 34.98 64.03 32.89
CA ALA B 321 35.36 62.86 32.11
C ALA B 321 34.41 62.70 30.94
N CYS B 322 34.95 62.47 29.75
CA CYS B 322 34.11 62.35 28.56
C CYS B 322 33.33 61.04 28.59
N CYS B 323 32.10 61.09 28.08
CA CYS B 323 31.26 59.90 28.02
C CYS B 323 30.46 59.80 26.73
N SER B 324 30.76 60.62 25.72
CA SER B 324 30.06 60.56 24.44
C SER B 324 30.97 60.20 23.28
N CYS B 325 32.12 60.88 23.14
CA CYS B 325 33.05 60.52 22.08
C CYS B 325 33.66 59.15 22.32
N GLY B 326 34.20 58.92 23.52
CA GLY B 326 34.86 57.67 23.84
C GLY B 326 36.26 57.88 24.36
N LEU B 327 36.97 58.86 23.80
CA LEU B 327 38.26 59.25 24.35
C LEU B 327 38.04 60.11 25.58
N PRO B 328 38.59 59.75 26.74
CA PRO B 328 38.35 60.55 27.95
C PRO B 328 39.11 61.86 27.92
N SER B 329 38.39 62.96 27.78
CA SER B 329 38.98 64.26 27.57
C SER B 329 38.64 65.20 28.71
N GLU B 330 39.03 66.47 28.56
CA GLU B 330 38.74 67.53 29.50
C GLU B 330 37.32 68.03 29.33
N ALA B 331 37.03 69.22 29.87
CA ALA B 331 35.72 69.83 29.71
C ALA B 331 35.34 69.96 28.24
N LEU B 332 34.13 69.54 27.92
CA LEU B 332 33.65 69.45 26.54
C LEU B 332 32.47 70.40 26.35
N VAL B 333 31.86 70.31 25.17
CA VAL B 333 30.72 71.12 24.84
C VAL B 333 29.47 70.48 25.42
N TYR B 334 28.39 71.26 25.51
CA TYR B 334 27.08 70.74 25.89
C TYR B 334 26.04 70.95 24.80
N SER B 335 25.94 72.17 24.27
CA SER B 335 24.95 72.48 23.24
C SER B 335 25.51 73.48 22.25
N CYS B 336 24.64 74.05 21.41
CA CYS B 336 25.04 75.02 20.41
C CYS B 336 23.84 75.88 20.08
N SER B 337 23.91 76.57 18.94
CA SER B 337 22.79 77.36 18.44
C SER B 337 22.78 77.29 16.93
N ILE B 338 21.68 76.77 16.37
CA ILE B 338 21.59 76.49 14.94
C ILE B 338 20.37 77.23 14.38
N GLU B 339 20.60 78.03 13.33
CA GLU B 339 19.53 78.53 12.48
C GLU B 339 19.79 78.07 11.05
N VAL B 340 18.89 78.46 10.16
CA VAL B 340 19.00 78.06 8.76
C VAL B 340 19.07 79.30 7.89
N GLU B 341 19.69 79.13 6.72
CA GLU B 341 19.71 80.14 5.69
C GLU B 341 19.01 79.59 4.46
N PRO B 342 17.99 80.29 3.93
CA PRO B 342 17.31 79.80 2.73
C PRO B 342 18.24 79.86 1.52
N VAL B 343 18.50 78.71 0.93
CA VAL B 343 19.26 78.67 -0.33
C VAL B 343 18.41 79.29 -1.42
N PRO B 344 18.92 80.29 -2.14
CA PRO B 344 18.07 81.00 -3.12
C PRO B 344 17.77 80.17 -4.36
N LYS B 345 17.04 80.76 -5.29
CA LYS B 345 16.70 80.08 -6.54
C LYS B 345 17.82 80.29 -7.56
N GLY B 346 17.89 79.37 -8.52
CA GLY B 346 18.91 79.44 -9.54
C GLY B 346 20.23 78.83 -9.10
N LEU B 347 21.30 79.61 -9.18
CA LEU B 347 22.67 79.16 -8.88
C LEU B 347 23.02 77.91 -9.66
N GLU B 348 23.11 78.08 -10.99
CA GLU B 348 23.50 76.98 -11.86
C GLU B 348 24.92 76.57 -11.51
N TRP B 349 25.05 75.45 -10.82
CA TRP B 349 26.31 75.05 -10.21
C TRP B 349 26.33 73.54 -10.05
N LYS B 350 27.50 72.95 -10.27
CA LYS B 350 27.68 71.51 -10.20
C LYS B 350 28.78 71.22 -9.20
N ASP B 351 28.50 70.37 -8.23
CA ASP B 351 29.54 69.91 -7.32
C ASP B 351 30.48 68.98 -8.08
N PRO B 352 31.81 69.15 -7.94
CA PRO B 352 32.75 68.29 -8.69
C PRO B 352 32.62 66.82 -8.33
N HIS B 353 32.30 66.49 -7.09
CA HIS B 353 32.22 65.11 -6.63
C HIS B 353 30.80 64.57 -6.60
N GLY B 354 29.79 65.42 -6.74
CA GLY B 354 28.42 64.96 -6.71
C GLY B 354 28.02 64.26 -8.00
N VAL B 355 26.92 63.51 -7.91
CA VAL B 355 26.37 62.78 -9.04
C VAL B 355 24.95 63.29 -9.28
N TYR B 356 24.68 63.72 -10.52
CA TYR B 356 23.43 64.39 -10.86
C TYR B 356 22.71 63.60 -11.94
N THR B 357 21.39 63.52 -11.82
CA THR B 357 20.57 62.69 -12.70
C THR B 357 20.42 63.36 -14.07
N ASP B 358 19.61 62.73 -14.92
CA ASP B 358 19.38 63.25 -16.27
C ASP B 358 18.63 64.59 -16.24
N GLN B 359 17.74 64.76 -15.27
CA GLN B 359 16.98 65.99 -15.13
C GLN B 359 17.65 67.01 -14.22
N GLY B 360 18.88 66.75 -13.78
CA GLY B 360 19.62 67.68 -12.97
C GLY B 360 19.42 67.55 -11.48
N LYS B 361 18.52 66.67 -11.03
CA LYS B 361 18.32 66.47 -9.61
C LYS B 361 19.45 65.61 -9.03
N SER B 362 19.57 65.65 -7.71
CA SER B 362 20.60 64.87 -7.03
C SER B 362 20.29 63.39 -7.08
N LEU B 363 21.33 62.58 -7.22
CA LEU B 363 21.18 61.12 -7.24
C LEU B 363 21.45 60.57 -5.85
N GLN B 364 20.50 59.83 -5.31
CA GLN B 364 20.50 59.40 -3.93
C GLN B 364 20.99 57.97 -3.76
N SER B 365 21.33 57.64 -2.52
CA SER B 365 21.59 56.27 -2.14
C SER B 365 20.26 55.56 -1.93
N LYS B 366 20.09 54.41 -2.57
CA LYS B 366 18.81 53.70 -2.60
C LYS B 366 18.63 52.77 -1.40
N ILE B 367 19.30 53.05 -0.29
CA ILE B 367 19.30 52.15 0.85
C ILE B 367 18.15 52.50 1.78
N LYS B 368 17.34 51.50 2.10
CA LYS B 368 16.40 51.56 3.21
C LYS B 368 16.09 50.15 3.66
N LEU B 369 15.94 49.97 4.97
CA LEU B 369 15.56 48.68 5.53
C LEU B 369 14.12 48.31 5.19
N MET B 370 13.31 49.28 4.80
CA MET B 370 11.90 49.09 4.47
C MET B 370 11.82 48.46 3.08
N SER B 371 11.65 47.14 3.04
CA SER B 371 11.44 46.44 1.78
C SER B 371 9.99 46.67 1.36
N ASN B 372 9.78 47.59 0.41
CA ASN B 372 8.44 47.98 0.01
C ASN B 372 7.95 47.12 -1.14
N ASP B 373 6.85 47.55 -1.74
CA ASP B 373 6.31 46.88 -2.93
C ASP B 373 7.27 47.03 -4.10
N ARG B 374 7.86 48.22 -4.26
CA ARG B 374 8.71 48.54 -5.40
C ARG B 374 10.20 48.44 -5.09
N TYR B 375 10.58 48.16 -3.86
CA TYR B 375 11.99 48.11 -3.48
C TYR B 375 12.31 46.77 -2.82
N THR B 376 13.48 46.23 -3.14
CA THR B 376 14.01 45.04 -2.51
C THR B 376 15.38 45.37 -1.93
N PHE B 377 15.52 45.22 -0.62
CA PHE B 377 16.77 45.57 0.05
C PHE B 377 17.82 44.50 -0.24
N ALA B 378 18.94 44.90 -0.85
CA ALA B 378 20.02 43.95 -1.08
C ALA B 378 21.28 44.30 -0.32
N ASP B 379 21.91 45.43 -0.61
CA ASP B 379 23.24 45.75 -0.11
C ASP B 379 23.57 47.18 -0.50
N ARG B 380 24.81 47.59 -0.23
CA ARG B 380 25.30 48.90 -0.63
C ARG B 380 25.16 49.10 -2.13
N ASP B 381 24.60 50.24 -2.53
CA ASP B 381 24.26 50.48 -3.92
C ASP B 381 25.39 51.27 -4.60
N TRP B 382 26.52 50.59 -4.74
CA TRP B 382 27.62 51.10 -5.56
C TRP B 382 27.23 51.23 -7.02
N TYR B 383 26.26 50.44 -7.47
CA TYR B 383 25.87 50.42 -8.87
C TYR B 383 25.15 51.69 -9.29
N SER B 384 24.45 52.34 -8.35
CA SER B 384 23.59 53.47 -8.70
C SER B 384 24.32 54.68 -9.28
N PRO B 385 25.38 55.27 -8.63
CA PRO B 385 25.99 56.51 -9.16
C PRO B 385 27.09 56.27 -10.18
N LEU B 386 26.83 55.41 -11.16
CA LEU B 386 27.85 55.04 -12.13
C LEU B 386 27.64 55.63 -13.51
N PHE B 387 26.39 55.75 -13.95
CA PHE B 387 26.14 56.28 -15.29
C PHE B 387 26.49 57.76 -15.38
N SER B 388 26.10 58.55 -14.37
CA SER B 388 26.30 59.99 -14.45
C SER B 388 27.76 60.37 -14.24
N TYR B 389 28.43 59.71 -13.28
CA TYR B 389 29.81 60.09 -12.98
C TYR B 389 30.77 59.67 -14.09
N LEU B 390 30.52 58.53 -14.72
CA LEU B 390 31.39 58.05 -15.78
C LEU B 390 31.02 58.62 -17.14
N HIS B 391 30.04 59.51 -17.19
CA HIS B 391 29.70 60.25 -18.41
C HIS B 391 30.07 61.72 -18.36
N ALA B 392 29.80 62.42 -17.26
CA ALA B 392 29.87 63.87 -17.25
C ALA B 392 31.06 64.41 -16.47
N GLU B 393 31.23 64.01 -15.21
CA GLU B 393 32.26 64.57 -14.35
C GLU B 393 33.22 63.45 -13.93
N GLY B 394 34.38 63.41 -14.55
CA GLY B 394 35.41 62.45 -14.19
C GLY B 394 35.69 61.45 -15.29
N ASN B 395 34.63 60.94 -15.90
CA ASN B 395 34.65 60.04 -17.07
C ASN B 395 35.50 58.81 -16.74
N SER B 396 36.19 58.26 -17.73
CA SER B 396 37.05 57.11 -17.54
C SER B 396 38.47 57.59 -17.22
N ARG B 397 39.02 57.08 -16.12
CA ARG B 397 40.30 57.56 -15.63
C ARG B 397 40.93 56.50 -14.73
N GLN B 398 42.24 56.32 -14.87
CA GLN B 398 42.95 55.31 -14.09
C GLN B 398 43.04 55.79 -12.65
N GLY B 399 42.51 54.99 -11.73
CA GLY B 399 42.52 55.35 -10.33
C GLY B 399 41.50 54.57 -9.56
N LYS B 400 41.38 54.94 -8.28
CA LYS B 400 40.42 54.32 -7.38
C LYS B 400 39.24 55.26 -7.20
N LEU B 401 38.04 54.71 -7.24
CA LEU B 401 36.80 55.48 -7.08
C LEU B 401 36.26 55.21 -5.69
N TRP B 402 36.33 56.21 -4.82
CA TRP B 402 35.77 56.15 -3.49
C TRP B 402 34.36 56.74 -3.56
N LEU B 403 33.36 55.93 -3.22
CA LEU B 403 31.98 56.37 -3.18
C LEU B 403 31.50 56.42 -1.74
N VAL B 404 30.82 57.52 -1.41
CA VAL B 404 30.20 57.73 -0.11
C VAL B 404 28.71 57.93 -0.34
N GLY B 405 27.89 57.11 0.31
CA GLY B 405 26.44 57.22 0.13
C GLY B 405 25.70 57.34 1.44
N PHE B 406 25.05 58.50 1.64
CA PHE B 406 24.31 58.78 2.87
C PHE B 406 22.82 58.71 2.52
N ALA B 407 22.22 57.54 2.71
CA ALA B 407 20.82 57.35 2.34
C ALA B 407 19.93 58.11 3.31
N SER B 408 18.96 58.85 2.77
CA SER B 408 18.09 59.67 3.60
C SER B 408 16.73 59.79 2.93
N ASP B 409 15.72 60.06 3.75
CA ASP B 409 14.37 60.35 3.29
C ASP B 409 13.80 61.38 4.26
N LYS B 410 13.74 62.63 3.81
CA LYS B 410 13.44 63.80 4.65
C LYS B 410 14.47 63.83 5.77
N ALA B 411 14.09 63.75 7.03
CA ALA B 411 15.04 63.82 8.14
C ALA B 411 15.48 62.45 8.62
N LYS B 412 15.08 61.38 7.95
CA LYS B 412 15.40 60.02 8.39
C LYS B 412 16.80 59.66 7.89
N SER B 413 17.76 59.65 8.81
CA SER B 413 19.12 59.23 8.48
C SER B 413 19.15 57.70 8.47
N ILE B 414 19.20 57.12 7.29
CA ILE B 414 19.00 55.67 7.16
C ILE B 414 20.31 54.94 7.39
N ASP B 415 21.30 55.17 6.53
CA ASP B 415 22.52 54.38 6.56
C ASP B 415 23.60 55.08 5.75
N ILE B 416 24.83 55.00 6.23
CA ILE B 416 26.00 55.54 5.55
C ILE B 416 26.96 54.41 5.25
N TRP B 417 27.46 54.37 4.02
CA TRP B 417 28.45 53.37 3.62
C TRP B 417 29.41 53.99 2.61
N ASP B 418 30.56 53.34 2.46
CA ASP B 418 31.56 53.76 1.50
C ASP B 418 32.13 52.54 0.79
N LYS B 419 32.70 52.78 -0.38
CA LYS B 419 33.25 51.68 -1.17
C LYS B 419 34.40 52.19 -2.02
N ILE B 420 35.33 51.29 -2.34
CA ILE B 420 36.51 51.59 -3.15
C ILE B 420 36.48 50.68 -4.37
N ILE B 421 36.55 51.28 -5.56
CA ILE B 421 36.47 50.56 -6.83
C ILE B 421 37.75 50.84 -7.61
N GLU B 422 38.45 49.78 -8.03
CA GLU B 422 39.59 49.99 -8.90
C GLU B 422 39.11 50.32 -10.30
N LEU B 423 39.91 51.10 -11.03
CA LEU B 423 39.52 51.51 -12.38
C LEU B 423 40.77 51.81 -13.19
N GLU B 424 40.70 51.47 -14.48
CA GLU B 424 41.72 51.82 -15.45
C GLU B 424 41.23 52.76 -16.53
N GLY B 425 39.94 52.79 -16.81
CA GLY B 425 39.41 53.65 -17.85
C GLY B 425 39.34 53.01 -19.21
N THR B 426 39.16 51.69 -19.29
CA THR B 426 39.13 50.97 -20.56
C THR B 426 37.79 51.22 -21.25
N ASP B 427 37.71 52.40 -21.90
CA ASP B 427 36.54 52.86 -22.64
C ASP B 427 35.29 52.89 -21.78
N THR B 428 34.12 52.90 -22.41
CA THR B 428 32.84 52.90 -21.69
C THR B 428 31.76 52.37 -22.62
N ASN B 429 31.20 51.21 -22.28
CA ASN B 429 30.03 50.73 -22.98
C ASN B 429 28.80 51.42 -22.41
N ASP B 430 27.98 51.99 -23.28
CA ASP B 430 26.97 52.94 -22.84
C ASP B 430 25.77 52.23 -22.21
N GLU B 431 25.13 51.35 -22.98
CA GLU B 431 23.88 50.74 -22.52
C GLU B 431 24.12 49.73 -21.40
N LEU B 432 25.28 49.07 -21.39
CA LEU B 432 25.55 48.11 -20.32
C LEU B 432 25.79 48.81 -18.99
N LEU B 433 26.50 49.94 -19.03
CA LEU B 433 26.74 50.70 -17.80
C LEU B 433 25.45 51.39 -17.35
N ALA B 434 24.59 51.78 -18.30
CA ALA B 434 23.28 52.30 -17.93
C ALA B 434 22.41 51.22 -17.28
N GLN B 435 22.47 49.99 -17.79
CA GLN B 435 21.75 48.88 -17.17
C GLN B 435 22.30 48.61 -15.77
N LEU B 436 23.62 48.68 -15.61
CA LEU B 436 24.23 48.50 -14.30
C LEU B 436 23.86 49.63 -13.35
N ALA B 437 23.55 50.82 -13.88
CA ALA B 437 23.24 51.98 -13.06
C ALA B 437 21.97 51.81 -12.24
N ASN B 438 21.07 50.91 -12.63
CA ASN B 438 19.91 50.59 -11.80
C ASN B 438 19.77 49.07 -11.72
N ARG B 439 20.46 48.47 -10.76
CA ARG B 439 20.32 47.05 -10.46
C ARG B 439 19.14 46.77 -9.54
N ALA B 440 18.71 47.77 -8.77
CA ALA B 440 17.61 47.57 -7.83
C ALA B 440 16.30 47.27 -8.54
N THR B 441 16.11 47.79 -9.75
CA THR B 441 14.89 47.50 -10.51
C THR B 441 14.82 46.02 -10.88
N ALA B 442 15.90 45.47 -11.42
CA ALA B 442 15.93 44.07 -11.78
C ALA B 442 15.87 43.17 -10.56
N LEU B 443 16.50 43.60 -9.46
CA LEU B 443 16.45 42.82 -8.23
C LEU B 443 15.04 42.77 -7.65
N ASN B 444 14.35 43.90 -7.63
CA ASN B 444 12.96 43.93 -7.19
C ASN B 444 12.07 43.13 -8.12
N ALA B 445 12.32 43.18 -9.42
CA ALA B 445 11.54 42.40 -10.38
C ALA B 445 11.72 40.91 -10.15
N MET B 446 12.96 40.48 -9.85
CA MET B 446 13.19 39.07 -9.56
C MET B 446 12.57 38.66 -8.22
N ARG B 447 12.54 39.58 -7.25
CA ARG B 447 11.89 39.28 -5.98
C ARG B 447 10.37 39.16 -6.14
N LYS B 448 9.77 40.00 -6.98
CA LYS B 448 8.32 40.04 -7.14
C LYS B 448 7.75 38.89 -7.93
N LYS B 449 8.57 38.13 -8.65
CA LYS B 449 8.06 37.00 -9.41
C LYS B 449 7.67 35.88 -8.46
N PRO B 450 6.42 35.44 -8.46
CA PRO B 450 5.98 34.43 -7.49
C PRO B 450 6.42 33.03 -7.93
N LEU B 451 6.18 32.06 -7.05
CA LEU B 451 6.47 30.68 -7.35
C LEU B 451 5.62 30.22 -8.53
N ARG B 452 4.31 30.16 -8.31
CA ARG B 452 3.32 30.00 -9.38
C ARG B 452 2.29 31.11 -9.19
N GLY B 453 2.09 31.92 -10.22
CA GLY B 453 1.12 32.98 -10.14
C GLY B 453 1.35 34.01 -11.22
N ASP B 454 0.35 34.89 -11.36
CA ASP B 454 0.39 35.96 -12.33
C ASP B 454 0.16 37.35 -11.75
N PHE B 455 -0.37 37.44 -10.52
CA PHE B 455 -0.68 38.73 -9.93
C PHE B 455 0.59 39.51 -9.61
N LYS B 456 0.47 40.84 -9.66
CA LYS B 456 1.64 41.72 -9.60
C LYS B 456 1.77 42.50 -8.30
N LYS B 457 0.75 42.51 -7.43
CA LYS B 457 0.86 43.17 -6.14
C LYS B 457 1.25 42.21 -5.03
N SER B 458 1.63 40.99 -5.36
CA SER B 458 2.05 40.01 -4.38
C SER B 458 3.48 40.28 -3.93
N VAL B 459 3.87 39.63 -2.82
CA VAL B 459 5.22 39.76 -2.31
C VAL B 459 6.21 38.89 -3.07
N GLY B 460 5.74 38.01 -3.95
CA GLY B 460 6.60 37.15 -4.71
C GLY B 460 7.20 36.04 -3.87
N THR B 461 8.53 35.98 -3.79
CA THR B 461 9.23 34.99 -2.99
C THR B 461 10.07 35.68 -1.93
N PRO B 462 9.60 35.74 -0.68
CA PRO B 462 10.38 36.44 0.35
C PRO B 462 11.64 35.71 0.77
N GLN B 463 11.76 34.42 0.50
CA GLN B 463 13.01 33.72 0.81
C GLN B 463 14.14 34.11 -0.15
N ILE B 464 13.80 34.54 -1.36
CA ILE B 464 14.82 35.09 -2.26
C ILE B 464 15.38 36.39 -1.71
N ALA B 465 14.53 37.18 -1.06
CA ALA B 465 14.93 38.48 -0.52
C ALA B 465 15.97 38.37 0.59
N ASP B 466 16.18 37.19 1.17
CA ASP B 466 17.23 37.00 2.15
C ASP B 466 18.50 36.39 1.57
N ILE B 467 18.49 35.98 0.30
CA ILE B 467 19.69 35.48 -0.36
C ILE B 467 20.20 36.43 -1.44
N ILE B 468 19.38 37.37 -1.90
CA ILE B 468 19.90 38.47 -2.73
C ILE B 468 21.01 39.25 -2.03
N PRO B 469 20.92 39.60 -0.73
CA PRO B 469 22.04 40.33 -0.10
C PRO B 469 23.39 39.63 -0.15
N HIS B 470 23.43 38.31 0.05
CA HIS B 470 24.72 37.62 0.05
C HIS B 470 25.32 37.58 -1.35
N ALA B 471 24.50 37.31 -2.36
CA ALA B 471 25.01 37.29 -3.73
C ALA B 471 25.43 38.69 -4.18
N GLU B 472 24.70 39.73 -3.74
CA GLU B 472 25.11 41.09 -4.04
C GLU B 472 26.43 41.44 -3.36
N ASN B 473 26.62 40.99 -2.12
CA ASN B 473 27.89 41.23 -1.44
C ASN B 473 29.04 40.48 -2.11
N ARG B 474 28.76 39.28 -2.62
CA ARG B 474 29.80 38.54 -3.35
C ARG B 474 30.11 39.20 -4.69
N ILE B 475 29.11 39.79 -5.34
CA ILE B 475 29.32 40.46 -6.62
C ILE B 475 30.10 41.75 -6.41
N ALA B 476 29.81 42.48 -5.32
CA ALA B 476 30.35 43.81 -5.10
C ALA B 476 31.86 43.83 -4.86
N ILE B 477 32.50 42.68 -4.64
CA ILE B 477 33.94 42.68 -4.46
C ILE B 477 34.65 42.98 -5.78
N ASN B 478 34.19 42.39 -6.88
CA ASN B 478 34.78 42.65 -8.19
C ASN B 478 34.01 43.72 -8.95
N ALA B 479 33.77 44.85 -8.29
CA ALA B 479 32.95 45.89 -8.89
C ALA B 479 33.68 46.61 -10.02
N GLY B 480 35.01 46.73 -9.93
CA GLY B 480 35.77 47.31 -11.02
C GLY B 480 35.69 46.49 -12.29
N LYS B 481 35.88 45.18 -12.17
CA LYS B 481 35.78 44.31 -13.34
C LYS B 481 34.36 44.23 -13.85
N MET B 482 33.37 44.36 -12.96
CA MET B 482 31.99 44.53 -13.41
C MET B 482 31.80 45.81 -14.22
N THR B 483 32.35 46.92 -13.73
CA THR B 483 32.09 48.22 -14.36
C THR B 483 32.77 48.35 -15.71
N GLU B 484 34.05 47.99 -15.78
CA GLU B 484 34.77 48.14 -17.05
C GLU B 484 34.49 47.02 -18.04
N ASN B 485 33.94 45.90 -17.56
CA ASN B 485 33.58 44.74 -18.38
C ASN B 485 34.79 44.19 -19.14
N ARG B 486 35.78 43.72 -18.38
CA ARG B 486 36.90 42.99 -18.97
C ARG B 486 36.57 41.51 -19.11
N GLY B 487 36.27 40.85 -18.00
CA GLY B 487 35.89 39.46 -18.02
C GLY B 487 34.69 39.20 -17.13
N TYR B 488 34.14 40.28 -16.56
CA TYR B 488 32.98 40.21 -15.68
C TYR B 488 31.84 40.97 -16.33
N SER B 489 30.66 40.36 -16.38
CA SER B 489 29.49 41.00 -16.96
C SER B 489 28.27 40.64 -16.12
N TRP B 490 27.10 41.02 -16.62
CA TRP B 490 25.84 40.70 -15.94
C TRP B 490 25.61 39.19 -15.90
N GLN B 491 25.89 38.50 -17.00
CA GLN B 491 25.70 37.06 -17.07
C GLN B 491 26.71 36.32 -16.19
N ASP B 492 27.94 36.82 -16.13
CA ASP B 492 28.99 36.15 -15.35
C ASP B 492 28.84 36.35 -13.86
N ALA B 493 28.12 37.39 -13.42
CA ALA B 493 27.98 37.66 -11.99
C ALA B 493 26.67 37.17 -11.41
N ASP B 494 25.61 37.11 -12.22
CA ASP B 494 24.34 36.63 -11.71
C ASP B 494 24.24 35.10 -11.68
N THR B 495 25.26 34.40 -12.17
CA THR B 495 25.37 32.97 -11.93
C THR B 495 25.93 32.65 -10.54
N GLU B 496 26.34 33.67 -9.79
CA GLU B 496 26.71 33.50 -8.39
C GLU B 496 25.50 33.32 -7.49
N TYR B 497 24.29 33.52 -8.01
CA TYR B 497 23.05 33.22 -7.30
C TYR B 497 22.71 31.75 -7.32
N GLY B 498 23.48 30.93 -8.04
CA GLY B 498 23.03 29.58 -8.38
C GLY B 498 22.88 28.65 -7.17
N GLU B 499 23.88 28.62 -6.31
CA GLU B 499 23.83 27.67 -5.18
C GLU B 499 22.80 28.10 -4.15
N LEU B 500 22.66 29.41 -3.92
CA LEU B 500 21.61 29.90 -3.05
C LEU B 500 20.23 29.59 -3.63
N LEU B 501 20.08 29.70 -4.94
CA LEU B 501 18.81 29.36 -5.57
C LEU B 501 18.51 27.87 -5.44
N THR B 502 19.53 27.01 -5.60
CA THR B 502 19.30 25.58 -5.42
C THR B 502 18.86 25.26 -4.00
N LYS B 503 19.49 25.87 -3.02
CA LYS B 503 19.23 25.47 -1.66
C LYS B 503 18.03 26.21 -1.07
N VAL B 504 17.55 27.25 -1.75
CA VAL B 504 16.23 27.81 -1.43
C VAL B 504 15.12 27.02 -2.13
N ALA B 505 15.37 26.55 -3.36
CA ALA B 505 14.40 25.71 -4.04
C ALA B 505 14.21 24.38 -3.34
N TYR B 506 15.24 23.88 -2.66
CA TYR B 506 15.08 22.70 -1.82
C TYR B 506 14.06 22.96 -0.72
N SER B 507 14.07 24.16 -0.14
CA SER B 507 13.13 24.49 0.92
C SER B 507 11.73 24.72 0.37
N LEU B 508 11.62 25.43 -0.75
CA LEU B 508 10.32 25.82 -1.27
C LEU B 508 9.59 24.66 -1.96
N GLU B 509 10.33 23.66 -2.44
CA GLU B 509 9.74 22.46 -3.04
C GLU B 509 10.29 21.25 -2.31
N PRO B 510 9.84 21.01 -1.08
CA PRO B 510 10.41 19.95 -0.24
C PRO B 510 9.80 18.58 -0.52
N ALA B 511 9.65 18.24 -1.78
CA ALA B 511 9.12 16.96 -2.20
C ALA B 511 10.14 16.29 -3.10
N GLN B 512 10.26 14.97 -2.96
CA GLN B 512 11.21 14.18 -3.73
C GLN B 512 10.62 13.69 -5.04
N THR B 513 9.67 14.43 -5.60
CA THR B 513 8.87 14.00 -6.73
C THR B 513 9.44 14.55 -8.04
N VAL B 514 8.84 14.08 -9.13
CA VAL B 514 9.25 14.52 -10.47
C VAL B 514 8.86 15.98 -10.68
N ASP B 515 7.62 16.33 -10.34
CA ASP B 515 7.13 17.69 -10.57
C ASP B 515 7.83 18.69 -9.68
N ALA B 516 8.13 18.31 -8.43
CA ALA B 516 8.89 19.18 -7.55
C ALA B 516 10.30 19.42 -8.08
N ARG B 517 10.93 18.39 -8.65
CA ARG B 517 12.25 18.56 -9.24
C ARG B 517 12.20 19.46 -10.47
N LEU B 518 11.18 19.29 -11.33
CA LEU B 518 11.06 20.15 -12.50
C LEU B 518 10.79 21.60 -12.12
N LYS B 519 9.93 21.83 -11.12
CA LYS B 519 9.66 23.18 -10.68
C LYS B 519 10.85 23.78 -9.93
N ARG B 520 11.64 22.95 -9.25
CA ARG B 520 12.91 23.40 -8.70
C ARG B 520 13.86 23.84 -9.79
N GLY B 521 13.94 23.08 -10.87
CA GLY B 521 14.80 23.47 -11.99
C GLY B 521 14.35 24.75 -12.64
N ASN B 522 13.04 24.96 -12.73
CA ASN B 522 12.53 26.24 -13.22
C ASN B 522 12.85 27.38 -12.25
N PHE B 523 12.86 27.09 -10.94
CA PHE B 523 13.31 28.04 -9.94
C PHE B 523 14.81 28.32 -10.06
N ILE B 524 15.58 27.39 -10.63
CA ILE B 524 17.03 27.57 -10.71
C ILE B 524 17.39 28.66 -11.71
N SER B 525 16.75 28.65 -12.87
CA SER B 525 17.08 29.55 -13.96
C SER B 525 16.59 30.98 -13.74
N ARG B 526 16.02 31.28 -12.58
CA ARG B 526 15.59 32.63 -12.29
C ARG B 526 16.80 33.54 -12.13
N LYS B 527 16.81 34.65 -12.87
CA LYS B 527 17.95 35.56 -12.84
C LYS B 527 17.46 36.94 -13.28
N PRO B 528 18.13 38.02 -12.84
CA PRO B 528 17.64 39.37 -13.13
C PRO B 528 17.85 39.81 -14.57
N TRP B 529 16.88 39.54 -15.45
CA TRP B 529 16.90 40.07 -16.80
C TRP B 529 17.08 41.58 -16.78
N PRO B 530 18.03 42.13 -17.53
CA PRO B 530 18.30 43.57 -17.46
C PRO B 530 17.24 44.38 -18.19
N ILE B 531 17.16 45.66 -17.81
CA ILE B 531 16.20 46.60 -18.37
C ILE B 531 16.90 47.84 -18.91
N ILE B 532 16.27 48.46 -19.90
CA ILE B 532 16.90 49.53 -20.67
C ILE B 532 17.08 50.86 -19.92
N PRO B 533 16.23 51.25 -18.94
CA PRO B 533 16.60 52.58 -18.44
C PRO B 533 17.56 52.54 -17.27
N ASN C 2 23.58 -7.34 -4.98
CA ASN C 2 23.40 -7.68 -3.57
C ASN C 2 22.86 -9.09 -3.42
N ARG C 3 23.46 -9.84 -2.50
CA ARG C 3 23.02 -11.21 -2.24
C ARG C 3 21.69 -11.21 -1.48
N GLY C 4 20.92 -12.27 -1.69
CA GLY C 4 19.62 -12.42 -1.03
C GLY C 4 18.47 -11.86 -1.84
N THR C 5 18.77 -10.95 -2.76
CA THR C 5 17.72 -10.35 -3.58
C THR C 5 17.70 -10.96 -4.98
N VAL C 6 18.88 -11.19 -5.56
CA VAL C 6 18.98 -11.80 -6.88
C VAL C 6 18.45 -13.23 -6.85
N ASP C 7 18.76 -13.97 -5.79
CA ASP C 7 18.21 -15.32 -5.66
C ASP C 7 16.72 -15.30 -5.37
N PHE C 8 16.22 -14.27 -4.69
CA PHE C 8 14.79 -14.10 -4.52
C PHE C 8 14.09 -13.90 -5.85
N ILE C 9 14.68 -13.07 -6.72
CA ILE C 9 14.12 -12.85 -8.05
C ILE C 9 14.20 -14.13 -8.88
N ALA C 10 15.30 -14.87 -8.74
CA ALA C 10 15.46 -16.12 -9.48
C ALA C 10 14.43 -17.16 -9.04
N SER C 11 14.19 -17.27 -7.73
CA SER C 11 13.19 -18.21 -7.25
C SER C 11 11.78 -17.78 -7.63
N LEU C 12 11.51 -16.48 -7.67
CA LEU C 12 10.22 -16.00 -8.16
C LEU C 12 10.04 -16.31 -9.63
N GLU C 13 11.12 -16.17 -10.42
CA GLU C 13 11.05 -16.47 -11.85
C GLU C 13 10.93 -17.96 -12.12
N ASN C 14 11.39 -18.80 -11.20
CA ASN C 14 11.28 -20.25 -11.34
C ASN C 14 9.95 -20.80 -10.85
N LEU C 15 9.06 -19.94 -10.35
CA LEU C 15 7.76 -20.39 -9.90
C LEU C 15 6.90 -20.82 -11.08
N LYS C 16 6.05 -21.82 -10.85
CA LYS C 16 5.23 -22.38 -11.90
C LYS C 16 3.89 -21.64 -11.97
N GLU C 17 3.00 -22.10 -12.85
CA GLU C 17 1.80 -21.33 -13.17
C GLU C 17 0.78 -21.37 -12.04
N GLY C 18 0.59 -22.53 -11.42
CA GLY C 18 -0.39 -22.63 -10.35
C GLY C 18 0.00 -21.83 -9.12
N ASP C 19 1.30 -21.81 -8.82
CA ASP C 19 1.81 -21.04 -7.69
C ASP C 19 1.59 -19.55 -7.93
N LEU C 20 1.86 -19.09 -9.16
CA LEU C 20 1.56 -17.72 -9.54
C LEU C 20 0.06 -17.44 -9.48
N GLY C 21 -0.77 -18.44 -9.77
CA GLY C 21 -2.21 -18.25 -9.65
C GLY C 21 -2.66 -18.04 -8.21
N ILE C 22 -2.13 -18.83 -7.28
CA ILE C 22 -2.51 -18.63 -5.89
C ILE C 22 -1.91 -17.34 -5.34
N LEU C 23 -0.82 -16.84 -5.94
CA LEU C 23 -0.37 -15.50 -5.57
C LEU C 23 -1.25 -14.42 -6.19
N ARG C 24 -1.77 -14.65 -7.41
CA ARG C 24 -2.63 -13.70 -8.08
C ARG C 24 -3.95 -13.52 -7.34
N LYS C 25 -4.52 -14.62 -6.85
CA LYS C 25 -5.78 -14.53 -6.11
C LYS C 25 -5.59 -13.83 -4.77
N LEU C 26 -4.39 -13.89 -4.21
CA LEU C 26 -4.08 -13.25 -2.93
C LEU C 26 -3.85 -11.75 -3.07
N ARG C 27 -3.83 -11.22 -4.29
CA ARG C 27 -3.59 -9.80 -4.51
C ARG C 27 -4.75 -8.97 -3.97
N GLY C 28 -4.40 -7.86 -3.32
CA GLY C 28 -5.38 -6.93 -2.79
C GLY C 28 -5.63 -7.05 -1.31
N ALA C 29 -5.14 -8.11 -0.68
CA ALA C 29 -5.35 -8.33 0.75
C ALA C 29 -4.03 -8.79 1.36
N ARG C 30 -4.08 -9.08 2.66
CA ARG C 30 -2.90 -9.54 3.39
C ARG C 30 -2.76 -11.04 3.22
N LEU C 31 -1.88 -11.66 4.02
CA LEU C 31 -1.67 -13.10 3.96
C LEU C 31 -2.04 -13.79 5.27
N ASP C 32 -2.86 -13.16 6.10
CA ASP C 32 -3.35 -13.81 7.30
C ASP C 32 -4.71 -14.46 7.13
N GLU C 33 -5.39 -14.22 6.00
CA GLU C 33 -6.71 -14.77 5.77
C GLU C 33 -6.70 -15.99 4.87
N LYS C 34 -5.60 -16.26 4.17
CA LYS C 34 -5.49 -17.42 3.30
C LYS C 34 -4.26 -18.22 3.69
N LEU C 35 -4.43 -19.54 3.82
CA LEU C 35 -3.28 -20.40 4.16
C LEU C 35 -2.24 -20.44 3.04
N PRO C 36 -2.55 -20.87 1.80
CA PRO C 36 -1.47 -21.19 0.86
C PRO C 36 -0.62 -20.00 0.48
N GLY C 37 -1.17 -18.78 0.56
CA GLY C 37 -0.33 -17.60 0.42
C GLY C 37 0.74 -17.52 1.49
N PHE C 38 0.36 -17.77 2.74
CA PHE C 38 1.35 -17.72 3.82
C PHE C 38 2.33 -18.87 3.74
N ASP C 39 1.85 -20.06 3.35
CA ASP C 39 2.77 -21.18 3.16
C ASP C 39 3.76 -20.91 2.05
N LEU C 40 3.30 -20.32 0.95
CA LEU C 40 4.22 -19.97 -0.13
C LEU C 40 5.19 -18.87 0.27
N PHE C 41 4.73 -17.86 1.01
CA PHE C 41 5.65 -16.82 1.47
C PHE C 41 6.69 -17.40 2.43
N SER C 42 6.27 -18.32 3.30
CA SER C 42 7.23 -18.99 4.16
C SER C 42 8.22 -19.81 3.36
N ALA C 43 7.75 -20.56 2.36
CA ALA C 43 8.63 -21.40 1.57
C ALA C 43 9.62 -20.58 0.75
N LEU C 44 9.20 -19.43 0.25
CA LEU C 44 10.05 -18.59 -0.57
C LEU C 44 10.84 -17.56 0.24
N TRP C 45 10.58 -17.43 1.54
CA TRP C 45 11.26 -16.44 2.37
C TRP C 45 12.13 -17.07 3.44
N TRP C 46 11.57 -17.97 4.26
CA TRP C 46 12.23 -18.55 5.43
C TRP C 46 13.59 -19.19 5.14
N PRO C 47 13.77 -20.05 4.14
CA PRO C 47 15.13 -20.56 3.89
C PRO C 47 16.06 -19.51 3.31
N LEU C 48 15.56 -18.63 2.46
CA LEU C 48 16.39 -17.55 1.95
C LEU C 48 16.64 -16.48 3.01
N ARG C 49 15.74 -16.35 3.99
CA ARG C 49 16.01 -15.48 5.13
C ARG C 49 17.09 -16.08 6.02
N GLN C 50 17.05 -17.39 6.25
CA GLN C 50 18.05 -18.05 7.06
C GLN C 50 19.42 -18.04 6.38
N LYS C 51 19.45 -18.24 5.06
CA LYS C 51 20.71 -18.42 4.36
C LYS C 51 21.49 -17.11 4.21
N ASN C 52 20.81 -15.98 4.09
CA ASN C 52 21.47 -14.71 3.83
C ASN C 52 21.04 -13.67 4.85
N GLN C 53 21.98 -12.80 5.23
CA GLN C 53 21.68 -11.70 6.13
C GLN C 53 21.03 -10.52 5.43
N ARG C 54 21.19 -10.42 4.11
CA ARG C 54 20.66 -9.30 3.34
C ARG C 54 19.35 -9.62 2.65
N ALA C 55 18.50 -10.41 3.29
CA ALA C 55 17.18 -10.71 2.74
C ALA C 55 16.29 -9.46 2.81
N PRO C 56 15.41 -9.28 1.83
CA PRO C 56 14.50 -8.12 1.86
C PRO C 56 13.46 -8.23 2.96
N LYS C 57 12.92 -7.06 3.31
CA LYS C 57 11.95 -6.91 4.37
C LYS C 57 10.65 -7.62 3.94
N ARG C 58 9.88 -8.09 4.94
CA ARG C 58 8.72 -8.96 4.71
C ARG C 58 7.72 -8.35 3.72
N GLU C 59 7.28 -7.12 3.99
CA GLU C 59 6.15 -6.58 3.24
C GLU C 59 6.53 -6.16 1.83
N VAL C 60 7.75 -5.64 1.63
CA VAL C 60 8.17 -5.30 0.28
C VAL C 60 8.36 -6.56 -0.54
N ALA C 61 8.88 -7.63 0.06
CA ALA C 61 9.01 -8.91 -0.64
C ALA C 61 7.65 -9.47 -1.02
N TRP C 62 6.66 -9.36 -0.12
CA TRP C 62 5.31 -9.80 -0.43
C TRP C 62 4.70 -8.98 -1.56
N LEU C 63 4.93 -7.66 -1.55
CA LEU C 63 4.42 -6.79 -2.60
C LEU C 63 5.02 -7.14 -3.95
N ILE C 64 6.35 -7.32 -4.01
CA ILE C 64 7.00 -7.68 -5.26
C ILE C 64 6.57 -9.06 -5.73
N ALA C 65 6.34 -9.99 -4.82
CA ALA C 65 5.85 -11.32 -5.20
C ALA C 65 4.48 -11.23 -5.86
N LYS C 66 3.56 -10.47 -5.24
CA LYS C 66 2.22 -10.32 -5.82
C LYS C 66 2.27 -9.60 -7.16
N LEU C 67 3.10 -8.56 -7.27
CA LEU C 67 3.17 -7.81 -8.52
C LEU C 67 3.82 -8.64 -9.64
N PHE C 68 4.83 -9.45 -9.30
CA PHE C 68 5.41 -10.33 -10.31
C PHE C 68 4.43 -11.42 -10.73
N ALA C 69 3.62 -11.91 -9.80
CA ALA C 69 2.59 -12.88 -10.19
C ALA C 69 1.56 -12.24 -11.11
N GLU C 70 1.21 -10.98 -10.84
CA GLU C 70 0.21 -10.32 -11.68
C GLU C 70 0.74 -10.01 -13.07
N PHE C 71 1.94 -9.45 -13.16
CA PHE C 71 2.40 -8.86 -14.42
C PHE C 71 3.38 -9.72 -15.20
N ARG C 72 4.30 -10.39 -14.52
CA ARG C 72 5.23 -11.38 -15.11
C ARG C 72 6.10 -10.75 -16.20
N PHE C 73 6.93 -9.81 -15.79
CA PHE C 73 7.95 -9.26 -16.69
C PHE C 73 9.32 -9.83 -16.35
N GLU C 74 10.11 -10.07 -17.40
CA GLU C 74 11.43 -10.67 -17.27
C GLU C 74 12.39 -9.71 -16.56
N GLN C 75 13.37 -10.29 -15.89
CA GLN C 75 14.38 -9.51 -15.21
C GLN C 75 15.48 -9.13 -16.18
N ARG C 76 15.79 -7.83 -16.26
CA ARG C 76 16.81 -7.33 -17.16
C ARG C 76 17.46 -6.11 -16.54
N GLU C 77 18.79 -6.06 -16.57
CA GLU C 77 19.52 -4.95 -15.97
C GLU C 77 19.32 -3.68 -16.79
N GLY C 78 19.27 -2.55 -16.07
CA GLY C 78 19.13 -1.26 -16.73
C GLY C 78 17.75 -0.99 -17.30
N ALA C 79 16.70 -1.54 -16.69
CA ALA C 79 15.32 -1.36 -17.14
C ALA C 79 14.43 -1.02 -15.96
N THR C 80 14.86 -0.05 -15.16
CA THR C 80 14.08 0.34 -13.99
C THR C 80 12.87 1.16 -14.41
N LEU C 81 11.98 1.39 -13.44
CA LEU C 81 10.69 2.02 -13.72
C LEU C 81 10.77 3.43 -14.31
N PRO C 82 11.52 4.40 -13.75
CA PRO C 82 11.47 5.75 -14.31
C PRO C 82 12.26 5.93 -15.59
N ILE C 83 12.93 4.89 -16.09
CA ILE C 83 13.46 4.93 -17.44
C ILE C 83 12.40 4.52 -18.44
N LEU C 84 11.81 3.34 -18.23
CA LEU C 84 10.80 2.82 -19.16
C LEU C 84 9.57 3.72 -19.19
N MET C 85 9.00 4.01 -18.02
CA MET C 85 8.00 5.06 -17.93
C MET C 85 8.77 6.36 -17.76
N GLY C 86 8.56 7.30 -18.67
CA GLY C 86 9.47 8.40 -18.81
C GLY C 86 10.05 8.42 -20.21
N GLY C 87 10.41 7.25 -20.75
CA GLY C 87 10.49 7.11 -22.18
C GLY C 87 9.12 6.90 -22.79
N ILE C 88 8.21 6.29 -22.02
CA ILE C 88 6.81 6.22 -22.42
C ILE C 88 6.18 7.60 -22.38
N CYS C 89 6.56 8.41 -21.39
CA CYS C 89 6.08 9.78 -21.19
C CYS C 89 6.62 10.77 -22.24
N ARG C 90 7.30 10.35 -23.31
CA ARG C 90 7.65 11.25 -24.39
C ARG C 90 6.72 11.17 -25.59
N LYS C 91 5.92 10.11 -25.67
CA LYS C 91 5.06 9.86 -26.83
C LYS C 91 3.62 10.26 -26.59
N LEU C 92 3.34 11.02 -25.54
CA LEU C 92 1.98 11.40 -25.20
C LEU C 92 1.77 12.89 -25.45
N GLU C 93 0.51 13.31 -25.36
CA GLU C 93 0.14 14.69 -25.60
C GLU C 93 0.57 15.51 -24.38
N PRO C 94 1.47 16.49 -24.53
CA PRO C 94 2.06 17.13 -23.35
C PRO C 94 1.13 18.02 -22.54
N LYS C 95 -0.04 18.41 -23.04
CA LYS C 95 -0.80 19.39 -22.27
C LYS C 95 -1.84 18.72 -21.36
N LYS C 96 -2.46 17.62 -21.79
CA LYS C 96 -3.52 16.99 -21.01
C LYS C 96 -3.15 15.59 -20.56
N GLU C 97 -2.81 14.69 -21.50
CA GLU C 97 -2.58 13.29 -21.15
C GLU C 97 -1.30 13.12 -20.34
N LEU C 98 -0.23 13.79 -20.77
CA LEU C 98 1.05 13.67 -20.08
C LEU C 98 1.01 14.14 -18.62
N PRO C 99 0.39 15.28 -18.25
CA PRO C 99 0.25 15.57 -16.82
C PRO C 99 -0.53 14.53 -16.04
N ARG C 100 -1.51 13.87 -16.67
CA ARG C 100 -2.29 12.87 -15.95
C ARG C 100 -1.48 11.61 -15.67
N VAL C 101 -0.74 11.12 -16.68
CA VAL C 101 0.14 9.98 -16.42
C VAL C 101 1.28 10.38 -15.48
N LEU C 102 1.75 11.62 -15.57
CA LEU C 102 2.78 12.10 -14.67
C LEU C 102 2.28 12.15 -13.23
N ALA C 103 1.03 12.55 -13.02
CA ALA C 103 0.46 12.51 -11.67
C ALA C 103 0.25 11.08 -11.19
N ARG C 104 -0.06 10.16 -12.12
CA ARG C 104 -0.14 8.75 -11.75
C ARG C 104 1.20 8.23 -11.24
N PHE C 105 2.30 8.62 -11.89
CA PHE C 105 3.62 8.25 -11.37
C PHE C 105 3.99 9.06 -10.14
N ASP C 106 3.47 10.28 -10.03
CA ASP C 106 3.75 11.17 -8.92
C ASP C 106 3.13 10.69 -7.62
N GLN C 107 2.02 9.97 -7.71
CA GLN C 107 1.35 9.47 -6.51
C GLN C 107 2.25 8.53 -5.71
N LEU C 108 3.13 7.79 -6.38
CA LEU C 108 3.95 6.76 -5.75
C LEU C 108 4.86 7.28 -4.64
N ALA C 109 5.17 8.58 -4.64
CA ALA C 109 6.10 9.12 -3.65
C ALA C 109 5.45 9.41 -2.31
N SER C 110 4.15 9.15 -2.14
CA SER C 110 3.44 9.52 -0.93
C SER C 110 2.63 8.37 -0.34
N LEU C 111 3.06 7.13 -0.54
CA LEU C 111 2.44 6.00 0.13
C LEU C 111 3.41 5.32 1.07
N ASP C 112 2.85 4.63 2.06
CA ASP C 112 3.61 3.70 2.88
C ASP C 112 3.65 2.35 2.17
N ILE C 113 4.10 1.31 2.86
CA ILE C 113 4.35 0.04 2.20
C ILE C 113 3.13 -0.87 2.11
N MET C 114 2.07 -0.59 2.85
CA MET C 114 0.93 -1.50 2.88
C MET C 114 -0.27 -1.05 2.05
N GLN C 115 -0.16 0.05 1.28
CA GLN C 115 -1.18 0.35 0.27
C GLN C 115 -0.52 0.57 -1.09
N MET C 116 0.77 0.28 -1.21
CA MET C 116 1.60 0.76 -2.30
C MET C 116 1.31 -0.02 -3.58
N GLU C 117 0.75 -1.22 -3.45
CA GLU C 117 0.59 -2.15 -4.58
C GLU C 117 -0.41 -1.68 -5.62
N GLU C 118 -1.41 -0.87 -5.27
CA GLU C 118 -2.41 -0.47 -6.25
C GLU C 118 -1.93 0.64 -7.20
N PRO C 119 -1.31 1.75 -6.73
CA PRO C 119 -0.73 2.68 -7.71
C PRO C 119 0.40 2.06 -8.53
N LEU C 120 1.18 1.17 -7.92
CA LEU C 120 2.14 0.41 -8.70
C LEU C 120 1.44 -0.47 -9.72
N SER C 121 0.28 -1.03 -9.37
CA SER C 121 -0.43 -1.89 -10.30
C SER C 121 -0.92 -1.12 -11.51
N VAL C 122 -1.45 0.09 -11.29
CA VAL C 122 -1.90 0.85 -12.47
C VAL C 122 -0.71 1.34 -13.30
N ILE C 123 0.42 1.66 -12.66
CA ILE C 123 1.61 2.03 -13.42
C ILE C 123 2.13 0.87 -14.26
N MET C 124 2.20 -0.33 -13.68
CA MET C 124 2.63 -1.51 -14.43
C MET C 124 1.59 -1.90 -15.48
N GLY C 125 0.32 -1.55 -15.27
CA GLY C 125 -0.67 -1.74 -16.31
C GLY C 125 -0.45 -0.83 -17.51
N ILE C 126 -0.06 0.42 -17.24
CA ILE C 126 0.34 1.32 -18.32
C ILE C 126 1.55 0.75 -19.04
N LEU C 127 2.49 0.17 -18.29
CA LEU C 127 3.64 -0.49 -18.91
C LEU C 127 3.24 -1.67 -19.77
N ARG C 128 2.28 -2.47 -19.31
CA ARG C 128 1.84 -3.64 -20.06
C ARG C 128 1.07 -3.26 -21.32
N LYS C 129 0.34 -2.14 -21.27
CA LYS C 129 -0.39 -1.68 -22.46
C LYS C 129 0.54 -1.24 -23.58
N HIS C 130 1.82 -0.99 -23.29
CA HIS C 130 2.78 -0.54 -24.29
C HIS C 130 3.78 -1.63 -24.67
N GLN C 131 3.46 -2.90 -24.35
CA GLN C 131 4.31 -4.07 -24.62
C GLN C 131 5.72 -3.89 -24.08
N GLN C 132 5.82 -3.81 -22.76
CA GLN C 132 7.10 -3.77 -22.07
C GLN C 132 7.34 -5.12 -21.41
N VAL C 133 8.37 -5.83 -21.87
CA VAL C 133 8.61 -7.19 -21.41
C VAL C 133 9.61 -7.26 -20.26
N CYS C 134 10.49 -6.28 -20.14
CA CYS C 134 11.59 -6.34 -19.18
C CYS C 134 11.43 -5.25 -18.13
N LEU C 135 11.76 -5.60 -16.89
CA LEU C 135 11.78 -4.65 -15.78
C LEU C 135 12.89 -5.05 -14.83
N ASP C 136 13.60 -4.06 -14.31
CA ASP C 136 14.65 -4.29 -13.31
C ASP C 136 13.96 -4.63 -11.99
N TRP C 137 13.59 -5.91 -11.86
CA TRP C 137 12.93 -6.36 -10.64
C TRP C 137 13.85 -6.25 -9.44
N VAL C 138 15.11 -6.63 -9.60
CA VAL C 138 16.10 -6.52 -8.53
C VAL C 138 16.30 -5.06 -8.14
N GLY C 139 16.42 -4.17 -9.14
CA GLY C 139 16.56 -2.76 -8.86
C GLY C 139 15.35 -2.18 -8.16
N LEU C 140 14.15 -2.55 -8.64
CA LEU C 140 12.92 -2.09 -8.02
C LEU C 140 12.82 -2.53 -6.57
N THR C 141 13.20 -3.78 -6.27
CA THR C 141 13.03 -4.22 -4.90
C THR C 141 14.11 -3.68 -3.97
N ASP C 142 15.34 -3.40 -4.43
CA ASP C 142 16.25 -2.86 -3.40
C ASP C 142 16.04 -1.35 -3.26
N VAL C 143 15.45 -0.69 -4.25
CA VAL C 143 15.08 0.71 -3.99
C VAL C 143 13.77 0.81 -3.24
N LEU C 144 12.92 -0.22 -3.30
CA LEU C 144 11.69 -0.23 -2.54
C LEU C 144 11.90 -0.63 -1.08
N SER C 145 12.86 -1.52 -0.81
CA SER C 145 13.18 -1.85 0.57
C SER C 145 13.96 -0.72 1.24
N PHE C 146 14.62 0.12 0.46
CA PHE C 146 15.37 1.26 0.98
C PHE C 146 14.53 2.53 0.98
N TRP C 147 13.20 2.41 1.09
CA TRP C 147 12.29 3.54 0.91
C TRP C 147 12.33 4.55 2.05
N GLU C 148 13.03 4.25 3.14
CA GLU C 148 12.99 5.10 4.32
C GLU C 148 13.76 6.41 4.15
N GLN C 149 14.55 6.53 3.09
CA GLN C 149 15.43 7.69 2.91
C GLN C 149 14.93 8.62 1.83
N GLU C 150 15.39 9.86 1.89
CA GLU C 150 15.12 10.86 0.84
C GLU C 150 16.05 10.78 -0.38
N PRO C 151 17.38 10.54 -0.24
CA PRO C 151 18.21 10.44 -1.44
C PRO C 151 17.79 9.38 -2.44
N VAL C 152 17.21 8.27 -2.00
CA VAL C 152 16.79 7.23 -2.93
C VAL C 152 15.63 7.72 -3.80
N LYS C 153 14.65 8.39 -3.20
CA LYS C 153 13.58 8.99 -3.99
C LYS C 153 14.11 10.12 -4.86
N ARG C 154 15.15 10.81 -4.40
CA ARG C 154 15.77 11.85 -5.22
C ARG C 154 16.38 11.27 -6.49
N GLU C 155 17.13 10.16 -6.37
CA GLU C 155 17.77 9.66 -7.59
C GLU C 155 16.73 8.99 -8.48
N TRP C 156 15.69 8.40 -7.87
CA TRP C 156 14.52 7.92 -8.61
C TRP C 156 13.97 9.03 -9.50
N SER C 157 13.70 10.18 -8.87
CA SER C 157 13.04 11.29 -9.56
C SER C 157 13.92 11.85 -10.68
N ASP C 158 15.18 12.16 -10.40
CA ASP C 158 15.92 12.77 -11.50
C ASP C 158 16.35 11.73 -12.53
N SER C 159 16.30 10.43 -12.21
CA SER C 159 16.40 9.43 -13.27
C SER C 159 15.21 9.53 -14.22
N PHE C 160 14.00 9.74 -13.66
CA PHE C 160 12.85 10.03 -14.51
C PHE C 160 13.07 11.29 -15.34
N ILE C 161 13.63 12.35 -14.73
CA ILE C 161 13.89 13.59 -15.45
C ILE C 161 14.87 13.35 -16.61
N LYS C 162 16.00 12.68 -16.36
CA LYS C 162 16.95 12.50 -17.45
C LYS C 162 16.43 11.54 -18.50
N ALA C 163 15.55 10.60 -18.13
CA ALA C 163 14.86 9.81 -19.16
C ALA C 163 13.91 10.67 -19.97
N TYR C 164 13.35 11.72 -19.35
CA TYR C 164 12.43 12.60 -20.06
C TYR C 164 13.16 13.56 -21.02
N LYS C 165 14.34 14.05 -20.64
CA LYS C 165 14.99 15.07 -21.45
C LYS C 165 15.79 14.53 -22.64
N ILE C 166 15.92 13.22 -22.79
CA ILE C 166 16.58 12.70 -23.99
C ILE C 166 15.68 12.89 -25.19
N MET D 1 -9.27 31.79 32.33
CA MET D 1 -10.12 30.61 32.12
C MET D 1 -10.25 30.32 30.62
N LEU D 2 -9.57 29.29 30.16
CA LEU D 2 -9.55 28.94 28.75
C LEU D 2 -10.35 27.67 28.52
N ILE D 3 -11.27 27.73 27.57
CA ILE D 3 -12.05 26.56 27.15
C ILE D 3 -11.41 26.00 25.89
N GLU D 4 -11.03 24.73 25.93
CA GLU D 4 -10.27 24.10 24.87
C GLU D 4 -11.09 22.97 24.27
N ILE D 5 -11.22 22.96 22.94
CA ILE D 5 -11.97 21.93 22.23
C ILE D 5 -11.00 21.21 21.29
N HIS D 6 -10.84 19.91 21.51
CA HIS D 6 -10.04 19.04 20.65
C HIS D 6 -10.96 18.01 20.02
N MET D 7 -11.15 18.06 18.72
CA MET D 7 -12.07 17.17 18.04
C MET D 7 -11.34 16.28 17.05
N ILE D 8 -11.79 15.05 16.94
CA ILE D 8 -11.31 14.09 15.96
C ILE D 8 -12.46 13.78 15.02
N GLN D 9 -12.30 14.11 13.74
CA GLN D 9 -13.40 14.02 12.78
C GLN D 9 -12.94 13.29 11.53
N ASN D 10 -13.57 12.17 11.23
CA ASN D 10 -13.28 11.41 10.02
C ASN D 10 -14.25 11.85 8.93
N HIS D 11 -13.70 12.16 7.75
CA HIS D 11 -14.50 12.71 6.68
C HIS D 11 -14.51 11.76 5.48
N SER D 12 -15.63 11.76 4.77
CA SER D 12 -15.75 11.04 3.52
C SER D 12 -14.90 11.73 2.45
N PRO D 13 -14.59 11.02 1.33
CA PRO D 13 -13.88 11.68 0.23
C PRO D 13 -14.53 12.97 -0.22
N ALA D 14 -13.84 14.09 0.00
CA ALA D 14 -14.42 15.41 -0.18
C ALA D 14 -13.31 16.42 -0.41
N ASN D 15 -13.71 17.60 -0.89
CA ASN D 15 -12.83 18.73 -1.11
C ASN D 15 -13.45 19.92 -0.38
N LEU D 16 -13.17 20.03 0.91
CA LEU D 16 -13.75 21.11 1.70
C LEU D 16 -13.02 22.44 1.46
N ASN D 17 -11.71 22.40 1.30
CA ASN D 17 -10.91 23.59 1.06
C ASN D 17 -10.01 23.38 -0.13
N ARG D 18 -9.89 24.42 -0.96
CA ARG D 18 -9.01 24.33 -2.12
C ARG D 18 -8.21 25.62 -2.27
N ASP D 19 -7.05 25.49 -2.89
CA ASP D 19 -6.14 26.59 -3.18
C ASP D 19 -6.46 27.13 -4.58
N ASP D 20 -5.52 27.89 -5.16
CA ASP D 20 -5.72 28.49 -6.48
C ASP D 20 -6.02 27.45 -7.55
N LEU D 21 -5.29 26.34 -7.54
CA LEU D 21 -5.38 25.34 -8.59
C LEU D 21 -6.44 24.28 -8.32
N GLY D 22 -7.31 24.50 -7.33
CA GLY D 22 -8.35 23.54 -7.01
C GLY D 22 -7.85 22.24 -6.43
N ALA D 23 -6.81 22.30 -5.59
CA ALA D 23 -6.26 21.15 -4.90
C ALA D 23 -6.57 21.26 -3.41
N PRO D 24 -6.77 20.14 -2.71
CA PRO D 24 -6.99 20.22 -1.26
C PRO D 24 -5.77 20.78 -0.57
N LYS D 25 -6.00 21.56 0.48
CA LYS D 25 -4.92 22.24 1.17
C LYS D 25 -4.06 21.22 1.91
N THR D 26 -2.75 21.29 1.70
CA THR D 26 -1.80 20.36 2.29
C THR D 26 -0.72 21.14 3.01
N CYS D 27 -0.28 20.60 4.14
CA CYS D 27 0.79 21.21 4.91
C CYS D 27 1.74 20.13 5.40
N TYR D 28 2.99 20.51 5.61
CA TYR D 28 3.98 19.57 6.10
C TYR D 28 4.00 19.60 7.61
N PHE D 29 3.81 18.45 8.24
CA PHE D 29 3.81 18.35 9.69
C PHE D 29 4.46 17.05 10.10
N GLY D 30 5.54 17.14 10.88
CA GLY D 30 6.30 15.96 11.21
C GLY D 30 7.08 15.40 10.05
N GLY D 31 7.38 16.22 9.05
CA GLY D 31 8.13 15.77 7.90
C GLY D 31 7.31 15.08 6.83
N VAL D 32 5.99 15.02 6.98
CA VAL D 32 5.13 14.35 6.02
C VAL D 32 3.97 15.26 5.64
N LEU D 33 3.38 14.95 4.49
CA LEU D 33 2.24 15.71 3.98
C LEU D 33 0.98 15.38 4.75
N ARG D 34 0.23 16.41 5.16
CA ARG D 34 -1.01 16.26 5.89
C ARG D 34 -2.09 17.08 5.20
N SER D 35 -3.28 16.50 5.08
CA SER D 35 -4.41 17.26 4.56
C SER D 35 -4.81 18.35 5.54
N ARG D 36 -5.08 19.54 5.02
CA ARG D 36 -5.29 20.71 5.84
C ARG D 36 -6.63 21.34 5.52
N ILE D 37 -7.33 21.79 6.56
CA ILE D 37 -8.52 22.62 6.44
C ILE D 37 -8.20 23.95 7.10
N SER D 38 -8.41 25.04 6.37
CA SER D 38 -8.04 26.36 6.86
C SER D 38 -8.92 26.77 8.04
N SER D 39 -8.32 27.50 8.98
CA SER D 39 -9.06 27.98 10.15
C SER D 39 -10.13 28.99 9.77
N GLN D 40 -9.88 29.80 8.74
CA GLN D 40 -10.88 30.76 8.28
C GLN D 40 -12.11 30.06 7.70
N CYS D 41 -11.93 28.91 7.05
CA CYS D 41 -13.06 28.14 6.55
C CYS D 41 -13.92 27.62 7.69
N ILE D 42 -13.28 27.11 8.75
CA ILE D 42 -14.02 26.63 9.92
C ILE D 42 -14.74 27.77 10.60
N LYS D 43 -14.09 28.93 10.72
CA LYS D 43 -14.72 30.09 11.35
C LYS D 43 -15.92 30.57 10.55
N ARG D 44 -15.82 30.58 9.21
CA ARG D 44 -16.94 30.96 8.38
C ARG D 44 -18.08 29.95 8.50
N SER D 45 -17.76 28.66 8.51
CA SER D 45 -18.79 27.63 8.62
C SER D 45 -19.49 27.69 9.98
N ILE D 46 -18.75 28.02 11.03
CA ILE D 46 -19.35 28.21 12.35
C ILE D 46 -20.25 29.44 12.36
N ARG D 47 -19.78 30.54 11.75
CA ARG D 47 -20.57 31.77 11.74
C ARG D 47 -21.81 31.64 10.86
N THR D 48 -21.73 30.86 9.78
CA THR D 48 -22.87 30.60 8.92
C THR D 48 -23.51 29.24 9.20
N SER D 49 -23.46 28.79 10.45
CA SER D 49 -24.06 27.52 10.84
C SER D 49 -25.50 27.73 11.27
N ASN D 50 -26.30 26.67 11.16
CA ASN D 50 -27.71 26.72 11.54
C ASN D 50 -27.90 26.96 13.04
N ASP D 51 -26.88 26.69 13.85
CA ASP D 51 -26.91 26.98 15.28
C ASP D 51 -26.40 28.38 15.58
N PHE D 52 -26.46 29.29 14.62
CA PHE D 52 -25.94 30.63 14.79
C PHE D 52 -26.86 31.73 14.25
N LYS D 53 -28.01 31.37 13.67
CA LYS D 53 -28.93 32.38 13.14
C LYS D 53 -29.47 33.28 14.24
N ALA D 54 -29.75 32.72 15.41
CA ALA D 54 -30.20 33.53 16.53
C ALA D 54 -29.07 34.26 17.22
N LEU D 55 -27.84 34.10 16.75
CA LEU D 55 -26.68 34.69 17.41
C LEU D 55 -25.82 35.52 16.47
N LEU D 56 -25.90 35.30 15.15
CA LEU D 56 -25.17 36.09 14.17
C LEU D 56 -25.60 37.55 14.21
N GLY D 57 -24.63 38.44 14.40
CA GLY D 57 -24.94 39.85 14.51
C GLY D 57 -23.92 40.77 13.87
N GLY D 58 -23.10 40.26 12.95
CA GLY D 58 -22.09 41.09 12.33
C GLY D 58 -22.01 40.94 10.82
N VAL D 59 -21.76 42.04 10.12
CA VAL D 59 -21.60 42.07 8.68
C VAL D 59 -20.22 42.66 8.36
N ARG D 60 -19.47 41.95 7.50
CA ARG D 60 -18.15 42.36 7.04
C ARG D 60 -18.27 42.61 5.54
N THR D 61 -18.66 43.84 5.17
CA THR D 61 -18.91 44.17 3.79
C THR D 61 -18.18 45.46 3.40
N ARG D 62 -17.91 45.58 2.10
CA ARG D 62 -17.46 46.82 1.49
C ARG D 62 -18.60 47.60 0.86
N ARG D 63 -19.75 46.96 0.66
CA ARG D 63 -20.94 47.62 0.11
C ARG D 63 -21.82 48.13 1.25
N LEU D 64 -21.26 49.04 2.03
CA LEU D 64 -21.99 49.60 3.16
C LEU D 64 -23.09 50.56 2.71
N ALA D 65 -22.84 51.31 1.62
CA ALA D 65 -23.84 52.24 1.11
C ALA D 65 -25.09 51.52 0.64
N ASP D 66 -24.94 50.30 0.11
CA ASP D 66 -26.10 49.47 -0.23
C ASP D 66 -26.93 49.17 1.00
N LEU D 67 -26.28 48.80 2.11
CA LEU D 67 -27.00 48.49 3.34
C LEU D 67 -27.71 49.73 3.89
N ILE D 68 -27.05 50.89 3.83
CA ILE D 68 -27.68 52.10 4.35
C ILE D 68 -28.84 52.54 3.45
N GLN D 69 -28.72 52.34 2.13
CA GLN D 69 -29.80 52.72 1.24
C GLN D 69 -30.98 51.76 1.33
N GLN D 70 -30.73 50.50 1.72
CA GLN D 70 -31.80 49.50 1.75
C GLN D 70 -32.88 49.80 2.79
N GLU D 71 -32.58 50.60 3.81
CA GLU D 71 -33.62 51.03 4.75
C GLU D 71 -34.22 52.36 4.34
N ALA D 72 -34.68 52.44 3.09
CA ALA D 72 -35.29 53.66 2.57
C ALA D 72 -36.20 53.27 1.42
N GLY D 73 -37.52 53.34 1.65
CA GLY D 73 -38.46 52.99 0.60
C GLY D 73 -38.42 53.95 -0.57
N GLU D 74 -38.39 55.25 -0.29
CA GLU D 74 -38.34 56.27 -1.33
C GLU D 74 -37.18 57.24 -1.17
N THR D 75 -36.52 57.29 -0.02
CA THR D 75 -35.45 58.24 0.22
C THR D 75 -34.19 57.76 -0.49
N GLU D 76 -34.04 58.20 -1.74
CA GLU D 76 -32.89 57.80 -2.56
C GLU D 76 -31.65 58.53 -2.06
N CYS D 77 -30.78 57.80 -1.36
CA CYS D 77 -29.52 58.36 -0.88
C CYS D 77 -28.44 57.29 -1.03
N TRP D 78 -27.75 57.31 -2.14
CA TRP D 78 -26.64 56.39 -2.38
C TRP D 78 -25.34 57.10 -2.71
N LYS D 79 -25.39 58.16 -3.54
CA LYS D 79 -24.20 58.94 -3.81
C LYS D 79 -23.72 59.70 -2.58
N LYS D 80 -24.64 60.19 -1.75
CA LYS D 80 -24.20 60.91 -0.56
C LYS D 80 -23.64 59.96 0.50
N ALA D 81 -24.18 58.74 0.58
CA ALA D 81 -23.62 57.73 1.46
C ALA D 81 -22.23 57.32 0.98
N GLN D 82 -22.06 57.17 -0.33
CA GLN D 82 -20.74 56.86 -0.87
C GLN D 82 -19.75 57.99 -0.64
N GLU D 83 -20.20 59.23 -0.74
CA GLU D 83 -19.31 60.37 -0.51
C GLU D 83 -18.90 60.47 0.95
N ILE D 84 -19.86 60.24 1.87
CA ILE D 84 -19.52 60.31 3.29
C ILE D 84 -18.63 59.14 3.70
N LEU D 85 -18.78 57.99 3.04
CA LEU D 85 -17.88 56.87 3.29
C LEU D 85 -16.49 57.11 2.70
N ASN D 86 -16.44 57.73 1.52
CA ASN D 86 -15.17 58.04 0.88
C ASN D 86 -14.38 59.04 1.71
N LYS D 87 -15.05 60.04 2.27
CA LYS D 87 -14.38 60.96 3.17
C LYS D 87 -14.12 60.35 4.53
N CYS D 88 -14.85 59.30 4.91
CA CYS D 88 -14.57 58.59 6.16
C CYS D 88 -13.22 57.89 6.14
N GLY D 89 -12.69 57.57 4.96
CA GLY D 89 -11.39 56.94 4.86
C GLY D 89 -11.30 55.88 3.78
N PHE D 90 -12.43 55.28 3.42
CA PHE D 90 -12.41 54.26 2.39
C PHE D 90 -12.19 54.90 1.02
N LYS D 91 -11.46 54.21 0.16
CA LYS D 91 -10.92 54.80 -1.07
C LYS D 91 -11.50 54.10 -2.31
N ASN D 92 -12.66 54.57 -2.75
CA ASN D 92 -13.22 54.21 -4.05
C ASN D 92 -14.31 55.19 -4.46
N THR D 97 -16.89 48.51 -3.38
CA THR D 97 -16.87 49.95 -3.59
C THR D 97 -16.18 50.67 -2.44
N LYS D 98 -15.43 49.91 -1.65
CA LYS D 98 -14.66 50.42 -0.51
C LYS D 98 -13.70 49.31 -0.08
N MET D 99 -13.05 49.50 1.06
CA MET D 99 -12.38 48.41 1.73
C MET D 99 -13.38 47.64 2.60
N LEU D 100 -12.96 46.48 3.10
CA LEU D 100 -13.86 45.64 3.89
C LEU D 100 -14.07 46.25 5.28
N VAL D 101 -15.34 46.39 5.68
CA VAL D 101 -15.72 46.98 6.94
C VAL D 101 -16.58 46.00 7.72
N PHE D 102 -16.19 45.71 8.96
CA PHE D 102 -16.88 44.75 9.82
C PHE D 102 -17.48 45.50 11.00
N MET D 103 -18.81 45.39 11.16
CA MET D 103 -19.51 45.84 12.37
C MET D 103 -20.92 45.28 12.33
N SER D 104 -21.76 45.65 13.30
CA SER D 104 -23.06 45.03 13.47
C SER D 104 -24.05 45.49 12.39
N LYS D 105 -25.12 44.71 12.23
CA LYS D 105 -26.09 44.92 11.16
C LYS D 105 -27.22 45.88 11.57
N ASP D 106 -27.85 45.61 12.71
CA ASP D 106 -28.86 46.53 13.21
C ASP D 106 -28.25 47.90 13.52
N LYS D 107 -26.99 47.90 13.98
CA LYS D 107 -26.29 49.15 14.24
C LYS D 107 -26.12 49.98 12.98
N ILE D 108 -25.60 49.36 11.90
CA ILE D 108 -25.38 50.14 10.69
C ILE D 108 -26.71 50.61 10.11
N LYS D 109 -27.73 49.73 10.11
CA LYS D 109 -29.05 50.09 9.62
C LYS D 109 -29.60 51.31 10.35
N ASP D 110 -29.87 51.16 11.65
CA ASP D 110 -30.55 52.21 12.40
C ASP D 110 -29.68 53.47 12.51
N LEU D 111 -28.43 53.32 12.95
CA LEU D 111 -27.61 54.49 13.23
C LEU D 111 -27.21 55.21 11.94
N ALA D 112 -26.85 54.48 10.88
CA ALA D 112 -26.51 55.15 9.64
C ALA D 112 -27.71 55.82 9.00
N ARG D 113 -28.91 55.23 9.15
CA ARG D 113 -30.12 55.89 8.67
C ARG D 113 -30.36 57.19 9.42
N ILE D 114 -30.19 57.19 10.75
CA ILE D 114 -30.47 58.41 11.50
C ILE D 114 -29.32 59.40 11.49
N VAL D 115 -28.16 59.03 10.97
CA VAL D 115 -27.00 59.92 10.93
C VAL D 115 -26.76 60.49 9.54
N LEU D 116 -26.57 59.63 8.53
CA LEU D 116 -26.13 60.13 7.23
C LEU D 116 -27.27 60.61 6.35
N ASP D 117 -28.49 60.10 6.55
CA ASP D 117 -29.64 60.60 5.82
C ASP D 117 -30.12 61.95 6.33
N ASN D 118 -29.65 62.38 7.50
CA ASN D 118 -30.05 63.66 8.06
C ASN D 118 -29.38 64.76 7.22
N SER D 119 -30.15 65.79 6.91
CA SER D 119 -29.63 66.94 6.18
C SER D 119 -28.92 67.85 7.18
N LEU D 120 -27.60 67.84 7.14
CA LEU D 120 -26.77 68.47 8.15
C LEU D 120 -25.42 68.76 7.50
N GLY D 121 -24.41 69.05 8.32
CA GLY D 121 -23.06 69.28 7.82
C GLY D 121 -22.43 68.07 7.17
N LEU D 122 -21.18 68.20 6.72
CA LEU D 122 -20.58 67.18 5.88
C LEU D 122 -19.39 66.49 6.54
N THR D 123 -18.46 67.25 7.10
CA THR D 123 -17.30 66.64 7.74
C THR D 123 -17.66 66.01 9.07
N GLU D 124 -18.43 66.70 9.90
CA GLU D 124 -18.80 66.14 11.20
C GLU D 124 -19.81 65.01 11.04
N ALA D 125 -20.56 64.98 9.94
CA ALA D 125 -21.38 63.81 9.64
C ALA D 125 -20.50 62.60 9.36
N ALA D 126 -19.38 62.81 8.66
CA ALA D 126 -18.42 61.73 8.45
C ALA D 126 -17.79 61.28 9.78
N GLN D 127 -17.52 62.24 10.67
CA GLN D 127 -17.01 61.88 11.98
C GLN D 127 -18.03 61.05 12.77
N GLN D 128 -19.31 61.42 12.69
CA GLN D 128 -20.36 60.65 13.34
C GLN D 128 -20.48 59.25 12.76
N VAL D 129 -20.37 59.12 11.43
CA VAL D 129 -20.41 57.81 10.80
C VAL D 129 -19.21 56.96 11.24
N ALA D 130 -18.04 57.58 11.32
CA ALA D 130 -16.85 56.86 11.77
C ALA D 130 -16.98 56.40 13.22
N ASN D 131 -17.54 57.25 14.08
CA ASN D 131 -17.78 56.86 15.47
C ASN D 131 -18.78 55.71 15.55
N VAL D 132 -19.82 55.76 14.73
CA VAL D 132 -20.82 54.70 14.71
C VAL D 132 -20.20 53.38 14.25
N ILE D 133 -19.37 53.42 13.21
CA ILE D 133 -18.75 52.21 12.69
C ILE D 133 -17.76 51.64 13.69
N ALA D 134 -16.95 52.49 14.32
CA ALA D 134 -15.93 52.01 15.24
C ALA D 134 -16.56 51.47 16.53
N GLN D 135 -17.55 52.17 17.07
CA GLN D 135 -18.13 51.78 18.35
C GLN D 135 -19.08 50.60 18.24
N ALA D 136 -19.49 50.22 17.04
CA ALA D 136 -20.42 49.10 16.85
C ALA D 136 -19.62 47.79 16.90
N THR D 137 -19.25 47.40 18.11
CA THR D 137 -18.52 46.16 18.34
C THR D 137 -19.29 45.21 19.26
N LEU D 138 -20.60 45.39 19.40
CA LEU D 138 -21.41 44.55 20.27
C LEU D 138 -22.08 43.48 19.41
N ALA D 139 -21.27 42.50 19.00
CA ALA D 139 -21.77 41.35 18.29
C ALA D 139 -20.86 40.19 18.68
N PRO D 140 -21.43 39.04 19.07
CA PRO D 140 -20.58 37.94 19.57
C PRO D 140 -19.72 37.30 18.50
N ASP D 141 -20.10 37.36 17.22
CA ASP D 141 -19.21 36.87 16.18
C ASP D 141 -18.02 37.81 15.99
N ILE D 142 -18.25 39.11 16.13
CA ILE D 142 -17.14 40.07 16.15
C ILE D 142 -16.29 39.85 17.39
N ALA D 143 -16.93 39.54 18.52
CA ALA D 143 -16.19 39.27 19.75
C ALA D 143 -15.32 38.03 19.63
N LEU D 144 -15.80 37.00 18.93
CA LEU D 144 -15.02 35.77 18.79
C LEU D 144 -13.93 35.93 17.74
N CYS D 145 -14.31 36.29 16.51
CA CYS D 145 -13.35 36.31 15.41
C CYS D 145 -12.35 37.45 15.53
N GLY D 146 -12.78 38.60 16.03
CA GLY D 146 -11.89 39.74 16.18
C GLY D 146 -11.81 40.58 14.92
N ARG D 147 -11.36 41.83 15.11
CA ARG D 147 -11.35 42.81 14.03
C ARG D 147 -10.51 44.01 14.44
N MET D 148 -9.72 44.53 13.50
CA MET D 148 -9.28 45.91 13.58
C MET D 148 -9.28 46.47 12.17
N LEU D 149 -9.54 47.78 12.06
CA LEU D 149 -9.65 48.43 10.77
C LEU D 149 -8.79 49.69 10.75
N GLU D 150 -8.18 49.96 9.60
CA GLU D 150 -7.37 51.15 9.41
C GLU D 150 -7.80 51.80 8.10
N PRO D 151 -8.35 53.01 8.13
CA PRO D 151 -8.75 53.69 6.90
C PRO D 151 -7.58 54.38 6.24
N ASN D 152 -7.76 54.68 4.95
CA ASN D 152 -6.73 55.36 4.17
C ASN D 152 -6.62 56.80 4.63
N ASP D 153 -5.44 57.18 5.11
CA ASP D 153 -5.21 58.53 5.62
C ASP D 153 -5.06 59.57 4.52
N LYS D 154 -4.91 59.15 3.27
CA LYS D 154 -4.80 60.11 2.17
C LYS D 154 -6.15 60.66 1.78
N ASP D 155 -7.11 59.79 1.48
CA ASP D 155 -8.42 60.23 1.04
C ASP D 155 -9.27 60.78 2.18
N LYS D 156 -8.96 60.41 3.42
CA LYS D 156 -9.68 60.95 4.56
C LYS D 156 -9.33 62.41 4.78
N ASP D 157 -10.33 63.20 5.17
CA ASP D 157 -10.07 64.59 5.52
C ASP D 157 -9.30 64.68 6.83
N LYS D 158 -8.62 65.81 7.00
CA LYS D 158 -7.82 66.02 8.20
C LYS D 158 -8.68 66.30 9.44
N LYS D 159 -9.97 66.55 9.27
CA LYS D 159 -10.87 66.88 10.37
C LYS D 159 -11.64 65.67 10.89
N VAL D 160 -11.31 64.46 10.43
CA VAL D 160 -11.99 63.24 10.83
C VAL D 160 -11.01 62.43 11.68
N LYS D 161 -11.42 62.10 12.90
CA LYS D 161 -10.62 61.31 13.82
C LYS D 161 -11.30 59.98 14.08
N TRP D 162 -10.50 58.92 14.19
CA TRP D 162 -11.00 57.57 14.42
C TRP D 162 -10.60 57.09 15.80
N SER D 163 -11.54 56.46 16.49
CA SER D 163 -11.25 55.88 17.80
C SER D 163 -10.66 54.48 17.61
N ASN D 164 -10.48 53.76 18.70
CA ASN D 164 -9.84 52.44 18.64
C ASN D 164 -10.80 51.43 18.04
N THR D 165 -10.43 50.88 16.89
CA THR D 165 -11.22 49.86 16.21
C THR D 165 -10.68 48.46 16.43
N THR D 166 -9.74 48.29 17.36
CA THR D 166 -9.09 47.00 17.58
C THR D 166 -9.95 46.16 18.52
N VAL D 167 -10.54 45.10 17.98
CA VAL D 167 -11.27 44.12 18.77
C VAL D 167 -10.38 42.89 18.90
N GLU D 168 -9.95 42.60 20.13
CA GLU D 168 -9.09 41.44 20.36
C GLU D 168 -9.89 40.16 20.19
N ALA D 169 -9.34 39.23 19.43
CA ALA D 169 -10.03 37.98 19.16
C ALA D 169 -10.01 37.08 20.39
N ALA D 170 -11.18 36.60 20.79
CA ALA D 170 -11.29 35.65 21.89
C ALA D 170 -11.32 34.21 21.41
N LEU D 171 -11.17 33.98 20.11
CA LEU D 171 -11.21 32.64 19.54
C LEU D 171 -9.94 32.38 18.75
N GLN D 172 -9.28 31.26 19.05
CA GLN D 172 -8.13 30.78 18.30
C GLN D 172 -8.47 29.44 17.68
N VAL D 173 -8.35 29.35 16.36
CA VAL D 173 -8.67 28.14 15.62
C VAL D 173 -7.42 27.67 14.90
N ALA D 174 -7.05 26.41 15.09
CA ALA D 174 -5.93 25.83 14.36
C ALA D 174 -6.42 25.24 13.05
N HIS D 175 -5.48 25.09 12.12
CA HIS D 175 -5.81 24.43 10.87
C HIS D 175 -5.95 22.93 11.11
N ALA D 176 -7.04 22.36 10.61
CA ALA D 176 -7.34 20.95 10.84
C ALA D 176 -6.38 20.10 10.03
N ILE D 177 -5.41 19.51 10.70
CA ILE D 177 -4.41 18.67 10.04
C ILE D 177 -4.80 17.21 10.21
N SER D 178 -4.50 16.42 9.19
CA SER D 178 -4.84 15.01 9.22
C SER D 178 -3.94 14.27 10.21
N THR D 179 -4.51 13.24 10.85
CA THR D 179 -3.73 12.40 11.76
C THR D 179 -2.85 11.41 11.03
N HIS D 180 -3.07 11.21 9.73
CA HIS D 180 -2.27 10.31 8.93
C HIS D 180 -1.66 11.06 7.75
N ILE D 181 -0.94 10.33 6.90
CA ILE D 181 -0.30 10.95 5.75
C ILE D 181 -1.34 11.33 4.70
N ALA D 182 -1.15 12.49 4.08
CA ALA D 182 -2.13 13.01 3.15
C ALA D 182 -2.24 12.12 1.91
N ARG D 183 -3.46 11.97 1.42
CA ARG D 183 -3.75 11.10 0.28
C ARG D 183 -4.48 11.94 -0.76
N PRO D 184 -3.75 12.70 -1.57
CA PRO D 184 -4.40 13.49 -2.63
C PRO D 184 -4.86 12.58 -3.75
N GLU D 185 -6.11 12.77 -4.18
CA GLU D 185 -6.73 11.93 -5.19
C GLU D 185 -7.33 12.81 -6.29
N ILE D 186 -7.34 12.26 -7.49
CA ILE D 186 -7.78 12.97 -8.69
C ILE D 186 -9.08 12.34 -9.18
N ASP D 187 -10.07 13.18 -9.46
CA ASP D 187 -11.36 12.76 -9.99
C ASP D 187 -11.47 13.28 -11.42
N TYR D 188 -11.51 12.36 -12.38
CA TYR D 188 -11.59 12.72 -13.80
C TYR D 188 -13.06 12.87 -14.18
N PHE D 189 -13.51 14.10 -14.35
CA PHE D 189 -14.91 14.34 -14.67
C PHE D 189 -15.07 14.83 -16.10
N VAL D 190 -16.21 14.45 -16.69
CA VAL D 190 -16.65 14.97 -17.98
C VAL D 190 -18.00 15.62 -17.77
N ALA D 191 -18.45 16.33 -18.80
CA ALA D 191 -19.77 16.94 -18.82
C ALA D 191 -20.43 16.59 -20.15
N ALA D 192 -21.41 15.70 -20.10
CA ALA D 192 -22.03 15.20 -21.32
C ALA D 192 -22.91 16.27 -21.94
N ASP D 193 -22.92 16.32 -23.27
CA ASP D 193 -23.79 17.23 -24.01
C ASP D 193 -25.19 16.64 -24.05
N ASP D 194 -26.18 17.41 -23.59
CA ASP D 194 -27.54 16.89 -23.49
C ASP D 194 -28.20 16.72 -24.85
N VAL D 195 -27.73 17.41 -25.87
CA VAL D 195 -28.22 17.18 -27.22
C VAL D 195 -27.24 16.24 -27.91
N PRO D 196 -27.71 15.37 -28.81
CA PRO D 196 -26.78 14.45 -29.48
C PRO D 196 -25.98 15.16 -30.56
N GLY D 197 -24.97 14.47 -31.05
CA GLY D 197 -24.14 14.97 -32.13
C GLY D 197 -23.63 13.80 -32.95
N GLU D 198 -22.82 14.13 -33.95
CA GLU D 198 -22.22 13.12 -34.81
C GLU D 198 -20.88 12.62 -34.28
N ASP D 199 -20.45 13.09 -33.11
CA ASP D 199 -19.10 12.82 -32.64
C ASP D 199 -19.09 12.15 -31.28
N ALA D 200 -20.12 12.40 -30.47
CA ALA D 200 -20.28 11.86 -29.12
C ALA D 200 -19.10 12.22 -28.23
N GLY D 201 -18.94 13.52 -27.99
CA GLY D 201 -17.89 14.03 -27.14
C GLY D 201 -18.49 14.86 -26.01
N ALA D 202 -17.76 14.91 -24.90
CA ALA D 202 -18.24 15.64 -23.73
C ALA D 202 -18.13 17.15 -23.96
N GLY D 203 -18.98 17.90 -23.25
CA GLY D 203 -18.93 19.34 -23.34
C GLY D 203 -17.73 19.93 -22.64
N HIS D 204 -17.19 19.25 -21.63
CA HIS D 204 -16.05 19.74 -20.87
C HIS D 204 -15.39 18.56 -20.19
N ILE D 205 -14.06 18.61 -20.09
CA ILE D 205 -13.26 17.59 -19.41
C ILE D 205 -12.40 18.29 -18.37
N GLY D 206 -12.40 17.77 -17.15
CA GLY D 206 -11.58 18.36 -16.12
C GLY D 206 -11.17 17.35 -15.08
N GLU D 207 -10.32 17.82 -14.17
CA GLU D 207 -9.82 17.01 -13.05
C GLU D 207 -10.10 17.77 -11.77
N SER D 208 -10.99 17.25 -10.95
CA SER D 208 -11.18 17.72 -9.59
C SER D 208 -10.19 17.01 -8.68
N MET D 209 -9.94 17.58 -7.52
CA MET D 209 -9.00 16.99 -6.57
C MET D 209 -9.67 16.89 -5.22
N PHE D 210 -9.61 15.70 -4.61
CA PHE D 210 -10.28 15.43 -3.35
C PHE D 210 -9.38 14.58 -2.47
N ALA D 211 -9.71 14.55 -1.18
CA ALA D 211 -8.96 13.77 -0.22
C ALA D 211 -9.87 13.40 0.95
N SER D 212 -9.70 12.17 1.44
CA SER D 212 -10.39 11.70 2.63
C SER D 212 -9.36 11.52 3.74
N ALA D 213 -9.60 12.16 4.88
CA ALA D 213 -8.63 12.14 5.97
C ALA D 213 -9.36 12.28 7.29
N CYS D 214 -8.67 11.84 8.35
CA CYS D 214 -9.16 12.02 9.71
C CYS D 214 -8.50 13.28 10.28
N PHE D 215 -9.28 14.34 10.44
CA PHE D 215 -8.78 15.65 10.82
C PHE D 215 -8.81 15.83 12.33
N TYR D 216 -7.79 16.50 12.85
CA TYR D 216 -7.74 16.93 14.23
C TYR D 216 -8.01 18.44 14.27
N LYS D 217 -9.06 18.82 14.98
CA LYS D 217 -9.51 20.20 15.05
C LYS D 217 -9.28 20.77 16.44
N TYR D 218 -8.85 22.02 16.50
CA TYR D 218 -8.44 22.64 17.75
C TYR D 218 -9.03 24.03 17.87
N PHE D 219 -9.76 24.28 18.97
CA PHE D 219 -10.37 25.58 19.24
C PHE D 219 -10.02 26.00 20.66
N SER D 220 -9.82 27.30 20.85
CA SER D 220 -9.53 27.85 22.16
C SER D 220 -10.31 29.14 22.37
N ILE D 221 -11.04 29.23 23.47
CA ILE D 221 -11.86 30.38 23.81
C ILE D 221 -11.35 30.98 25.11
N ASP D 222 -11.10 32.28 25.10
CA ASP D 222 -10.69 33.00 26.31
C ASP D 222 -11.93 33.62 26.94
N TRP D 223 -12.33 33.09 28.09
CA TRP D 223 -13.58 33.51 28.73
C TRP D 223 -13.50 34.95 29.22
N GLU D 224 -12.38 35.33 29.83
CA GLU D 224 -12.23 36.70 30.32
C GLU D 224 -12.23 37.70 29.17
N GLN D 225 -11.53 37.38 28.07
CA GLN D 225 -11.56 38.26 26.92
C GLN D 225 -12.93 38.26 26.24
N LEU D 226 -13.64 37.13 26.28
CA LEU D 226 -14.98 37.08 25.68
C LEU D 226 -15.96 37.94 26.46
N VAL D 227 -15.90 37.92 27.79
CA VAL D 227 -16.78 38.78 28.58
C VAL D 227 -16.27 40.21 28.62
N LYS D 228 -15.00 40.46 28.29
CA LYS D 228 -14.56 41.83 28.10
C LYS D 228 -15.03 42.40 26.77
N ASN D 229 -15.08 41.57 25.73
CA ASN D 229 -15.51 42.03 24.41
C ASN D 229 -17.01 42.32 24.40
N LEU D 230 -17.81 41.41 24.94
CA LEU D 230 -19.26 41.54 24.97
C LEU D 230 -19.77 42.27 26.20
N LYS D 231 -18.87 42.88 26.98
CA LYS D 231 -19.15 43.57 28.23
C LYS D 231 -19.84 42.67 29.25
N GLY D 232 -20.50 43.26 30.23
CA GLY D 232 -20.97 42.54 31.40
C GLY D 232 -22.09 41.54 31.14
N ASP D 233 -22.66 41.53 29.95
CA ASP D 233 -23.76 40.62 29.66
C ASP D 233 -23.23 39.21 29.49
N THR D 234 -23.09 38.49 30.62
CA THR D 234 -22.50 37.16 30.63
C THR D 234 -23.47 36.12 30.07
N ASN D 235 -24.76 36.42 30.07
CA ASN D 235 -25.76 35.52 29.47
C ASN D 235 -25.48 35.34 27.98
N LEU D 236 -25.18 36.43 27.28
CA LEU D 236 -24.82 36.34 25.88
C LEU D 236 -23.50 35.61 25.68
N ALA D 237 -22.58 35.72 26.63
CA ALA D 237 -21.32 34.97 26.54
C ALA D 237 -21.55 33.47 26.65
N ALA D 238 -22.41 33.05 27.58
CA ALA D 238 -22.75 31.64 27.71
C ALA D 238 -23.51 31.14 26.48
N HIS D 239 -24.41 31.98 25.95
CA HIS D 239 -25.10 31.63 24.72
C HIS D 239 -24.12 31.48 23.56
N THR D 240 -23.11 32.37 23.50
CA THR D 240 -22.10 32.29 22.46
C THR D 240 -21.27 31.01 22.59
N VAL D 241 -20.90 30.64 23.82
CA VAL D 241 -20.11 29.44 24.04
C VAL D 241 -20.92 28.20 23.65
N GLY D 242 -22.18 28.13 24.07
CA GLY D 242 -23.02 27.00 23.70
C GLY D 242 -23.28 26.92 22.22
N ALA D 243 -23.55 28.06 21.57
CA ALA D 243 -23.75 28.09 20.14
C ALA D 243 -22.48 27.70 19.40
N PHE D 244 -21.31 28.10 19.91
CA PHE D 244 -20.05 27.69 19.32
C PHE D 244 -19.88 26.18 19.42
N LEU D 245 -20.15 25.60 20.60
CA LEU D 245 -19.98 24.16 20.76
C LEU D 245 -20.92 23.38 19.83
N LEU D 246 -22.19 23.81 19.78
CA LEU D 246 -23.15 23.15 18.91
C LEU D 246 -22.79 23.31 17.44
N ALA D 247 -22.34 24.50 17.03
CA ALA D 247 -21.99 24.74 15.64
C ALA D 247 -20.74 23.97 15.25
N ALA D 248 -19.74 23.94 16.12
CA ALA D 248 -18.51 23.22 15.82
C ALA D 248 -18.75 21.72 15.75
N ALA D 249 -19.61 21.19 16.61
CA ALA D 249 -19.92 19.77 16.56
C ALA D 249 -20.80 19.42 15.37
N LYS D 250 -21.71 20.30 14.97
CA LYS D 250 -22.78 19.93 14.04
C LYS D 250 -22.74 20.67 12.71
N THR D 251 -21.60 21.27 12.35
CA THR D 251 -21.51 21.92 11.04
C THR D 251 -20.18 21.63 10.39
N ASN D 252 -20.22 21.37 9.09
CA ASN D 252 -19.08 21.13 8.23
C ASN D 252 -18.86 22.31 7.30
N PRO D 253 -17.63 22.56 6.85
CA PRO D 253 -17.40 23.62 5.86
C PRO D 253 -18.13 23.35 4.56
N SER D 254 -18.63 24.41 3.95
CA SER D 254 -19.42 24.31 2.72
C SER D 254 -18.49 24.44 1.51
N GLY D 255 -17.72 23.38 1.28
CA GLY D 255 -16.84 23.33 0.13
C GLY D 255 -17.58 22.82 -1.08
N LYS D 256 -17.08 21.77 -1.71
CA LYS D 256 -17.81 21.11 -2.79
C LYS D 256 -18.79 20.08 -2.24
N GLN D 257 -19.66 20.52 -1.32
CA GLN D 257 -20.57 19.61 -0.65
C GLN D 257 -21.71 19.14 -1.54
N ASN D 258 -22.04 19.89 -2.60
CA ASN D 258 -23.05 19.44 -3.55
C ASN D 258 -22.56 18.21 -4.32
N SER D 259 -21.28 18.17 -4.65
CA SER D 259 -20.70 17.01 -5.32
C SER D 259 -20.11 16.00 -4.35
N PHE D 260 -19.65 16.45 -3.18
CA PHE D 260 -19.10 15.57 -2.15
C PHE D 260 -19.89 15.82 -0.87
N ALA D 261 -21.02 15.12 -0.72
CA ALA D 261 -21.89 15.34 0.44
C ALA D 261 -21.32 14.60 1.66
N ALA D 262 -20.24 15.16 2.19
CA ALA D 262 -19.54 14.59 3.35
C ALA D 262 -19.94 15.40 4.57
N HIS D 263 -20.99 14.94 5.25
CA HIS D 263 -21.49 15.58 6.46
C HIS D 263 -21.35 14.65 7.66
N ASN D 264 -20.19 14.01 7.77
CA ASN D 264 -19.92 13.12 8.88
C ASN D 264 -19.76 13.90 10.18
N TYR D 265 -20.17 13.30 11.24
CA TYR D 265 -20.11 13.93 12.55
C TYR D 265 -18.89 13.46 13.32
N PRO D 266 -18.31 14.31 14.17
CA PRO D 266 -17.09 13.91 14.89
C PRO D 266 -17.35 12.81 15.90
N ASP D 267 -16.41 11.85 15.94
CA ASP D 267 -16.51 10.74 16.86
C ASP D 267 -15.90 11.03 18.23
N GLY D 268 -15.15 12.11 18.38
CA GLY D 268 -14.55 12.43 19.65
C GLY D 268 -14.32 13.90 19.89
N ILE D 269 -14.85 14.42 20.99
CA ILE D 269 -14.64 15.81 21.40
C ILE D 269 -14.15 15.81 22.85
N LEU D 270 -13.01 16.44 23.08
CA LEU D 270 -12.50 16.69 24.42
C LEU D 270 -12.65 18.18 24.69
N VAL D 271 -13.44 18.52 25.70
CA VAL D 271 -13.60 19.89 26.13
C VAL D 271 -12.91 20.02 27.49
N GLU D 272 -11.79 20.74 27.50
CA GLU D 272 -10.95 20.84 28.68
C GLU D 272 -10.97 22.28 29.18
N PHE D 273 -10.88 22.43 30.50
CA PHE D 273 -10.94 23.75 31.14
C PHE D 273 -9.60 24.01 31.79
N LYS D 274 -8.81 24.91 31.20
CA LYS D 274 -7.48 25.16 31.74
C LYS D 274 -7.04 26.57 31.34
N ASN D 275 -6.03 27.06 32.05
CA ASN D 275 -5.53 28.41 31.87
C ASN D 275 -4.37 28.49 30.88
N SER D 276 -4.03 27.39 30.22
CA SER D 276 -2.95 27.38 29.25
C SER D 276 -3.36 26.51 28.06
N PRO D 277 -3.22 26.99 26.83
CA PRO D 277 -3.67 26.21 25.67
C PRO D 277 -2.70 25.10 25.32
N ILE D 278 -3.25 23.93 25.02
CA ILE D 278 -2.47 22.73 24.71
C ILE D 278 -2.85 22.26 23.31
N SER D 279 -1.85 22.06 22.45
CA SER D 279 -2.10 21.46 21.15
C SER D 279 -1.73 19.98 21.21
N TYR D 280 -2.70 19.11 20.95
CA TYR D 280 -2.48 17.67 20.96
C TYR D 280 -2.07 17.14 19.59
N ALA D 281 -1.81 18.03 18.63
CA ALA D 281 -1.36 17.62 17.31
C ALA D 281 -0.01 16.90 17.36
N ASN D 282 0.79 17.14 18.40
CA ASN D 282 2.03 16.41 18.60
C ASN D 282 1.81 14.93 18.88
N ALA D 283 0.59 14.53 19.23
CA ALA D 283 0.25 13.12 19.27
C ALA D 283 0.39 12.48 17.89
N PHE D 284 0.05 13.22 16.84
CA PHE D 284 0.04 12.72 15.48
C PHE D 284 1.27 13.15 14.70
N VAL D 285 2.38 13.46 15.37
CA VAL D 285 3.64 13.67 14.68
C VAL D 285 4.05 12.39 13.96
N ARG D 286 3.99 11.27 14.65
CA ARG D 286 4.09 9.98 14.00
C ARG D 286 2.78 9.71 13.26
N PRO D 287 2.81 9.48 11.94
CA PRO D 287 1.57 9.25 11.21
C PRO D 287 0.88 7.97 11.63
N VAL D 288 -0.45 7.99 11.58
CA VAL D 288 -1.25 6.84 11.96
C VAL D 288 -1.32 5.87 10.78
N SER D 289 -0.82 4.67 10.98
CA SER D 289 -0.90 3.61 9.98
C SER D 289 -2.03 2.65 10.38
N VAL D 290 -2.75 2.18 9.38
CA VAL D 290 -3.85 1.26 9.65
C VAL D 290 -3.30 -0.11 9.97
N VAL D 291 -4.06 -0.88 10.74
CA VAL D 291 -3.71 -2.25 11.07
C VAL D 291 -4.95 -3.11 10.87
N LYS D 292 -4.76 -4.43 10.97
CA LYS D 292 -5.87 -5.36 10.78
C LYS D 292 -6.95 -5.18 11.84
N GLU D 293 -6.55 -5.11 13.10
CA GLU D 293 -7.48 -4.83 14.17
C GLU D 293 -7.73 -3.33 14.28
N SER D 294 -8.91 -2.98 14.81
CA SER D 294 -9.34 -1.60 15.04
C SER D 294 -9.42 -0.76 13.77
N ASP D 295 -9.84 0.49 13.91
CA ASP D 295 -9.98 1.41 12.80
C ASP D 295 -9.15 2.66 13.02
N LEU D 296 -9.30 3.62 12.12
CA LEU D 296 -8.49 4.82 12.14
C LEU D 296 -8.91 5.75 13.26
N VAL D 297 -10.21 5.86 13.51
CA VAL D 297 -10.67 6.70 14.61
C VAL D 297 -10.24 6.09 15.93
N GLU D 298 -10.29 4.76 16.05
CA GLU D 298 -9.83 4.10 17.26
C GLU D 298 -8.33 4.27 17.45
N GLN D 299 -7.54 4.11 16.39
CA GLN D 299 -6.10 4.30 16.49
C GLN D 299 -5.74 5.74 16.82
N SER D 300 -6.42 6.70 16.19
CA SER D 300 -6.16 8.11 16.45
C SER D 300 -6.57 8.48 17.87
N ILE D 301 -7.69 7.95 18.36
CA ILE D 301 -8.13 8.21 19.72
C ILE D 301 -7.18 7.56 20.72
N GLY D 302 -6.64 6.39 20.38
CA GLY D 302 -5.64 5.77 21.24
C GLY D 302 -4.35 6.58 21.31
N GLN D 303 -3.88 7.08 20.16
CA GLN D 303 -2.70 7.93 20.15
C GLN D 303 -2.93 9.23 20.92
N LEU D 304 -4.12 9.83 20.74
CA LEU D 304 -4.47 11.04 21.46
C LEU D 304 -4.58 10.79 22.96
N SER D 305 -5.11 9.64 23.36
CA SER D 305 -5.20 9.31 24.77
C SER D 305 -3.82 9.05 25.37
N ASN D 306 -2.93 8.43 24.59
CA ASN D 306 -1.55 8.25 25.03
C ASN D 306 -0.88 9.59 25.28
N TYR D 307 -1.06 10.54 24.34
CA TYR D 307 -0.45 11.85 24.52
C TYR D 307 -1.12 12.64 25.65
N VAL D 308 -2.42 12.49 25.84
CA VAL D 308 -3.12 13.17 26.92
C VAL D 308 -2.61 12.66 28.26
N ASN D 309 -2.43 11.34 28.39
CA ASN D 309 -1.85 10.77 29.60
C ASN D 309 -0.42 11.24 29.81
N ASP D 310 0.35 11.34 28.73
CA ASP D 310 1.74 11.80 28.84
C ASP D 310 1.81 13.26 29.26
N ILE D 311 0.92 14.09 28.74
CA ILE D 311 0.91 15.51 29.09
C ILE D 311 0.44 15.71 30.53
N ARG D 312 -0.60 14.99 30.94
CA ARG D 312 -1.08 15.11 32.32
C ARG D 312 -0.08 14.56 33.32
N LEU D 313 0.60 13.46 32.97
CA LEU D 313 1.67 12.93 33.80
C LEU D 313 2.98 13.68 33.59
N GLY D 314 3.03 14.58 32.61
CA GLY D 314 4.15 15.45 32.40
C GLY D 314 3.85 16.82 32.94
N TYR D 315 3.43 17.73 32.06
CA TYR D 315 3.09 19.10 32.43
C TYR D 315 1.84 19.07 33.30
N TYR D 316 2.01 19.21 34.61
CA TYR D 316 0.90 19.14 35.54
C TYR D 316 1.11 20.16 36.66
N ASP D 317 0.03 20.81 37.06
CA ASP D 317 0.05 21.78 38.15
C ASP D 317 -0.89 21.32 39.25
N GLU D 318 -0.38 21.22 40.48
CA GLU D 318 -1.24 20.94 41.62
C GLU D 318 -2.15 22.11 41.94
N GLN D 319 -1.69 23.33 41.66
CA GLN D 319 -2.51 24.51 41.93
C GLN D 319 -3.68 24.62 40.97
N SER D 320 -3.49 24.22 39.70
CA SER D 320 -4.55 24.21 38.70
C SER D 320 -4.70 22.81 38.12
N PRO D 321 -5.55 21.96 38.69
CA PRO D 321 -5.87 20.69 38.06
C PRO D 321 -6.38 20.83 36.63
N VAL D 322 -6.01 19.88 35.80
CA VAL D 322 -6.54 19.75 34.45
C VAL D 322 -7.78 18.87 34.51
N ILE D 323 -8.82 19.27 33.78
CA ILE D 323 -10.09 18.57 33.82
C ILE D 323 -10.82 18.78 32.49
N GLY D 324 -11.35 17.70 31.94
CA GLY D 324 -11.98 17.75 30.64
C GLY D 324 -13.02 16.65 30.48
N PHE D 325 -13.92 16.89 29.53
CA PHE D 325 -14.99 15.96 29.20
C PHE D 325 -14.69 15.30 27.87
N TRP D 326 -14.92 13.99 27.81
CA TRP D 326 -14.72 13.19 26.60
C TRP D 326 -16.06 12.87 25.97
N PHE D 327 -16.12 12.99 24.64
CA PHE D 327 -17.33 12.74 23.88
C PHE D 327 -17.18 11.53 22.98
N SER D 328 -18.23 10.69 22.99
CA SER D 328 -18.37 9.60 22.04
C SER D 328 -19.85 9.32 21.92
N PRO D 329 -20.38 9.12 20.70
CA PRO D 329 -21.81 8.82 20.56
C PRO D 329 -22.18 7.50 21.19
N ASN D 330 -22.97 7.56 22.28
CA ASN D 330 -23.40 6.39 23.04
C ASN D 330 -22.21 5.55 23.52
N ASN D 331 -21.13 6.24 23.89
CA ASN D 331 -19.89 5.62 24.38
C ASN D 331 -19.33 4.59 23.40
N ARG D 332 -19.34 4.92 22.11
CA ARG D 332 -18.85 3.99 21.10
C ARG D 332 -17.33 3.88 21.15
N TYR D 333 -16.62 5.01 21.26
CA TYR D 333 -15.17 5.01 21.34
C TYR D 333 -14.73 5.50 22.72
N PRO D 334 -14.27 4.62 23.60
CA PRO D 334 -13.70 5.08 24.87
C PRO D 334 -12.30 5.65 24.65
N LEU D 335 -11.91 6.56 25.55
CA LEU D 335 -10.61 7.21 25.43
C LEU D 335 -9.50 6.33 25.97
N GLY D 336 -9.54 6.04 27.27
CA GLY D 336 -8.50 5.26 27.91
C GLY D 336 -8.75 3.77 27.84
N TYR D 337 -8.52 3.18 26.67
CA TYR D 337 -8.85 1.76 26.48
C TYR D 337 -7.98 0.85 27.33
N LYS D 338 -6.71 1.21 27.55
CA LYS D 338 -5.81 0.34 28.29
C LYS D 338 -5.61 0.78 29.74
N HIS D 339 -5.09 1.98 29.97
CA HIS D 339 -4.78 2.41 31.34
C HIS D 339 -5.15 3.85 31.66
N SER D 340 -5.28 4.74 30.68
CA SER D 340 -5.36 6.17 30.93
C SER D 340 -6.78 6.54 31.36
N LYS D 341 -7.05 6.40 32.66
CA LYS D 341 -8.33 6.81 33.25
C LYS D 341 -8.22 8.27 33.66
N LEU D 342 -8.23 9.15 32.67
CA LEU D 342 -8.13 10.59 32.90
C LEU D 342 -9.46 11.30 32.67
N ALA D 343 -10.23 10.89 31.66
CA ALA D 343 -11.53 11.48 31.39
C ALA D 343 -12.51 11.03 32.46
N SER D 344 -12.87 11.95 33.37
CA SER D 344 -13.74 11.61 34.48
C SER D 344 -15.21 11.55 34.06
N ARG D 345 -15.58 12.26 33.00
CA ARG D 345 -16.98 12.51 32.67
C ARG D 345 -17.24 12.22 31.20
N ASN D 346 -16.90 11.00 30.76
CA ASN D 346 -17.30 10.50 29.45
C ASN D 346 -18.80 10.69 29.23
N ILE D 347 -19.16 11.53 28.27
CA ILE D 347 -20.52 12.01 28.11
C ILE D 347 -21.03 11.56 26.76
N GLY D 348 -22.21 10.95 26.74
CA GLY D 348 -22.79 10.42 25.52
C GLY D 348 -24.00 11.18 25.05
N ASN D 349 -23.98 12.50 25.13
CA ASN D 349 -25.03 13.35 24.58
C ASN D 349 -24.49 14.76 24.42
N LEU D 350 -24.79 15.38 23.28
CA LEU D 350 -24.27 16.72 23.01
C LEU D 350 -24.92 17.76 23.92
N ASN D 351 -26.23 17.64 24.15
CA ASN D 351 -26.89 18.59 25.05
C ASN D 351 -26.42 18.40 26.47
N GLU D 352 -26.15 17.16 26.89
CA GLU D 352 -25.57 16.92 28.20
C GLU D 352 -24.16 17.52 28.31
N LEU D 353 -23.38 17.42 27.24
CA LEU D 353 -22.04 18.00 27.23
C LEU D 353 -22.12 19.52 27.33
N VAL D 354 -23.03 20.14 26.59
CA VAL D 354 -23.21 21.58 26.63
C VAL D 354 -23.67 22.02 28.02
N GLY D 355 -24.59 21.26 28.62
CA GLY D 355 -25.03 21.58 29.96
C GLY D 355 -23.91 21.45 30.99
N ALA D 356 -23.07 20.43 30.85
CA ALA D 356 -21.97 20.23 31.79
C ALA D 356 -20.93 21.34 31.68
N VAL D 357 -20.57 21.72 30.45
CA VAL D 357 -19.58 22.80 30.30
C VAL D 357 -20.18 24.14 30.72
N LEU D 358 -21.49 24.34 30.52
CA LEU D 358 -22.12 25.58 30.97
C LEU D 358 -22.21 25.63 32.49
N ASP D 359 -22.42 24.48 33.13
CA ASP D 359 -22.43 24.42 34.58
C ASP D 359 -21.04 24.68 35.15
N TYR D 360 -20.00 24.16 34.50
CA TYR D 360 -18.64 24.46 34.95
C TYR D 360 -18.32 25.93 34.74
N ILE D 361 -18.83 26.53 33.65
CA ILE D 361 -18.66 27.96 33.43
C ILE D 361 -19.31 28.75 34.56
N GLY D 362 -20.49 28.31 35.00
CA GLY D 362 -21.12 28.94 36.14
C GLY D 362 -22.54 28.46 36.29
N GLY D 363 -23.36 29.28 36.94
CA GLY D 363 -24.75 28.93 37.12
C GLY D 363 -25.59 29.20 35.88
N PHE D 364 -25.31 28.50 34.79
CA PHE D 364 -26.02 28.67 33.54
C PHE D 364 -26.55 27.34 33.05
N LYS D 365 -27.81 27.33 32.64
CA LYS D 365 -28.41 26.22 31.90
C LYS D 365 -28.63 26.66 30.46
N TRP D 366 -28.68 25.68 29.55
CA TRP D 366 -28.77 26.00 28.13
C TRP D 366 -30.10 26.67 27.79
N GLU D 367 -31.18 26.24 28.41
CA GLU D 367 -32.47 26.87 28.15
C GLU D 367 -32.54 28.29 28.71
N GLU D 368 -31.86 28.53 29.83
CA GLU D 368 -31.89 29.87 30.42
C GLU D 368 -31.07 30.86 29.60
N VAL D 369 -29.94 30.42 29.05
CA VAL D 369 -29.08 31.32 28.29
C VAL D 369 -29.52 31.47 26.83
N GLN D 370 -30.53 30.71 26.40
CA GLN D 370 -31.02 30.83 25.03
C GLN D 370 -32.07 31.92 24.92
N LYS D 371 -31.81 33.08 25.51
CA LYS D 371 -32.75 34.19 25.44
C LYS D 371 -32.07 35.53 25.22
N SER D 372 -30.76 35.58 25.01
CA SER D 372 -30.04 36.83 24.80
C SER D 372 -29.63 36.99 23.35
N MET E 1 -36.84 21.75 6.46
CA MET E 1 -37.02 20.31 6.45
C MET E 1 -36.12 19.68 5.41
N LEU E 2 -35.35 18.67 5.83
CA LEU E 2 -34.32 18.09 4.97
C LEU E 2 -34.54 16.59 4.90
N ILE E 3 -34.54 16.06 3.67
CA ILE E 3 -34.80 14.65 3.43
C ILE E 3 -33.48 13.98 3.09
N GLU E 4 -33.09 13.00 3.91
CA GLU E 4 -31.87 12.25 3.70
C GLU E 4 -32.24 10.82 3.30
N ILE E 5 -31.59 10.32 2.26
CA ILE E 5 -31.77 8.95 1.79
C ILE E 5 -30.41 8.28 1.90
N HIS E 6 -30.29 7.30 2.80
CA HIS E 6 -29.09 6.50 2.94
C HIS E 6 -29.37 5.10 2.42
N MET E 7 -28.64 4.69 1.39
CA MET E 7 -28.88 3.44 0.70
C MET E 7 -27.69 2.52 0.86
N ILE E 8 -27.94 1.28 1.27
CA ILE E 8 -26.96 0.22 1.24
C ILE E 8 -27.34 -0.70 0.09
N GLN E 9 -26.46 -0.77 -0.91
CA GLN E 9 -26.72 -1.44 -2.18
C GLN E 9 -25.55 -2.33 -2.52
N ASN E 10 -25.78 -3.62 -2.65
CA ASN E 10 -24.72 -4.56 -3.01
C ASN E 10 -24.80 -4.79 -4.52
N HIS E 11 -23.75 -4.41 -5.23
CA HIS E 11 -23.72 -4.51 -6.68
C HIS E 11 -22.91 -5.71 -7.13
N SER E 12 -23.27 -6.26 -8.29
CA SER E 12 -22.54 -7.33 -8.91
C SER E 12 -21.20 -6.81 -9.42
N PRO E 13 -20.24 -7.73 -9.75
CA PRO E 13 -18.99 -7.29 -10.40
C PRO E 13 -19.22 -6.41 -11.61
N ALA E 14 -18.79 -5.15 -11.51
CA ALA E 14 -19.12 -4.16 -12.52
C ALA E 14 -18.11 -3.02 -12.48
N ASN E 15 -18.09 -2.24 -13.55
CA ASN E 15 -17.30 -1.01 -13.63
C ASN E 15 -18.28 0.12 -13.95
N LEU E 16 -18.94 0.63 -12.92
CA LEU E 16 -19.95 1.66 -13.12
C LEU E 16 -19.33 3.02 -13.42
N ASN E 17 -18.28 3.37 -12.69
CA ASN E 17 -17.58 4.64 -12.89
C ASN E 17 -16.10 4.36 -13.08
N ARG E 18 -15.50 4.94 -14.10
CA ARG E 18 -14.09 4.73 -14.38
C ARG E 18 -13.42 6.06 -14.72
N ASP E 19 -12.11 6.10 -14.53
CA ASP E 19 -11.31 7.27 -14.84
C ASP E 19 -10.86 7.21 -16.30
N ASP E 20 -9.89 8.04 -16.66
CA ASP E 20 -9.43 8.12 -18.04
C ASP E 20 -8.75 6.84 -18.52
N LEU E 21 -8.19 6.04 -17.61
CA LEU E 21 -7.45 4.84 -18.00
C LEU E 21 -8.30 3.58 -17.96
N GLY E 22 -9.58 3.67 -17.64
CA GLY E 22 -10.43 2.50 -17.55
C GLY E 22 -10.42 1.83 -16.19
N ALA E 23 -9.64 2.33 -15.24
CA ALA E 23 -9.66 1.78 -13.90
C ALA E 23 -10.95 2.17 -13.18
N PRO E 24 -11.55 1.27 -12.40
CA PRO E 24 -12.69 1.68 -11.56
C PRO E 24 -12.27 2.75 -10.57
N LYS E 25 -13.19 3.68 -10.31
CA LYS E 25 -12.88 4.82 -9.47
C LYS E 25 -12.69 4.36 -8.03
N THR E 26 -11.50 4.60 -7.50
CA THR E 26 -11.15 4.18 -6.14
C THR E 26 -10.85 5.40 -5.30
N CYS E 27 -11.11 5.27 -4.00
CA CYS E 27 -10.82 6.32 -3.03
C CYS E 27 -10.12 5.68 -1.84
N TYR E 28 -9.51 6.52 -1.01
CA TYR E 28 -8.89 6.05 0.23
C TYR E 28 -9.68 6.62 1.40
N PHE E 29 -10.75 5.92 1.76
CA PHE E 29 -11.59 6.31 2.89
C PHE E 29 -11.01 5.68 4.14
N GLY E 30 -10.22 6.44 4.86
CA GLY E 30 -9.53 5.91 6.02
C GLY E 30 -8.44 4.93 5.65
N GLY E 31 -7.37 5.42 5.03
CA GLY E 31 -6.15 4.65 4.86
C GLY E 31 -6.21 3.39 4.02
N VAL E 32 -7.41 2.98 3.60
CA VAL E 32 -7.61 1.74 2.87
C VAL E 32 -8.41 2.02 1.62
N LEU E 33 -8.27 1.14 0.64
CA LEU E 33 -8.87 1.34 -0.67
C LEU E 33 -10.34 0.95 -0.66
N ARG E 34 -11.19 1.85 -1.18
CA ARG E 34 -12.61 1.62 -1.31
C ARG E 34 -13.03 1.91 -2.76
N SER E 35 -14.07 1.20 -3.21
CA SER E 35 -14.61 1.41 -4.53
C SER E 35 -15.56 2.59 -4.51
N ARG E 36 -15.40 3.51 -5.46
CA ARG E 36 -16.11 4.77 -5.45
C ARG E 36 -16.94 4.92 -6.70
N ILE E 37 -18.18 5.39 -6.53
CA ILE E 37 -19.00 5.90 -7.61
C ILE E 37 -19.16 7.39 -7.37
N SER E 38 -18.77 8.19 -8.35
CA SER E 38 -18.84 9.64 -8.21
C SER E 38 -20.30 10.10 -8.23
N SER E 39 -20.54 11.25 -7.62
CA SER E 39 -21.89 11.78 -7.53
C SER E 39 -22.44 12.23 -8.88
N GLN E 40 -21.58 12.57 -9.83
CA GLN E 40 -22.06 12.98 -11.15
C GLN E 40 -22.68 11.82 -11.90
N CYS E 41 -22.11 10.61 -11.76
CA CYS E 41 -22.69 9.44 -12.40
C CYS E 41 -24.07 9.12 -11.83
N ILE E 42 -24.22 9.19 -10.51
CA ILE E 42 -25.51 8.93 -9.89
C ILE E 42 -26.51 10.01 -10.25
N LYS E 43 -26.04 11.26 -10.32
CA LYS E 43 -26.93 12.37 -10.70
C LYS E 43 -27.41 12.23 -12.13
N ARG E 44 -26.53 11.81 -13.04
CA ARG E 44 -26.95 11.57 -14.42
C ARG E 44 -27.91 10.39 -14.51
N SER E 45 -27.65 9.32 -13.78
CA SER E 45 -28.53 8.15 -13.82
C SER E 45 -29.91 8.48 -13.26
N ILE E 46 -29.97 9.28 -12.19
CA ILE E 46 -31.24 9.74 -11.66
C ILE E 46 -31.94 10.66 -12.66
N ARG E 47 -31.18 11.60 -13.24
CA ARG E 47 -31.77 12.57 -14.15
C ARG E 47 -32.24 11.91 -15.44
N THR E 48 -31.43 11.04 -16.02
CA THR E 48 -31.80 10.32 -17.23
C THR E 48 -32.32 8.93 -16.86
N SER E 49 -33.49 8.91 -16.23
CA SER E 49 -34.15 7.67 -15.85
C SER E 49 -35.59 7.70 -16.30
N ASN E 50 -36.17 6.51 -16.45
CA ASN E 50 -37.58 6.40 -16.81
C ASN E 50 -38.49 6.95 -15.73
N ASP E 51 -38.12 6.75 -14.46
CA ASP E 51 -38.93 7.25 -13.35
C ASP E 51 -38.84 8.75 -13.18
N PHE E 52 -37.84 9.39 -13.79
CA PHE E 52 -37.68 10.84 -13.74
C PHE E 52 -37.95 11.50 -15.09
N LYS E 53 -38.62 10.78 -16.01
CA LYS E 53 -38.84 11.30 -17.35
C LYS E 53 -39.77 12.51 -17.35
N ALA E 54 -40.81 12.48 -16.53
CA ALA E 54 -41.81 13.53 -16.54
C ALA E 54 -41.26 14.85 -16.01
N LEU E 55 -40.38 14.79 -15.02
CA LEU E 55 -39.78 16.00 -14.46
C LEU E 55 -38.46 16.34 -15.13
N LEU E 56 -38.46 16.39 -16.45
CA LEU E 56 -37.32 16.84 -17.23
C LEU E 56 -37.67 18.17 -17.87
N GLY E 57 -36.72 18.73 -18.60
CA GLY E 57 -36.93 20.03 -19.20
C GLY E 57 -35.71 20.92 -19.04
N GLY E 58 -34.65 20.36 -18.48
CA GLY E 58 -33.39 21.06 -18.42
C GLY E 58 -32.44 20.53 -19.47
N VAL E 59 -31.91 21.41 -20.31
CA VAL E 59 -30.96 21.03 -21.35
C VAL E 59 -29.65 21.73 -21.07
N ARG E 60 -28.56 20.96 -21.06
CA ARG E 60 -27.21 21.46 -20.84
C ARG E 60 -26.42 21.16 -22.11
N THR E 61 -26.24 22.18 -22.95
CA THR E 61 -25.66 21.95 -24.26
C THR E 61 -24.78 23.14 -24.67
N ARG E 62 -23.84 22.85 -25.57
CA ARG E 62 -23.12 23.88 -26.31
C ARG E 62 -23.72 24.12 -27.69
N ARG E 63 -24.81 23.43 -28.02
CA ARG E 63 -25.42 23.49 -29.34
C ARG E 63 -26.80 24.11 -29.25
N LEU E 64 -26.90 25.22 -28.51
CA LEU E 64 -28.17 25.93 -28.37
C LEU E 64 -28.65 26.48 -29.71
N ALA E 65 -27.72 26.85 -30.59
CA ALA E 65 -28.09 27.33 -31.92
C ALA E 65 -28.78 26.24 -32.74
N ASP E 66 -28.34 24.99 -32.58
CA ASP E 66 -29.02 23.87 -33.23
C ASP E 66 -30.44 23.71 -32.73
N LEU E 67 -30.65 23.87 -31.42
CA LEU E 67 -32.01 23.80 -30.86
C LEU E 67 -32.87 24.94 -31.36
N ILE E 68 -32.30 26.13 -31.48
CA ILE E 68 -33.05 27.29 -32.00
C ILE E 68 -33.44 27.06 -33.45
N GLN E 69 -32.52 26.52 -34.26
CA GLN E 69 -32.83 26.20 -35.65
C GLN E 69 -33.89 25.10 -35.76
N GLN E 70 -33.82 24.11 -34.87
CA GLN E 70 -34.80 23.03 -34.89
C GLN E 70 -36.19 23.53 -34.50
N GLU E 71 -36.26 24.46 -33.55
CA GLU E 71 -37.55 24.98 -33.13
C GLU E 71 -38.12 25.96 -34.16
N ALA E 72 -37.26 26.76 -34.79
CA ALA E 72 -37.72 27.74 -35.78
C ALA E 72 -38.31 27.07 -37.02
N GLY E 73 -37.91 25.84 -37.33
CA GLY E 73 -38.46 25.14 -38.47
C GLY E 73 -37.65 25.31 -39.74
N GLU E 74 -38.33 25.44 -40.87
CA GLU E 74 -37.66 25.58 -42.17
C GLU E 74 -37.46 27.04 -42.53
N THR E 75 -36.83 27.79 -41.63
CA THR E 75 -36.52 29.20 -41.87
C THR E 75 -35.03 29.51 -41.72
N GLU E 76 -34.18 28.48 -41.72
CA GLU E 76 -32.73 28.61 -41.56
C GLU E 76 -32.35 29.36 -40.29
N CYS E 77 -31.78 30.55 -40.46
CA CYS E 77 -31.44 31.49 -39.38
C CYS E 77 -30.45 30.91 -38.36
N TRP E 78 -29.73 29.85 -38.72
CA TRP E 78 -28.74 29.28 -37.80
C TRP E 78 -27.53 30.20 -37.63
N LYS E 79 -27.07 30.81 -38.72
CA LYS E 79 -25.95 31.74 -38.63
C LYS E 79 -26.36 33.01 -37.88
N LYS E 80 -27.61 33.44 -38.03
CA LYS E 80 -28.10 34.58 -37.27
C LYS E 80 -28.14 34.27 -35.77
N ALA E 81 -28.58 33.07 -35.41
CA ALA E 81 -28.57 32.67 -34.01
C ALA E 81 -27.15 32.56 -33.48
N GLN E 82 -26.23 32.06 -34.30
CA GLN E 82 -24.83 31.98 -33.88
C GLN E 82 -24.23 33.37 -33.68
N GLU E 83 -24.58 34.32 -34.54
CA GLU E 83 -24.11 35.70 -34.38
C GLU E 83 -24.66 36.32 -33.10
N ILE E 84 -25.94 36.08 -32.82
CA ILE E 84 -26.54 36.59 -31.59
C ILE E 84 -25.87 35.98 -30.36
N LEU E 85 -25.62 34.67 -30.40
CA LEU E 85 -24.97 34.00 -29.28
C LEU E 85 -23.53 34.46 -29.09
N ASN E 86 -22.83 34.71 -30.20
CA ASN E 86 -21.46 35.21 -30.12
C ASN E 86 -21.43 36.62 -29.55
N LYS E 87 -22.42 37.45 -29.90
CA LYS E 87 -22.50 38.77 -29.30
C LYS E 87 -22.92 38.71 -27.83
N CYS E 88 -23.64 37.65 -27.45
CA CYS E 88 -24.06 37.50 -26.06
C CYS E 88 -22.88 37.17 -25.14
N GLY E 89 -21.87 36.48 -25.64
CA GLY E 89 -20.76 36.07 -24.81
C GLY E 89 -20.56 34.57 -24.83
N PHE E 90 -21.02 33.93 -25.89
CA PHE E 90 -20.86 32.49 -26.11
C PHE E 90 -20.11 32.32 -27.42
N LYS E 91 -18.78 32.23 -27.33
CA LYS E 91 -17.95 32.24 -28.52
C LYS E 91 -17.99 30.87 -29.18
N ASN E 92 -18.29 30.85 -30.48
CA ASN E 92 -18.39 29.61 -31.23
C ASN E 92 -17.03 29.22 -31.80
N LYS E 93 -16.66 27.95 -31.63
CA LYS E 93 -15.37 27.47 -32.13
C LYS E 93 -15.50 26.98 -33.57
N ASP E 94 -16.29 25.92 -33.77
CA ASP E 94 -16.60 25.46 -35.12
C ASP E 94 -18.10 25.48 -35.39
N ASP E 95 -18.89 24.74 -34.61
CA ASP E 95 -20.35 24.78 -34.69
C ASP E 95 -21.02 25.00 -33.34
N ASN E 96 -20.33 24.73 -32.23
CA ASN E 96 -20.87 24.86 -30.89
C ASN E 96 -20.17 25.99 -30.15
N THR E 97 -20.83 26.49 -29.12
CA THR E 97 -20.24 27.53 -28.29
C THR E 97 -19.12 26.95 -27.44
N LYS E 98 -18.28 27.85 -26.91
CA LYS E 98 -17.14 27.41 -26.11
C LYS E 98 -17.53 27.06 -24.67
N MET E 99 -18.73 27.40 -24.22
CA MET E 99 -19.14 27.13 -22.85
C MET E 99 -20.51 26.45 -22.85
N LEU E 100 -20.73 25.60 -21.84
CA LEU E 100 -21.97 24.88 -21.73
C LEU E 100 -23.07 25.77 -21.16
N VAL E 101 -24.27 25.64 -21.73
CA VAL E 101 -25.43 26.43 -21.34
C VAL E 101 -26.46 25.49 -20.73
N PHE E 102 -26.90 25.81 -19.51
CA PHE E 102 -27.98 25.10 -18.84
C PHE E 102 -29.23 25.97 -18.90
N MET E 103 -30.31 25.44 -19.44
CA MET E 103 -31.51 26.26 -19.61
C MET E 103 -32.75 25.38 -19.62
N SER E 104 -33.88 26.01 -19.33
CA SER E 104 -35.16 25.31 -19.39
C SER E 104 -35.55 25.05 -20.84
N LYS E 105 -36.06 23.84 -21.10
CA LYS E 105 -36.35 23.43 -22.47
C LYS E 105 -37.55 24.15 -23.07
N ASP E 106 -38.47 24.63 -22.25
CA ASP E 106 -39.66 25.29 -22.77
C ASP E 106 -39.39 26.71 -23.23
N LYS E 107 -38.31 27.35 -22.79
CA LYS E 107 -38.03 28.72 -23.13
C LYS E 107 -37.30 28.87 -24.46
N ILE E 108 -36.88 27.76 -25.08
CA ILE E 108 -36.23 27.81 -26.40
C ILE E 108 -37.17 28.41 -27.43
N LYS E 109 -38.48 28.14 -27.30
CA LYS E 109 -39.49 28.78 -28.14
C LYS E 109 -39.35 30.30 -28.09
N ASP E 110 -39.20 30.85 -26.88
CA ASP E 110 -38.98 32.29 -26.72
C ASP E 110 -37.73 32.73 -27.48
N LEU E 111 -36.67 31.94 -27.38
CA LEU E 111 -35.45 32.25 -28.13
C LEU E 111 -35.71 32.21 -29.63
N ALA E 112 -36.50 31.23 -30.08
CA ALA E 112 -36.84 31.17 -31.50
C ALA E 112 -37.70 32.35 -31.91
N ARG E 113 -38.38 32.99 -30.95
CA ARG E 113 -39.09 34.21 -31.26
C ARG E 113 -38.14 35.37 -31.45
N ILE E 114 -37.05 35.41 -30.68
CA ILE E 114 -36.13 36.55 -30.75
C ILE E 114 -35.25 36.44 -31.99
N VAL E 115 -34.80 35.22 -32.30
CA VAL E 115 -33.90 35.03 -33.44
C VAL E 115 -34.64 35.24 -34.76
N LEU E 116 -35.85 34.70 -34.87
CA LEU E 116 -36.62 34.82 -36.11
C LEU E 116 -37.21 36.22 -36.30
N ASP E 117 -37.17 37.07 -35.29
CA ASP E 117 -37.67 38.44 -35.41
C ASP E 117 -36.68 39.21 -36.27
N ASN E 118 -37.11 39.62 -37.45
CA ASN E 118 -36.25 40.36 -38.37
C ASN E 118 -36.29 41.86 -38.15
N SER E 119 -37.21 42.36 -37.31
CA SER E 119 -37.27 43.79 -37.06
C SER E 119 -36.17 44.26 -36.12
N LEU E 120 -35.85 43.47 -35.10
CA LEU E 120 -34.87 43.87 -34.12
C LEU E 120 -33.45 43.73 -34.67
N GLY E 121 -32.54 44.52 -34.10
CA GLY E 121 -31.14 44.50 -34.50
C GLY E 121 -30.40 43.33 -33.89
N LEU E 122 -29.10 43.52 -33.67
CA LEU E 122 -28.25 42.49 -33.10
C LEU E 122 -28.06 42.64 -31.60
N THR E 123 -27.87 43.88 -31.12
CA THR E 123 -27.64 44.08 -29.69
C THR E 123 -28.91 43.91 -28.87
N GLU E 124 -30.04 44.42 -29.37
CA GLU E 124 -31.31 44.27 -28.66
C GLU E 124 -31.77 42.82 -28.66
N ALA E 125 -31.59 42.12 -29.79
CA ALA E 125 -31.92 40.70 -29.83
C ALA E 125 -31.04 39.89 -28.88
N ALA E 126 -29.75 40.27 -28.78
CA ALA E 126 -28.86 39.62 -27.83
C ALA E 126 -29.30 39.86 -26.40
N GLN E 127 -29.75 41.09 -26.09
CA GLN E 127 -30.22 41.38 -24.75
C GLN E 127 -31.48 40.59 -24.41
N GLN E 128 -32.40 40.47 -25.38
CA GLN E 128 -33.60 39.67 -25.16
C GLN E 128 -33.26 38.19 -24.99
N VAL E 129 -32.31 37.68 -25.78
CA VAL E 129 -31.87 36.29 -25.65
C VAL E 129 -31.25 36.05 -24.29
N ALA E 130 -30.42 36.99 -23.82
CA ALA E 130 -29.80 36.86 -22.50
C ALA E 130 -30.85 36.91 -21.39
N ASN E 131 -31.87 37.75 -21.55
CA ASN E 131 -32.94 37.81 -20.56
C ASN E 131 -33.73 36.51 -20.52
N VAL E 132 -33.96 35.90 -21.67
CA VAL E 132 -34.70 34.63 -21.71
C VAL E 132 -33.87 33.50 -21.12
N ILE E 133 -32.57 33.46 -21.45
CA ILE E 133 -31.70 32.40 -20.96
C ILE E 133 -31.51 32.51 -19.45
N ALA E 134 -31.34 33.73 -18.94
CA ALA E 134 -31.15 33.92 -17.50
C ALA E 134 -32.40 33.59 -16.70
N GLN E 135 -33.58 33.71 -17.32
CA GLN E 135 -34.83 33.45 -16.63
C GLN E 135 -35.33 32.02 -16.83
N ALA E 136 -34.62 31.19 -17.58
CA ALA E 136 -35.05 29.83 -17.86
C ALA E 136 -34.53 28.88 -16.78
N THR E 137 -35.14 28.99 -15.60
CA THR E 137 -34.76 28.18 -14.45
C THR E 137 -35.97 27.48 -13.85
N LEU E 138 -37.00 27.21 -14.65
CA LEU E 138 -38.22 26.58 -14.18
C LEU E 138 -38.26 25.09 -14.50
N ALA E 139 -37.11 24.44 -14.57
CA ALA E 139 -37.11 23.00 -14.74
C ALA E 139 -36.76 22.33 -13.41
N PRO E 140 -37.38 21.19 -13.10
CA PRO E 140 -37.08 20.51 -11.83
C PRO E 140 -35.64 20.07 -11.68
N ASP E 141 -35.01 19.57 -12.76
CA ASP E 141 -33.64 19.10 -12.66
C ASP E 141 -32.66 20.25 -12.49
N ILE E 142 -32.97 21.42 -13.05
CA ILE E 142 -32.15 22.60 -12.82
C ILE E 142 -32.27 23.04 -11.37
N ALA E 143 -33.48 22.95 -10.80
CA ALA E 143 -33.67 23.27 -9.39
C ALA E 143 -32.94 22.29 -8.48
N LEU E 144 -32.84 21.02 -8.90
CA LEU E 144 -32.11 20.05 -8.10
C LEU E 144 -30.60 20.24 -8.22
N CYS E 145 -30.10 20.51 -9.42
CA CYS E 145 -28.66 20.49 -9.66
C CYS E 145 -28.00 21.86 -9.52
N GLY E 146 -28.73 22.94 -9.79
CA GLY E 146 -28.12 24.27 -9.76
C GLY E 146 -27.59 24.68 -11.13
N ARG E 147 -26.99 25.86 -11.15
CA ARG E 147 -26.53 26.44 -12.41
C ARG E 147 -25.44 27.48 -12.16
N MET E 148 -24.56 27.62 -13.14
CA MET E 148 -23.69 28.78 -13.26
C MET E 148 -23.55 29.11 -14.74
N LEU E 149 -23.71 30.39 -15.09
CA LEU E 149 -23.54 30.81 -16.47
C LEU E 149 -22.76 32.13 -16.46
N GLU E 150 -21.47 32.06 -16.80
CA GLU E 150 -20.62 33.23 -16.91
C GLU E 150 -20.16 33.38 -18.36
N PRO E 151 -20.72 34.33 -19.12
CA PRO E 151 -20.39 34.44 -20.53
C PRO E 151 -19.02 35.05 -20.77
N ASN E 152 -18.54 34.92 -22.00
CA ASN E 152 -17.26 35.47 -22.42
C ASN E 152 -17.35 36.99 -22.48
N ASP E 153 -16.60 37.67 -21.61
CA ASP E 153 -16.67 39.14 -21.54
C ASP E 153 -15.89 39.80 -22.67
N LYS E 154 -14.79 39.20 -23.13
CA LYS E 154 -13.97 39.82 -24.17
C LYS E 154 -14.74 39.90 -25.48
N ASP E 155 -15.35 38.79 -25.90
CA ASP E 155 -16.18 38.78 -27.11
C ASP E 155 -17.64 39.01 -26.78
N LYS E 156 -17.92 40.10 -26.06
CA LYS E 156 -19.27 40.46 -25.66
C LYS E 156 -19.56 41.88 -26.09
N ASP E 157 -20.75 42.12 -26.61
CA ASP E 157 -21.18 43.46 -26.93
C ASP E 157 -21.34 44.28 -25.66
N LYS E 158 -20.95 45.56 -25.73
CA LYS E 158 -21.04 46.42 -24.57
C LYS E 158 -22.49 46.69 -24.17
N LYS E 159 -23.41 46.66 -25.13
CA LYS E 159 -24.82 46.85 -24.83
C LYS E 159 -25.54 45.54 -24.59
N VAL E 160 -24.95 44.70 -23.73
CA VAL E 160 -25.54 43.43 -23.31
C VAL E 160 -25.26 43.28 -21.82
N LYS E 161 -26.32 43.20 -21.02
CA LYS E 161 -26.20 43.12 -19.57
C LYS E 161 -26.94 41.88 -19.08
N TRP E 162 -26.28 41.11 -18.23
CA TRP E 162 -26.85 39.86 -17.71
C TRP E 162 -27.35 40.05 -16.29
N SER E 163 -28.48 39.44 -15.99
CA SER E 163 -29.01 39.41 -14.63
C SER E 163 -28.32 38.27 -13.88
N ASN E 164 -28.83 37.94 -12.69
CA ASN E 164 -28.25 36.87 -11.88
C ASN E 164 -28.64 35.53 -12.48
N THR E 165 -27.64 34.82 -13.02
CA THR E 165 -27.87 33.52 -13.65
C THR E 165 -27.42 32.36 -12.75
N THR E 166 -27.56 32.50 -11.44
CA THR E 166 -27.11 31.51 -10.48
C THR E 166 -28.30 31.03 -9.66
N VAL E 167 -28.52 29.72 -9.64
CA VAL E 167 -29.51 29.10 -8.77
C VAL E 167 -28.80 28.08 -7.89
N GLU E 168 -29.15 28.08 -6.61
CA GLU E 168 -28.53 27.17 -5.65
C GLU E 168 -29.07 25.77 -5.83
N ALA E 169 -28.20 24.78 -5.65
CA ALA E 169 -28.60 23.39 -5.79
C ALA E 169 -29.40 22.94 -4.58
N ALA E 170 -30.52 22.27 -4.84
CA ALA E 170 -31.34 21.69 -3.79
C ALA E 170 -31.08 20.21 -3.59
N LEU E 171 -30.02 19.67 -4.21
CA LEU E 171 -29.65 18.27 -4.07
C LEU E 171 -28.17 18.16 -3.79
N GLN E 172 -27.81 17.33 -2.81
CA GLN E 172 -26.43 17.00 -2.50
C GLN E 172 -26.26 15.50 -2.54
N VAL E 173 -25.36 15.02 -3.40
CA VAL E 173 -25.09 13.60 -3.56
C VAL E 173 -23.67 13.32 -3.13
N ALA E 174 -23.49 12.34 -2.26
CA ALA E 174 -22.17 11.93 -1.83
C ALA E 174 -21.63 10.85 -2.75
N HIS E 175 -20.31 10.68 -2.71
CA HIS E 175 -19.67 9.62 -3.48
C HIS E 175 -19.91 8.29 -2.80
N ALA E 176 -20.39 7.32 -3.56
CA ALA E 176 -20.75 6.01 -3.01
C ALA E 176 -19.48 5.22 -2.69
N ILE E 177 -19.17 5.10 -1.41
CA ILE E 177 -17.96 4.42 -0.95
C ILE E 177 -18.32 2.98 -0.60
N SER E 178 -17.40 2.07 -0.87
CA SER E 178 -17.60 0.68 -0.51
C SER E 178 -17.43 0.49 0.99
N THR E 179 -18.21 -0.43 1.56
CA THR E 179 -18.16 -0.67 2.99
C THR E 179 -17.01 -1.59 3.39
N HIS E 180 -16.36 -2.25 2.46
CA HIS E 180 -15.32 -3.22 2.75
C HIS E 180 -14.03 -2.85 2.01
N ILE E 181 -13.01 -3.69 2.16
CA ILE E 181 -11.76 -3.50 1.45
C ILE E 181 -11.98 -3.80 -0.03
N ALA E 182 -12.00 -2.77 -0.85
CA ALA E 182 -12.15 -2.97 -2.28
C ALA E 182 -10.87 -3.52 -2.88
N ARG E 183 -11.02 -4.37 -3.88
CA ARG E 183 -9.89 -4.84 -4.66
C ARG E 183 -10.40 -5.16 -6.06
N PRO E 184 -9.81 -4.55 -7.09
CA PRO E 184 -10.27 -4.81 -8.45
C PRO E 184 -9.55 -6.00 -9.05
N GLU E 185 -10.26 -6.68 -9.93
CA GLU E 185 -9.68 -7.79 -10.69
C GLU E 185 -9.46 -7.36 -12.13
N ILE E 186 -8.40 -7.91 -12.71
CA ILE E 186 -8.04 -7.62 -14.09
C ILE E 186 -8.69 -8.68 -14.98
N ASP E 187 -9.69 -8.28 -15.73
CA ASP E 187 -10.31 -9.12 -16.75
C ASP E 187 -9.44 -9.11 -17.99
N TYR E 188 -8.92 -10.28 -18.36
CA TYR E 188 -8.09 -10.43 -19.55
C TYR E 188 -8.99 -10.74 -20.74
N PHE E 189 -9.58 -9.69 -21.29
CA PHE E 189 -10.45 -9.91 -22.43
C PHE E 189 -9.62 -10.12 -23.70
N VAL E 190 -10.24 -10.78 -24.67
CA VAL E 190 -9.65 -10.96 -25.99
C VAL E 190 -10.75 -10.70 -27.01
N ALA E 191 -10.35 -10.33 -28.22
CA ALA E 191 -11.26 -10.07 -29.31
C ALA E 191 -11.04 -11.11 -30.40
N ALA E 192 -12.12 -11.78 -30.79
CA ALA E 192 -12.03 -12.90 -31.71
C ALA E 192 -12.16 -12.42 -33.15
N ASP E 193 -11.15 -12.72 -33.96
CA ASP E 193 -11.23 -12.52 -35.40
C ASP E 193 -12.02 -13.67 -36.01
N ASP E 194 -13.17 -13.35 -36.61
CA ASP E 194 -14.05 -14.41 -37.09
C ASP E 194 -13.50 -15.09 -38.34
N VAL E 195 -12.74 -14.37 -39.16
CA VAL E 195 -12.07 -15.04 -40.29
C VAL E 195 -10.97 -15.93 -39.76
N PRO E 196 -10.76 -17.13 -40.35
CA PRO E 196 -9.71 -18.01 -39.84
C PRO E 196 -8.32 -17.45 -40.08
N GLY E 197 -8.02 -17.07 -41.32
CA GLY E 197 -6.70 -16.56 -41.64
C GLY E 197 -5.63 -17.62 -41.48
N GLU E 198 -4.43 -17.17 -41.13
CA GLU E 198 -3.31 -18.06 -40.88
C GLU E 198 -2.61 -17.81 -39.55
N ASP E 199 -2.85 -16.68 -38.89
CA ASP E 199 -2.18 -16.39 -37.64
C ASP E 199 -2.70 -17.26 -36.51
N ALA E 200 -4.02 -17.52 -36.49
CA ALA E 200 -4.70 -18.27 -35.42
C ALA E 200 -4.43 -17.66 -34.05
N GLY E 201 -4.34 -16.34 -34.01
CA GLY E 201 -4.05 -15.63 -32.77
C GLY E 201 -5.27 -14.96 -32.18
N ALA E 202 -5.39 -13.66 -32.39
CA ALA E 202 -6.48 -12.90 -31.82
C ALA E 202 -6.68 -11.62 -32.63
N GLY E 203 -7.71 -10.87 -32.29
CA GLY E 203 -7.95 -9.59 -32.92
C GLY E 203 -7.45 -8.45 -32.06
N HIS E 204 -7.65 -8.56 -30.76
CA HIS E 204 -7.18 -7.55 -29.82
C HIS E 204 -7.00 -8.19 -28.46
N ILE E 205 -6.00 -7.71 -27.71
CA ILE E 205 -5.71 -8.18 -26.37
C ILE E 205 -5.64 -6.95 -25.46
N GLY E 206 -6.38 -6.98 -24.36
CA GLY E 206 -6.39 -5.84 -23.47
C GLY E 206 -6.77 -6.24 -22.06
N GLU E 207 -6.80 -5.23 -21.19
CA GLU E 207 -7.03 -5.40 -19.75
C GLU E 207 -8.22 -4.53 -19.35
N SER E 208 -9.38 -5.15 -19.18
CA SER E 208 -10.45 -4.47 -18.47
C SER E 208 -10.21 -4.69 -16.99
N MET E 209 -10.75 -3.80 -16.15
CA MET E 209 -10.69 -4.01 -14.72
C MET E 209 -12.06 -3.79 -14.11
N PHE E 210 -12.44 -4.67 -13.19
CA PHE E 210 -13.79 -4.64 -12.62
C PHE E 210 -13.69 -4.83 -11.11
N ALA E 211 -14.82 -4.57 -10.44
CA ALA E 211 -14.89 -4.67 -9.00
C ALA E 211 -16.32 -4.95 -8.57
N SER E 212 -16.46 -5.65 -7.46
CA SER E 212 -17.74 -5.88 -6.81
C SER E 212 -17.69 -5.29 -5.42
N ALA E 213 -18.71 -4.52 -5.05
CA ALA E 213 -18.67 -3.82 -3.78
C ALA E 213 -20.08 -3.59 -3.26
N CYS E 214 -20.16 -3.37 -1.95
CA CYS E 214 -21.38 -2.95 -1.28
C CYS E 214 -21.25 -1.47 -0.98
N PHE E 215 -22.08 -0.66 -1.64
CA PHE E 215 -21.96 0.79 -1.62
C PHE E 215 -22.95 1.42 -0.64
N TYR E 216 -22.50 2.51 -0.01
CA TYR E 216 -23.32 3.36 0.82
C TYR E 216 -23.53 4.68 0.08
N LYS E 217 -24.74 4.89 -0.42
CA LYS E 217 -25.09 6.07 -1.18
C LYS E 217 -25.85 7.05 -0.27
N TYR E 218 -25.52 8.33 -0.37
CA TYR E 218 -26.12 9.37 0.45
C TYR E 218 -26.73 10.42 -0.45
N PHE E 219 -28.00 10.74 -0.22
CA PHE E 219 -28.70 11.81 -0.93
C PHE E 219 -29.32 12.76 0.08
N SER E 220 -29.21 14.06 -0.19
CA SER E 220 -29.77 15.10 0.67
C SER E 220 -30.58 16.06 -0.18
N ILE E 221 -31.86 16.22 0.15
CA ILE E 221 -32.74 17.12 -0.57
C ILE E 221 -33.24 18.17 0.41
N ASP E 222 -33.00 19.44 0.09
CA ASP E 222 -33.50 20.57 0.86
C ASP E 222 -34.90 20.88 0.35
N TRP E 223 -35.91 20.69 1.21
CA TRP E 223 -37.29 20.82 0.77
C TRP E 223 -37.66 22.27 0.47
N GLU E 224 -37.32 23.18 1.38
CA GLU E 224 -37.68 24.58 1.17
C GLU E 224 -36.89 25.21 0.03
N GLN E 225 -35.62 24.80 -0.15
CA GLN E 225 -34.85 25.29 -1.28
C GLN E 225 -35.41 24.77 -2.60
N LEU E 226 -35.86 23.51 -2.62
CA LEU E 226 -36.49 22.98 -3.83
C LEU E 226 -37.81 23.67 -4.14
N VAL E 227 -38.57 24.02 -3.10
CA VAL E 227 -39.81 24.77 -3.31
C VAL E 227 -39.51 26.17 -3.83
N LYS E 228 -38.50 26.82 -3.24
CA LYS E 228 -38.14 28.18 -3.64
C LYS E 228 -37.61 28.23 -5.07
N ASN E 229 -36.79 27.25 -5.46
CA ASN E 229 -36.25 27.23 -6.81
C ASN E 229 -37.30 26.87 -7.86
N LEU E 230 -38.42 26.28 -7.43
CA LEU E 230 -39.56 26.04 -8.30
C LEU E 230 -40.63 27.12 -8.15
N LYS E 231 -40.29 28.22 -7.48
CA LYS E 231 -41.18 29.33 -7.08
C LYS E 231 -42.54 28.85 -6.60
N GLY E 232 -42.52 28.09 -5.52
CA GLY E 232 -43.72 27.79 -4.76
C GLY E 232 -44.60 26.70 -5.29
N ASP E 233 -44.12 25.88 -6.24
CA ASP E 233 -44.92 24.78 -6.78
C ASP E 233 -44.71 23.56 -5.88
N THR E 234 -45.59 23.45 -4.86
CA THR E 234 -45.43 22.38 -3.88
C THR E 234 -45.76 21.01 -4.46
N ASN E 235 -46.74 20.94 -5.37
CA ASN E 235 -47.05 19.68 -6.02
C ASN E 235 -45.89 19.22 -6.89
N LEU E 236 -45.27 20.16 -7.60
CA LEU E 236 -44.08 19.83 -8.40
C LEU E 236 -42.94 19.36 -7.51
N ALA E 237 -42.77 19.99 -6.34
CA ALA E 237 -41.71 19.58 -5.42
C ALA E 237 -41.96 18.18 -4.86
N ALA E 238 -43.21 17.87 -4.53
CA ALA E 238 -43.55 16.52 -4.07
C ALA E 238 -43.33 15.50 -5.17
N HIS E 239 -43.67 15.86 -6.41
CA HIS E 239 -43.42 14.98 -7.54
C HIS E 239 -41.92 14.73 -7.73
N THR E 240 -41.11 15.78 -7.58
CA THR E 240 -39.67 15.61 -7.68
C THR E 240 -39.13 14.71 -6.59
N VAL E 241 -39.61 14.88 -5.36
CA VAL E 241 -39.13 14.06 -4.25
C VAL E 241 -39.50 12.59 -4.47
N GLY E 242 -40.74 12.32 -4.87
CA GLY E 242 -41.16 10.95 -5.11
C GLY E 242 -40.46 10.30 -6.28
N ALA E 243 -40.34 11.02 -7.41
CA ALA E 243 -39.64 10.46 -8.55
C ALA E 243 -38.15 10.34 -8.29
N PHE E 244 -37.59 11.20 -7.44
CA PHE E 244 -36.19 11.06 -7.03
C PHE E 244 -36.01 9.79 -6.20
N LEU E 245 -36.95 9.49 -5.31
CA LEU E 245 -36.86 8.26 -4.53
C LEU E 245 -36.96 7.03 -5.43
N LEU E 246 -37.91 7.03 -6.37
CA LEU E 246 -38.01 5.93 -7.33
C LEU E 246 -36.77 5.81 -8.21
N ALA E 247 -36.21 6.93 -8.64
CA ALA E 247 -35.03 6.89 -9.50
C ALA E 247 -33.80 6.43 -8.73
N ALA E 248 -33.65 6.89 -7.49
CA ALA E 248 -32.50 6.46 -6.69
C ALA E 248 -32.57 4.99 -6.36
N ALA E 249 -33.77 4.48 -6.05
CA ALA E 249 -33.89 3.06 -5.74
C ALA E 249 -33.75 2.20 -7.00
N LYS E 250 -34.43 2.57 -8.07
CA LYS E 250 -34.64 1.65 -9.18
C LYS E 250 -33.67 1.82 -10.34
N THR E 251 -32.94 2.93 -10.43
CA THR E 251 -32.04 3.18 -11.56
C THR E 251 -30.59 3.08 -11.12
N ASN E 252 -29.79 2.42 -11.95
CA ASN E 252 -28.37 2.23 -11.76
C ASN E 252 -27.58 3.03 -12.79
N PRO E 253 -26.34 3.43 -12.49
CA PRO E 253 -25.51 4.09 -13.50
C PRO E 253 -25.26 3.18 -14.69
N SER E 254 -25.31 3.76 -15.89
CA SER E 254 -25.20 3.00 -17.13
C SER E 254 -23.76 2.94 -17.63
N GLY E 255 -22.85 2.50 -16.77
CA GLY E 255 -21.45 2.38 -17.16
C GLY E 255 -21.04 0.93 -17.39
N LYS E 256 -20.87 0.56 -18.66
CA LYS E 256 -20.53 -0.80 -19.07
C LYS E 256 -21.52 -1.83 -18.54
N GLN E 257 -22.79 -1.45 -18.49
CA GLN E 257 -23.83 -2.38 -18.08
C GLN E 257 -24.16 -3.40 -19.15
N ASN E 258 -23.76 -3.15 -20.40
CA ASN E 258 -23.91 -4.15 -21.45
C ASN E 258 -22.98 -5.34 -21.22
N SER E 259 -21.84 -5.11 -20.57
CA SER E 259 -20.91 -6.19 -20.23
C SER E 259 -21.00 -6.61 -18.78
N PHE E 260 -21.47 -5.73 -17.89
CA PHE E 260 -21.69 -6.06 -16.48
C PHE E 260 -23.11 -5.66 -16.14
N ALA E 261 -24.07 -6.55 -16.39
CA ALA E 261 -25.48 -6.25 -16.12
C ALA E 261 -25.74 -6.32 -14.62
N ALA E 262 -25.24 -5.31 -13.92
CA ALA E 262 -25.38 -5.21 -12.46
C ALA E 262 -26.56 -4.29 -12.18
N HIS E 263 -27.76 -4.86 -12.15
CA HIS E 263 -28.99 -4.12 -11.90
C HIS E 263 -29.56 -4.48 -10.53
N ASN E 264 -28.68 -4.61 -9.53
CA ASN E 264 -29.11 -5.00 -8.20
C ASN E 264 -29.78 -3.82 -7.50
N TYR E 265 -30.94 -4.07 -6.93
CA TYR E 265 -31.68 -3.06 -6.18
C TYR E 265 -31.11 -2.92 -4.77
N PRO E 266 -31.30 -1.76 -4.13
CA PRO E 266 -30.74 -1.56 -2.79
C PRO E 266 -31.29 -2.54 -1.77
N ASP E 267 -30.41 -2.99 -0.88
CA ASP E 267 -30.82 -3.89 0.19
C ASP E 267 -31.25 -3.15 1.45
N GLY E 268 -31.03 -1.85 1.52
CA GLY E 268 -31.61 -1.10 2.62
C GLY E 268 -31.67 0.39 2.41
N ILE E 269 -32.83 1.01 2.63
CA ILE E 269 -33.00 2.44 2.41
C ILE E 269 -33.52 3.07 3.69
N LEU E 270 -32.73 3.95 4.29
CA LEU E 270 -33.12 4.69 5.48
C LEU E 270 -33.42 6.12 5.04
N VAL E 271 -34.69 6.50 5.09
CA VAL E 271 -35.12 7.85 4.72
C VAL E 271 -35.43 8.61 6.00
N GLU E 272 -34.62 9.61 6.30
CA GLU E 272 -34.77 10.38 7.53
C GLU E 272 -35.16 11.81 7.21
N PHE E 273 -35.95 12.39 8.10
CA PHE E 273 -36.37 13.79 7.98
C PHE E 273 -35.77 14.57 9.13
N LYS E 274 -34.84 15.47 8.82
CA LYS E 274 -34.22 16.28 9.87
C LYS E 274 -33.78 17.62 9.27
N ASN E 275 -33.49 18.57 10.14
CA ASN E 275 -33.09 19.91 9.73
C ASN E 275 -31.66 19.98 9.25
N SER E 276 -30.75 19.22 9.87
CA SER E 276 -29.35 19.32 9.50
C SER E 276 -28.89 18.08 8.75
N PRO E 277 -28.01 18.23 7.76
CA PRO E 277 -27.54 17.05 7.01
C PRO E 277 -26.50 16.28 7.82
N ILE E 278 -26.77 14.99 8.04
CA ILE E 278 -25.84 14.08 8.69
C ILE E 278 -25.65 12.88 7.78
N SER E 279 -24.50 12.21 7.92
CA SER E 279 -24.13 11.11 7.06
C SER E 279 -23.56 9.97 7.89
N TYR E 280 -23.81 8.73 7.43
CA TYR E 280 -23.43 7.53 8.15
C TYR E 280 -22.26 6.80 7.50
N ALA E 281 -21.41 7.51 6.75
CA ALA E 281 -20.23 6.89 6.18
C ALA E 281 -19.23 6.47 7.24
N ASN E 282 -19.18 7.18 8.37
CA ASN E 282 -18.27 6.87 9.46
C ASN E 282 -18.56 5.53 10.11
N ALA E 283 -19.72 4.93 9.84
CA ALA E 283 -19.98 3.55 10.24
C ALA E 283 -18.95 2.61 9.63
N PHE E 284 -18.59 2.85 8.37
CA PHE E 284 -17.69 1.99 7.64
C PHE E 284 -16.25 2.51 7.62
N VAL E 285 -15.84 3.22 8.66
CA VAL E 285 -14.42 3.55 8.82
C VAL E 285 -13.61 2.27 9.02
N ARG E 286 -14.10 1.39 9.88
CA ARG E 286 -13.55 0.04 9.95
C ARG E 286 -14.13 -0.78 8.81
N PRO E 287 -13.31 -1.35 7.94
CA PRO E 287 -13.85 -2.16 6.83
C PRO E 287 -14.54 -3.42 7.33
N VAL E 288 -15.57 -3.82 6.60
CA VAL E 288 -16.37 -4.98 6.98
C VAL E 288 -15.59 -6.25 6.62
N SER E 289 -15.31 -7.06 7.63
CA SER E 289 -14.68 -8.37 7.43
C SER E 289 -15.77 -9.44 7.50
N VAL E 290 -15.83 -10.28 6.48
CA VAL E 290 -16.90 -11.25 6.36
C VAL E 290 -16.60 -12.45 7.25
N VAL E 291 -17.55 -12.82 8.09
CA VAL E 291 -17.47 -14.06 8.84
C VAL E 291 -18.32 -15.10 8.12
N LYS E 292 -18.10 -16.38 8.46
CA LYS E 292 -18.75 -17.47 7.72
C LYS E 292 -20.25 -17.51 7.99
N GLU E 293 -20.66 -17.32 9.25
CA GLU E 293 -22.05 -17.50 9.63
C GLU E 293 -22.92 -16.28 9.36
N SER E 294 -22.35 -15.18 8.87
CA SER E 294 -23.13 -13.98 8.57
C SER E 294 -22.92 -13.56 7.12
N ASP E 295 -23.39 -12.37 6.78
CA ASP E 295 -23.28 -11.86 5.42
C ASP E 295 -22.64 -10.49 5.38
N LEU E 296 -22.07 -10.16 4.21
CA LEU E 296 -21.53 -8.83 3.99
C LEU E 296 -22.63 -7.78 4.07
N VAL E 297 -23.78 -8.04 3.45
CA VAL E 297 -24.90 -7.11 3.53
C VAL E 297 -25.45 -7.07 4.95
N GLU E 298 -25.59 -8.24 5.58
CA GLU E 298 -26.10 -8.29 6.95
C GLU E 298 -25.17 -7.56 7.92
N GLN E 299 -23.85 -7.77 7.79
CA GLN E 299 -22.90 -7.07 8.64
C GLN E 299 -22.85 -5.58 8.32
N SER E 300 -23.03 -5.20 7.05
CA SER E 300 -23.03 -3.79 6.69
C SER E 300 -24.22 -3.07 7.33
N ILE E 301 -25.41 -3.68 7.26
CA ILE E 301 -26.57 -3.10 7.92
C ILE E 301 -26.41 -3.14 9.44
N GLY E 302 -25.74 -4.16 9.98
CA GLY E 302 -25.52 -4.19 11.42
C GLY E 302 -24.61 -3.06 11.90
N GLN E 303 -23.51 -2.82 11.18
CA GLN E 303 -22.62 -1.72 11.51
C GLN E 303 -23.30 -0.37 11.31
N LEU E 304 -24.10 -0.25 10.25
CA LEU E 304 -24.87 0.97 10.02
C LEU E 304 -25.86 1.21 11.16
N SER E 305 -26.51 0.15 11.63
CA SER E 305 -27.45 0.27 12.75
C SER E 305 -26.74 0.64 14.04
N ASN E 306 -25.55 0.08 14.27
CA ASN E 306 -24.76 0.45 15.44
C ASN E 306 -24.42 1.93 15.43
N TYR E 307 -23.94 2.44 14.29
CA TYR E 307 -23.60 3.85 14.21
C TYR E 307 -24.84 4.73 14.26
N VAL E 308 -25.94 4.30 13.66
CA VAL E 308 -27.18 5.07 13.68
C VAL E 308 -27.71 5.20 15.09
N ASN E 309 -27.70 4.08 15.84
CA ASN E 309 -28.13 4.12 17.24
C ASN E 309 -27.21 4.99 18.08
N ASP E 310 -25.90 4.90 17.85
CA ASP E 310 -24.96 5.73 18.59
C ASP E 310 -25.18 7.21 18.31
N ILE E 311 -25.37 7.57 17.04
CA ILE E 311 -25.58 8.96 16.66
C ILE E 311 -26.91 9.47 17.21
N ARG E 312 -27.94 8.62 17.17
CA ARG E 312 -29.25 9.02 17.68
C ARG E 312 -29.22 9.24 19.18
N LEU E 313 -28.48 8.40 19.91
CA LEU E 313 -28.42 8.55 21.36
C LEU E 313 -27.52 9.71 21.79
N GLY E 314 -26.43 9.96 21.07
CA GLY E 314 -25.48 10.97 21.50
C GLY E 314 -25.58 12.31 20.81
N TYR E 315 -26.44 12.40 19.79
CA TYR E 315 -26.53 13.60 18.96
C TYR E 315 -27.96 14.03 18.66
N TYR E 316 -28.95 13.15 18.75
CA TYR E 316 -30.28 13.40 18.24
C TYR E 316 -31.35 13.10 19.29
N ASP E 317 -31.15 13.59 20.50
CA ASP E 317 -32.18 13.53 21.54
C ASP E 317 -32.43 14.95 22.04
N GLU E 318 -33.28 15.68 21.31
CA GLU E 318 -33.68 17.02 21.72
C GLU E 318 -35.19 17.15 21.66
N GLN E 319 -35.69 18.38 21.78
CA GLN E 319 -37.11 18.63 21.60
C GLN E 319 -37.55 18.46 20.16
N SER E 320 -36.62 18.55 19.20
CA SER E 320 -36.95 18.36 17.79
C SER E 320 -36.65 16.93 17.41
N PRO E 321 -37.63 16.11 17.06
CA PRO E 321 -37.37 14.71 16.76
C PRO E 321 -36.98 14.38 15.32
N VAL E 322 -36.22 13.30 15.20
CA VAL E 322 -35.75 12.79 13.92
C VAL E 322 -36.57 11.54 13.63
N ILE E 323 -37.35 11.57 12.55
CA ILE E 323 -38.18 10.45 12.16
C ILE E 323 -37.58 9.83 10.91
N GLY E 324 -37.29 8.54 10.98
CA GLY E 324 -36.72 7.78 9.88
C GLY E 324 -37.59 6.59 9.54
N PHE E 325 -37.65 6.27 8.26
CA PHE E 325 -38.35 5.10 7.75
C PHE E 325 -37.30 4.15 7.18
N TRP E 326 -37.38 2.89 7.60
CA TRP E 326 -36.44 1.87 7.14
C TRP E 326 -37.14 0.97 6.14
N PHE E 327 -36.57 0.85 4.94
CA PHE E 327 -37.13 0.04 3.88
C PHE E 327 -36.18 -1.11 3.56
N SER E 328 -36.70 -2.31 3.61
CA SER E 328 -36.06 -3.52 3.11
C SER E 328 -37.09 -4.28 2.29
N PRO E 329 -36.65 -5.01 1.26
CA PRO E 329 -37.62 -5.75 0.43
C PRO E 329 -38.28 -6.89 1.21
N ASN E 330 -39.57 -6.71 1.51
CA ASN E 330 -40.37 -7.64 2.31
C ASN E 330 -39.74 -7.91 3.68
N ASN E 331 -39.12 -6.89 4.26
CA ASN E 331 -38.47 -6.96 5.56
C ASN E 331 -37.44 -8.08 5.61
N ARG E 332 -36.68 -8.23 4.53
CA ARG E 332 -35.67 -9.29 4.47
C ARG E 332 -34.50 -8.99 5.41
N TYR E 333 -34.00 -7.75 5.38
CA TYR E 333 -32.90 -7.35 6.25
C TYR E 333 -33.41 -6.30 7.21
N PRO E 334 -33.68 -6.65 8.47
CA PRO E 334 -34.11 -5.64 9.44
C PRO E 334 -32.92 -4.85 9.97
N LEU E 335 -33.23 -3.90 10.85
CA LEU E 335 -32.21 -3.06 11.47
C LEU E 335 -31.55 -3.84 12.62
N GLY E 336 -30.86 -3.12 13.50
CA GLY E 336 -30.08 -3.71 14.57
C GLY E 336 -30.82 -4.65 15.49
N TYR E 337 -30.24 -5.84 15.67
CA TYR E 337 -30.88 -6.87 16.49
C TYR E 337 -30.87 -6.50 17.96
N LYS E 338 -29.87 -5.74 18.41
CA LYS E 338 -29.76 -5.40 19.82
C LYS E 338 -30.80 -4.39 20.27
N HIS E 339 -31.41 -3.65 19.34
CA HIS E 339 -32.41 -2.65 19.68
C HIS E 339 -33.79 -3.02 19.16
N SER E 340 -33.92 -3.19 17.84
CA SER E 340 -35.17 -3.51 17.15
C SER E 340 -36.26 -2.46 17.36
N LYS E 341 -35.89 -1.23 17.71
CA LYS E 341 -36.85 -0.13 17.71
C LYS E 341 -36.24 1.15 17.16
N LEU E 342 -35.15 1.04 16.39
CA LEU E 342 -34.42 2.22 15.93
C LEU E 342 -35.27 3.05 14.96
N ALA E 343 -35.83 2.39 13.95
CA ALA E 343 -36.59 3.10 12.93
C ALA E 343 -38.00 3.40 13.43
N SER E 344 -38.51 4.57 13.05
CA SER E 344 -39.88 4.93 13.41
C SER E 344 -40.89 4.06 12.69
N ARG E 345 -40.56 3.57 11.49
CA ARG E 345 -41.46 2.71 10.74
C ARG E 345 -40.64 1.79 9.86
N ASN E 346 -40.84 0.49 10.01
CA ASN E 346 -40.15 -0.53 9.21
C ASN E 346 -41.05 -0.89 8.03
N ILE E 347 -40.96 -0.09 6.99
CA ILE E 347 -41.80 -0.26 5.81
C ILE E 347 -41.20 -1.34 4.92
N GLY E 348 -42.06 -2.23 4.42
CA GLY E 348 -41.59 -3.33 3.61
C GLY E 348 -41.92 -3.20 2.14
N ASN E 349 -42.24 -1.99 1.68
CA ASN E 349 -42.56 -1.77 0.28
C ASN E 349 -42.06 -0.40 -0.15
N LEU E 350 -41.56 -0.31 -1.38
CA LEU E 350 -41.03 0.95 -1.89
C LEU E 350 -42.15 1.95 -2.15
N ASN E 351 -43.27 1.49 -2.72
CA ASN E 351 -44.39 2.38 -2.96
C ASN E 351 -45.02 2.84 -1.65
N GLU E 352 -45.11 1.96 -0.66
CA GLU E 352 -45.60 2.37 0.65
C GLU E 352 -44.63 3.33 1.33
N LEU E 353 -43.32 3.12 1.14
CA LEU E 353 -42.34 4.06 1.68
C LEU E 353 -42.47 5.44 1.06
N VAL E 354 -42.68 5.48 -0.26
CA VAL E 354 -42.87 6.76 -0.94
C VAL E 354 -44.15 7.43 -0.48
N GLY E 355 -45.22 6.65 -0.30
CA GLY E 355 -46.46 7.20 0.22
C GLY E 355 -46.32 7.76 1.61
N ALA E 356 -45.57 7.05 2.48
CA ALA E 356 -45.35 7.54 3.84
C ALA E 356 -44.49 8.82 3.84
N VAL E 357 -43.49 8.87 2.98
CA VAL E 357 -42.65 10.06 2.86
C VAL E 357 -43.49 11.25 2.43
N LEU E 358 -44.34 11.06 1.41
CA LEU E 358 -45.18 12.14 0.92
C LEU E 358 -46.24 12.55 1.93
N ASP E 359 -46.74 11.59 2.72
CA ASP E 359 -47.69 11.91 3.77
C ASP E 359 -47.02 12.73 4.87
N TYR E 360 -45.73 12.46 5.13
CA TYR E 360 -45.00 13.25 6.11
C TYR E 360 -44.76 14.67 5.59
N ILE E 361 -44.46 14.81 4.28
CA ILE E 361 -43.98 16.09 3.76
C ILE E 361 -45.01 17.19 3.96
N GLY E 362 -46.20 17.04 3.38
CA GLY E 362 -47.30 17.91 3.72
C GLY E 362 -48.61 17.16 3.68
N GLY E 363 -48.53 15.88 3.34
CA GLY E 363 -49.71 15.10 3.03
C GLY E 363 -49.90 15.18 1.54
N PHE E 364 -49.52 14.12 0.81
CA PHE E 364 -49.47 14.19 -0.64
C PHE E 364 -49.73 12.79 -1.18
N LYS E 365 -50.85 12.63 -1.88
CA LYS E 365 -51.08 11.38 -2.61
C LYS E 365 -50.18 11.34 -3.83
N TRP E 366 -49.76 10.13 -4.20
CA TRP E 366 -48.98 9.94 -5.42
C TRP E 366 -49.78 10.31 -6.66
N GLU E 367 -51.10 10.08 -6.64
CA GLU E 367 -51.92 10.31 -7.82
C GLU E 367 -52.04 11.80 -8.14
N GLU E 368 -52.26 12.63 -7.13
CA GLU E 368 -52.48 14.04 -7.40
C GLU E 368 -51.18 14.84 -7.51
N VAL E 369 -50.04 14.27 -7.14
CA VAL E 369 -48.76 14.89 -7.46
C VAL E 369 -48.17 14.33 -8.76
N GLN E 370 -48.66 13.19 -9.24
CA GLN E 370 -48.24 12.70 -10.55
C GLN E 370 -48.91 13.48 -11.67
N LYS E 371 -50.00 14.18 -11.36
CA LYS E 371 -50.75 14.93 -12.36
C LYS E 371 -50.21 16.34 -12.57
N SER E 372 -49.17 16.72 -11.83
CA SER E 372 -48.54 18.03 -11.98
C SER E 372 -47.09 17.81 -12.42
N LYS E 373 -46.82 18.03 -13.69
CA LYS E 373 -45.51 17.79 -14.27
C LYS E 373 -45.04 19.01 -15.03
N ALA E 374 -43.72 19.20 -15.07
CA ALA E 374 -43.11 20.28 -15.82
C ALA E 374 -42.30 19.68 -16.96
N TYR E 375 -42.59 20.12 -18.18
CA TYR E 375 -41.91 19.61 -19.36
C TYR E 375 -41.95 20.61 -20.51
N MET F 1 -40.72 -2.94 -22.89
CA MET F 1 -40.77 -4.30 -22.40
C MET F 1 -39.39 -4.92 -22.35
N LEU F 2 -39.04 -5.52 -21.22
CA LEU F 2 -37.74 -6.13 -21.00
C LEU F 2 -37.92 -7.60 -20.68
N ILE F 3 -37.23 -8.45 -21.43
CA ILE F 3 -37.24 -9.90 -21.21
C ILE F 3 -35.99 -10.26 -20.43
N GLU F 4 -36.18 -10.93 -19.29
CA GLU F 4 -35.11 -11.15 -18.33
C GLU F 4 -34.99 -12.62 -18.01
N ILE F 5 -33.78 -13.16 -18.13
CA ILE F 5 -33.52 -14.59 -17.95
C ILE F 5 -32.53 -14.75 -16.80
N HIS F 6 -32.93 -15.51 -15.78
CA HIS F 6 -32.07 -15.85 -14.66
C HIS F 6 -31.89 -17.36 -14.65
N MET F 7 -30.66 -17.81 -14.73
CA MET F 7 -30.34 -19.23 -14.92
C MET F 7 -29.48 -19.74 -13.77
N ILE F 8 -29.83 -20.91 -13.26
CA ILE F 8 -29.04 -21.60 -12.24
C ILE F 8 -28.47 -22.86 -12.87
N GLN F 9 -27.15 -22.93 -12.97
CA GLN F 9 -26.49 -23.99 -13.73
C GLN F 9 -25.32 -24.53 -12.94
N ASN F 10 -25.37 -25.80 -12.56
CA ASN F 10 -24.27 -26.42 -11.85
C ASN F 10 -23.38 -27.14 -12.86
N HIS F 11 -22.10 -26.79 -12.90
CA HIS F 11 -21.17 -27.33 -13.87
C HIS F 11 -20.25 -28.36 -13.23
N SER F 12 -19.81 -29.31 -14.04
CA SER F 12 -18.82 -30.28 -13.62
C SER F 12 -17.47 -29.59 -13.44
N PRO F 13 -16.53 -30.24 -12.70
CA PRO F 13 -15.17 -29.67 -12.59
C PRO F 13 -14.53 -29.37 -13.93
N ALA F 14 -14.29 -28.09 -14.21
CA ALA F 14 -13.88 -27.67 -15.54
C ALA F 14 -13.14 -26.34 -15.46
N ASN F 15 -12.64 -25.90 -16.61
CA ASN F 15 -12.01 -24.59 -16.78
C ASN F 15 -12.59 -23.99 -18.05
N LEU F 16 -13.69 -23.26 -17.91
CA LEU F 16 -14.38 -22.69 -19.06
C LEU F 16 -13.83 -21.31 -19.45
N ASN F 17 -13.44 -20.51 -18.46
CA ASN F 17 -12.81 -19.23 -18.70
C ASN F 17 -11.50 -19.17 -17.93
N ARG F 18 -10.46 -18.64 -18.57
CA ARG F 18 -9.17 -18.55 -17.91
C ARG F 18 -8.43 -17.32 -18.39
N ASP F 19 -7.55 -16.80 -17.53
CA ASP F 19 -6.71 -15.66 -17.86
C ASP F 19 -5.47 -16.13 -18.62
N ASP F 20 -4.46 -15.26 -18.70
CA ASP F 20 -3.26 -15.57 -19.47
C ASP F 20 -2.53 -16.79 -18.92
N LEU F 21 -2.45 -16.92 -17.59
CA LEU F 21 -1.75 -18.06 -17.01
C LEU F 21 -2.49 -19.38 -17.24
N GLY F 22 -3.83 -19.34 -17.27
CA GLY F 22 -4.62 -20.55 -17.28
C GLY F 22 -5.40 -20.79 -16.02
N ALA F 23 -5.25 -19.92 -15.02
CA ALA F 23 -6.09 -20.01 -13.83
C ALA F 23 -7.53 -19.71 -14.20
N PRO F 24 -8.50 -20.44 -13.63
CA PRO F 24 -9.90 -20.17 -13.93
C PRO F 24 -10.30 -18.77 -13.46
N LYS F 25 -11.15 -18.11 -14.26
CA LYS F 25 -11.50 -16.73 -13.99
C LYS F 25 -12.33 -16.62 -12.72
N THR F 26 -11.91 -15.72 -11.84
CA THR F 26 -12.48 -15.62 -10.50
C THR F 26 -12.77 -14.17 -10.16
N CYS F 27 -13.82 -13.96 -9.38
CA CYS F 27 -14.15 -12.66 -8.83
C CYS F 27 -14.32 -12.80 -7.32
N TYR F 28 -14.54 -11.67 -6.66
CA TYR F 28 -14.86 -11.67 -5.23
C TYR F 28 -16.23 -11.05 -5.07
N PHE F 29 -17.19 -11.82 -4.58
CA PHE F 29 -18.56 -11.34 -4.40
C PHE F 29 -19.00 -11.61 -2.97
N GLY F 30 -19.42 -10.57 -2.27
CA GLY F 30 -19.75 -10.72 -0.87
C GLY F 30 -18.56 -10.92 0.02
N GLY F 31 -17.37 -10.52 -0.44
CA GLY F 31 -16.16 -10.72 0.33
C GLY F 31 -15.55 -12.09 0.22
N VAL F 32 -16.09 -12.97 -0.62
CA VAL F 32 -15.59 -14.33 -0.75
C VAL F 32 -15.29 -14.63 -2.22
N LEU F 33 -14.42 -15.61 -2.41
CA LEU F 33 -13.97 -16.01 -3.74
C LEU F 33 -15.08 -16.75 -4.48
N ARG F 34 -15.35 -16.33 -5.72
CA ARG F 34 -16.36 -16.95 -6.56
C ARG F 34 -15.75 -17.27 -7.93
N SER F 35 -16.14 -18.40 -8.49
CA SER F 35 -15.80 -18.70 -9.87
C SER F 35 -16.60 -17.81 -10.80
N ARG F 36 -15.98 -17.41 -11.90
CA ARG F 36 -16.58 -16.44 -12.80
C ARG F 36 -16.47 -16.92 -14.24
N ILE F 37 -17.57 -16.80 -14.99
CA ILE F 37 -17.58 -16.91 -16.44
C ILE F 37 -17.92 -15.54 -16.98
N SER F 38 -17.06 -15.01 -17.83
CA SER F 38 -17.19 -13.63 -18.29
C SER F 38 -18.35 -13.49 -19.26
N SER F 39 -18.85 -12.26 -19.36
CA SER F 39 -20.05 -12.00 -20.16
C SER F 39 -19.78 -12.15 -21.65
N GLN F 40 -18.59 -11.73 -22.12
CA GLN F 40 -18.31 -11.87 -23.55
C GLN F 40 -18.09 -13.32 -23.94
N CYS F 41 -17.65 -14.16 -23.00
CA CYS F 41 -17.57 -15.60 -23.27
C CYS F 41 -18.94 -16.18 -23.53
N ILE F 42 -19.92 -15.86 -22.67
CA ILE F 42 -21.28 -16.33 -22.86
C ILE F 42 -21.88 -15.73 -24.12
N LYS F 43 -21.56 -14.46 -24.39
CA LYS F 43 -22.10 -13.79 -25.58
C LYS F 43 -21.60 -14.43 -26.87
N ARG F 44 -20.30 -14.77 -26.93
CA ARG F 44 -19.79 -15.40 -28.14
C ARG F 44 -20.20 -16.85 -28.24
N SER F 45 -20.38 -17.54 -27.10
CA SER F 45 -20.90 -18.90 -27.15
C SER F 45 -22.34 -18.93 -27.65
N ILE F 46 -23.14 -17.94 -27.22
CA ILE F 46 -24.50 -17.81 -27.75
C ILE F 46 -24.45 -17.46 -29.23
N ARG F 47 -23.58 -16.53 -29.61
CA ARG F 47 -23.48 -16.09 -31.00
C ARG F 47 -23.06 -17.22 -31.92
N THR F 48 -22.10 -18.03 -31.49
CA THR F 48 -21.58 -19.12 -32.30
C THR F 48 -22.28 -20.45 -32.01
N SER F 49 -23.42 -20.42 -31.35
CA SER F 49 -24.15 -21.64 -31.04
C SER F 49 -24.88 -22.17 -32.27
N ASN F 50 -25.31 -23.43 -32.19
CA ASN F 50 -26.04 -24.04 -33.29
C ASN F 50 -27.46 -23.49 -33.41
N ASP F 51 -28.06 -23.10 -32.28
CA ASP F 51 -29.43 -22.59 -32.32
C ASP F 51 -29.50 -21.15 -32.82
N PHE F 52 -28.46 -20.36 -32.57
CA PHE F 52 -28.38 -18.99 -33.04
C PHE F 52 -27.67 -18.90 -34.38
N LYS F 53 -27.38 -20.03 -35.02
CA LYS F 53 -26.68 -20.05 -36.29
C LYS F 53 -27.50 -19.38 -37.40
N ALA F 54 -28.82 -19.56 -37.37
CA ALA F 54 -29.69 -19.06 -38.43
C ALA F 54 -29.77 -17.53 -38.44
N LEU F 55 -29.39 -16.86 -37.36
CA LEU F 55 -29.42 -15.41 -37.29
C LEU F 55 -28.03 -14.80 -37.20
N LEU F 56 -26.99 -15.59 -37.46
CA LEU F 56 -25.62 -15.11 -37.33
C LEU F 56 -25.24 -14.35 -38.59
N GLY F 57 -25.57 -13.06 -38.61
CA GLY F 57 -25.13 -12.16 -39.65
C GLY F 57 -24.15 -11.15 -39.07
N GLY F 58 -22.97 -11.11 -39.66
CA GLY F 58 -21.94 -10.21 -39.16
C GLY F 58 -20.58 -10.86 -39.12
N VAL F 59 -19.53 -10.04 -39.14
CA VAL F 59 -18.17 -10.56 -39.21
C VAL F 59 -17.36 -10.12 -38.00
N ARG F 60 -17.25 -8.80 -37.80
CA ARG F 60 -16.33 -8.20 -36.82
C ARG F 60 -14.91 -8.72 -37.05
N THR F 61 -14.37 -8.37 -38.21
CA THR F 61 -13.11 -8.92 -38.68
C THR F 61 -12.14 -7.80 -39.01
N ARG F 62 -10.89 -7.98 -38.61
CA ARG F 62 -9.81 -7.08 -39.02
C ARG F 62 -9.06 -7.62 -40.23
N ARG F 63 -9.67 -8.55 -40.97
CA ARG F 63 -9.15 -9.00 -42.25
C ARG F 63 -10.21 -8.80 -43.32
N LEU F 64 -10.87 -7.63 -43.30
CA LEU F 64 -11.93 -7.34 -44.25
C LEU F 64 -11.43 -7.27 -45.68
N ALA F 65 -10.14 -6.95 -45.88
CA ALA F 65 -9.58 -6.88 -47.23
C ALA F 65 -9.66 -8.23 -47.95
N ASP F 66 -9.36 -9.32 -47.22
CA ASP F 66 -9.51 -10.65 -47.79
C ASP F 66 -10.98 -10.98 -48.07
N LEU F 67 -11.88 -10.46 -47.23
CA LEU F 67 -13.32 -10.68 -47.46
C LEU F 67 -13.78 -9.99 -48.74
N ILE F 68 -13.24 -8.81 -49.03
CA ILE F 68 -13.48 -8.19 -50.34
C ILE F 68 -12.80 -8.99 -51.44
N GLN F 69 -11.65 -9.59 -51.14
CA GLN F 69 -10.81 -10.21 -52.16
C GLN F 69 -11.43 -11.48 -52.75
N GLN F 70 -12.38 -12.10 -52.05
CA GLN F 70 -12.77 -13.49 -52.30
C GLN F 70 -13.45 -13.75 -53.66
N GLU F 71 -13.46 -12.75 -54.55
CA GLU F 71 -13.82 -13.01 -55.94
C GLU F 71 -12.82 -13.93 -56.62
N ALA F 72 -13.21 -14.40 -57.81
CA ALA F 72 -12.25 -15.10 -58.67
C ALA F 72 -11.18 -14.15 -59.19
N GLY F 73 -11.54 -12.89 -59.45
CA GLY F 73 -10.55 -11.89 -59.81
C GLY F 73 -9.64 -11.61 -58.62
N GLU F 74 -8.33 -11.68 -58.86
CA GLU F 74 -7.33 -11.52 -57.82
C GLU F 74 -6.59 -10.19 -57.91
N THR F 75 -7.18 -9.20 -58.59
CA THR F 75 -6.51 -7.93 -58.84
C THR F 75 -7.14 -6.79 -58.06
N GLU F 76 -7.60 -7.05 -56.84
CA GLU F 76 -8.18 -5.99 -56.02
C GLU F 76 -7.77 -6.02 -54.55
N CYS F 77 -6.92 -6.96 -54.13
CA CYS F 77 -6.56 -7.07 -52.72
C CYS F 77 -5.32 -6.26 -52.38
N TRP F 78 -4.20 -6.55 -53.03
CA TRP F 78 -2.93 -5.97 -52.63
C TRP F 78 -2.87 -4.48 -52.91
N LYS F 79 -3.44 -4.04 -54.03
CA LYS F 79 -3.45 -2.62 -54.38
C LYS F 79 -4.73 -1.92 -53.93
N LYS F 80 -5.87 -2.37 -54.42
CA LYS F 80 -7.09 -1.57 -54.31
C LYS F 80 -7.68 -1.60 -52.91
N ALA F 81 -7.93 -2.79 -52.38
CA ALA F 81 -8.58 -2.91 -51.07
C ALA F 81 -7.71 -2.34 -49.97
N GLN F 82 -6.41 -2.64 -50.00
CA GLN F 82 -5.50 -2.14 -48.98
C GLN F 82 -5.42 -0.62 -48.99
N GLU F 83 -5.29 -0.02 -50.17
CA GLU F 83 -5.18 1.43 -50.26
C GLU F 83 -6.48 2.12 -49.88
N ILE F 84 -7.62 1.58 -50.31
CA ILE F 84 -8.91 2.19 -49.98
C ILE F 84 -9.17 2.09 -48.48
N LEU F 85 -8.88 0.93 -47.88
CA LEU F 85 -9.08 0.80 -46.44
C LEU F 85 -8.06 1.62 -45.64
N ASN F 86 -6.87 1.85 -46.20
CA ASN F 86 -5.91 2.75 -45.56
C ASN F 86 -6.40 4.18 -45.59
N LYS F 87 -6.96 4.60 -46.74
CA LYS F 87 -7.50 5.95 -46.87
C LYS F 87 -8.73 6.14 -46.00
N CYS F 88 -9.51 5.08 -45.78
CA CYS F 88 -10.70 5.17 -44.95
C CYS F 88 -10.34 5.41 -43.48
N GLY F 89 -9.17 4.95 -43.05
CA GLY F 89 -8.73 5.21 -41.69
C GLY F 89 -8.25 3.98 -40.94
N PHE F 90 -8.06 2.87 -41.65
CA PHE F 90 -7.56 1.64 -41.05
C PHE F 90 -6.20 1.33 -41.65
N LYS F 91 -5.15 1.50 -40.85
CA LYS F 91 -3.82 1.19 -41.33
C LYS F 91 -3.61 -0.32 -41.37
N ASN F 92 -2.55 -0.73 -42.07
CA ASN F 92 -2.21 -2.13 -42.24
C ASN F 92 -0.91 -2.43 -41.50
N LYS F 93 -0.94 -3.45 -40.65
CA LYS F 93 0.24 -3.96 -39.96
C LYS F 93 0.41 -5.38 -40.47
N ASP F 94 1.16 -5.53 -41.57
CA ASP F 94 1.36 -6.79 -42.28
C ASP F 94 0.00 -7.37 -42.72
N ASP F 95 -0.59 -6.65 -43.67
CA ASP F 95 -1.74 -7.07 -44.49
C ASP F 95 -2.97 -7.45 -43.68
N ASN F 96 -3.13 -6.90 -42.48
CA ASN F 96 -4.42 -6.93 -41.81
C ASN F 96 -4.76 -5.52 -41.33
N THR F 97 -6.04 -5.22 -41.28
CA THR F 97 -6.51 -3.83 -41.29
C THR F 97 -6.64 -3.22 -39.90
N LYS F 98 -6.04 -3.84 -38.88
CA LYS F 98 -5.94 -3.32 -37.51
C LYS F 98 -7.31 -3.16 -36.84
N MET F 99 -8.11 -2.22 -37.33
CA MET F 99 -9.45 -2.03 -36.79
C MET F 99 -10.32 -3.24 -37.07
N LEU F 100 -11.09 -3.67 -36.07
CA LEU F 100 -12.10 -4.70 -36.28
C LEU F 100 -13.37 -4.03 -36.79
N VAL F 101 -13.93 -4.58 -37.87
CA VAL F 101 -15.04 -3.97 -38.58
C VAL F 101 -16.28 -4.80 -38.30
N PHE F 102 -17.07 -4.37 -37.30
CA PHE F 102 -18.35 -5.00 -37.03
C PHE F 102 -19.38 -4.43 -37.99
N MET F 103 -19.92 -5.29 -38.86
CA MET F 103 -20.84 -4.84 -39.89
C MET F 103 -21.59 -6.04 -40.45
N SER F 104 -22.71 -5.75 -41.13
CA SER F 104 -23.58 -6.79 -41.63
C SER F 104 -22.88 -7.61 -42.71
N LYS F 105 -23.16 -8.92 -42.72
CA LYS F 105 -22.33 -9.83 -43.51
C LYS F 105 -22.71 -9.83 -44.98
N ASP F 106 -23.92 -10.28 -45.32
CA ASP F 106 -24.20 -10.69 -46.70
C ASP F 106 -24.27 -9.49 -47.64
N LYS F 107 -25.27 -8.63 -47.45
CA LYS F 107 -25.55 -7.60 -48.44
C LYS F 107 -24.48 -6.52 -48.45
N ILE F 108 -23.88 -6.23 -47.31
CA ILE F 108 -22.87 -5.17 -47.25
C ILE F 108 -21.56 -5.63 -47.87
N LYS F 109 -21.17 -6.89 -47.62
CA LYS F 109 -20.04 -7.46 -48.35
C LYS F 109 -20.29 -7.45 -49.84
N ASP F 110 -21.50 -7.84 -50.26
CA ASP F 110 -21.82 -7.83 -51.69
C ASP F 110 -21.73 -6.43 -52.28
N LEU F 111 -22.18 -5.42 -51.53
CA LEU F 111 -22.16 -4.05 -52.02
C LEU F 111 -20.76 -3.45 -52.03
N ALA F 112 -19.88 -3.93 -51.14
CA ALA F 112 -18.55 -3.33 -51.06
C ALA F 112 -17.67 -3.71 -52.25
N ARG F 113 -17.92 -4.85 -52.88
CA ARG F 113 -17.06 -5.27 -53.99
C ARG F 113 -17.35 -4.48 -55.26
N ILE F 114 -18.60 -4.06 -55.46
CA ILE F 114 -18.91 -3.21 -56.59
C ILE F 114 -18.28 -1.83 -56.44
N VAL F 115 -17.99 -1.41 -55.21
CA VAL F 115 -17.20 -0.21 -55.00
C VAL F 115 -15.75 -0.46 -55.42
N LEU F 116 -15.23 -1.66 -55.11
CA LEU F 116 -13.83 -2.00 -55.34
C LEU F 116 -13.58 -2.61 -56.71
N ASP F 117 -14.47 -2.38 -57.68
CA ASP F 117 -14.31 -2.93 -59.02
C ASP F 117 -14.32 -1.78 -60.03
N ASN F 118 -13.14 -1.21 -60.26
CA ASN F 118 -12.82 -0.27 -61.34
C ASN F 118 -13.50 1.09 -61.24
N SER F 119 -12.90 2.07 -61.92
CA SER F 119 -13.45 3.41 -62.16
C SER F 119 -13.67 4.23 -60.90
N LEU F 120 -14.10 5.49 -61.09
CA LEU F 120 -14.65 6.39 -60.09
C LEU F 120 -13.57 6.95 -59.15
N GLY F 121 -12.35 6.42 -59.22
CA GLY F 121 -11.22 7.02 -58.55
C GLY F 121 -11.19 6.91 -57.03
N LEU F 122 -10.03 7.23 -56.44
CA LEU F 122 -9.88 7.23 -55.01
C LEU F 122 -10.49 8.50 -54.41
N THR F 123 -10.62 8.49 -53.07
CA THR F 123 -11.20 9.56 -52.25
C THR F 123 -12.68 9.79 -52.55
N GLU F 124 -13.25 9.01 -53.44
CA GLU F 124 -14.67 8.94 -53.70
C GLU F 124 -15.22 7.53 -53.55
N ALA F 125 -14.44 6.51 -53.93
CA ALA F 125 -14.80 5.14 -53.62
C ALA F 125 -14.63 4.84 -52.14
N ALA F 126 -13.67 5.51 -51.50
CA ALA F 126 -13.55 5.41 -50.05
C ALA F 126 -14.79 5.95 -49.36
N GLN F 127 -15.40 7.00 -49.93
CA GLN F 127 -16.65 7.50 -49.41
C GLN F 127 -17.77 6.47 -49.54
N GLN F 128 -17.81 5.74 -50.66
CA GLN F 128 -18.81 4.68 -50.81
C GLN F 128 -18.56 3.55 -49.82
N VAL F 129 -17.30 3.21 -49.57
CA VAL F 129 -16.98 2.18 -48.58
C VAL F 129 -17.42 2.61 -47.19
N ALA F 130 -17.15 3.87 -46.83
CA ALA F 130 -17.58 4.38 -45.52
C ALA F 130 -19.10 4.43 -45.42
N ASN F 131 -19.77 4.82 -46.50
CA ASN F 131 -21.23 4.87 -46.50
C ASN F 131 -21.84 3.48 -46.34
N VAL F 132 -21.26 2.49 -47.01
CA VAL F 132 -21.82 1.14 -46.92
C VAL F 132 -21.47 0.49 -45.58
N ILE F 133 -20.34 0.88 -44.97
CA ILE F 133 -19.96 0.30 -43.69
C ILE F 133 -20.80 0.90 -42.56
N ALA F 134 -20.95 2.23 -42.55
CA ALA F 134 -21.70 2.89 -41.51
C ALA F 134 -23.20 2.58 -41.58
N GLN F 135 -23.70 2.17 -42.74
CA GLN F 135 -25.12 1.91 -42.93
C GLN F 135 -25.45 0.43 -42.93
N ALA F 136 -24.53 -0.44 -42.49
CA ALA F 136 -24.81 -1.87 -42.48
C ALA F 136 -25.95 -2.20 -41.51
N THR F 137 -25.67 -2.16 -40.20
CA THR F 137 -26.64 -1.92 -39.14
C THR F 137 -27.72 -3.01 -39.01
N LEU F 138 -27.84 -3.89 -39.99
CA LEU F 138 -29.01 -4.75 -40.13
C LEU F 138 -28.56 -6.20 -39.92
N ALA F 139 -28.54 -6.61 -38.65
CA ALA F 139 -28.17 -7.96 -38.26
C ALA F 139 -28.62 -8.16 -36.83
N PRO F 140 -29.06 -9.38 -36.46
CA PRO F 140 -29.54 -9.58 -35.09
C PRO F 140 -28.46 -9.46 -34.03
N ASP F 141 -27.27 -10.04 -34.27
CA ASP F 141 -26.23 -10.00 -33.26
C ASP F 141 -25.61 -8.60 -33.14
N ILE F 142 -25.61 -7.82 -34.22
CA ILE F 142 -25.21 -6.43 -34.11
C ILE F 142 -26.22 -5.65 -33.29
N ALA F 143 -27.50 -5.99 -33.44
CA ALA F 143 -28.55 -5.35 -32.64
C ALA F 143 -28.42 -5.70 -31.17
N LEU F 144 -28.03 -6.93 -30.86
CA LEU F 144 -27.89 -7.33 -29.47
C LEU F 144 -26.61 -6.78 -28.84
N CYS F 145 -25.47 -6.96 -29.51
CA CYS F 145 -24.18 -6.66 -28.91
C CYS F 145 -23.62 -5.29 -29.29
N GLY F 146 -24.36 -4.49 -30.05
CA GLY F 146 -23.86 -3.17 -30.41
C GLY F 146 -22.86 -3.21 -31.53
N ARG F 147 -22.19 -2.07 -31.73
CA ARG F 147 -21.27 -1.89 -32.84
C ARG F 147 -20.35 -0.72 -32.58
N MET F 148 -19.11 -0.83 -33.05
CA MET F 148 -18.25 0.33 -33.26
C MET F 148 -17.42 0.20 -34.52
N LEU F 149 -17.12 1.36 -35.11
CA LEU F 149 -15.98 1.51 -35.99
C LEU F 149 -15.61 3.00 -35.98
N GLU F 150 -14.56 3.34 -35.25
CA GLU F 150 -14.05 4.72 -35.25
C GLU F 150 -12.66 4.72 -35.84
N PRO F 151 -12.52 5.06 -37.13
CA PRO F 151 -11.22 4.93 -37.80
C PRO F 151 -10.26 6.02 -37.37
N ASN F 152 -8.99 5.81 -37.72
CA ASN F 152 -7.96 6.78 -37.40
C ASN F 152 -8.10 7.95 -38.37
N ASP F 153 -7.85 9.16 -37.86
CA ASP F 153 -8.01 10.37 -38.65
C ASP F 153 -6.70 10.93 -39.18
N LYS F 154 -5.55 10.45 -38.68
CA LYS F 154 -4.28 11.03 -39.11
C LYS F 154 -3.94 10.63 -40.54
N ASP F 155 -4.08 9.36 -40.89
CA ASP F 155 -3.76 8.90 -42.23
C ASP F 155 -4.88 9.20 -43.22
N LYS F 156 -6.13 9.26 -42.75
CA LYS F 156 -7.26 9.46 -43.63
C LYS F 156 -7.25 10.85 -44.24
N ASP F 157 -7.60 10.93 -45.52
CA ASP F 157 -7.69 12.22 -46.18
C ASP F 157 -8.88 13.01 -45.65
N LYS F 158 -8.78 14.34 -45.74
CA LYS F 158 -9.83 15.20 -45.22
C LYS F 158 -11.09 15.19 -46.10
N LYS F 159 -11.03 14.60 -47.29
CA LYS F 159 -12.16 14.59 -48.21
C LYS F 159 -13.16 13.46 -47.94
N VAL F 160 -12.88 12.59 -46.97
CA VAL F 160 -13.77 11.48 -46.63
C VAL F 160 -14.40 11.78 -45.28
N LYS F 161 -15.73 11.79 -45.23
CA LYS F 161 -16.48 12.07 -44.02
C LYS F 161 -17.24 10.82 -43.58
N TRP F 162 -17.38 10.68 -42.27
CA TRP F 162 -17.98 9.51 -41.67
C TRP F 162 -19.32 9.86 -41.02
N SER F 163 -20.30 8.98 -41.19
CA SER F 163 -21.57 9.13 -40.52
C SER F 163 -21.48 8.55 -39.11
N ASN F 164 -22.60 8.56 -38.39
CA ASN F 164 -22.64 8.01 -37.05
C ASN F 164 -22.64 6.48 -37.12
N THR F 165 -21.59 5.85 -36.62
CA THR F 165 -21.41 4.41 -36.70
C THR F 165 -21.86 3.68 -35.45
N THR F 166 -22.44 4.37 -34.48
CA THR F 166 -22.79 3.77 -33.19
C THR F 166 -24.14 3.09 -33.30
N VAL F 167 -24.19 1.81 -32.96
CA VAL F 167 -25.43 1.04 -32.86
C VAL F 167 -25.60 0.65 -31.39
N GLU F 168 -26.74 1.03 -30.82
CA GLU F 168 -27.00 0.77 -29.41
C GLU F 168 -27.28 -0.71 -29.18
N ALA F 169 -26.67 -1.26 -28.15
CA ALA F 169 -26.82 -2.68 -27.83
C ALA F 169 -28.14 -2.94 -27.13
N ALA F 170 -28.86 -3.97 -27.57
CA ALA F 170 -30.13 -4.35 -26.97
C ALA F 170 -30.00 -5.47 -25.97
N LEU F 171 -28.78 -5.94 -25.69
CA LEU F 171 -28.57 -7.08 -24.81
C LEU F 171 -27.58 -6.72 -23.71
N GLN F 172 -27.94 -7.03 -22.47
CA GLN F 172 -27.07 -6.84 -21.32
C GLN F 172 -26.84 -8.18 -20.65
N VAL F 173 -25.58 -8.59 -20.57
CA VAL F 173 -25.20 -9.88 -19.99
C VAL F 173 -24.31 -9.62 -18.78
N ALA F 174 -24.68 -10.18 -17.64
CA ALA F 174 -23.88 -10.10 -16.44
C ALA F 174 -22.90 -11.27 -16.39
N HIS F 175 -21.81 -11.07 -15.65
CA HIS F 175 -20.82 -12.12 -15.49
C HIS F 175 -21.39 -13.25 -14.63
N ALA F 176 -21.23 -14.48 -15.09
CA ALA F 176 -21.79 -15.64 -14.38
C ALA F 176 -20.98 -15.89 -13.12
N ILE F 177 -21.57 -15.61 -11.97
CA ILE F 177 -20.89 -15.74 -10.69
C ILE F 177 -21.35 -17.01 -9.99
N SER F 178 -20.48 -17.56 -9.16
CA SER F 178 -20.80 -18.76 -8.39
C SER F 178 -21.73 -18.43 -7.24
N THR F 179 -22.50 -19.43 -6.81
CA THR F 179 -23.39 -19.29 -5.67
C THR F 179 -22.73 -19.69 -4.35
N HIS F 180 -21.49 -20.18 -4.39
CA HIS F 180 -20.80 -20.64 -3.20
C HIS F 180 -19.35 -20.18 -3.27
N ILE F 181 -18.60 -20.48 -2.22
CA ILE F 181 -17.18 -20.12 -2.16
C ILE F 181 -16.42 -21.02 -3.14
N ALA F 182 -15.70 -20.41 -4.06
CA ALA F 182 -14.98 -21.16 -5.08
C ALA F 182 -13.82 -21.92 -4.47
N ARG F 183 -13.59 -23.14 -4.97
CA ARG F 183 -12.48 -23.98 -4.54
C ARG F 183 -11.59 -24.20 -5.75
N PRO F 184 -10.54 -23.38 -5.92
CA PRO F 184 -9.61 -23.62 -7.02
C PRO F 184 -8.77 -24.85 -6.75
N GLU F 185 -8.70 -25.74 -7.74
CA GLU F 185 -8.03 -27.01 -7.55
C GLU F 185 -7.01 -27.23 -8.67
N ILE F 186 -5.91 -27.88 -8.31
CA ILE F 186 -4.76 -28.03 -9.20
C ILE F 186 -4.62 -29.49 -9.57
N ASP F 187 -4.87 -29.79 -10.85
CA ASP F 187 -4.58 -31.10 -11.41
C ASP F 187 -3.12 -31.09 -11.84
N TYR F 188 -2.38 -32.13 -11.45
CA TYR F 188 -0.96 -32.22 -11.77
C TYR F 188 -0.83 -33.15 -12.97
N PHE F 189 -0.43 -32.62 -14.11
CA PHE F 189 -0.35 -33.44 -15.30
C PHE F 189 1.10 -33.75 -15.66
N VAL F 190 1.30 -34.95 -16.22
CA VAL F 190 2.58 -35.43 -16.71
C VAL F 190 2.36 -35.96 -18.11
N ALA F 191 3.14 -35.47 -19.07
CA ALA F 191 3.08 -35.98 -20.43
C ALA F 191 4.17 -37.02 -20.60
N ALA F 192 3.78 -38.22 -21.01
CA ALA F 192 4.67 -39.37 -21.05
C ALA F 192 5.18 -39.59 -22.46
N ASP F 193 6.50 -39.74 -22.58
CA ASP F 193 7.11 -40.01 -23.87
C ASP F 193 6.87 -41.47 -24.26
N ASP F 194 6.44 -41.68 -25.50
CA ASP F 194 6.10 -43.03 -25.94
C ASP F 194 7.34 -43.89 -26.16
N VAL F 195 8.43 -43.29 -26.64
CA VAL F 195 9.64 -44.05 -26.95
C VAL F 195 10.51 -44.17 -25.70
N PRO F 196 10.89 -45.38 -25.29
CA PRO F 196 11.76 -45.57 -24.12
C PRO F 196 13.25 -45.55 -24.47
N GLY F 197 13.70 -44.48 -25.13
CA GLY F 197 15.09 -44.39 -25.50
C GLY F 197 16.02 -43.95 -24.41
N GLU F 198 15.51 -43.67 -23.22
CA GLU F 198 16.31 -43.22 -22.10
C GLU F 198 15.64 -43.79 -20.85
N ASP F 199 16.09 -43.37 -19.66
CA ASP F 199 15.51 -43.85 -18.42
C ASP F 199 14.06 -43.38 -18.28
N ALA F 200 13.41 -43.87 -17.23
CA ALA F 200 11.97 -43.68 -17.11
C ALA F 200 11.61 -42.24 -16.73
N GLY F 201 11.91 -41.30 -17.62
CA GLY F 201 11.45 -39.93 -17.48
C GLY F 201 10.05 -39.78 -18.06
N ALA F 202 9.60 -38.53 -18.15
CA ALA F 202 8.26 -38.27 -18.66
C ALA F 202 8.29 -37.51 -19.98
N GLY F 203 8.90 -36.33 -20.02
CA GLY F 203 8.60 -35.38 -21.06
C GLY F 203 8.26 -34.03 -20.46
N HIS F 204 7.00 -33.61 -20.59
CA HIS F 204 6.56 -32.35 -19.99
C HIS F 204 5.74 -32.61 -18.73
N ILE F 205 6.01 -31.81 -17.70
CA ILE F 205 5.33 -31.88 -16.41
C ILE F 205 4.79 -30.49 -16.09
N GLY F 206 3.53 -30.43 -15.65
CA GLY F 206 3.00 -29.13 -15.31
C GLY F 206 1.74 -29.21 -14.48
N GLU F 207 1.16 -28.04 -14.24
CA GLU F 207 -0.09 -27.91 -13.51
C GLU F 207 -1.17 -27.38 -14.44
N SER F 208 -2.34 -28.01 -14.39
CA SER F 208 -3.56 -27.44 -14.93
C SER F 208 -4.44 -27.07 -13.75
N MET F 209 -5.24 -26.04 -13.90
CA MET F 209 -6.11 -25.62 -12.81
C MET F 209 -7.57 -25.65 -13.26
N PHE F 210 -8.45 -25.97 -12.31
CA PHE F 210 -9.86 -26.15 -12.61
C PHE F 210 -10.67 -25.86 -11.36
N ALA F 211 -12.00 -25.80 -11.55
CA ALA F 211 -12.92 -25.57 -10.45
C ALA F 211 -14.28 -26.10 -10.84
N SER F 212 -15.12 -26.30 -9.83
CA SER F 212 -16.51 -26.66 -10.02
C SER F 212 -17.38 -25.66 -9.29
N ALA F 213 -18.47 -25.23 -9.93
CA ALA F 213 -19.27 -24.17 -9.35
C ALA F 213 -20.71 -24.28 -9.83
N CYS F 214 -21.61 -23.70 -9.03
CA CYS F 214 -22.99 -23.47 -9.42
C CYS F 214 -23.13 -21.99 -9.77
N PHE F 215 -23.40 -21.72 -11.05
CA PHE F 215 -23.37 -20.38 -11.58
C PHE F 215 -24.77 -19.80 -11.70
N TYR F 216 -24.87 -18.50 -11.40
CA TYR F 216 -26.08 -17.72 -11.66
C TYR F 216 -25.80 -16.84 -12.87
N LYS F 217 -26.58 -17.02 -13.92
CA LYS F 217 -26.44 -16.27 -15.15
C LYS F 217 -27.61 -15.31 -15.30
N TYR F 218 -27.34 -14.13 -15.84
CA TYR F 218 -28.35 -13.08 -15.98
C TYR F 218 -28.28 -12.48 -17.37
N PHE F 219 -29.42 -12.44 -18.06
CA PHE F 219 -29.53 -11.83 -19.37
C PHE F 219 -30.72 -10.88 -19.40
N SER F 220 -30.54 -9.75 -20.07
CA SER F 220 -31.60 -8.75 -20.24
C SER F 220 -31.68 -8.35 -21.70
N ILE F 221 -32.88 -8.41 -22.27
CA ILE F 221 -33.13 -8.03 -23.66
C ILE F 221 -34.17 -6.92 -23.66
N ASP F 222 -33.85 -5.82 -24.32
CA ASP F 222 -34.77 -4.70 -24.51
C ASP F 222 -35.55 -4.93 -25.80
N TRP F 223 -36.87 -5.07 -25.67
CA TRP F 223 -37.69 -5.40 -26.84
C TRP F 223 -37.78 -4.22 -27.80
N GLU F 224 -38.02 -3.02 -27.28
CA GLU F 224 -38.18 -1.86 -28.16
C GLU F 224 -36.85 -1.47 -28.80
N GLN F 225 -35.74 -1.63 -28.09
CA GLN F 225 -34.43 -1.34 -28.69
C GLN F 225 -34.11 -2.35 -29.79
N LEU F 226 -34.48 -3.61 -29.58
CA LEU F 226 -34.32 -4.62 -30.62
C LEU F 226 -35.19 -4.30 -31.84
N VAL F 227 -36.43 -3.86 -31.61
CA VAL F 227 -37.32 -3.50 -32.71
C VAL F 227 -36.76 -2.31 -33.49
N LYS F 228 -36.25 -1.31 -32.78
CA LYS F 228 -35.66 -0.14 -33.43
C LYS F 228 -34.38 -0.50 -34.19
N ASN F 229 -33.58 -1.42 -33.65
CA ASN F 229 -32.28 -1.72 -34.24
C ASN F 229 -32.41 -2.51 -35.53
N LEU F 230 -33.39 -3.41 -35.61
CA LEU F 230 -33.68 -4.10 -36.87
C LEU F 230 -34.61 -3.30 -37.78
N LYS F 231 -34.78 -2.00 -37.51
CA LYS F 231 -35.57 -1.09 -38.34
C LYS F 231 -37.02 -1.55 -38.48
N GLY F 232 -37.58 -2.07 -37.39
CA GLY F 232 -38.99 -2.39 -37.34
C GLY F 232 -39.38 -3.80 -37.73
N ASP F 233 -38.41 -4.68 -38.00
CA ASP F 233 -38.74 -6.07 -38.32
C ASP F 233 -39.08 -6.78 -37.02
N THR F 234 -40.37 -6.89 -36.74
CA THR F 234 -40.84 -7.42 -35.46
C THR F 234 -40.67 -8.94 -35.40
N ASN F 235 -40.92 -9.64 -36.51
CA ASN F 235 -40.73 -11.08 -36.55
C ASN F 235 -39.26 -11.45 -36.34
N LEU F 236 -38.34 -10.66 -36.92
CA LEU F 236 -36.92 -10.90 -36.69
C LEU F 236 -36.56 -10.73 -35.22
N ALA F 237 -37.12 -9.72 -34.55
CA ALA F 237 -36.86 -9.52 -33.13
C ALA F 237 -37.40 -10.67 -32.29
N ALA F 238 -38.60 -11.16 -32.62
CA ALA F 238 -39.16 -12.28 -31.87
C ALA F 238 -38.35 -13.55 -32.08
N HIS F 239 -37.91 -13.79 -33.32
CA HIS F 239 -37.05 -14.94 -33.61
C HIS F 239 -35.73 -14.83 -32.86
N THR F 240 -35.17 -13.62 -32.81
CA THR F 240 -33.93 -13.40 -32.07
C THR F 240 -34.10 -13.69 -30.59
N VAL F 241 -35.20 -13.24 -30.00
CA VAL F 241 -35.46 -13.48 -28.58
C VAL F 241 -35.62 -14.97 -28.31
N GLY F 242 -36.38 -15.66 -29.15
CA GLY F 242 -36.58 -17.10 -28.95
C GLY F 242 -35.30 -17.90 -29.11
N ALA F 243 -34.51 -17.58 -30.15
CA ALA F 243 -33.25 -18.28 -30.36
C ALA F 243 -32.24 -17.96 -29.27
N PHE F 244 -32.27 -16.73 -28.74
CA PHE F 244 -31.40 -16.39 -27.61
C PHE F 244 -31.78 -17.19 -26.37
N LEU F 245 -33.07 -17.33 -26.11
CA LEU F 245 -33.52 -18.12 -24.97
C LEU F 245 -33.13 -19.59 -25.12
N LEU F 246 -33.23 -20.12 -26.34
CA LEU F 246 -32.81 -21.50 -26.58
C LEU F 246 -31.30 -21.67 -26.44
N ALA F 247 -30.52 -20.73 -26.98
CA ALA F 247 -29.07 -20.85 -26.99
C ALA F 247 -28.45 -20.59 -25.64
N ALA F 248 -29.08 -19.76 -24.80
CA ALA F 248 -28.56 -19.54 -23.46
C ALA F 248 -28.66 -20.80 -22.61
N ALA F 249 -29.66 -21.63 -22.86
CA ALA F 249 -29.84 -22.86 -22.10
C ALA F 249 -29.09 -24.04 -22.72
N LYS F 250 -29.09 -24.17 -24.04
CA LYS F 250 -28.57 -25.38 -24.66
C LYS F 250 -27.10 -25.30 -25.06
N THR F 251 -26.44 -24.18 -24.84
CA THR F 251 -25.05 -24.02 -25.28
C THR F 251 -24.19 -23.52 -24.11
N ASN F 252 -23.07 -24.20 -23.89
CA ASN F 252 -22.13 -23.93 -22.83
C ASN F 252 -20.88 -23.25 -23.37
N PRO F 253 -20.10 -22.57 -22.51
CA PRO F 253 -18.84 -21.97 -22.97
C PRO F 253 -17.87 -23.01 -23.50
N SER F 254 -17.04 -22.57 -24.45
CA SER F 254 -16.18 -23.44 -25.25
C SER F 254 -14.74 -23.42 -24.77
N GLY F 255 -14.51 -23.44 -23.46
CA GLY F 255 -13.17 -23.48 -22.92
C GLY F 255 -12.55 -24.86 -23.04
N LYS F 256 -11.87 -25.33 -22.01
CA LYS F 256 -11.22 -26.64 -22.09
C LYS F 256 -12.25 -27.76 -22.01
N GLN F 257 -13.13 -27.86 -23.00
CA GLN F 257 -14.15 -28.90 -23.00
C GLN F 257 -13.63 -30.23 -23.52
N ASN F 258 -12.48 -30.23 -24.21
CA ASN F 258 -11.91 -31.49 -24.68
C ASN F 258 -11.37 -32.33 -23.54
N SER F 259 -10.85 -31.68 -22.49
CA SER F 259 -10.34 -32.39 -21.32
C SER F 259 -11.22 -32.24 -20.09
N PHE F 260 -12.10 -31.24 -20.05
CA PHE F 260 -13.01 -31.01 -18.94
C PHE F 260 -14.40 -30.83 -19.54
N ALA F 261 -15.13 -31.93 -19.74
CA ALA F 261 -16.44 -31.86 -20.37
C ALA F 261 -17.46 -31.43 -19.33
N ALA F 262 -18.05 -30.24 -19.52
CA ALA F 262 -19.00 -29.67 -18.57
C ALA F 262 -20.28 -29.26 -19.29
N HIS F 263 -20.82 -30.18 -20.09
CA HIS F 263 -22.06 -29.93 -20.83
C HIS F 263 -23.27 -30.21 -19.94
N ASN F 264 -23.39 -29.40 -18.90
CA ASN F 264 -24.45 -29.55 -17.91
C ASN F 264 -25.55 -28.55 -18.22
N TYR F 265 -26.75 -29.06 -18.51
CA TYR F 265 -27.87 -28.19 -18.82
C TYR F 265 -28.36 -27.47 -17.56
N PRO F 266 -28.91 -26.27 -17.71
CA PRO F 266 -29.44 -25.55 -16.54
C PRO F 266 -30.69 -26.25 -16.02
N ASP F 267 -30.77 -26.37 -14.70
CA ASP F 267 -31.91 -26.98 -14.05
C ASP F 267 -32.77 -25.97 -13.29
N GLY F 268 -32.63 -24.69 -13.60
CA GLY F 268 -33.61 -23.69 -13.22
C GLY F 268 -33.51 -22.44 -14.09
N ILE F 269 -34.61 -22.05 -14.73
CA ILE F 269 -34.64 -20.88 -15.61
C ILE F 269 -35.87 -20.05 -15.25
N LEU F 270 -35.64 -18.80 -14.87
CA LEU F 270 -36.73 -17.87 -14.54
C LEU F 270 -36.75 -16.78 -15.60
N VAL F 271 -37.85 -16.67 -16.32
CA VAL F 271 -38.00 -15.66 -17.37
C VAL F 271 -39.10 -14.70 -16.95
N GLU F 272 -38.76 -13.43 -16.82
CA GLU F 272 -39.69 -12.42 -16.37
C GLU F 272 -39.80 -11.30 -17.39
N PHE F 273 -40.96 -10.67 -17.43
CA PHE F 273 -41.20 -9.53 -18.31
C PHE F 273 -41.47 -8.30 -17.46
N LYS F 274 -40.65 -7.27 -17.65
CA LYS F 274 -40.79 -6.06 -16.84
C LYS F 274 -40.17 -4.89 -17.57
N ASN F 275 -40.65 -3.69 -17.22
CA ASN F 275 -40.18 -2.46 -17.84
C ASN F 275 -38.87 -1.94 -17.25
N SER F 276 -38.42 -2.49 -16.13
CA SER F 276 -37.18 -2.08 -15.49
C SER F 276 -36.36 -3.31 -15.15
N PRO F 277 -35.02 -3.19 -15.15
CA PRO F 277 -34.18 -4.35 -14.90
C PRO F 277 -33.79 -4.56 -13.44
N ILE F 278 -33.84 -5.82 -13.01
CA ILE F 278 -33.27 -6.24 -11.74
C ILE F 278 -32.45 -7.50 -11.97
N SER F 279 -31.44 -7.69 -11.13
CA SER F 279 -30.63 -8.89 -11.12
C SER F 279 -30.71 -9.54 -9.74
N TYR F 280 -31.08 -10.81 -9.71
CA TYR F 280 -31.19 -11.53 -8.44
C TYR F 280 -29.87 -12.17 -8.06
N ALA F 281 -28.79 -11.39 -8.08
CA ALA F 281 -27.49 -11.87 -7.65
C ALA F 281 -27.24 -11.62 -6.17
N ASN F 282 -28.01 -10.73 -5.54
CA ASN F 282 -27.85 -10.47 -4.13
C ASN F 282 -28.41 -11.58 -3.25
N ALA F 283 -29.08 -12.57 -3.84
CA ALA F 283 -29.46 -13.76 -3.11
C ALA F 283 -28.23 -14.51 -2.62
N PHE F 284 -27.19 -14.56 -3.45
CA PHE F 284 -25.97 -15.31 -3.16
C PHE F 284 -24.86 -14.44 -2.60
N VAL F 285 -25.22 -13.35 -1.92
CA VAL F 285 -24.23 -12.67 -1.07
C VAL F 285 -23.78 -13.61 0.03
N ARG F 286 -24.71 -14.37 0.59
CA ARG F 286 -24.35 -15.49 1.46
C ARG F 286 -24.09 -16.72 0.62
N PRO F 287 -22.85 -17.22 0.57
CA PRO F 287 -22.57 -18.41 -0.24
C PRO F 287 -23.29 -19.64 0.30
N VAL F 288 -23.66 -20.51 -0.62
CA VAL F 288 -24.48 -21.66 -0.28
C VAL F 288 -23.60 -22.71 0.40
N SER F 289 -23.99 -23.11 1.60
CA SER F 289 -23.32 -24.17 2.34
C SER F 289 -24.16 -25.43 2.24
N VAL F 290 -23.53 -26.54 1.89
CA VAL F 290 -24.25 -27.79 1.65
C VAL F 290 -24.48 -28.49 2.99
N VAL F 291 -25.74 -28.76 3.29
CA VAL F 291 -26.13 -29.55 4.45
C VAL F 291 -26.34 -30.98 3.97
N LYS F 292 -26.31 -31.94 4.90
CA LYS F 292 -26.21 -33.35 4.55
C LYS F 292 -27.43 -33.86 3.78
N GLU F 293 -28.64 -33.43 4.15
CA GLU F 293 -29.83 -34.03 3.57
C GLU F 293 -30.17 -33.48 2.19
N SER F 294 -29.56 -32.39 1.77
CA SER F 294 -29.94 -31.72 0.53
C SER F 294 -28.74 -31.58 -0.40
N ASP F 295 -28.96 -30.91 -1.52
CA ASP F 295 -27.93 -30.66 -2.51
C ASP F 295 -27.72 -29.17 -2.69
N LEU F 296 -26.62 -28.83 -3.39
CA LEU F 296 -26.26 -27.44 -3.63
C LEU F 296 -27.28 -26.74 -4.53
N VAL F 297 -27.77 -27.44 -5.55
CA VAL F 297 -28.72 -26.84 -6.49
C VAL F 297 -30.02 -26.49 -5.80
N GLU F 298 -30.53 -27.39 -4.96
CA GLU F 298 -31.79 -27.14 -4.25
C GLU F 298 -31.67 -25.94 -3.31
N GLN F 299 -30.54 -25.84 -2.59
CA GLN F 299 -30.37 -24.72 -1.67
C GLN F 299 -30.17 -23.41 -2.43
N SER F 300 -29.48 -23.45 -3.57
CA SER F 300 -29.32 -22.26 -4.39
C SER F 300 -30.67 -21.79 -4.94
N ILE F 301 -31.50 -22.72 -5.39
CA ILE F 301 -32.82 -22.36 -5.89
C ILE F 301 -33.71 -21.87 -4.77
N GLY F 302 -33.57 -22.42 -3.55
CA GLY F 302 -34.32 -21.92 -2.42
C GLY F 302 -33.94 -20.50 -2.03
N GLN F 303 -32.64 -20.20 -2.04
CA GLN F 303 -32.20 -18.83 -1.79
C GLN F 303 -32.69 -17.88 -2.89
N LEU F 304 -32.66 -18.34 -4.13
CA LEU F 304 -33.16 -17.54 -5.25
C LEU F 304 -34.66 -17.27 -5.09
N SER F 305 -35.43 -18.29 -4.69
CA SER F 305 -36.86 -18.12 -4.49
C SER F 305 -37.16 -17.16 -3.35
N ASN F 306 -36.39 -17.25 -2.26
CA ASN F 306 -36.56 -16.32 -1.15
C ASN F 306 -36.30 -14.89 -1.59
N TYR F 307 -35.22 -14.66 -2.33
CA TYR F 307 -34.91 -13.31 -2.76
C TYR F 307 -35.91 -12.80 -3.79
N VAL F 308 -36.39 -13.68 -4.67
CA VAL F 308 -37.38 -13.27 -5.66
C VAL F 308 -38.68 -12.87 -4.98
N ASN F 309 -39.11 -13.66 -3.99
CA ASN F 309 -40.32 -13.32 -3.23
C ASN F 309 -40.14 -11.99 -2.49
N ASP F 310 -38.97 -11.78 -1.89
CA ASP F 310 -38.72 -10.54 -1.16
C ASP F 310 -38.71 -9.33 -2.08
N ILE F 311 -38.07 -9.46 -3.26
CA ILE F 311 -38.03 -8.35 -4.21
C ILE F 311 -39.43 -8.04 -4.73
N ARG F 312 -40.20 -9.07 -5.07
CA ARG F 312 -41.54 -8.86 -5.61
C ARG F 312 -42.48 -8.26 -4.57
N LEU F 313 -42.38 -8.70 -3.32
CA LEU F 313 -43.23 -8.13 -2.29
C LEU F 313 -42.74 -6.78 -1.79
N GLY F 314 -41.49 -6.42 -2.03
CA GLY F 314 -40.97 -5.18 -1.51
C GLY F 314 -40.78 -4.06 -2.53
N TYR F 315 -40.96 -4.35 -3.81
CA TYR F 315 -40.73 -3.29 -4.78
C TYR F 315 -41.96 -2.93 -5.61
N TYR F 316 -42.76 -3.91 -6.04
CA TYR F 316 -43.99 -3.57 -6.75
C TYR F 316 -44.98 -4.72 -6.63
N ASP F 317 -46.23 -4.38 -6.29
CA ASP F 317 -47.31 -5.34 -6.26
C ASP F 317 -48.52 -4.91 -7.08
N GLU F 318 -48.57 -3.67 -7.56
CA GLU F 318 -49.69 -3.19 -8.36
C GLU F 318 -49.20 -2.64 -9.69
N GLN F 319 -50.11 -2.03 -10.47
CA GLN F 319 -49.85 -1.51 -11.81
C GLN F 319 -49.25 -2.59 -12.71
N SER F 320 -47.96 -2.49 -12.97
CA SER F 320 -47.28 -3.57 -13.69
C SER F 320 -47.11 -4.76 -12.76
N PRO F 321 -47.65 -5.93 -13.10
CA PRO F 321 -47.63 -7.06 -12.17
C PRO F 321 -46.44 -8.01 -12.32
N VAL F 322 -45.59 -7.80 -13.32
CA VAL F 322 -44.39 -8.59 -13.60
C VAL F 322 -44.74 -10.07 -13.79
N ILE F 323 -44.97 -10.46 -15.03
CA ILE F 323 -45.31 -11.84 -15.36
C ILE F 323 -44.03 -12.66 -15.46
N GLY F 324 -43.98 -13.76 -14.72
CA GLY F 324 -42.81 -14.62 -14.68
C GLY F 324 -43.16 -16.06 -14.97
N PHE F 325 -42.20 -16.77 -15.55
CA PHE F 325 -42.33 -18.19 -15.89
C PHE F 325 -41.15 -18.92 -15.31
N TRP F 326 -41.40 -20.05 -14.66
CA TRP F 326 -40.37 -20.84 -14.02
C TRP F 326 -40.24 -22.19 -14.72
N PHE F 327 -39.04 -22.49 -15.22
CA PHE F 327 -38.78 -23.72 -15.93
C PHE F 327 -37.79 -24.56 -15.14
N SER F 328 -38.16 -25.81 -14.90
CA SER F 328 -37.30 -26.84 -14.35
C SER F 328 -37.47 -28.08 -15.21
N PRO F 329 -36.41 -28.91 -15.34
CA PRO F 329 -36.54 -30.11 -16.17
C PRO F 329 -37.48 -31.13 -15.54
N ASN F 330 -38.67 -31.29 -16.15
CA ASN F 330 -39.73 -32.15 -15.65
C ASN F 330 -40.15 -31.79 -14.23
N ASN F 331 -40.06 -30.49 -13.89
CA ASN F 331 -40.36 -29.97 -12.57
C ASN F 331 -39.57 -30.68 -11.48
N ARG F 332 -38.29 -30.93 -11.76
CA ARG F 332 -37.42 -31.60 -10.81
C ARG F 332 -37.19 -30.74 -9.58
N TYR F 333 -37.04 -29.44 -9.76
CA TYR F 333 -36.84 -28.51 -8.66
C TYR F 333 -37.95 -27.48 -8.65
N PRO F 334 -38.89 -27.56 -7.70
CA PRO F 334 -39.86 -26.47 -7.56
C PRO F 334 -39.20 -25.19 -7.10
N LEU F 335 -39.77 -24.07 -7.53
CA LEU F 335 -39.25 -22.76 -7.16
C LEU F 335 -39.79 -22.44 -5.77
N GLY F 336 -39.08 -22.95 -4.76
CA GLY F 336 -39.47 -22.72 -3.38
C GLY F 336 -40.55 -23.66 -2.90
N TYR F 337 -40.35 -24.26 -1.73
CA TYR F 337 -41.35 -25.12 -1.10
C TYR F 337 -42.30 -24.32 -0.23
N LYS F 338 -42.10 -23.01 -0.11
CA LYS F 338 -42.99 -22.13 0.61
C LYS F 338 -44.17 -21.73 -0.27
N HIS F 339 -44.98 -20.75 0.16
CA HIS F 339 -46.21 -20.37 -0.53
C HIS F 339 -45.98 -20.09 -2.02
N SER F 340 -46.86 -20.65 -2.84
CA SER F 340 -46.71 -20.70 -4.28
C SER F 340 -47.13 -19.40 -4.96
N LYS F 341 -47.35 -19.47 -6.28
CA LYS F 341 -47.78 -18.35 -7.11
C LYS F 341 -46.71 -17.25 -7.18
N LEU F 342 -45.45 -17.63 -7.00
CA LEU F 342 -44.36 -16.70 -7.27
C LEU F 342 -44.14 -16.56 -8.77
N ALA F 343 -44.30 -17.65 -9.51
CA ALA F 343 -44.23 -17.64 -10.96
C ALA F 343 -45.59 -17.99 -11.53
N SER F 344 -46.00 -17.26 -12.56
CA SER F 344 -47.34 -17.43 -13.12
C SER F 344 -47.52 -18.78 -13.80
N ARG F 345 -46.44 -19.42 -14.22
CA ARG F 345 -46.54 -20.73 -14.85
C ARG F 345 -45.28 -21.53 -14.55
N ASN F 346 -45.45 -22.70 -13.94
CA ASN F 346 -44.37 -23.65 -13.72
C ASN F 346 -44.34 -24.57 -14.93
N ILE F 347 -43.49 -24.26 -15.89
CA ILE F 347 -43.39 -24.96 -17.17
C ILE F 347 -42.34 -26.06 -17.04
N GLY F 348 -42.68 -27.25 -17.51
CA GLY F 348 -41.77 -28.38 -17.42
C GLY F 348 -41.05 -28.69 -18.71
N ASN F 349 -41.03 -27.76 -19.65
CA ASN F 349 -40.36 -27.98 -20.93
C ASN F 349 -39.82 -26.65 -21.44
N LEU F 350 -38.67 -26.73 -22.12
CA LEU F 350 -38.00 -25.53 -22.59
C LEU F 350 -38.71 -24.94 -23.82
N ASN F 351 -39.16 -25.80 -24.73
CA ASN F 351 -39.86 -25.31 -25.91
C ASN F 351 -41.18 -24.66 -25.55
N GLU F 352 -41.87 -25.21 -24.55
CA GLU F 352 -43.08 -24.57 -24.06
C GLU F 352 -42.79 -23.24 -23.38
N LEU F 353 -41.63 -23.12 -22.71
CA LEU F 353 -41.22 -21.84 -22.16
C LEU F 353 -40.96 -20.81 -23.25
N VAL F 354 -40.33 -21.23 -24.34
CA VAL F 354 -40.10 -20.35 -25.49
C VAL F 354 -41.44 -19.93 -26.09
N GLY F 355 -42.36 -20.87 -26.23
CA GLY F 355 -43.67 -20.56 -26.76
C GLY F 355 -44.46 -19.59 -25.89
N ALA F 356 -44.39 -19.79 -24.56
CA ALA F 356 -45.07 -18.88 -23.64
C ALA F 356 -44.46 -17.49 -23.66
N VAL F 357 -43.13 -17.40 -23.74
CA VAL F 357 -42.45 -16.11 -23.82
C VAL F 357 -42.85 -15.38 -25.09
N LEU F 358 -42.83 -16.08 -26.22
CA LEU F 358 -43.21 -15.46 -27.48
C LEU F 358 -44.70 -15.11 -27.52
N ASP F 359 -45.53 -15.87 -26.80
CA ASP F 359 -46.94 -15.54 -26.69
C ASP F 359 -47.14 -14.27 -25.89
N TYR F 360 -46.37 -14.09 -24.81
CA TYR F 360 -46.51 -12.86 -24.04
C TYR F 360 -45.91 -11.67 -24.76
N ILE F 361 -44.94 -11.89 -25.64
CA ILE F 361 -44.36 -10.80 -26.43
C ILE F 361 -45.33 -10.26 -27.46
N GLY F 362 -46.47 -10.92 -27.66
CA GLY F 362 -47.42 -10.46 -28.67
C GLY F 362 -47.91 -11.53 -29.63
N GLY F 363 -47.92 -12.78 -29.19
CA GLY F 363 -48.62 -13.81 -29.92
C GLY F 363 -47.88 -14.39 -31.10
N PHE F 364 -46.56 -14.34 -31.09
CA PHE F 364 -45.77 -14.91 -32.18
C PHE F 364 -45.61 -16.41 -31.93
N LYS F 365 -46.15 -17.23 -32.83
CA LYS F 365 -45.87 -18.65 -32.74
C LYS F 365 -44.44 -18.91 -33.21
N TRP F 366 -43.86 -19.99 -32.69
CA TRP F 366 -42.47 -20.31 -32.98
C TRP F 366 -42.25 -20.70 -34.44
N GLU F 367 -43.30 -21.11 -35.15
CA GLU F 367 -43.12 -21.63 -36.50
C GLU F 367 -42.83 -20.52 -37.51
N GLU F 368 -43.63 -19.46 -37.53
CA GLU F 368 -43.46 -18.45 -38.57
C GLU F 368 -42.46 -17.36 -38.21
N VAL F 369 -41.98 -17.31 -36.97
CA VAL F 369 -40.85 -16.43 -36.69
C VAL F 369 -39.55 -17.04 -37.20
N GLN F 370 -39.50 -18.36 -37.36
CA GLN F 370 -38.33 -19.02 -37.91
C GLN F 370 -38.08 -18.66 -39.37
N LYS F 371 -39.11 -18.23 -40.09
CA LYS F 371 -38.98 -17.86 -41.49
C LYS F 371 -38.49 -16.43 -41.69
N SER F 372 -38.30 -15.69 -40.60
CA SER F 372 -37.78 -14.32 -40.72
C SER F 372 -36.35 -14.30 -41.27
N LYS F 373 -35.51 -15.20 -40.80
CA LYS F 373 -34.15 -15.33 -41.33
C LYS F 373 -33.63 -16.75 -41.18
N MET G 1 -24.37 -35.54 -35.53
CA MET G 1 -24.84 -36.47 -34.51
C MET G 1 -23.70 -36.78 -33.53
N LEU G 2 -24.02 -36.76 -32.25
CA LEU G 2 -23.04 -36.85 -31.18
C LEU G 2 -23.22 -38.16 -30.42
N ILE G 3 -22.12 -38.91 -30.27
CA ILE G 3 -22.13 -40.17 -29.54
C ILE G 3 -21.74 -39.90 -28.10
N GLU G 4 -22.53 -40.42 -27.16
CA GLU G 4 -22.34 -40.16 -25.74
C GLU G 4 -22.32 -41.46 -24.98
N ILE G 5 -21.27 -41.64 -24.17
CA ILE G 5 -21.12 -42.82 -23.33
C ILE G 5 -21.09 -42.36 -21.88
N HIS G 6 -22.01 -42.86 -21.07
CA HIS G 6 -22.03 -42.64 -19.63
C HIS G 6 -21.85 -44.00 -18.96
N MET G 7 -20.96 -44.07 -17.98
CA MET G 7 -20.67 -45.34 -17.33
C MET G 7 -20.65 -45.17 -15.82
N ILE G 8 -21.25 -46.15 -15.14
CA ILE G 8 -21.20 -46.28 -13.70
C ILE G 8 -20.40 -47.53 -13.38
N GLN G 9 -19.33 -47.36 -12.59
CA GLN G 9 -18.35 -48.41 -12.33
C GLN G 9 -17.86 -48.31 -10.89
N ASN G 10 -18.02 -49.37 -10.12
CA ASN G 10 -17.54 -49.39 -8.74
C ASN G 10 -16.18 -50.08 -8.71
N HIS G 11 -15.19 -49.39 -8.15
CA HIS G 11 -13.83 -49.89 -8.04
C HIS G 11 -13.57 -50.41 -6.64
N SER G 12 -12.70 -51.43 -6.56
CA SER G 12 -12.20 -51.91 -5.29
C SER G 12 -11.25 -50.86 -4.70
N PRO G 13 -10.98 -50.94 -3.37
CA PRO G 13 -9.99 -50.02 -2.76
C PRO G 13 -8.65 -49.98 -3.48
N ALA G 14 -8.31 -48.82 -4.02
CA ALA G 14 -7.11 -48.69 -4.85
C ALA G 14 -6.66 -47.23 -4.85
N ASN G 15 -5.58 -46.97 -5.59
CA ASN G 15 -5.08 -45.62 -5.84
C ASN G 15 -4.78 -45.55 -7.34
N LEU G 16 -5.81 -45.24 -8.14
CA LEU G 16 -5.66 -45.28 -9.58
C LEU G 16 -4.92 -44.07 -10.11
N ASN G 17 -5.18 -42.89 -9.55
CA ASN G 17 -4.51 -41.66 -9.97
C ASN G 17 -3.99 -40.93 -8.75
N ARG G 18 -2.71 -40.58 -8.77
CA ARG G 18 -2.04 -39.96 -7.64
C ARG G 18 -1.43 -38.62 -8.04
N ASP G 19 -1.18 -37.79 -7.04
CA ASP G 19 -0.51 -36.52 -7.24
C ASP G 19 0.98 -36.68 -6.98
N ASP G 20 1.70 -35.56 -6.91
CA ASP G 20 3.12 -35.61 -6.60
C ASP G 20 3.39 -36.02 -5.16
N LEU G 21 2.42 -35.85 -4.27
CA LEU G 21 2.57 -36.22 -2.87
C LEU G 21 1.94 -37.57 -2.54
N GLY G 22 1.50 -38.31 -3.56
CA GLY G 22 0.94 -39.64 -3.35
C GLY G 22 -0.52 -39.67 -2.98
N ALA G 23 -1.16 -38.51 -2.84
CA ALA G 23 -2.58 -38.48 -2.51
C ALA G 23 -3.42 -38.82 -3.74
N PRO G 24 -4.51 -39.55 -3.58
CA PRO G 24 -5.42 -39.77 -4.71
C PRO G 24 -6.10 -38.46 -5.13
N LYS G 25 -6.41 -38.37 -6.42
CA LYS G 25 -6.93 -37.13 -6.96
C LYS G 25 -8.36 -36.90 -6.46
N THR G 26 -8.54 -35.80 -5.75
CA THR G 26 -9.86 -35.40 -5.26
C THR G 26 -10.40 -34.26 -6.11
N CYS G 27 -11.69 -34.02 -5.96
CA CYS G 27 -12.34 -32.87 -6.57
C CYS G 27 -13.42 -32.40 -5.62
N TYR G 28 -13.81 -31.15 -5.74
CA TYR G 28 -14.88 -30.59 -4.91
C TYR G 28 -16.08 -30.33 -5.82
N PHE G 29 -17.03 -31.27 -5.79
CA PHE G 29 -18.21 -31.21 -6.63
C PHE G 29 -19.43 -31.18 -5.74
N GLY G 30 -20.39 -30.32 -6.07
CA GLY G 30 -21.60 -30.19 -5.27
C GLY G 30 -21.36 -29.74 -3.85
N GLY G 31 -20.22 -29.10 -3.58
CA GLY G 31 -19.85 -28.73 -2.24
C GLY G 31 -19.19 -29.83 -1.42
N VAL G 32 -18.98 -31.02 -1.99
CA VAL G 32 -18.43 -32.13 -1.23
C VAL G 32 -17.29 -32.79 -2.00
N LEU G 33 -16.47 -33.52 -1.27
CA LEU G 33 -15.26 -34.12 -1.82
C LEU G 33 -15.58 -35.44 -2.54
N ARG G 34 -15.11 -35.56 -3.78
CA ARG G 34 -15.32 -36.74 -4.59
C ARG G 34 -13.98 -37.27 -5.08
N SER G 35 -13.91 -38.57 -5.30
CA SER G 35 -12.73 -39.19 -5.89
C SER G 35 -12.70 -38.91 -7.37
N ARG G 36 -11.54 -38.49 -7.87
CA ARG G 36 -11.40 -38.03 -9.25
C ARG G 36 -10.40 -38.90 -9.99
N ILE G 37 -10.77 -39.32 -11.19
CA ILE G 37 -9.87 -40.00 -12.12
C ILE G 37 -9.74 -39.09 -13.33
N SER G 38 -8.51 -38.70 -13.65
CA SER G 38 -8.29 -37.70 -14.67
C SER G 38 -8.58 -38.25 -16.07
N SER G 39 -9.11 -37.38 -16.92
CA SER G 39 -9.47 -37.76 -18.28
C SER G 39 -8.26 -38.16 -19.10
N GLN G 40 -7.10 -37.57 -18.81
CA GLN G 40 -5.87 -37.94 -19.49
C GLN G 40 -5.47 -39.38 -19.18
N CYS G 41 -5.67 -39.80 -17.94
CA CYS G 41 -5.37 -41.18 -17.55
C CYS G 41 -6.29 -42.17 -18.26
N ILE G 42 -7.58 -41.83 -18.36
CA ILE G 42 -8.51 -42.69 -19.09
C ILE G 42 -8.16 -42.73 -20.56
N LYS G 43 -7.75 -41.59 -21.13
CA LYS G 43 -7.37 -41.55 -22.54
C LYS G 43 -6.12 -42.38 -22.81
N ARG G 44 -5.13 -42.32 -21.92
CA ARG G 44 -3.94 -43.16 -22.08
C ARG G 44 -4.27 -44.64 -21.91
N SER G 45 -5.10 -44.97 -20.90
CA SER G 45 -5.46 -46.37 -20.69
C SER G 45 -6.27 -46.92 -21.86
N ILE G 46 -7.06 -46.07 -22.50
CA ILE G 46 -7.72 -46.47 -23.73
C ILE G 46 -6.71 -46.64 -24.86
N ARG G 47 -5.81 -45.67 -25.01
CA ARG G 47 -4.82 -45.73 -26.08
C ARG G 47 -3.84 -46.89 -25.89
N THR G 48 -3.40 -47.11 -24.66
CA THR G 48 -2.51 -48.22 -24.34
C THR G 48 -3.30 -49.42 -23.83
N SER G 49 -4.23 -49.89 -24.65
CA SER G 49 -5.07 -51.02 -24.31
C SER G 49 -4.91 -52.13 -25.33
N ASN G 50 -5.40 -53.31 -24.97
CA ASN G 50 -5.27 -54.47 -25.85
C ASN G 50 -6.17 -54.32 -27.08
N ASP G 51 -7.41 -53.88 -26.89
CA ASP G 51 -8.32 -53.74 -28.03
C ASP G 51 -7.95 -52.54 -28.88
N PHE G 52 -7.61 -51.42 -28.24
CA PHE G 52 -7.16 -50.22 -28.94
C PHE G 52 -5.64 -50.24 -29.12
N LYS G 53 -5.13 -51.34 -29.67
CA LYS G 53 -3.73 -51.43 -30.06
C LYS G 53 -3.55 -51.47 -31.57
N ALA G 54 -4.60 -51.79 -32.33
CA ALA G 54 -4.53 -51.75 -33.78
C ALA G 54 -4.68 -50.34 -34.34
N LEU G 55 -5.08 -49.38 -33.50
CA LEU G 55 -5.26 -48.01 -33.93
C LEU G 55 -4.24 -47.06 -33.33
N LEU G 56 -3.24 -47.60 -32.61
CA LEU G 56 -2.22 -46.76 -31.97
C LEU G 56 -1.18 -46.34 -33.01
N GLY G 57 -1.65 -45.49 -33.93
CA GLY G 57 -0.78 -44.93 -34.94
C GLY G 57 -0.30 -43.55 -34.54
N GLY G 58 -0.41 -43.24 -33.25
CA GLY G 58 0.01 -41.95 -32.75
C GLY G 58 1.07 -42.03 -31.68
N VAL G 59 2.22 -41.40 -31.94
CA VAL G 59 3.32 -41.38 -30.99
C VAL G 59 3.58 -39.93 -30.58
N ARG G 60 3.89 -39.75 -29.29
CA ARG G 60 4.27 -38.44 -28.74
C ARG G 60 5.71 -38.58 -28.30
N THR G 61 6.61 -37.88 -28.99
CA THR G 61 8.04 -38.14 -28.83
C THR G 61 8.82 -36.84 -28.65
N ARG G 62 9.86 -36.92 -27.83
CA ARG G 62 10.98 -35.98 -27.87
C ARG G 62 12.23 -36.62 -28.47
N ARG G 63 12.27 -37.94 -28.52
CA ARG G 63 13.41 -38.68 -29.07
C ARG G 63 13.17 -39.03 -30.53
N LEU G 64 12.90 -37.99 -31.33
CA LEU G 64 12.54 -38.19 -32.74
C LEU G 64 13.73 -38.69 -33.57
N ALA G 65 14.91 -38.12 -33.32
CA ALA G 65 16.08 -38.48 -34.11
C ALA G 65 16.51 -39.92 -33.87
N ASP G 66 16.22 -40.47 -32.68
CA ASP G 66 16.52 -41.87 -32.42
C ASP G 66 15.56 -42.82 -33.13
N LEU G 67 14.28 -42.45 -33.28
CA LEU G 67 13.44 -43.24 -34.18
C LEU G 67 13.91 -43.13 -35.63
N ILE G 68 14.36 -41.96 -36.03
CA ILE G 68 14.92 -41.77 -37.37
C ILE G 68 16.12 -42.70 -37.57
N GLN G 69 17.00 -42.78 -36.57
CA GLN G 69 18.12 -43.71 -36.63
C GLN G 69 17.65 -45.16 -36.58
N GLN G 70 16.58 -45.44 -35.84
CA GLN G 70 16.10 -46.81 -35.69
C GLN G 70 15.62 -47.39 -37.00
N GLU G 71 14.82 -46.63 -37.75
CA GLU G 71 14.35 -47.13 -39.03
C GLU G 71 15.15 -46.62 -40.22
N ALA G 72 16.22 -45.87 -39.98
CA ALA G 72 17.08 -45.43 -41.06
C ALA G 72 18.09 -46.49 -41.49
N GLY G 73 18.28 -47.53 -40.68
CA GLY G 73 19.24 -48.56 -41.01
C GLY G 73 20.54 -48.40 -40.23
N GLU G 74 21.63 -48.91 -40.79
CA GLU G 74 22.93 -48.82 -40.13
C GLU G 74 23.61 -47.48 -40.35
N THR G 75 23.06 -46.62 -41.21
CA THR G 75 23.68 -45.33 -41.47
C THR G 75 23.51 -44.39 -40.29
N GLU G 76 24.55 -43.61 -40.00
CA GLU G 76 24.50 -42.65 -38.91
C GLU G 76 23.81 -41.38 -39.39
N CYS G 77 22.61 -41.12 -38.86
CA CYS G 77 21.84 -39.95 -39.25
C CYS G 77 21.43 -39.08 -38.07
N TRP G 78 21.98 -39.30 -36.88
CA TRP G 78 21.54 -38.55 -35.71
C TRP G 78 21.95 -37.09 -35.78
N LYS G 79 23.19 -36.81 -36.23
CA LYS G 79 23.70 -35.45 -36.20
C LYS G 79 22.98 -34.55 -37.21
N LYS G 80 22.82 -35.04 -38.44
CA LYS G 80 22.15 -34.25 -39.47
C LYS G 80 20.68 -34.05 -39.13
N ALA G 81 20.02 -35.10 -38.61
CA ALA G 81 18.63 -34.96 -38.19
C ALA G 81 18.50 -33.97 -37.04
N GLN G 82 19.45 -33.98 -36.11
CA GLN G 82 19.43 -33.04 -35.00
C GLN G 82 19.59 -31.60 -35.50
N GLU G 83 20.49 -31.39 -36.47
CA GLU G 83 20.67 -30.05 -37.03
C GLU G 83 19.43 -29.59 -37.79
N ILE G 84 18.83 -30.49 -38.57
CA ILE G 84 17.63 -30.17 -39.33
C ILE G 84 16.47 -29.84 -38.39
N LEU G 85 16.30 -30.63 -37.32
CA LEU G 85 15.23 -30.35 -36.37
C LEU G 85 15.52 -29.11 -35.55
N ASN G 86 16.80 -28.78 -35.33
CA ASN G 86 17.14 -27.54 -34.66
C ASN G 86 16.74 -26.33 -35.49
N LYS G 87 17.08 -26.34 -36.78
CA LYS G 87 16.69 -25.20 -37.61
C LYS G 87 15.25 -25.29 -38.10
N CYS G 88 14.54 -26.38 -37.82
CA CYS G 88 13.14 -26.51 -38.17
C CYS G 88 12.23 -25.82 -37.17
N GLY G 89 12.69 -25.63 -35.94
CA GLY G 89 11.87 -25.02 -34.91
C GLY G 89 11.75 -25.88 -33.67
N PHE G 90 12.68 -26.82 -33.49
CA PHE G 90 12.72 -27.68 -32.32
C PHE G 90 14.09 -27.51 -31.68
N LYS G 91 14.15 -26.69 -30.64
CA LYS G 91 15.41 -26.43 -29.95
C LYS G 91 15.90 -27.67 -29.21
N ASN G 92 17.20 -27.71 -28.95
CA ASN G 92 17.82 -28.87 -28.34
C ASN G 92 18.82 -28.39 -27.29
N LYS G 93 18.49 -28.58 -26.02
CA LYS G 93 19.36 -28.20 -24.92
C LYS G 93 20.07 -29.39 -24.29
N ASP G 94 19.74 -30.61 -24.71
CA ASP G 94 20.32 -31.83 -24.19
C ASP G 94 20.13 -32.90 -25.25
N ASP G 95 20.24 -34.18 -24.86
CA ASP G 95 19.94 -35.27 -25.79
C ASP G 95 18.43 -35.51 -25.86
N ASN G 96 17.66 -34.43 -26.04
CA ASN G 96 16.21 -34.44 -26.13
C ASN G 96 15.75 -33.05 -26.54
N THR G 97 14.89 -32.94 -27.54
CA THR G 97 14.35 -31.63 -27.90
C THR G 97 13.22 -31.28 -26.96
N LYS G 98 13.17 -30.00 -26.55
CA LYS G 98 12.13 -29.52 -25.64
C LYS G 98 10.86 -29.15 -26.39
N MET G 99 10.36 -30.10 -27.19
CA MET G 99 9.18 -29.89 -28.02
C MET G 99 8.55 -31.25 -28.27
N LEU G 100 7.44 -31.53 -27.61
CA LEU G 100 6.75 -32.80 -27.80
C LEU G 100 6.05 -32.78 -29.15
N VAL G 101 6.61 -33.52 -30.11
CA VAL G 101 6.08 -33.54 -31.46
C VAL G 101 5.04 -34.64 -31.56
N PHE G 102 3.82 -34.27 -31.91
CA PHE G 102 2.75 -35.23 -32.15
C PHE G 102 2.58 -35.53 -33.63
N MET G 103 3.69 -35.51 -34.40
CA MET G 103 3.65 -35.90 -35.80
C MET G 103 3.19 -37.34 -35.96
N SER G 104 3.35 -38.15 -34.91
CA SER G 104 2.56 -39.35 -34.61
C SER G 104 2.68 -40.45 -35.63
N LYS G 105 2.11 -40.22 -36.81
CA LYS G 105 1.84 -41.28 -37.76
C LYS G 105 3.13 -41.91 -38.26
N ASP G 106 2.99 -43.13 -38.77
CA ASP G 106 4.14 -43.99 -39.05
C ASP G 106 4.86 -43.62 -40.35
N LYS G 107 4.69 -42.42 -40.86
CA LYS G 107 5.52 -41.95 -41.98
C LYS G 107 6.83 -41.33 -41.49
N ILE G 108 7.44 -42.02 -40.54
CA ILE G 108 8.83 -41.81 -40.17
C ILE G 108 9.79 -42.14 -41.31
N LYS G 109 9.37 -42.98 -42.25
CA LYS G 109 10.22 -43.28 -43.39
C LYS G 109 10.42 -42.06 -44.29
N ASP G 110 9.41 -41.21 -44.41
CA ASP G 110 9.56 -39.98 -45.18
C ASP G 110 10.57 -39.02 -44.53
N LEU G 111 10.48 -38.85 -43.22
CA LEU G 111 11.46 -38.05 -42.51
C LEU G 111 12.86 -38.64 -42.62
N ALA G 112 12.95 -39.98 -42.62
CA ALA G 112 14.23 -40.64 -42.86
C ALA G 112 14.78 -40.30 -44.23
N ARG G 113 13.93 -40.34 -45.27
CA ARG G 113 14.39 -40.00 -46.62
C ARG G 113 14.86 -38.56 -46.71
N ILE G 114 14.16 -37.63 -46.06
CA ILE G 114 14.62 -36.23 -46.09
C ILE G 114 15.92 -36.07 -45.32
N VAL G 115 16.07 -36.78 -44.20
CA VAL G 115 17.27 -36.60 -43.38
C VAL G 115 18.50 -37.18 -44.08
N LEU G 116 18.39 -38.39 -44.62
CA LEU G 116 19.58 -39.00 -45.24
C LEU G 116 19.80 -38.55 -46.67
N ASP G 117 18.97 -37.65 -47.20
CA ASP G 117 19.12 -37.18 -48.57
C ASP G 117 20.37 -36.33 -48.68
N ASN G 118 21.43 -36.89 -49.25
CA ASN G 118 22.68 -36.14 -49.46
C ASN G 118 22.67 -35.46 -50.81
N SER G 119 21.61 -34.70 -51.09
CA SER G 119 21.50 -33.91 -52.30
C SER G 119 20.95 -32.51 -52.06
N LEU G 120 20.40 -32.23 -50.89
CA LEU G 120 19.86 -30.92 -50.55
C LEU G 120 20.46 -30.46 -49.22
N GLY G 121 20.65 -29.15 -49.10
CA GLY G 121 21.20 -28.60 -47.88
C GLY G 121 20.19 -28.56 -46.76
N LEU G 122 20.63 -28.02 -45.63
CA LEU G 122 19.86 -28.13 -44.39
C LEU G 122 18.57 -27.31 -44.42
N THR G 123 18.54 -26.21 -45.18
CA THR G 123 17.38 -25.32 -45.15
C THR G 123 16.17 -25.92 -45.85
N GLU G 124 16.34 -26.33 -47.11
CA GLU G 124 15.19 -26.92 -47.81
C GLU G 124 14.88 -28.32 -47.31
N ALA G 125 15.88 -29.01 -46.73
CA ALA G 125 15.58 -30.27 -46.04
C ALA G 125 14.72 -30.02 -44.80
N ALA G 126 15.00 -28.94 -44.07
CA ALA G 126 14.15 -28.57 -42.95
C ALA G 126 12.76 -28.22 -43.42
N GLN G 127 12.65 -27.54 -44.57
CA GLN G 127 11.33 -27.24 -45.13
C GLN G 127 10.58 -28.51 -45.52
N GLN G 128 11.26 -29.48 -46.13
CA GLN G 128 10.62 -30.72 -46.53
C GLN G 128 10.29 -31.63 -45.35
N VAL G 129 11.00 -31.46 -44.23
CA VAL G 129 10.59 -32.14 -43.00
C VAL G 129 9.38 -31.43 -42.38
N ALA G 130 9.38 -30.10 -42.42
CA ALA G 130 8.29 -29.33 -41.83
C ALA G 130 6.98 -29.55 -42.56
N ASN G 131 7.00 -29.65 -43.89
CA ASN G 131 5.77 -29.87 -44.61
C ASN G 131 5.29 -31.33 -44.56
N VAL G 132 6.10 -32.25 -44.03
CA VAL G 132 5.63 -33.61 -43.80
C VAL G 132 5.22 -33.84 -42.35
N ILE G 133 5.70 -33.02 -41.41
CA ILE G 133 5.15 -33.07 -40.05
C ILE G 133 3.74 -32.48 -40.02
N ALA G 134 3.53 -31.39 -40.78
CA ALA G 134 2.23 -30.71 -40.78
C ALA G 134 1.12 -31.55 -41.40
N GLN G 135 1.46 -32.53 -42.23
CA GLN G 135 0.46 -33.38 -42.89
C GLN G 135 0.34 -34.74 -42.22
N ALA G 136 0.42 -34.79 -40.89
CA ALA G 136 0.18 -36.04 -40.17
C ALA G 136 -1.26 -36.48 -40.41
N THR G 137 -2.22 -35.76 -39.85
CA THR G 137 -3.61 -35.68 -40.32
C THR G 137 -4.37 -37.00 -40.17
N LEU G 138 -3.66 -38.08 -39.84
CA LEU G 138 -4.24 -39.41 -39.86
C LEU G 138 -4.03 -40.08 -38.51
N ALA G 139 -4.30 -41.39 -38.45
CA ALA G 139 -4.35 -42.28 -37.29
C ALA G 139 -5.50 -41.88 -36.37
N PRO G 140 -6.21 -42.86 -35.82
CA PRO G 140 -7.41 -42.53 -35.03
C PRO G 140 -7.16 -41.71 -33.78
N ASP G 141 -6.00 -41.85 -33.14
CA ASP G 141 -5.78 -41.11 -31.90
C ASP G 141 -5.46 -39.64 -32.12
N ILE G 142 -5.05 -39.25 -33.33
CA ILE G 142 -4.93 -37.82 -33.63
C ILE G 142 -6.30 -37.23 -33.96
N ALA G 143 -7.15 -38.00 -34.63
CA ALA G 143 -8.53 -37.57 -34.79
C ALA G 143 -9.23 -37.45 -33.43
N LEU G 144 -8.91 -38.34 -32.50
CA LEU G 144 -9.46 -38.24 -31.15
C LEU G 144 -8.77 -37.16 -30.32
N CYS G 145 -7.44 -37.04 -30.43
CA CYS G 145 -6.68 -36.06 -29.68
C CYS G 145 -5.70 -35.36 -30.61
N GLY G 146 -5.92 -34.07 -30.85
CA GLY G 146 -5.22 -33.35 -31.90
C GLY G 146 -3.83 -32.90 -31.51
N ARG G 147 -3.34 -31.92 -32.28
CA ARG G 147 -1.98 -31.40 -32.17
C ARG G 147 -2.01 -29.95 -31.69
N MET G 148 -0.84 -29.49 -31.23
CA MET G 148 -0.74 -28.10 -30.78
C MET G 148 0.56 -27.43 -31.21
N LEU G 149 1.58 -28.17 -31.66
CA LEU G 149 2.94 -27.66 -31.78
C LEU G 149 3.05 -26.47 -32.73
N GLU G 150 3.93 -25.53 -32.38
CA GLU G 150 4.01 -24.23 -33.03
C GLU G 150 5.45 -23.82 -33.32
N PRO G 151 6.30 -24.77 -33.77
CA PRO G 151 7.77 -24.59 -33.75
C PRO G 151 8.38 -23.66 -32.70
N ASN G 152 9.49 -23.01 -33.07
CA ASN G 152 10.20 -22.12 -32.18
C ASN G 152 10.72 -20.93 -32.98
N ASP G 153 10.37 -19.71 -32.57
CA ASP G 153 10.70 -18.52 -33.32
C ASP G 153 11.88 -17.74 -32.76
N LYS G 154 12.49 -18.19 -31.67
CA LYS G 154 13.79 -17.69 -31.23
C LYS G 154 14.92 -18.43 -31.93
N ASP G 155 14.57 -19.30 -32.87
CA ASP G 155 15.45 -20.17 -33.63
C ASP G 155 14.73 -20.29 -34.97
N LYS G 156 15.05 -21.30 -35.79
CA LYS G 156 14.34 -21.60 -37.04
C LYS G 156 14.44 -20.42 -38.02
N ASP G 157 15.66 -20.31 -38.59
CA ASP G 157 15.99 -19.34 -39.63
C ASP G 157 14.86 -19.17 -40.64
N LYS G 158 14.55 -17.92 -40.95
CA LYS G 158 13.34 -17.51 -41.67
C LYS G 158 13.32 -17.89 -43.13
N LYS G 159 14.26 -18.68 -43.66
CA LYS G 159 14.13 -19.16 -45.01
C LYS G 159 13.17 -20.34 -45.13
N VAL G 160 12.68 -20.87 -44.01
CA VAL G 160 11.78 -22.02 -43.99
C VAL G 160 10.43 -21.58 -43.47
N LYS G 161 9.37 -21.95 -44.18
CA LYS G 161 8.00 -21.64 -43.79
C LYS G 161 7.36 -22.87 -43.17
N TRP G 162 6.18 -22.67 -42.58
CA TRP G 162 5.49 -23.73 -41.87
C TRP G 162 4.00 -23.70 -42.24
N SER G 163 3.35 -24.84 -42.04
CA SER G 163 1.95 -25.03 -42.41
C SER G 163 1.11 -25.29 -41.16
N ASN G 164 -0.16 -25.62 -41.38
CA ASN G 164 -1.09 -25.81 -40.26
C ASN G 164 -0.75 -27.10 -39.51
N THR G 165 -0.88 -27.04 -38.18
CA THR G 165 -0.63 -28.18 -37.32
C THR G 165 -1.83 -28.62 -36.50
N THR G 166 -2.73 -27.70 -36.14
CA THR G 166 -3.83 -28.01 -35.26
C THR G 166 -4.83 -28.94 -35.94
N VAL G 167 -5.23 -30.00 -35.25
CA VAL G 167 -6.13 -31.00 -35.81
C VAL G 167 -7.58 -30.81 -35.35
N GLU G 168 -7.81 -30.09 -34.25
CA GLU G 168 -9.15 -29.80 -33.72
C GLU G 168 -9.90 -31.09 -33.38
N ALA G 169 -9.41 -31.73 -32.33
CA ALA G 169 -9.86 -33.06 -31.89
C ALA G 169 -11.37 -33.11 -31.68
N ALA G 170 -11.91 -34.33 -31.76
CA ALA G 170 -13.34 -34.56 -31.69
C ALA G 170 -13.78 -35.35 -30.45
N LEU G 171 -12.88 -35.57 -29.51
CA LEU G 171 -13.18 -36.36 -28.31
C LEU G 171 -13.14 -35.47 -27.08
N GLN G 172 -14.22 -35.52 -26.30
CA GLN G 172 -14.30 -34.78 -25.03
C GLN G 172 -14.53 -35.79 -23.91
N VAL G 173 -13.60 -35.82 -22.96
CA VAL G 173 -13.67 -36.73 -21.82
C VAL G 173 -13.75 -35.88 -20.56
N ALA G 174 -14.82 -36.07 -19.80
CA ALA G 174 -14.92 -35.44 -18.49
C ALA G 174 -14.08 -36.23 -17.49
N HIS G 175 -13.62 -35.52 -16.46
CA HIS G 175 -12.90 -36.19 -15.39
C HIS G 175 -13.86 -37.05 -14.59
N ALA G 176 -13.54 -38.34 -14.46
CA ALA G 176 -14.42 -39.26 -13.77
C ALA G 176 -14.52 -38.90 -12.30
N ILE G 177 -15.74 -38.87 -11.78
CA ILE G 177 -16.00 -38.43 -10.42
C ILE G 177 -16.81 -39.50 -9.70
N SER G 178 -16.66 -39.54 -8.38
CA SER G 178 -17.42 -40.46 -7.56
C SER G 178 -18.80 -39.89 -7.25
N THR G 179 -19.75 -40.78 -6.99
CA THR G 179 -21.12 -40.38 -6.71
C THR G 179 -21.37 -40.13 -5.24
N HIS G 180 -20.37 -40.26 -4.39
CA HIS G 180 -20.55 -40.15 -2.95
C HIS G 180 -19.37 -39.39 -2.36
N ILE G 181 -19.32 -39.34 -1.03
CA ILE G 181 -18.22 -38.70 -0.32
C ILE G 181 -16.96 -39.51 -0.52
N ALA G 182 -15.86 -38.83 -0.86
CA ALA G 182 -14.57 -39.49 -0.98
C ALA G 182 -14.09 -39.95 0.40
N ARG G 183 -13.68 -41.21 0.49
CA ARG G 183 -13.22 -41.81 1.74
C ARG G 183 -11.77 -42.23 1.55
N PRO G 184 -10.83 -41.34 1.86
CA PRO G 184 -9.41 -41.70 1.71
C PRO G 184 -8.83 -42.28 3.00
N GLU G 185 -8.06 -43.36 2.83
CA GLU G 185 -7.53 -44.14 3.91
C GLU G 185 -6.00 -44.17 3.87
N ILE G 186 -5.42 -44.22 5.07
CA ILE G 186 -4.01 -44.42 5.28
C ILE G 186 -3.72 -45.92 5.31
N ASP G 187 -2.69 -46.34 4.59
CA ASP G 187 -2.16 -47.69 4.66
C ASP G 187 -0.73 -47.62 5.18
N TYR G 188 -0.42 -48.52 6.10
CA TYR G 188 0.92 -48.63 6.68
C TYR G 188 1.69 -49.73 5.96
N PHE G 189 2.92 -49.42 5.55
CA PHE G 189 3.77 -50.42 4.93
C PHE G 189 5.15 -50.40 5.59
N VAL G 190 5.77 -51.57 5.68
CA VAL G 190 7.13 -51.70 6.17
C VAL G 190 7.92 -52.49 5.15
N ALA G 191 9.25 -52.38 5.25
CA ALA G 191 10.12 -53.11 4.34
C ALA G 191 10.54 -54.48 4.86
N ALA G 192 10.67 -54.62 6.19
CA ALA G 192 10.94 -55.90 6.85
C ALA G 192 12.24 -56.53 6.34
N ASP G 193 13.35 -55.87 6.71
CA ASP G 193 14.71 -56.34 6.43
C ASP G 193 14.87 -57.82 6.72
N ASP G 194 15.31 -58.58 5.71
CA ASP G 194 15.25 -60.03 5.76
C ASP G 194 16.31 -60.60 6.72
N VAL G 195 17.53 -60.11 6.64
CA VAL G 195 18.62 -60.63 7.47
C VAL G 195 18.42 -60.15 8.90
N PRO G 196 18.84 -60.93 9.90
CA PRO G 196 18.69 -60.49 11.29
C PRO G 196 19.55 -59.28 11.59
N GLY G 197 19.06 -58.44 12.50
CA GLY G 197 19.77 -57.26 12.93
C GLY G 197 19.66 -57.06 14.42
N GLU G 198 20.31 -56.00 14.90
CA GLU G 198 20.30 -55.72 16.33
C GLU G 198 18.94 -55.21 16.79
N ASP G 199 18.28 -54.39 15.97
CA ASP G 199 16.99 -53.83 16.33
C ASP G 199 15.89 -54.78 15.89
N ALA G 200 14.63 -54.33 15.97
CA ALA G 200 13.51 -55.13 15.48
C ALA G 200 13.60 -55.33 13.98
N GLY G 201 13.93 -54.28 13.24
CA GLY G 201 14.24 -54.42 11.83
C GLY G 201 13.09 -54.10 10.89
N ALA G 202 13.18 -52.94 10.25
CA ALA G 202 12.26 -52.58 9.17
C ALA G 202 12.95 -51.53 8.33
N GLY G 203 13.25 -51.87 7.07
CA GLY G 203 14.06 -51.00 6.23
C GLY G 203 13.39 -49.70 5.84
N HIS G 204 12.07 -49.62 5.95
CA HIS G 204 11.36 -48.42 5.53
C HIS G 204 10.04 -48.33 6.28
N ILE G 205 9.75 -47.14 6.79
CA ILE G 205 8.48 -46.83 7.43
C ILE G 205 7.85 -45.67 6.68
N GLY G 206 6.58 -45.79 6.33
CA GLY G 206 5.94 -44.74 5.56
C GLY G 206 4.45 -44.94 5.48
N GLU G 207 3.81 -44.07 4.72
CA GLU G 207 2.36 -44.05 4.56
C GLU G 207 2.01 -44.12 3.09
N SER G 208 0.91 -44.78 2.78
CA SER G 208 0.33 -44.78 1.45
C SER G 208 -1.13 -44.36 1.57
N MET G 209 -1.68 -43.81 0.50
CA MET G 209 -3.06 -43.33 0.53
C MET G 209 -3.87 -44.04 -0.53
N PHE G 210 -5.06 -44.48 -0.16
CA PHE G 210 -5.93 -45.14 -1.14
C PHE G 210 -7.38 -44.77 -0.85
N ALA G 211 -8.27 -45.23 -1.73
CA ALA G 211 -9.69 -44.97 -1.60
C ALA G 211 -10.46 -45.98 -2.42
N SER G 212 -11.76 -46.07 -2.14
CA SER G 212 -12.68 -46.85 -2.97
C SER G 212 -13.87 -45.97 -3.30
N ALA G 213 -14.32 -46.03 -4.56
CA ALA G 213 -15.36 -45.13 -5.00
C ALA G 213 -16.13 -45.74 -6.17
N CYS G 214 -17.35 -45.24 -6.36
CA CYS G 214 -18.19 -45.59 -7.49
C CYS G 214 -18.18 -44.42 -8.47
N PHE G 215 -17.52 -44.61 -9.61
CA PHE G 215 -17.23 -43.54 -10.55
C PHE G 215 -18.29 -43.47 -11.64
N TYR G 216 -18.58 -42.23 -12.05
CA TYR G 216 -19.38 -41.93 -13.23
C TYR G 216 -18.45 -41.31 -14.28
N LYS G 217 -18.34 -41.97 -15.42
CA LYS G 217 -17.44 -41.56 -16.50
C LYS G 217 -18.25 -41.11 -17.70
N TYR G 218 -17.76 -40.07 -18.37
CA TYR G 218 -18.47 -39.42 -19.47
C TYR G 218 -17.54 -39.26 -20.65
N PHE G 219 -17.92 -39.81 -21.80
CA PHE G 219 -17.19 -39.70 -23.05
C PHE G 219 -18.10 -39.16 -24.14
N SER G 220 -17.56 -38.27 -24.96
CA SER G 220 -18.32 -37.66 -26.05
C SER G 220 -17.48 -37.70 -27.32
N ILE G 221 -18.03 -38.30 -28.37
CA ILE G 221 -17.38 -38.37 -29.67
C ILE G 221 -18.24 -37.61 -30.66
N ASP G 222 -17.69 -36.53 -31.21
CA ASP G 222 -18.35 -35.79 -32.29
C ASP G 222 -18.13 -36.56 -33.59
N TRP G 223 -19.19 -37.21 -34.07
CA TRP G 223 -19.05 -38.14 -35.20
C TRP G 223 -18.62 -37.42 -36.47
N GLU G 224 -19.18 -36.25 -36.74
CA GLU G 224 -18.86 -35.55 -37.98
C GLU G 224 -17.44 -34.99 -37.96
N GLN G 225 -17.03 -34.40 -36.83
CA GLN G 225 -15.65 -33.91 -36.73
C GLN G 225 -14.65 -35.05 -36.72
N LEU G 226 -15.04 -36.21 -36.17
CA LEU G 226 -14.15 -37.36 -36.18
C LEU G 226 -14.03 -37.94 -37.59
N VAL G 227 -15.08 -37.85 -38.39
CA VAL G 227 -14.98 -38.26 -39.80
C VAL G 227 -14.12 -37.27 -40.58
N LYS G 228 -14.32 -35.96 -40.33
CA LYS G 228 -13.56 -34.94 -41.04
C LYS G 228 -12.08 -35.00 -40.69
N ASN G 229 -11.75 -35.28 -39.43
CA ASN G 229 -10.36 -35.36 -39.00
C ASN G 229 -9.65 -36.56 -39.58
N LEU G 230 -10.39 -37.61 -39.95
CA LEU G 230 -9.82 -38.77 -40.61
C LEU G 230 -9.78 -38.63 -42.12
N LYS G 231 -10.31 -37.53 -42.66
CA LYS G 231 -10.39 -37.27 -44.10
C LYS G 231 -11.09 -38.40 -44.83
N GLY G 232 -12.37 -38.58 -44.51
CA GLY G 232 -13.10 -39.73 -45.01
C GLY G 232 -12.78 -40.97 -44.20
N ASP G 233 -12.81 -42.12 -44.88
CA ASP G 233 -12.57 -43.44 -44.29
C ASP G 233 -13.50 -43.68 -43.11
N THR G 234 -14.79 -43.77 -43.45
CA THR G 234 -15.83 -43.97 -42.45
C THR G 234 -15.67 -45.29 -41.72
N ASN G 235 -15.10 -46.31 -42.38
CA ASN G 235 -14.86 -47.58 -41.72
C ASN G 235 -13.82 -47.44 -40.61
N LEU G 236 -12.77 -46.64 -40.85
CA LEU G 236 -11.81 -46.34 -39.79
C LEU G 236 -12.47 -45.58 -38.65
N ALA G 237 -13.41 -44.70 -38.97
CA ALA G 237 -14.15 -43.96 -37.96
C ALA G 237 -14.99 -44.90 -37.09
N ALA G 238 -15.67 -45.86 -37.72
CA ALA G 238 -16.47 -46.82 -36.96
C ALA G 238 -15.61 -47.76 -36.14
N HIS G 239 -14.45 -48.16 -36.68
CA HIS G 239 -13.52 -48.96 -35.90
C HIS G 239 -13.01 -48.18 -34.70
N THR G 240 -12.76 -46.88 -34.87
CA THR G 240 -12.35 -46.03 -33.76
C THR G 240 -13.44 -45.97 -32.69
N VAL G 241 -14.69 -45.78 -33.10
CA VAL G 241 -15.78 -45.67 -32.14
C VAL G 241 -15.99 -46.99 -31.38
N GLY G 242 -15.99 -48.10 -32.11
CA GLY G 242 -16.18 -49.39 -31.47
C GLY G 242 -15.02 -49.78 -30.56
N ALA G 243 -13.78 -49.52 -31.00
CA ALA G 243 -12.63 -49.80 -30.17
C ALA G 243 -12.59 -48.92 -28.94
N PHE G 244 -13.01 -47.65 -29.08
CA PHE G 244 -13.09 -46.77 -27.93
C PHE G 244 -14.13 -47.26 -26.92
N LEU G 245 -15.30 -47.68 -27.41
CA LEU G 245 -16.35 -48.16 -26.51
C LEU G 245 -15.90 -49.43 -25.78
N LEU G 246 -15.31 -50.37 -26.52
CA LEU G 246 -14.88 -51.62 -25.90
C LEU G 246 -13.70 -51.39 -24.95
N ALA G 247 -12.72 -50.57 -25.35
CA ALA G 247 -11.57 -50.32 -24.51
C ALA G 247 -11.94 -49.57 -23.25
N ALA G 248 -12.78 -48.54 -23.36
CA ALA G 248 -13.25 -47.83 -22.18
C ALA G 248 -14.10 -48.73 -21.29
N ALA G 249 -14.84 -49.66 -21.89
CA ALA G 249 -15.64 -50.59 -21.10
C ALA G 249 -14.78 -51.56 -20.32
N LYS G 250 -13.67 -52.05 -20.92
CA LYS G 250 -12.75 -52.95 -20.21
C LYS G 250 -11.33 -52.41 -20.30
N THR G 251 -11.01 -51.46 -19.39
CA THR G 251 -9.66 -51.03 -19.08
C THR G 251 -9.72 -50.16 -17.83
N ASN G 252 -8.61 -50.10 -17.12
CA ASN G 252 -8.49 -49.31 -15.91
C ASN G 252 -7.11 -48.69 -15.87
N PRO G 253 -6.95 -47.55 -15.19
CA PRO G 253 -5.62 -46.96 -15.05
C PRO G 253 -4.66 -47.89 -14.31
N SER G 254 -3.41 -47.89 -14.73
CA SER G 254 -2.40 -48.81 -14.23
C SER G 254 -1.68 -48.28 -13.00
N GLY G 255 -2.12 -47.14 -12.45
CA GLY G 255 -1.44 -46.57 -11.31
C GLY G 255 -1.64 -47.41 -10.07
N LYS G 256 -0.55 -47.92 -9.50
CA LYS G 256 -0.53 -48.65 -8.22
C LYS G 256 -1.41 -49.90 -8.25
N GLN G 257 -1.61 -50.49 -9.42
CA GLN G 257 -2.49 -51.64 -9.56
C GLN G 257 -1.80 -52.96 -9.29
N ASN G 258 -0.48 -52.95 -9.06
CA ASN G 258 0.22 -54.17 -8.69
C ASN G 258 -0.03 -54.54 -7.23
N SER G 259 -0.25 -53.55 -6.37
CA SER G 259 -0.56 -53.79 -4.97
C SER G 259 -2.01 -53.48 -4.61
N PHE G 260 -2.74 -52.80 -5.50
CA PHE G 260 -4.12 -52.42 -5.29
C PHE G 260 -4.98 -52.89 -6.45
N ALA G 261 -4.86 -54.18 -6.79
CA ALA G 261 -5.47 -54.73 -8.00
C ALA G 261 -6.99 -54.62 -7.95
N ALA G 262 -7.52 -53.67 -8.70
CA ALA G 262 -8.94 -53.29 -8.67
C ALA G 262 -9.50 -53.27 -10.08
N HIS G 263 -9.21 -54.33 -10.85
CA HIS G 263 -9.71 -54.43 -12.21
C HIS G 263 -11.20 -54.77 -12.22
N ASN G 264 -12.02 -53.85 -11.72
CA ASN G 264 -13.46 -54.05 -11.67
C ASN G 264 -14.09 -53.53 -12.96
N TYR G 265 -15.24 -54.09 -13.29
CA TYR G 265 -15.85 -53.69 -14.55
C TYR G 265 -17.09 -52.85 -14.29
N PRO G 266 -17.48 -51.98 -15.24
CA PRO G 266 -18.65 -51.13 -15.02
C PRO G 266 -19.94 -51.92 -14.89
N ASP G 267 -20.84 -51.39 -14.08
CA ASP G 267 -22.15 -51.98 -13.87
C ASP G 267 -23.25 -51.28 -14.66
N GLY G 268 -22.98 -50.11 -15.22
CA GLY G 268 -23.99 -49.48 -16.05
C GLY G 268 -23.44 -48.67 -17.21
N ILE G 269 -23.93 -48.91 -18.42
CA ILE G 269 -23.48 -48.19 -19.60
C ILE G 269 -24.71 -47.62 -20.30
N LEU G 270 -24.79 -46.31 -20.38
CA LEU G 270 -25.85 -45.60 -21.10
C LEU G 270 -25.22 -44.94 -22.32
N VAL G 271 -25.56 -45.44 -23.50
CA VAL G 271 -25.07 -44.90 -24.76
C VAL G 271 -26.22 -44.17 -25.43
N GLU G 272 -26.04 -42.87 -25.66
CA GLU G 272 -27.08 -42.06 -26.27
C GLU G 272 -26.52 -41.22 -27.40
N PHE G 273 -27.29 -41.13 -28.47
CA PHE G 273 -26.92 -40.38 -29.66
C PHE G 273 -27.84 -39.18 -29.79
N LYS G 274 -27.25 -37.98 -29.81
CA LYS G 274 -28.04 -36.78 -30.03
C LYS G 274 -27.11 -35.66 -30.50
N ASN G 275 -27.72 -34.60 -31.07
CA ASN G 275 -26.99 -33.51 -31.67
C ASN G 275 -26.30 -32.59 -30.67
N SER G 276 -26.72 -32.59 -29.42
CA SER G 276 -26.15 -31.69 -28.43
C SER G 276 -25.58 -32.48 -27.25
N PRO G 277 -24.43 -32.08 -26.72
CA PRO G 277 -23.81 -32.86 -25.64
C PRO G 277 -24.46 -32.56 -24.29
N ILE G 278 -24.77 -33.62 -23.54
CA ILE G 278 -25.38 -33.52 -22.23
C ILE G 278 -24.55 -34.32 -21.23
N SER G 279 -24.22 -33.71 -20.10
CA SER G 279 -23.48 -34.38 -19.03
C SER G 279 -24.40 -34.58 -17.84
N TYR G 280 -24.49 -35.81 -17.34
CA TYR G 280 -25.40 -36.15 -16.26
C TYR G 280 -24.73 -36.13 -14.89
N ALA G 281 -23.60 -35.44 -14.76
CA ALA G 281 -22.94 -35.31 -13.46
C ALA G 281 -23.81 -34.57 -12.44
N ASN G 282 -24.73 -33.71 -12.91
CA ASN G 282 -25.70 -33.07 -12.05
C ASN G 282 -26.65 -34.07 -11.39
N ALA G 283 -26.71 -35.30 -11.89
CA ALA G 283 -27.43 -36.37 -11.19
C ALA G 283 -26.85 -36.61 -9.81
N PHE G 284 -25.53 -36.50 -9.68
CA PHE G 284 -24.85 -36.80 -8.42
C PHE G 284 -24.38 -35.53 -7.71
N VAL G 285 -25.15 -34.44 -7.79
CA VAL G 285 -24.85 -33.26 -6.99
C VAL G 285 -25.01 -33.59 -5.51
N ARG G 286 -26.12 -34.24 -5.17
CA ARG G 286 -26.24 -34.78 -3.81
C ARG G 286 -25.50 -36.12 -3.73
N PRO G 287 -24.68 -36.32 -2.71
CA PRO G 287 -23.96 -37.60 -2.61
C PRO G 287 -24.90 -38.76 -2.35
N VAL G 288 -24.50 -39.93 -2.83
CA VAL G 288 -25.28 -41.15 -2.65
C VAL G 288 -25.03 -41.68 -1.25
N SER G 289 -26.10 -41.78 -0.46
CA SER G 289 -26.01 -42.30 0.90
C SER G 289 -26.52 -43.73 0.94
N VAL G 290 -25.79 -44.59 1.64
CA VAL G 290 -26.12 -46.01 1.66
C VAL G 290 -27.36 -46.24 2.50
N VAL G 291 -28.34 -46.94 1.93
CA VAL G 291 -29.55 -47.33 2.62
C VAL G 291 -29.37 -48.79 3.00
N LYS G 292 -30.01 -49.22 4.10
CA LYS G 292 -29.74 -50.53 4.67
C LYS G 292 -30.12 -51.66 3.72
N GLU G 293 -31.22 -51.53 2.98
CA GLU G 293 -31.72 -52.61 2.14
C GLU G 293 -31.40 -52.42 0.67
N SER G 294 -30.31 -51.73 0.36
CA SER G 294 -29.81 -51.65 -1.02
C SER G 294 -28.33 -51.31 -0.99
N ASP G 295 -27.73 -51.31 -2.17
CA ASP G 295 -26.31 -51.06 -2.33
C ASP G 295 -26.07 -49.68 -2.96
N LEU G 296 -24.80 -49.27 -2.93
CA LEU G 296 -24.42 -47.97 -3.46
C LEU G 296 -24.58 -47.91 -4.98
N VAL G 297 -24.27 -49.02 -5.66
CA VAL G 297 -24.34 -49.07 -7.12
C VAL G 297 -25.77 -48.92 -7.60
N GLU G 298 -26.70 -49.64 -6.96
CA GLU G 298 -28.11 -49.56 -7.34
C GLU G 298 -28.68 -48.17 -7.08
N GLN G 299 -28.27 -47.55 -5.96
CA GLN G 299 -28.72 -46.19 -5.67
C GLN G 299 -28.18 -45.19 -6.69
N SER G 300 -26.92 -45.34 -7.10
CA SER G 300 -26.35 -44.46 -8.10
C SER G 300 -27.08 -44.60 -9.43
N ILE G 301 -27.41 -45.84 -9.81
CA ILE G 301 -28.15 -46.07 -11.04
C ILE G 301 -29.56 -45.49 -10.94
N GLY G 302 -30.18 -45.57 -9.76
CA GLY G 302 -31.48 -44.96 -9.57
C GLY G 302 -31.47 -43.44 -9.67
N GLN G 303 -30.45 -42.80 -9.07
CA GLN G 303 -30.31 -41.35 -9.19
C GLN G 303 -30.07 -40.94 -10.63
N LEU G 304 -29.24 -41.71 -11.35
CA LEU G 304 -29.03 -41.46 -12.77
C LEU G 304 -30.32 -41.60 -13.56
N SER G 305 -31.12 -42.62 -13.24
CA SER G 305 -32.40 -42.81 -13.94
C SER G 305 -33.33 -41.64 -13.71
N ASN G 306 -33.44 -41.18 -12.47
CA ASN G 306 -34.30 -40.05 -12.15
C ASN G 306 -33.87 -38.79 -12.91
N TYR G 307 -32.57 -38.49 -12.88
CA TYR G 307 -32.11 -37.26 -13.54
C TYR G 307 -32.20 -37.36 -15.05
N VAL G 308 -31.94 -38.54 -15.61
CA VAL G 308 -32.02 -38.71 -17.07
C VAL G 308 -33.46 -38.58 -17.54
N ASN G 309 -34.41 -39.17 -16.79
CA ASN G 309 -35.82 -39.02 -17.15
C ASN G 309 -36.25 -37.56 -17.06
N ASP G 310 -35.82 -36.87 -16.00
CA ASP G 310 -36.17 -35.46 -15.87
C ASP G 310 -35.56 -34.61 -16.99
N ILE G 311 -34.35 -34.95 -17.41
CA ILE G 311 -33.69 -34.19 -18.47
C ILE G 311 -34.38 -34.43 -19.81
N ARG G 312 -34.72 -35.68 -20.12
CA ARG G 312 -35.40 -35.98 -21.37
C ARG G 312 -36.80 -35.36 -21.41
N LEU G 313 -37.52 -35.38 -20.30
CA LEU G 313 -38.85 -34.80 -20.29
C LEU G 313 -38.83 -33.27 -20.27
N GLY G 314 -37.77 -32.67 -19.72
CA GLY G 314 -37.71 -31.23 -19.60
C GLY G 314 -37.06 -30.51 -20.75
N TYR G 315 -36.33 -31.24 -21.59
CA TYR G 315 -35.61 -30.67 -22.72
C TYR G 315 -35.97 -31.40 -24.00
N TYR G 316 -37.25 -31.70 -24.18
CA TYR G 316 -37.71 -32.51 -25.29
C TYR G 316 -38.07 -31.62 -26.47
N ASP G 317 -37.39 -31.82 -27.59
CA ASP G 317 -37.71 -31.15 -28.84
C ASP G 317 -38.16 -32.19 -29.84
N GLU G 318 -39.32 -31.96 -30.46
CA GLU G 318 -39.91 -32.95 -31.35
C GLU G 318 -39.11 -33.15 -32.63
N GLN G 319 -38.27 -32.19 -33.01
CA GLN G 319 -37.45 -32.31 -34.20
C GLN G 319 -36.10 -32.97 -33.94
N SER G 320 -35.75 -33.24 -32.68
CA SER G 320 -34.49 -33.87 -32.32
C SER G 320 -34.78 -35.04 -31.39
N PRO G 321 -34.99 -36.24 -31.94
CA PRO G 321 -35.29 -37.40 -31.09
C PRO G 321 -34.07 -37.85 -30.31
N VAL G 322 -34.31 -38.27 -29.06
CA VAL G 322 -33.27 -38.72 -28.15
C VAL G 322 -33.56 -40.16 -27.78
N ILE G 323 -32.55 -41.02 -27.93
CA ILE G 323 -32.72 -42.45 -27.64
C ILE G 323 -31.72 -42.85 -26.57
N GLY G 324 -31.69 -44.13 -26.23
CA GLY G 324 -30.71 -44.63 -25.27
C GLY G 324 -30.60 -46.13 -25.33
N PHE G 325 -29.37 -46.62 -25.16
CA PHE G 325 -29.09 -48.02 -24.97
C PHE G 325 -28.57 -48.19 -23.54
N TRP G 326 -29.22 -49.05 -22.77
CA TRP G 326 -28.80 -49.30 -21.39
C TRP G 326 -28.27 -50.71 -21.27
N PHE G 327 -27.01 -50.84 -20.84
CA PHE G 327 -26.36 -52.13 -20.66
C PHE G 327 -26.01 -52.30 -19.19
N SER G 328 -26.41 -53.42 -18.63
CA SER G 328 -25.97 -53.87 -17.32
C SER G 328 -25.47 -55.30 -17.45
N PRO G 329 -24.54 -55.72 -16.60
CA PRO G 329 -24.03 -57.10 -16.72
C PRO G 329 -25.09 -58.13 -16.40
N ASN G 330 -25.58 -58.80 -17.45
CA ASN G 330 -26.67 -59.77 -17.37
C ASN G 330 -27.92 -59.17 -16.72
N ASN G 331 -28.18 -57.89 -17.05
CA ASN G 331 -29.31 -57.13 -16.53
C ASN G 331 -29.35 -57.14 -15.00
N ARG G 332 -28.18 -56.89 -14.40
CA ARG G 332 -28.07 -56.92 -12.95
C ARG G 332 -28.88 -55.80 -12.30
N TYR G 333 -28.69 -54.58 -12.77
CA TYR G 333 -29.40 -53.41 -12.25
C TYR G 333 -30.14 -52.74 -13.39
N PRO G 334 -31.46 -52.91 -13.50
CA PRO G 334 -32.22 -52.16 -14.51
C PRO G 334 -32.22 -50.68 -14.20
N LEU G 335 -32.24 -49.88 -15.27
CA LEU G 335 -32.20 -48.43 -15.11
C LEU G 335 -33.51 -47.91 -14.55
N GLY G 336 -34.60 -48.09 -15.29
CA GLY G 336 -35.89 -47.62 -14.84
C GLY G 336 -36.55 -48.57 -13.85
N TYR G 337 -35.98 -48.67 -12.66
CA TYR G 337 -36.54 -49.56 -11.65
C TYR G 337 -37.88 -49.07 -11.12
N LYS G 338 -38.10 -47.75 -11.11
CA LYS G 338 -39.29 -47.21 -10.47
C LYS G 338 -40.51 -47.28 -11.39
N HIS G 339 -40.51 -46.52 -12.48
CA HIS G 339 -41.71 -46.44 -13.32
C HIS G 339 -41.45 -46.45 -14.81
N SER G 340 -40.26 -46.08 -15.30
CA SER G 340 -40.10 -45.69 -16.68
C SER G 340 -39.22 -46.67 -17.46
N LYS G 341 -39.45 -46.74 -18.77
CA LYS G 341 -38.57 -47.41 -19.70
C LYS G 341 -37.78 -46.33 -20.44
N LEU G 342 -36.70 -45.87 -19.81
CA LEU G 342 -35.95 -44.73 -20.30
C LEU G 342 -35.21 -45.06 -21.59
N ALA G 343 -34.48 -46.16 -21.61
CA ALA G 343 -33.71 -46.54 -22.78
C ALA G 343 -34.63 -47.13 -23.85
N SER G 344 -34.22 -47.00 -25.10
CA SER G 344 -34.92 -47.67 -26.18
C SER G 344 -34.77 -49.18 -26.07
N ARG G 345 -33.63 -49.65 -25.54
CA ARG G 345 -33.45 -51.07 -25.30
C ARG G 345 -32.46 -51.29 -24.17
N ASN G 346 -32.71 -52.36 -23.43
CA ASN G 346 -31.79 -52.87 -22.42
C ASN G 346 -31.07 -54.08 -23.02
N ILE G 347 -29.74 -54.06 -22.88
CA ILE G 347 -28.86 -55.00 -23.58
C ILE G 347 -28.00 -55.69 -22.54
N GLY G 348 -27.89 -57.02 -22.64
CA GLY G 348 -27.20 -57.79 -21.63
C GLY G 348 -25.71 -58.01 -21.82
N ASN G 349 -25.18 -57.82 -23.04
CA ASN G 349 -23.80 -58.14 -23.33
C ASN G 349 -23.17 -57.01 -24.14
N LEU G 350 -21.84 -56.88 -24.04
CA LEU G 350 -21.13 -55.76 -24.64
C LEU G 350 -21.09 -55.85 -26.16
N ASN G 351 -21.04 -57.06 -26.70
CA ASN G 351 -20.79 -57.23 -28.13
C ASN G 351 -21.97 -56.72 -28.96
N GLU G 352 -23.20 -57.10 -28.61
CA GLU G 352 -24.31 -56.58 -29.38
C GLU G 352 -24.65 -55.14 -29.01
N LEU G 353 -24.19 -54.64 -27.87
CA LEU G 353 -24.27 -53.20 -27.61
C LEU G 353 -23.39 -52.43 -28.59
N VAL G 354 -22.17 -52.92 -28.81
CA VAL G 354 -21.29 -52.34 -29.83
C VAL G 354 -21.92 -52.46 -31.21
N GLY G 355 -22.50 -53.63 -31.49
CA GLY G 355 -23.13 -53.84 -32.79
C GLY G 355 -24.31 -52.92 -33.03
N ALA G 356 -25.12 -52.67 -32.01
CA ALA G 356 -26.24 -51.74 -32.14
C ALA G 356 -25.77 -50.31 -32.28
N VAL G 357 -24.68 -49.94 -31.60
CA VAL G 357 -24.11 -48.61 -31.77
C VAL G 357 -23.65 -48.41 -33.21
N LEU G 358 -22.95 -49.39 -33.77
CA LEU G 358 -22.54 -49.30 -35.17
C LEU G 358 -23.73 -49.36 -36.12
N ASP G 359 -24.80 -50.06 -35.73
CA ASP G 359 -26.01 -50.09 -36.54
C ASP G 359 -26.65 -48.72 -36.63
N TYR G 360 -26.68 -47.98 -35.52
CA TYR G 360 -27.18 -46.62 -35.57
C TYR G 360 -26.23 -45.71 -36.36
N ILE G 361 -24.92 -45.89 -36.20
CA ILE G 361 -23.95 -44.96 -36.77
C ILE G 361 -24.03 -44.95 -38.30
N GLY G 362 -23.93 -46.12 -38.92
CA GLY G 362 -24.11 -46.19 -40.35
C GLY G 362 -24.71 -47.50 -40.84
N GLY G 363 -25.14 -48.34 -39.90
CA GLY G 363 -25.53 -49.69 -40.25
C GLY G 363 -24.38 -50.64 -40.44
N PHE G 364 -23.15 -50.22 -40.10
CA PHE G 364 -21.99 -51.07 -40.23
C PHE G 364 -21.99 -52.17 -39.18
N LYS G 365 -21.18 -53.19 -39.42
CA LYS G 365 -21.05 -54.32 -38.52
C LYS G 365 -19.68 -54.31 -37.85
N TRP G 366 -19.51 -55.20 -36.88
CA TRP G 366 -18.24 -55.31 -36.16
C TRP G 366 -17.23 -56.18 -36.90
N GLU G 367 -17.68 -56.98 -37.87
CA GLU G 367 -16.78 -57.92 -38.54
C GLU G 367 -15.96 -57.24 -39.63
N GLU G 368 -16.63 -56.66 -40.64
CA GLU G 368 -15.92 -56.06 -41.75
C GLU G 368 -15.27 -54.74 -41.39
N VAL G 369 -15.58 -54.16 -40.23
CA VAL G 369 -14.92 -52.94 -39.78
C VAL G 369 -13.48 -53.18 -39.34
N GLN G 370 -13.09 -54.43 -39.12
CA GLN G 370 -11.76 -54.74 -38.59
C GLN G 370 -10.65 -54.53 -39.61
N LYS G 371 -10.98 -54.46 -40.90
CA LYS G 371 -9.93 -54.49 -41.92
C LYS G 371 -9.09 -53.20 -41.93
N SER G 372 -9.71 -52.06 -41.62
CA SER G 372 -9.00 -50.78 -41.66
C SER G 372 -8.12 -50.64 -40.42
N LYS G 373 -6.98 -51.32 -40.46
CA LYS G 373 -6.04 -51.25 -39.34
C LYS G 373 -5.30 -49.92 -39.32
N ALA G 374 -4.87 -49.45 -40.49
CA ALA G 374 -4.11 -48.20 -40.67
C ALA G 374 -2.87 -48.13 -39.79
N MET H 1 -0.84 -66.21 -20.86
CA MET H 1 -2.14 -66.01 -20.26
C MET H 1 -2.01 -65.53 -18.81
N LEU H 2 -3.14 -65.28 -18.18
CA LEU H 2 -3.20 -64.73 -16.83
C LEU H 2 -3.98 -65.69 -15.95
N ILE H 3 -3.39 -66.09 -14.83
CA ILE H 3 -4.05 -67.00 -13.89
C ILE H 3 -4.60 -66.19 -12.72
N GLU H 4 -5.88 -66.36 -12.43
CA GLU H 4 -6.56 -65.58 -11.40
C GLU H 4 -7.20 -66.53 -10.41
N ILE H 5 -6.88 -66.33 -9.13
CA ILE H 5 -7.36 -67.15 -8.04
C ILE H 5 -8.20 -66.28 -7.11
N HIS H 6 -9.47 -66.67 -6.95
CA HIS H 6 -10.39 -66.01 -6.03
C HIS H 6 -10.72 -67.01 -4.94
N MET H 7 -10.30 -66.73 -3.71
CA MET H 7 -10.54 -67.65 -2.62
C MET H 7 -11.34 -66.99 -1.51
N ILE H 8 -12.15 -67.80 -0.86
CA ILE H 8 -12.98 -67.42 0.27
C ILE H 8 -12.45 -68.19 1.48
N GLN H 9 -12.01 -67.45 2.50
CA GLN H 9 -11.32 -68.01 3.64
C GLN H 9 -11.86 -67.42 4.92
N ASN H 10 -11.72 -68.16 6.03
CA ASN H 10 -12.11 -67.68 7.34
C ASN H 10 -10.86 -67.34 8.14
N HIS H 11 -10.75 -66.10 8.58
CA HIS H 11 -9.56 -65.64 9.30
C HIS H 11 -9.96 -65.01 10.62
N SER H 12 -9.46 -65.57 11.72
CA SER H 12 -9.73 -65.04 13.04
C SER H 12 -8.99 -63.71 13.23
N PRO H 13 -9.54 -62.79 14.04
CA PRO H 13 -8.88 -61.50 14.23
C PRO H 13 -7.62 -61.56 15.08
N ALA H 14 -7.31 -62.69 15.69
CA ALA H 14 -6.06 -62.85 16.43
C ALA H 14 -4.87 -63.12 15.53
N ASN H 15 -5.10 -63.32 14.23
CA ASN H 15 -4.08 -63.69 13.27
C ASN H 15 -4.18 -62.82 12.02
N LEU H 16 -4.27 -61.51 12.22
CA LEU H 16 -4.48 -60.59 11.11
C LEU H 16 -3.49 -59.45 11.11
N ASN H 17 -3.73 -58.47 10.24
CA ASN H 17 -2.85 -57.32 10.07
C ASN H 17 -3.19 -56.23 11.08
N ARG H 18 -2.29 -55.25 11.19
CA ARG H 18 -2.51 -54.12 12.08
C ARG H 18 -1.87 -52.88 11.46
N ASP H 19 -2.37 -51.72 11.87
CA ASP H 19 -1.78 -50.44 11.48
C ASP H 19 -0.78 -50.01 12.56
N ASP H 20 -0.36 -48.74 12.51
CA ASP H 20 0.58 -48.23 13.50
C ASP H 20 -0.03 -48.10 14.88
N LEU H 21 -1.36 -48.11 15.00
CA LEU H 21 -2.03 -47.91 16.27
C LEU H 21 -2.61 -49.21 16.84
N GLY H 22 -2.24 -50.36 16.30
CA GLY H 22 -2.76 -51.62 16.78
C GLY H 22 -4.16 -51.96 16.30
N ALA H 23 -4.72 -51.18 15.39
CA ALA H 23 -6.05 -51.47 14.87
C ALA H 23 -5.96 -52.44 13.70
N PRO H 24 -6.83 -53.44 13.62
CA PRO H 24 -6.94 -54.23 12.39
C PRO H 24 -7.31 -53.33 11.22
N LYS H 25 -6.70 -53.59 10.07
CA LYS H 25 -6.85 -52.70 8.93
C LYS H 25 -8.28 -52.75 8.39
N THR H 26 -8.82 -51.56 8.12
CA THR H 26 -10.20 -51.42 7.67
C THR H 26 -10.27 -50.53 6.45
N CYS H 27 -11.19 -50.84 5.55
CA CYS H 27 -11.38 -50.07 4.33
C CYS H 27 -12.86 -49.82 4.09
N TYR H 28 -13.16 -48.72 3.40
CA TYR H 28 -14.54 -48.33 3.10
C TYR H 28 -14.87 -48.85 1.71
N PHE H 29 -15.60 -49.96 1.63
CA PHE H 29 -15.98 -50.57 0.37
C PHE H 29 -17.49 -50.61 0.27
N GLY H 30 -18.02 -50.22 -0.89
CA GLY H 30 -19.46 -50.21 -1.09
C GLY H 30 -20.22 -49.29 -0.17
N GLY H 31 -19.54 -48.31 0.43
CA GLY H 31 -20.15 -47.46 1.42
C GLY H 31 -20.17 -48.00 2.83
N VAL H 32 -19.66 -49.21 3.06
CA VAL H 32 -19.66 -49.81 4.39
C VAL H 32 -18.24 -50.21 4.76
N LEU H 33 -17.99 -50.31 6.06
CA LEU H 33 -16.64 -50.59 6.56
C LEU H 33 -16.38 -52.09 6.57
N ARG H 34 -15.22 -52.50 6.06
CA ARG H 34 -14.81 -53.88 6.00
C ARG H 34 -13.44 -54.05 6.63
N SER H 35 -13.19 -55.24 7.15
CA SER H 35 -11.88 -55.63 7.61
C SER H 35 -10.97 -55.88 6.41
N ARG H 36 -9.75 -55.40 6.50
CA ARG H 36 -8.81 -55.42 5.38
C ARG H 36 -7.52 -56.14 5.76
N ILE H 37 -7.04 -56.97 4.85
CA ILE H 37 -5.71 -57.54 4.93
C ILE H 37 -4.91 -56.96 3.78
N SER H 38 -3.80 -56.29 4.10
CA SER H 38 -3.04 -55.59 3.09
C SER H 38 -2.36 -56.56 2.14
N SER H 39 -2.12 -56.10 0.91
CA SER H 39 -1.52 -56.93 -0.11
C SER H 39 -0.10 -57.33 0.24
N GLN H 40 0.67 -56.40 0.83
CA GLN H 40 2.04 -56.72 1.22
C GLN H 40 2.08 -57.72 2.37
N CYS H 41 1.07 -57.70 3.24
CA CYS H 41 0.99 -58.68 4.32
C CYS H 41 0.84 -60.09 3.76
N ILE H 42 -0.06 -60.26 2.79
CA ILE H 42 -0.23 -61.54 2.13
C ILE H 42 1.03 -61.91 1.35
N LYS H 43 1.67 -60.93 0.74
CA LYS H 43 2.88 -61.20 -0.05
C LYS H 43 4.01 -61.74 0.82
N ARG H 44 4.28 -61.09 1.96
CA ARG H 44 5.35 -61.58 2.82
C ARG H 44 4.94 -62.86 3.56
N SER H 45 3.66 -63.02 3.89
CA SER H 45 3.22 -64.25 4.53
C SER H 45 3.37 -65.44 3.59
N ILE H 46 3.10 -65.24 2.30
CA ILE H 46 3.39 -66.28 1.31
C ILE H 46 4.89 -66.47 1.18
N ARG H 47 5.66 -65.38 1.23
CA ARG H 47 7.11 -65.45 1.05
C ARG H 47 7.79 -66.26 2.15
N THR H 48 7.39 -66.05 3.40
CA THR H 48 8.07 -66.66 4.55
C THR H 48 7.41 -67.96 4.99
N SER H 49 6.44 -68.47 4.23
CA SER H 49 5.76 -69.70 4.61
C SER H 49 6.66 -70.92 4.38
N ASN H 50 6.23 -72.06 4.92
CA ASN H 50 6.99 -73.29 4.76
C ASN H 50 6.96 -73.80 3.33
N ASP H 51 5.86 -73.58 2.62
CA ASP H 51 5.71 -74.15 1.29
C ASP H 51 6.56 -73.40 0.26
N PHE H 52 6.74 -72.10 0.46
CA PHE H 52 7.53 -71.26 -0.44
C PHE H 52 8.98 -71.14 -0.01
N LYS H 53 9.38 -71.80 1.08
CA LYS H 53 10.73 -71.66 1.60
C LYS H 53 11.79 -72.25 0.66
N ALA H 54 11.40 -73.17 -0.21
CA ALA H 54 12.34 -73.72 -1.18
C ALA H 54 12.61 -72.76 -2.32
N LEU H 55 11.77 -71.75 -2.52
CA LEU H 55 11.93 -70.79 -3.60
C LEU H 55 12.23 -69.39 -3.11
N LEU H 56 12.62 -69.24 -1.85
CA LEU H 56 12.97 -67.93 -1.29
C LEU H 56 14.37 -67.54 -1.74
N GLY H 57 14.48 -67.23 -3.02
CA GLY H 57 15.73 -66.89 -3.65
C GLY H 57 16.09 -65.43 -3.61
N GLY H 58 15.32 -64.60 -2.91
CA GLY H 58 15.58 -63.17 -2.87
C GLY H 58 15.75 -62.68 -1.44
N VAL H 59 16.52 -61.60 -1.29
CA VAL H 59 16.75 -60.97 -0.01
C VAL H 59 16.54 -59.47 -0.17
N ARG H 60 16.04 -58.82 0.88
CA ARG H 60 15.82 -57.38 0.88
C ARG H 60 16.61 -56.80 2.04
N THR H 61 17.76 -56.21 1.73
CA THR H 61 18.73 -55.85 2.75
C THR H 61 19.05 -54.37 2.71
N ARG H 62 19.04 -53.74 3.89
CA ARG H 62 19.69 -52.46 4.08
C ARG H 62 21.12 -52.62 4.59
N ARG H 63 21.47 -53.80 5.07
CA ARG H 63 22.81 -54.11 5.58
C ARG H 63 23.42 -55.18 4.68
N LEU H 64 24.00 -54.74 3.57
CA LEU H 64 24.64 -55.67 2.64
C LEU H 64 26.06 -55.99 3.04
N ALA H 65 26.72 -55.08 3.75
CA ALA H 65 28.10 -55.31 4.18
C ALA H 65 28.19 -56.45 5.18
N ASP H 66 27.11 -56.67 5.97
CA ASP H 66 27.08 -57.84 6.83
C ASP H 66 27.03 -59.12 6.02
N LEU H 67 26.27 -59.14 4.93
CA LEU H 67 26.23 -60.30 4.05
C LEU H 67 27.56 -60.48 3.32
N ILE H 68 28.30 -59.40 3.10
CA ILE H 68 29.66 -59.52 2.58
C ILE H 68 30.54 -60.28 3.56
N GLN H 69 30.43 -59.94 4.85
CA GLN H 69 31.19 -60.61 5.91
C GLN H 69 30.36 -61.78 6.45
N GLN H 70 30.14 -62.75 5.56
CA GLN H 70 29.50 -64.01 5.96
C GLN H 70 30.16 -65.23 5.37
N GLU H 71 31.03 -65.10 4.37
CA GLU H 71 31.65 -66.24 3.71
C GLU H 71 33.16 -66.10 3.52
N ALA H 72 33.71 -64.89 3.59
CA ALA H 72 35.14 -64.71 3.37
C ALA H 72 35.95 -65.29 4.53
N GLY H 73 35.54 -65.00 5.76
CA GLY H 73 36.28 -65.46 6.92
C GLY H 73 37.31 -64.44 7.40
N GLU H 74 37.97 -63.78 6.46
CA GLU H 74 38.90 -62.72 6.82
C GLU H 74 38.15 -61.53 7.41
N THR H 75 38.69 -61.00 8.52
CA THR H 75 38.03 -59.92 9.23
C THR H 75 37.98 -58.64 8.40
N GLU H 76 39.09 -58.29 7.76
CA GLU H 76 39.23 -56.97 7.15
C GLU H 76 38.65 -56.90 5.74
N CYS H 77 37.42 -57.38 5.54
CA CYS H 77 36.60 -56.93 4.41
C CYS H 77 35.18 -56.63 4.95
N TRP H 78 35.07 -55.50 5.62
CA TRP H 78 33.80 -54.87 5.95
C TRP H 78 33.82 -53.38 5.67
N LYS H 79 34.94 -52.71 5.94
CA LYS H 79 35.06 -51.29 5.65
C LYS H 79 35.25 -51.05 4.16
N LYS H 80 36.02 -51.92 3.50
CA LYS H 80 36.21 -51.79 2.06
C LYS H 80 34.91 -51.97 1.31
N ALA H 81 34.10 -52.95 1.73
CA ALA H 81 32.78 -53.13 1.14
C ALA H 81 31.89 -51.92 1.42
N GLN H 82 32.02 -51.32 2.60
CA GLN H 82 31.22 -50.14 2.94
C GLN H 82 31.58 -48.96 2.05
N GLU H 83 32.88 -48.74 1.81
CA GLU H 83 33.28 -47.65 0.91
C GLU H 83 32.91 -47.96 -0.53
N ILE H 84 32.96 -49.23 -0.93
CA ILE H 84 32.52 -49.61 -2.28
C ILE H 84 31.03 -49.31 -2.46
N LEU H 85 30.21 -49.65 -1.45
CA LEU H 85 28.79 -49.39 -1.53
C LEU H 85 28.49 -47.89 -1.46
N ASN H 86 29.27 -47.13 -0.70
CA ASN H 86 29.11 -45.68 -0.69
C ASN H 86 29.46 -45.09 -2.05
N LYS H 87 30.48 -45.62 -2.70
CA LYS H 87 30.86 -45.13 -4.02
C LYS H 87 29.88 -45.58 -5.09
N CYS H 88 29.16 -46.68 -4.86
CA CYS H 88 28.08 -47.08 -5.77
C CYS H 88 26.88 -46.16 -5.64
N GLY H 89 26.63 -45.63 -4.44
CA GLY H 89 25.53 -44.69 -4.25
C GLY H 89 24.78 -44.84 -2.94
N PHE H 90 24.91 -45.98 -2.30
CA PHE H 90 24.16 -46.25 -1.07
C PHE H 90 24.85 -45.59 0.11
N LYS H 91 24.12 -44.71 0.80
CA LYS H 91 24.69 -43.89 1.86
C LYS H 91 25.10 -44.74 3.06
N ASN H 92 26.07 -44.23 3.81
CA ASN H 92 26.60 -44.88 5.00
C ASN H 92 26.16 -44.04 6.21
N LYS H 93 24.96 -44.32 6.70
CA LYS H 93 24.50 -43.67 7.93
C LYS H 93 24.87 -44.50 9.16
N ASP H 94 24.63 -45.80 9.10
CA ASP H 94 25.01 -46.73 10.15
C ASP H 94 25.73 -47.88 9.46
N ASP H 95 25.89 -49.00 10.18
CA ASP H 95 26.39 -50.22 9.54
C ASP H 95 25.53 -50.65 8.37
N ASN H 96 24.24 -50.33 8.41
CA ASN H 96 23.35 -50.54 7.27
C ASN H 96 23.40 -49.34 6.31
N THR H 97 22.98 -49.59 5.08
CA THR H 97 22.87 -48.52 4.11
C THR H 97 21.56 -47.75 4.31
N LYS H 98 21.39 -46.67 3.55
CA LYS H 98 20.15 -45.91 3.62
C LYS H 98 19.11 -46.38 2.62
N MET H 99 19.51 -47.09 1.56
CA MET H 99 18.59 -47.63 0.59
C MET H 99 18.44 -49.13 0.78
N LEU H 100 17.31 -49.66 0.28
CA LEU H 100 17.02 -51.08 0.35
C LEU H 100 17.42 -51.75 -0.95
N VAL H 101 18.20 -52.83 -0.85
CA VAL H 101 18.70 -53.55 -2.01
C VAL H 101 17.97 -54.87 -2.10
N PHE H 102 17.36 -55.14 -3.25
CA PHE H 102 16.69 -56.40 -3.52
C PHE H 102 17.65 -57.27 -4.33
N MET H 103 18.18 -58.30 -3.68
CA MET H 103 19.26 -59.13 -4.19
C MET H 103 18.80 -60.59 -4.29
N SER H 104 19.66 -61.42 -4.89
CA SER H 104 19.42 -62.85 -5.00
C SER H 104 20.58 -63.60 -4.35
N LYS H 105 20.28 -64.82 -3.90
CA LYS H 105 21.25 -65.66 -3.19
C LYS H 105 22.19 -66.42 -4.10
N ASP H 106 22.78 -65.76 -5.10
CA ASP H 106 23.95 -66.29 -5.77
C ASP H 106 24.99 -65.24 -6.14
N LYS H 107 24.65 -63.95 -6.11
CA LYS H 107 25.60 -62.88 -6.37
C LYS H 107 26.20 -62.28 -5.10
N ILE H 108 25.76 -62.73 -3.92
CA ILE H 108 26.42 -62.32 -2.68
C ILE H 108 27.85 -62.84 -2.65
N LYS H 109 28.05 -64.08 -3.11
CA LYS H 109 29.39 -64.64 -3.24
C LYS H 109 30.23 -63.85 -4.23
N ASP H 110 29.63 -63.44 -5.35
CA ASP H 110 30.35 -62.62 -6.32
C ASP H 110 30.68 -61.24 -5.75
N LEU H 111 29.77 -60.68 -4.95
CA LEU H 111 30.05 -59.40 -4.30
C LEU H 111 31.22 -59.51 -3.34
N ALA H 112 31.26 -60.60 -2.55
CA ALA H 112 32.40 -60.82 -1.66
C ALA H 112 33.68 -61.04 -2.45
N ARG H 113 33.59 -61.73 -3.59
CA ARG H 113 34.76 -61.94 -4.44
C ARG H 113 35.32 -60.63 -4.96
N ILE H 114 34.43 -59.73 -5.38
CA ILE H 114 34.87 -58.42 -5.87
C ILE H 114 35.45 -57.59 -4.73
N VAL H 115 34.84 -57.65 -3.54
CA VAL H 115 35.32 -56.86 -2.42
C VAL H 115 36.68 -57.34 -1.94
N LEU H 116 36.88 -58.65 -1.83
CA LEU H 116 38.15 -59.17 -1.32
C LEU H 116 39.29 -59.02 -2.32
N ASP H 117 38.98 -58.88 -3.61
CA ASP H 117 40.03 -58.70 -4.61
C ASP H 117 40.68 -57.34 -4.45
N ASN H 118 42.01 -57.32 -4.41
CA ASN H 118 42.77 -56.10 -4.16
C ASN H 118 43.62 -55.70 -5.36
N SER H 119 43.32 -56.21 -6.55
CA SER H 119 44.03 -55.85 -7.76
C SER H 119 43.37 -54.70 -8.51
N LEU H 120 42.31 -54.13 -7.97
CA LEU H 120 41.56 -53.09 -8.66
C LEU H 120 41.28 -51.93 -7.71
N GLY H 121 41.03 -50.77 -8.29
CA GLY H 121 40.72 -49.58 -7.51
C GLY H 121 39.28 -49.56 -7.06
N LEU H 122 38.93 -48.48 -6.35
CA LEU H 122 37.59 -48.36 -5.78
C LEU H 122 36.54 -48.10 -6.85
N THR H 123 36.90 -47.34 -7.89
CA THR H 123 35.93 -47.00 -8.94
C THR H 123 35.59 -48.22 -9.78
N GLU H 124 36.60 -48.99 -10.19
CA GLU H 124 36.34 -50.20 -10.95
C GLU H 124 35.62 -51.26 -10.11
N ALA H 125 35.93 -51.29 -8.81
CA ALA H 125 35.19 -52.16 -7.90
C ALA H 125 33.72 -51.77 -7.83
N ALA H 126 33.44 -50.46 -7.79
CA ALA H 126 32.06 -49.99 -7.79
C ALA H 126 31.36 -50.34 -9.09
N GLN H 127 32.07 -50.22 -10.22
CA GLN H 127 31.47 -50.56 -11.51
C GLN H 127 31.13 -52.05 -11.59
N GLN H 128 32.06 -52.90 -11.14
CA GLN H 128 31.78 -54.34 -11.13
C GLN H 128 30.67 -54.69 -10.15
N VAL H 129 30.61 -53.99 -9.02
CA VAL H 129 29.57 -54.23 -8.03
C VAL H 129 28.20 -53.81 -8.58
N ALA H 130 28.15 -52.73 -9.36
CA ALA H 130 26.89 -52.33 -10.00
C ALA H 130 26.48 -53.32 -11.07
N ASN H 131 27.44 -53.81 -11.84
CA ASN H 131 27.16 -54.87 -12.81
C ASN H 131 26.63 -56.12 -12.11
N VAL H 132 27.10 -56.40 -10.90
CA VAL H 132 26.58 -57.53 -10.13
C VAL H 132 25.17 -57.23 -9.64
N ILE H 133 25.00 -56.16 -8.86
CA ILE H 133 23.66 -55.83 -8.39
C ILE H 133 22.98 -54.84 -9.35
N ALA H 134 22.89 -55.27 -10.61
CA ALA H 134 21.86 -54.83 -11.53
C ALA H 134 21.28 -55.98 -12.34
N GLN H 135 21.95 -57.13 -12.40
CA GLN H 135 21.43 -58.31 -13.07
C GLN H 135 21.08 -59.42 -12.07
N ALA H 136 21.09 -59.12 -10.78
CA ALA H 136 20.70 -60.08 -9.75
C ALA H 136 19.18 -60.21 -9.78
N THR H 137 18.70 -61.01 -10.73
CA THR H 137 17.28 -61.14 -10.99
C THR H 137 16.79 -62.58 -10.98
N LEU H 138 17.66 -63.56 -11.18
CA LEU H 138 17.23 -64.95 -11.33
C LEU H 138 16.76 -65.53 -10.00
N ALA H 139 15.59 -65.09 -9.55
CA ALA H 139 15.00 -65.56 -8.32
C ALA H 139 13.49 -65.49 -8.51
N PRO H 140 12.76 -66.55 -8.18
CA PRO H 140 11.30 -66.51 -8.33
C PRO H 140 10.62 -65.45 -7.46
N ASP H 141 11.17 -65.17 -6.27
CA ASP H 141 10.63 -64.10 -5.44
C ASP H 141 10.81 -62.74 -6.11
N ILE H 142 11.97 -62.52 -6.73
CA ILE H 142 12.21 -61.30 -7.49
C ILE H 142 11.22 -61.19 -8.65
N ALA H 143 10.96 -62.32 -9.32
CA ALA H 143 10.02 -62.33 -10.43
C ALA H 143 8.61 -61.97 -9.97
N LEU H 144 8.18 -62.51 -8.82
CA LEU H 144 6.81 -62.29 -8.38
C LEU H 144 6.62 -60.89 -7.79
N CYS H 145 7.43 -60.53 -6.79
CA CYS H 145 7.23 -59.27 -6.09
C CYS H 145 7.72 -58.07 -6.89
N GLY H 146 8.52 -58.27 -7.92
CA GLY H 146 9.08 -57.15 -8.65
C GLY H 146 10.24 -56.51 -7.91
N ARG H 147 10.78 -55.46 -8.51
CA ARG H 147 11.95 -54.80 -7.95
C ARG H 147 12.03 -53.38 -8.49
N MET H 148 12.33 -52.43 -7.61
CA MET H 148 12.66 -51.06 -8.02
C MET H 148 13.83 -50.63 -7.13
N LEU H 149 15.04 -50.84 -7.62
CA LEU H 149 16.26 -50.45 -6.93
C LEU H 149 16.83 -49.23 -7.63
N GLU H 150 17.25 -48.23 -6.85
CA GLU H 150 17.71 -47.01 -7.45
C GLU H 150 18.70 -46.29 -6.54
N PRO H 151 19.82 -45.82 -7.07
CA PRO H 151 20.90 -45.28 -6.23
C PRO H 151 20.77 -43.77 -6.04
N ASN H 152 21.60 -43.26 -5.13
CA ASN H 152 21.72 -41.82 -4.91
C ASN H 152 22.78 -41.26 -5.84
N ASP H 153 22.54 -40.04 -6.33
CA ASP H 153 23.40 -39.45 -7.34
C ASP H 153 24.30 -38.33 -6.80
N LYS H 154 23.91 -37.65 -5.72
CA LYS H 154 24.78 -36.61 -5.19
C LYS H 154 26.07 -37.20 -4.60
N ASP H 155 25.99 -38.40 -4.05
CA ASP H 155 27.12 -39.04 -3.38
C ASP H 155 27.58 -40.27 -4.15
N LYS H 156 27.66 -40.14 -5.47
CA LYS H 156 28.10 -41.23 -6.34
C LYS H 156 29.17 -40.69 -7.28
N ASP H 157 30.14 -41.55 -7.60
CA ASP H 157 31.22 -41.14 -8.50
C ASP H 157 30.61 -40.96 -9.89
N LYS H 158 31.15 -40.00 -10.63
CA LYS H 158 30.59 -39.66 -11.94
C LYS H 158 30.89 -40.71 -12.99
N LYS H 159 31.89 -41.56 -12.79
CA LYS H 159 32.27 -42.54 -13.81
C LYS H 159 31.50 -43.85 -13.69
N VAL H 160 31.09 -44.24 -12.49
CA VAL H 160 30.36 -45.50 -12.32
C VAL H 160 28.92 -45.30 -12.78
N LYS H 161 28.45 -46.20 -13.65
CA LYS H 161 27.13 -46.11 -14.23
C LYS H 161 26.28 -47.29 -13.79
N TRP H 162 24.97 -47.14 -13.96
CA TRP H 162 24.01 -48.15 -13.53
C TRP H 162 23.18 -48.60 -14.73
N SER H 163 22.95 -49.90 -14.81
CA SER H 163 22.12 -50.48 -15.87
C SER H 163 20.66 -50.41 -15.45
N ASN H 164 19.80 -51.15 -16.16
CA ASN H 164 18.37 -51.15 -15.85
C ASN H 164 18.09 -51.90 -14.56
N THR H 165 18.02 -51.16 -13.45
CA THR H 165 17.75 -51.75 -12.14
C THR H 165 16.26 -51.66 -11.81
N THR H 166 15.45 -52.26 -12.67
CA THR H 166 14.00 -52.27 -12.47
C THR H 166 13.43 -53.53 -13.11
N VAL H 167 12.82 -54.38 -12.29
CA VAL H 167 12.14 -55.58 -12.75
C VAL H 167 10.67 -55.42 -12.42
N GLU H 168 9.83 -55.39 -13.45
CA GLU H 168 8.40 -55.16 -13.24
C GLU H 168 7.75 -56.43 -12.69
N ALA H 169 6.77 -56.23 -11.81
CA ALA H 169 6.18 -57.33 -11.06
C ALA H 169 5.27 -58.16 -11.95
N ALA H 170 5.09 -59.42 -11.55
CA ALA H 170 4.17 -60.33 -12.21
C ALA H 170 3.00 -60.73 -11.34
N LEU H 171 2.99 -60.33 -10.06
CA LEU H 171 1.94 -60.69 -9.13
C LEU H 171 1.15 -59.44 -8.76
N GLN H 172 -0.16 -59.48 -9.01
CA GLN H 172 -1.08 -58.42 -8.61
C GLN H 172 -1.99 -59.03 -7.55
N VAL H 173 -1.76 -58.67 -6.29
CA VAL H 173 -2.55 -59.15 -5.18
C VAL H 173 -3.43 -58.02 -4.68
N ALA H 174 -4.74 -58.26 -4.66
CA ALA H 174 -5.67 -57.27 -4.16
C ALA H 174 -5.67 -57.28 -2.63
N HIS H 175 -6.10 -56.17 -2.05
CA HIS H 175 -6.31 -56.13 -0.62
C HIS H 175 -7.51 -57.00 -0.27
N ALA H 176 -7.32 -57.92 0.66
CA ALA H 176 -8.41 -58.81 1.06
C ALA H 176 -9.47 -58.02 1.80
N ILE H 177 -10.73 -58.20 1.40
CA ILE H 177 -11.85 -57.44 1.95
C ILE H 177 -12.83 -58.42 2.56
N SER H 178 -13.29 -58.11 3.77
CA SER H 178 -14.33 -58.90 4.39
C SER H 178 -15.66 -58.66 3.68
N THR H 179 -16.36 -59.74 3.35
CA THR H 179 -17.64 -59.61 2.65
C THR H 179 -18.67 -58.91 3.52
N HIS H 180 -18.73 -59.26 4.80
CA HIS H 180 -19.63 -58.63 5.75
C HIS H 180 -19.04 -57.30 6.22
N ILE H 181 -19.89 -56.51 6.88
CA ILE H 181 -19.38 -55.39 7.66
C ILE H 181 -18.60 -55.95 8.83
N ALA H 182 -17.46 -55.32 9.15
CA ALA H 182 -16.56 -55.84 10.16
C ALA H 182 -17.24 -55.85 11.53
N ARG H 183 -17.09 -56.95 12.25
CA ARG H 183 -17.78 -57.11 13.52
C ARG H 183 -17.13 -56.19 14.56
N PRO H 184 -17.91 -55.32 15.21
CA PRO H 184 -17.34 -54.47 16.25
C PRO H 184 -16.93 -55.30 17.46
N GLU H 185 -15.84 -54.89 18.10
CA GLU H 185 -15.47 -55.52 19.34
C GLU H 185 -16.43 -55.09 20.45
N ILE H 186 -16.44 -55.89 21.52
CA ILE H 186 -17.32 -55.61 22.66
C ILE H 186 -16.83 -54.30 23.29
N ASP H 187 -17.65 -53.26 23.20
CA ASP H 187 -17.29 -51.98 23.78
C ASP H 187 -17.24 -52.09 25.29
N TYR H 188 -16.08 -51.79 25.87
CA TYR H 188 -15.87 -51.97 27.29
C TYR H 188 -16.12 -50.67 28.06
N PHE H 189 -16.98 -49.82 27.51
CA PHE H 189 -17.49 -48.65 28.20
C PHE H 189 -18.80 -48.95 28.91
N VAL H 190 -19.28 -50.19 28.85
CA VAL H 190 -20.46 -50.57 29.62
C VAL H 190 -20.08 -50.78 31.08
N SER H 208 -12.14 -69.99 18.90
CA SER H 208 -12.62 -70.40 20.22
C SER H 208 -13.27 -69.23 20.95
N MET H 209 -12.74 -68.03 20.74
CA MET H 209 -13.21 -66.82 21.38
C MET H 209 -13.94 -65.91 20.41
N PHE H 210 -13.31 -65.56 19.29
CA PHE H 210 -13.88 -64.63 18.31
C PHE H 210 -14.23 -65.38 17.03
N ALA H 211 -15.33 -64.98 16.40
CA ALA H 211 -15.74 -65.56 15.14
C ALA H 211 -14.84 -65.08 14.02
N SER H 212 -14.34 -66.01 13.21
CA SER H 212 -13.48 -65.67 12.09
C SER H 212 -14.25 -64.94 11.01
N ALA H 213 -13.59 -63.98 10.37
CA ALA H 213 -14.20 -63.16 9.33
C ALA H 213 -14.03 -63.82 7.97
N CYS H 214 -15.05 -63.66 7.12
CA CYS H 214 -15.02 -64.22 5.78
C CYS H 214 -14.33 -63.26 4.84
N PHE H 215 -13.18 -63.67 4.32
CA PHE H 215 -12.32 -62.83 3.50
C PHE H 215 -12.28 -63.35 2.07
N TYR H 216 -12.34 -62.42 1.13
CA TYR H 216 -12.21 -62.68 -0.30
C TYR H 216 -10.84 -62.22 -0.76
N LYS H 217 -10.08 -63.14 -1.35
CA LYS H 217 -8.74 -62.85 -1.83
C LYS H 217 -8.68 -63.06 -3.33
N TYR H 218 -7.99 -62.15 -4.01
CA TYR H 218 -7.86 -62.17 -5.47
C TYR H 218 -6.38 -62.03 -5.81
N PHE H 219 -5.82 -63.07 -6.41
CA PHE H 219 -4.43 -63.08 -6.84
C PHE H 219 -4.38 -63.23 -8.36
N SER H 220 -3.61 -62.39 -9.02
CA SER H 220 -3.42 -62.45 -10.46
C SER H 220 -1.94 -62.65 -10.75
N ILE H 221 -1.62 -63.69 -11.51
CA ILE H 221 -0.24 -63.99 -11.91
C ILE H 221 -0.19 -63.92 -13.43
N ASP H 222 0.77 -63.16 -13.95
CA ASP H 222 1.05 -63.13 -15.37
C ASP H 222 2.11 -64.18 -15.68
N TRP H 223 1.74 -65.18 -16.47
CA TRP H 223 2.70 -66.21 -16.88
C TRP H 223 3.83 -65.61 -17.70
N GLU H 224 3.48 -64.75 -18.66
CA GLU H 224 4.48 -64.14 -19.54
C GLU H 224 5.43 -63.25 -18.75
N GLN H 225 4.90 -62.44 -17.82
CA GLN H 225 5.79 -61.59 -17.05
C GLN H 225 6.66 -62.40 -16.11
N LEU H 226 6.14 -63.53 -15.60
CA LEU H 226 6.96 -64.40 -14.77
C LEU H 226 8.07 -65.06 -15.58
N VAL H 227 7.81 -65.40 -16.84
CA VAL H 227 8.84 -66.11 -17.59
C VAL H 227 9.89 -65.17 -18.18
N LYS H 228 9.54 -63.92 -18.53
CA LYS H 228 10.62 -62.97 -18.82
C LYS H 228 11.30 -62.42 -17.59
N ASN H 229 10.63 -62.42 -16.43
CA ASN H 229 11.34 -62.06 -15.20
C ASN H 229 12.28 -63.15 -14.71
N LEU H 230 12.06 -64.39 -15.13
CA LEU H 230 12.94 -65.50 -14.76
C LEU H 230 13.86 -65.92 -15.90
N LYS H 231 14.05 -65.05 -16.89
CA LYS H 231 14.94 -65.27 -18.04
C LYS H 231 14.57 -66.53 -18.82
N GLY H 232 13.27 -66.78 -18.98
CA GLY H 232 12.81 -67.84 -19.83
C GLY H 232 12.79 -69.22 -19.23
N ASP H 233 13.08 -69.35 -17.94
CA ASP H 233 13.12 -70.65 -17.29
C ASP H 233 11.68 -71.02 -16.93
N THR H 234 11.25 -72.20 -17.37
CA THR H 234 9.83 -72.55 -17.37
C THR H 234 9.41 -73.39 -16.17
N ASN H 235 10.13 -74.47 -15.88
CA ASN H 235 9.71 -75.36 -14.79
C ASN H 235 9.92 -74.70 -13.43
N LEU H 236 10.92 -73.81 -13.30
CA LEU H 236 11.05 -73.03 -12.08
C LEU H 236 9.83 -72.14 -11.88
N ALA H 237 9.32 -71.54 -12.97
CA ALA H 237 8.13 -70.71 -12.88
C ALA H 237 6.89 -71.54 -12.55
N ALA H 238 6.80 -72.76 -13.09
CA ALA H 238 5.70 -73.64 -12.75
C ALA H 238 5.74 -74.05 -11.27
N HIS H 239 6.93 -74.36 -10.77
CA HIS H 239 7.10 -74.65 -9.35
C HIS H 239 6.75 -73.43 -8.50
N THR H 240 7.10 -72.23 -8.97
CA THR H 240 6.74 -71.01 -8.27
C THR H 240 5.23 -70.84 -8.19
N VAL H 241 4.53 -71.09 -9.29
CA VAL H 241 3.08 -70.95 -9.31
C VAL H 241 2.42 -71.97 -8.39
N GLY H 242 2.85 -73.22 -8.46
CA GLY H 242 2.27 -74.25 -7.60
C GLY H 242 2.53 -74.00 -6.14
N ALA H 243 3.76 -73.61 -5.79
CA ALA H 243 4.10 -73.29 -4.41
C ALA H 243 3.37 -72.04 -3.94
N PHE H 244 3.15 -71.07 -4.83
CA PHE H 244 2.37 -69.89 -4.46
C PHE H 244 0.93 -70.25 -4.15
N LEU H 245 0.33 -71.13 -4.95
CA LEU H 245 -1.05 -71.56 -4.68
C LEU H 245 -1.14 -72.32 -3.37
N LEU H 246 -0.19 -73.23 -3.14
CA LEU H 246 -0.16 -74.00 -1.89
C LEU H 246 0.05 -73.08 -0.69
N ALA H 247 0.93 -72.09 -0.82
CA ALA H 247 1.19 -71.17 0.29
C ALA H 247 0.02 -70.23 0.51
N ALA H 248 -0.69 -69.87 -0.55
CA ALA H 248 -1.87 -69.02 -0.41
C ALA H 248 -2.98 -69.75 0.34
N ALA H 249 -3.15 -71.03 0.05
CA ALA H 249 -4.19 -71.79 0.73
C ALA H 249 -3.74 -72.38 2.07
N LYS H 250 -2.49 -72.21 2.45
CA LYS H 250 -1.96 -72.82 3.68
C LYS H 250 -1.10 -71.82 4.45
N THR H 251 -1.62 -70.62 4.67
CA THR H 251 -0.89 -69.65 5.48
C THR H 251 -1.85 -68.85 6.34
N ASN H 252 -1.28 -68.18 7.33
CA ASN H 252 -1.99 -67.29 8.24
C ASN H 252 -1.02 -66.18 8.63
N PRO H 253 -1.30 -64.92 8.25
CA PRO H 253 -0.29 -63.85 8.39
C PRO H 253 -0.04 -63.51 9.86
N SER H 254 1.21 -63.74 10.29
CA SER H 254 1.77 -63.45 11.62
C SER H 254 1.18 -64.36 12.69
N GLY H 255 1.99 -64.74 13.68
CA GLY H 255 1.51 -65.64 14.70
C GLY H 255 1.41 -67.08 14.19
N LYS H 256 0.46 -67.82 14.77
CA LYS H 256 0.23 -69.24 14.49
C LYS H 256 1.48 -70.09 14.67
N HIS H 263 -5.71 -75.74 10.96
CA HIS H 263 -5.19 -75.49 9.62
C HIS H 263 -5.84 -74.26 9.01
N ASN H 264 -7.13 -74.10 9.26
CA ASN H 264 -7.95 -73.00 8.74
C ASN H 264 -7.90 -72.93 7.22
N TYR H 265 -8.37 -74.01 6.59
CA TYR H 265 -8.39 -74.09 5.14
C TYR H 265 -9.36 -73.06 4.55
N PRO H 266 -9.09 -72.58 3.34
CA PRO H 266 -10.05 -71.69 2.68
C PRO H 266 -11.36 -72.41 2.37
N ASP H 267 -12.45 -71.64 2.42
CA ASP H 267 -13.76 -72.22 2.17
C ASP H 267 -13.97 -72.53 0.69
N GLY H 268 -13.39 -71.74 -0.21
CA GLY H 268 -13.56 -72.04 -1.63
C GLY H 268 -12.63 -71.33 -2.57
N ILE H 269 -12.05 -72.04 -3.53
CA ILE H 269 -11.03 -71.49 -4.41
C ILE H 269 -11.47 -71.64 -5.86
N LEU H 270 -11.55 -70.53 -6.58
CA LEU H 270 -11.86 -70.52 -8.00
C LEU H 270 -10.62 -70.07 -8.76
N VAL H 271 -10.11 -70.94 -9.63
CA VAL H 271 -8.94 -70.62 -10.43
C VAL H 271 -9.37 -70.58 -11.89
N GLU H 272 -9.15 -69.45 -12.55
CA GLU H 272 -9.45 -69.34 -13.97
C GLU H 272 -8.25 -68.74 -14.69
N PHE H 273 -8.27 -68.85 -16.01
CA PHE H 273 -7.14 -68.45 -16.86
C PHE H 273 -7.68 -67.64 -18.04
N LYS H 274 -7.46 -66.34 -18.00
CA LYS H 274 -7.91 -65.45 -19.08
C LYS H 274 -6.81 -64.43 -19.39
N ASN H 275 -7.02 -63.71 -20.49
CA ASN H 275 -6.05 -62.75 -21.00
C ASN H 275 -6.26 -61.34 -20.44
N SER H 276 -7.33 -61.11 -19.68
CA SER H 276 -7.59 -59.80 -19.11
C SER H 276 -7.97 -59.95 -17.63
N PRO H 277 -7.50 -59.07 -16.77
CA PRO H 277 -7.81 -59.20 -15.33
C PRO H 277 -9.26 -58.84 -15.03
N ILE H 278 -9.84 -59.57 -14.09
CA ILE H 278 -11.23 -59.39 -13.67
C ILE H 278 -11.28 -59.55 -12.15
N SER H 279 -11.96 -58.63 -11.47
CA SER H 279 -12.13 -58.70 -10.02
C SER H 279 -13.59 -58.96 -9.70
N TYR H 280 -13.84 -60.02 -8.91
CA TYR H 280 -15.18 -60.32 -8.41
C TYR H 280 -15.47 -59.66 -7.06
N ALA H 281 -14.82 -58.53 -6.76
CA ALA H 281 -15.07 -57.85 -5.49
C ALA H 281 -16.45 -57.23 -5.43
N ASN H 282 -17.01 -56.82 -6.58
CA ASN H 282 -18.31 -56.18 -6.63
C ASN H 282 -19.45 -57.13 -6.28
N ALA H 283 -19.18 -58.43 -6.14
CA ALA H 283 -20.13 -59.34 -5.52
C ALA H 283 -20.51 -58.86 -4.13
N PHE H 284 -19.55 -58.33 -3.39
CA PHE H 284 -19.78 -57.90 -2.01
C PHE H 284 -19.90 -56.38 -1.90
N VAL H 285 -20.45 -55.72 -2.91
CA VAL H 285 -20.88 -54.33 -2.74
C VAL H 285 -22.01 -54.27 -1.73
N ARG H 286 -23.00 -55.14 -1.89
CA ARG H 286 -23.97 -55.35 -0.85
C ARG H 286 -23.35 -56.23 0.24
N PRO H 287 -23.38 -55.80 1.50
CA PRO H 287 -22.82 -56.65 2.56
C PRO H 287 -23.68 -57.88 2.77
N VAL H 288 -23.01 -58.97 3.11
CA VAL H 288 -23.71 -60.23 3.43
C VAL H 288 -24.01 -60.15 4.93
N SER H 289 -25.10 -59.45 5.25
CA SER H 289 -25.45 -59.19 6.64
C SER H 289 -26.32 -60.33 7.13
N VAL H 290 -25.70 -61.31 7.79
CA VAL H 290 -26.38 -62.49 8.28
C VAL H 290 -26.27 -62.49 9.80
N VAL H 291 -27.41 -62.63 10.48
CA VAL H 291 -27.42 -62.70 11.93
C VAL H 291 -26.83 -64.02 12.40
N LYS H 292 -27.21 -65.12 11.75
CA LYS H 292 -26.67 -66.43 12.09
C LYS H 292 -25.22 -66.53 11.66
N GLU H 293 -24.35 -66.96 12.59
CA GLU H 293 -22.92 -66.95 12.32
C GLU H 293 -22.51 -68.06 11.37
N SER H 294 -23.25 -69.16 11.35
CA SER H 294 -22.89 -70.31 10.52
C SER H 294 -23.30 -70.15 9.06
N ASP H 295 -24.17 -69.20 8.75
CA ASP H 295 -24.65 -68.99 7.40
C ASP H 295 -23.85 -67.95 6.63
N LEU H 296 -22.83 -67.35 7.27
CA LEU H 296 -22.07 -66.28 6.64
C LEU H 296 -21.28 -66.79 5.44
N VAL H 297 -20.74 -68.00 5.53
CA VAL H 297 -19.82 -68.47 4.51
C VAL H 297 -20.55 -68.86 3.23
N GLU H 298 -21.50 -69.81 3.30
CA GLU H 298 -22.09 -70.35 2.07
C GLU H 298 -22.90 -69.31 1.32
N GLN H 299 -23.59 -68.42 2.05
CA GLN H 299 -24.28 -67.29 1.40
C GLN H 299 -23.30 -66.45 0.59
N SER H 300 -22.12 -66.16 1.16
CA SER H 300 -21.11 -65.43 0.42
C SER H 300 -20.72 -66.15 -0.84
N ILE H 301 -20.56 -67.48 -0.76
CA ILE H 301 -20.27 -68.27 -1.95
C ILE H 301 -21.37 -68.10 -2.97
N GLY H 302 -22.63 -68.17 -2.52
CA GLY H 302 -23.75 -67.95 -3.42
C GLY H 302 -23.69 -66.59 -4.07
N GLN H 303 -23.37 -65.55 -3.28
CA GLN H 303 -23.27 -64.20 -3.83
C GLN H 303 -22.20 -64.14 -4.89
N LEU H 304 -21.05 -64.79 -4.61
CA LEU H 304 -19.97 -64.81 -5.60
C LEU H 304 -20.45 -65.42 -6.89
N SER H 305 -21.16 -66.56 -6.80
CA SER H 305 -21.65 -67.24 -7.98
C SER H 305 -22.53 -66.32 -8.80
N ASN H 306 -23.43 -65.59 -8.11
CA ASN H 306 -24.33 -64.67 -8.79
C ASN H 306 -23.54 -63.67 -9.61
N TYR H 307 -22.59 -63.00 -8.95
CA TYR H 307 -21.80 -61.99 -9.66
C TYR H 307 -20.98 -62.64 -10.76
N VAL H 308 -20.43 -63.82 -10.49
CA VAL H 308 -19.62 -64.51 -11.49
C VAL H 308 -20.47 -64.81 -12.70
N ASN H 309 -21.71 -65.26 -12.47
CA ASN H 309 -22.61 -65.57 -13.57
C ASN H 309 -22.87 -64.32 -14.41
N ASP H 310 -23.08 -63.19 -13.74
CA ASP H 310 -23.28 -61.94 -14.47
C ASP H 310 -22.04 -61.58 -15.26
N ILE H 311 -20.87 -61.69 -14.63
CA ILE H 311 -19.63 -61.39 -15.33
C ILE H 311 -19.37 -62.43 -16.40
N ARG H 312 -19.90 -63.64 -16.20
CA ARG H 312 -19.78 -64.67 -17.24
C ARG H 312 -20.61 -64.29 -18.46
N LEU H 313 -21.78 -63.68 -18.24
CA LEU H 313 -22.68 -63.45 -19.36
C LEU H 313 -22.56 -62.05 -19.92
N GLY H 314 -22.40 -61.05 -19.05
CA GLY H 314 -22.35 -59.68 -19.50
C GLY H 314 -21.05 -59.22 -20.08
N TYR H 315 -19.98 -60.01 -19.93
CA TYR H 315 -18.68 -59.63 -20.45
C TYR H 315 -17.94 -60.73 -21.18
N TYR H 316 -18.23 -62.00 -20.92
CA TYR H 316 -17.45 -63.11 -21.45
C TYR H 316 -18.28 -63.84 -22.50
N ASP H 317 -18.23 -63.34 -23.72
CA ASP H 317 -18.81 -64.01 -24.88
C ASP H 317 -17.87 -63.84 -26.06
N GLU H 318 -17.76 -64.91 -26.87
CA GLU H 318 -16.89 -64.97 -28.03
C GLU H 318 -15.43 -64.70 -27.68
N GLN H 319 -14.63 -64.38 -28.70
CA GLN H 319 -13.18 -64.20 -28.59
C GLN H 319 -12.52 -65.42 -27.96
N SER H 320 -12.28 -65.37 -26.66
CA SER H 320 -11.63 -66.46 -25.92
C SER H 320 -12.48 -66.81 -24.70
N PRO H 321 -13.31 -67.85 -24.79
CA PRO H 321 -13.97 -68.37 -23.59
C PRO H 321 -12.97 -68.72 -22.50
N VAL H 322 -13.37 -68.48 -21.25
CA VAL H 322 -12.54 -68.73 -20.09
C VAL H 322 -13.02 -70.00 -19.40
N ILE H 323 -12.06 -70.84 -18.99
CA ILE H 323 -12.34 -72.05 -18.24
C ILE H 323 -11.89 -71.85 -16.80
N GLY H 324 -12.51 -72.58 -15.88
CA GLY H 324 -12.23 -72.42 -14.47
C GLY H 324 -12.38 -73.72 -13.71
N PHE H 325 -11.66 -73.80 -12.60
CA PHE H 325 -11.68 -74.94 -11.69
C PHE H 325 -12.10 -74.46 -10.31
N TRP H 326 -13.04 -75.18 -9.69
CA TRP H 326 -13.55 -74.83 -8.37
C TRP H 326 -13.06 -75.86 -7.36
N PHE H 327 -12.72 -75.40 -6.17
CA PHE H 327 -12.23 -76.26 -5.10
C PHE H 327 -12.96 -75.90 -3.81
N SER H 328 -13.31 -76.93 -3.06
CA SER H 328 -13.85 -76.80 -1.72
C SER H 328 -13.26 -77.91 -0.87
N PRO H 329 -13.24 -77.74 0.46
CA PRO H 329 -12.87 -78.87 1.32
C PRO H 329 -13.84 -80.02 1.16
N ASN H 330 -13.36 -81.13 0.59
CA ASN H 330 -14.12 -82.29 0.12
C ASN H 330 -15.44 -81.92 -0.56
N ASN H 331 -15.38 -80.90 -1.43
CA ASN H 331 -16.53 -80.44 -2.23
C ASN H 331 -17.72 -80.07 -1.36
N ARG H 332 -17.45 -79.42 -0.22
CA ARG H 332 -18.52 -79.07 0.70
C ARG H 332 -19.38 -77.93 0.15
N TYR H 333 -18.75 -76.90 -0.38
CA TYR H 333 -19.45 -75.70 -0.84
C TYR H 333 -19.30 -75.59 -2.34
N PRO H 334 -20.31 -76.00 -3.12
CA PRO H 334 -20.21 -75.89 -4.57
C PRO H 334 -20.59 -74.49 -5.05
N LEU H 335 -20.02 -74.13 -6.19
CA LEU H 335 -20.34 -72.86 -6.86
C LEU H 335 -20.68 -73.20 -8.31
N GLY H 336 -21.91 -73.65 -8.53
CA GLY H 336 -22.45 -73.75 -9.87
C GLY H 336 -23.95 -73.50 -9.89
N TYR H 337 -24.52 -73.25 -8.71
CA TYR H 337 -25.97 -73.16 -8.49
C TYR H 337 -26.71 -74.40 -8.99
N LYS H 338 -26.01 -75.55 -8.98
CA LYS H 338 -26.54 -76.88 -9.29
C LYS H 338 -27.03 -77.06 -10.72
N HIS H 339 -26.97 -76.01 -11.54
CA HIS H 339 -27.31 -76.16 -12.96
C HIS H 339 -26.38 -75.43 -13.91
N SER H 340 -25.65 -74.41 -13.47
CA SER H 340 -24.80 -73.61 -14.35
C SER H 340 -23.38 -74.17 -14.33
N LYS H 341 -22.84 -74.44 -15.51
CA LYS H 341 -21.50 -75.02 -15.65
C LYS H 341 -20.47 -73.90 -15.89
N LEU H 342 -20.40 -72.98 -14.94
CA LEU H 342 -19.41 -71.91 -15.02
C LEU H 342 -18.05 -72.33 -14.48
N ALA H 343 -17.96 -73.46 -13.79
CA ALA H 343 -16.70 -74.06 -13.39
C ALA H 343 -16.58 -75.41 -14.09
N SER H 344 -15.43 -75.66 -14.71
CA SER H 344 -15.26 -76.88 -15.50
C SER H 344 -15.27 -78.13 -14.63
N ARG H 345 -14.62 -78.06 -13.46
CA ARG H 345 -14.61 -79.21 -12.56
C ARG H 345 -14.49 -78.71 -11.13
N ASN H 346 -15.20 -79.40 -10.23
CA ASN H 346 -15.17 -79.13 -8.80
C ASN H 346 -14.42 -80.26 -8.13
N ILE H 347 -13.21 -79.97 -7.65
CA ILE H 347 -12.39 -80.97 -6.98
C ILE H 347 -12.20 -80.60 -5.52
N GLY H 348 -11.86 -81.60 -4.71
CA GLY H 348 -11.85 -81.42 -3.27
C GLY H 348 -10.50 -81.50 -2.60
N ASN H 349 -9.45 -81.71 -3.38
CA ASN H 349 -8.10 -81.85 -2.83
C ASN H 349 -7.25 -80.67 -3.31
N LEU H 350 -6.53 -80.06 -2.36
CA LEU H 350 -5.72 -78.88 -2.67
C LEU H 350 -4.55 -79.23 -3.58
N ASN H 351 -3.87 -80.35 -3.30
CA ASN H 351 -2.78 -80.80 -4.17
C ASN H 351 -3.31 -81.19 -5.55
N GLU H 352 -4.51 -81.77 -5.61
CA GLU H 352 -5.13 -82.05 -6.90
C GLU H 352 -5.48 -80.75 -7.62
N LEU H 353 -5.85 -79.70 -6.88
CA LEU H 353 -6.07 -78.40 -7.51
C LEU H 353 -4.78 -77.84 -8.09
N VAL H 354 -3.67 -78.01 -7.37
CA VAL H 354 -2.37 -77.56 -7.89
C VAL H 354 -2.00 -78.34 -9.14
N GLY H 355 -2.24 -79.65 -9.15
CA GLY H 355 -2.01 -80.44 -10.34
C GLY H 355 -2.92 -80.07 -11.50
N ALA H 356 -4.17 -79.71 -11.20
CA ALA H 356 -5.13 -79.38 -12.26
C ALA H 356 -4.86 -78.01 -12.86
N VAL H 357 -4.29 -77.09 -12.07
CA VAL H 357 -3.91 -75.81 -12.63
C VAL H 357 -2.51 -75.84 -13.25
N LEU H 358 -1.68 -76.81 -12.88
CA LEU H 358 -0.36 -76.91 -13.48
C LEU H 358 -0.43 -77.48 -14.90
N ASP H 359 -1.25 -78.51 -15.13
CA ASP H 359 -1.23 -79.19 -16.42
C ASP H 359 -2.01 -78.47 -17.51
N TYR H 360 -2.78 -77.42 -17.17
CA TYR H 360 -3.40 -76.64 -18.22
C TYR H 360 -2.38 -75.74 -18.91
N ILE H 361 -1.35 -75.31 -18.19
CA ILE H 361 -0.29 -74.50 -18.80
C ILE H 361 0.61 -75.32 -19.70
N GLY H 362 0.52 -76.65 -19.65
CA GLY H 362 1.31 -77.50 -20.53
C GLY H 362 2.26 -78.42 -19.79
N GLY H 363 1.95 -79.71 -19.78
CA GLY H 363 2.74 -80.68 -19.05
C GLY H 363 2.70 -80.44 -17.56
N PHE H 364 3.85 -80.07 -16.99
CA PHE H 364 3.96 -79.52 -15.64
C PHE H 364 3.45 -80.49 -14.58
N LYS H 365 4.10 -81.64 -14.49
CA LYS H 365 3.85 -82.55 -13.39
C LYS H 365 4.37 -81.93 -12.10
N TRP H 366 3.52 -81.90 -11.07
CA TRP H 366 3.90 -81.26 -9.82
C TRP H 366 4.96 -82.05 -9.07
N GLU H 367 4.99 -83.37 -9.25
CA GLU H 367 5.97 -84.20 -8.56
C GLU H 367 7.38 -84.00 -9.10
N GLU H 368 7.52 -83.57 -10.35
CA GLU H 368 8.82 -83.34 -10.95
C GLU H 368 9.22 -81.87 -10.99
N VAL H 369 8.36 -80.98 -10.48
CA VAL H 369 8.68 -79.55 -10.53
C VAL H 369 9.42 -79.07 -9.30
N GLN H 370 9.40 -79.83 -8.20
CA GLN H 370 10.08 -79.40 -6.98
C GLN H 370 11.60 -79.46 -7.10
N LYS H 371 12.13 -80.14 -8.11
CA LYS H 371 13.58 -80.23 -8.30
C LYS H 371 14.10 -79.06 -9.14
N SER H 372 13.75 -77.84 -8.74
CA SER H 372 14.23 -76.63 -9.41
C SER H 372 14.27 -75.52 -8.38
N LYS H 373 15.44 -75.31 -7.79
CA LYS H 373 15.68 -74.31 -6.74
C LYS H 373 14.68 -74.40 -5.59
N MET I 1 29.55 29.05 37.15
CA MET I 1 29.10 27.80 36.56
C MET I 1 27.86 28.12 35.75
N LEU I 2 27.63 27.37 34.67
CA LEU I 2 26.63 27.71 33.68
C LEU I 2 25.56 26.62 33.59
N ILE I 3 24.30 27.03 33.63
CA ILE I 3 23.16 26.15 33.42
C ILE I 3 22.75 26.26 31.96
N GLU I 4 22.82 25.16 31.23
CA GLU I 4 22.52 25.12 29.82
C GLU I 4 21.27 24.28 29.57
N ILE I 5 20.34 24.83 28.81
CA ILE I 5 19.03 24.23 28.57
C ILE I 5 18.86 24.09 27.06
N HIS I 6 18.80 22.85 26.58
CA HIS I 6 18.57 22.56 25.17
C HIS I 6 17.18 21.97 25.04
N MET I 7 16.30 22.68 24.36
CA MET I 7 14.90 22.29 24.26
C MET I 7 14.56 21.95 22.82
N ILE I 8 13.90 20.82 22.62
CA ILE I 8 13.41 20.40 21.32
C ILE I 8 11.90 20.56 21.33
N GLN I 9 11.39 21.40 20.41
CA GLN I 9 9.97 21.74 20.41
C GLN I 9 9.43 21.62 18.99
N ASN I 10 8.51 20.68 18.77
CA ASN I 10 7.88 20.53 17.47
C ASN I 10 6.61 21.38 17.45
N HIS I 11 6.56 22.34 16.53
CA HIS I 11 5.43 23.24 16.41
C HIS I 11 4.55 22.83 15.23
N SER I 12 3.24 22.86 15.46
CA SER I 12 2.28 22.59 14.41
C SER I 12 2.33 23.72 13.37
N PRO I 13 1.86 23.45 12.11
CA PRO I 13 1.94 24.48 11.04
C PRO I 13 1.39 25.83 11.43
N ALA I 14 2.26 26.84 11.44
CA ALA I 14 1.92 28.17 11.90
C ALA I 14 2.92 29.16 11.33
N ASN I 15 2.87 30.40 11.82
CA ASN I 15 3.84 31.44 11.46
C ASN I 15 4.11 32.21 12.76
N LEU I 16 5.11 31.76 13.51
CA LEU I 16 5.39 32.35 14.81
C LEU I 16 6.17 33.65 14.70
N ASN I 17 7.10 33.73 13.76
CA ASN I 17 7.89 34.94 13.54
C ASN I 17 7.78 35.35 12.09
N ARG I 18 7.49 36.62 11.84
CA ARG I 18 7.29 37.14 10.50
C ARG I 18 8.39 38.14 10.17
N ASP I 19 8.95 38.03 8.97
CA ASP I 19 9.86 39.03 8.45
C ASP I 19 9.08 40.18 7.82
N ASP I 20 9.78 41.01 7.03
CA ASP I 20 9.15 42.18 6.44
C ASP I 20 8.05 41.80 5.45
N LEU I 21 8.25 40.73 4.70
CA LEU I 21 7.30 40.33 3.66
C LEU I 21 6.31 39.27 4.14
N GLY I 22 6.27 39.00 5.44
CA GLY I 22 5.31 38.06 5.99
C GLY I 22 5.73 36.62 6.01
N ALA I 23 6.92 36.29 5.51
CA ALA I 23 7.40 34.92 5.54
C ALA I 23 7.81 34.52 6.95
N PRO I 24 7.82 33.23 7.25
CA PRO I 24 8.48 32.77 8.47
C PRO I 24 9.96 33.10 8.41
N LYS I 25 10.52 33.44 9.56
CA LYS I 25 11.94 33.79 9.61
C LYS I 25 12.78 32.55 9.33
N THR I 26 13.84 32.75 8.55
CA THR I 26 14.58 31.66 7.97
C THR I 26 16.07 31.89 8.18
N CYS I 27 16.79 30.85 8.59
CA CYS I 27 18.23 30.89 8.75
C CYS I 27 18.88 29.85 7.85
N TYR I 28 20.20 29.72 7.97
CA TYR I 28 21.01 28.90 7.09
C TYR I 28 21.96 28.07 7.94
N PHE I 29 21.82 26.75 7.90
CA PHE I 29 22.67 25.93 8.72
C PHE I 29 22.80 24.53 8.12
N GLY I 30 23.94 23.89 8.39
CA GLY I 30 24.18 22.55 7.92
C GLY I 30 24.23 22.42 6.42
N GLY I 31 24.46 23.53 5.72
CA GLY I 31 24.31 23.54 4.28
C GLY I 31 22.90 23.28 3.83
N VAL I 32 21.91 23.85 4.52
CA VAL I 32 20.52 23.81 4.05
C VAL I 32 19.74 24.91 4.75
N LEU I 33 18.59 25.25 4.19
CA LEU I 33 17.75 26.33 4.71
C LEU I 33 16.91 25.83 5.88
N ARG I 34 16.93 26.55 6.99
CA ARG I 34 16.22 26.17 8.21
C ARG I 34 15.19 27.22 8.56
N SER I 35 14.15 26.78 9.27
CA SER I 35 13.20 27.71 9.86
C SER I 35 13.80 28.30 11.13
N ARG I 36 13.61 29.59 11.31
CA ARG I 36 14.22 30.30 12.43
C ARG I 36 13.16 31.06 13.21
N ILE I 37 13.27 31.00 14.53
CA ILE I 37 12.60 31.93 15.42
C ILE I 37 13.69 32.79 16.05
N SER I 38 13.54 34.11 15.92
CA SER I 38 14.55 35.02 16.41
C SER I 38 14.65 34.97 17.93
N SER I 39 15.83 35.32 18.42
CA SER I 39 16.09 35.27 19.86
C SER I 39 15.21 36.27 20.61
N GLN I 40 15.05 37.48 20.07
CA GLN I 40 14.24 38.49 20.74
C GLN I 40 12.76 38.13 20.73
N CYS I 41 12.32 37.33 19.76
CA CYS I 41 10.95 36.83 19.76
C CYS I 41 10.69 35.95 20.97
N ILE I 42 11.57 34.99 21.21
CA ILE I 42 11.42 34.09 22.36
C ILE I 42 11.63 34.87 23.66
N LYS I 43 12.53 35.86 23.65
CA LYS I 43 12.75 36.68 24.84
C LYS I 43 11.49 37.45 25.22
N ARG I 44 10.84 38.10 24.25
CA ARG I 44 9.65 38.87 24.59
C ARG I 44 8.47 37.94 24.86
N SER I 45 8.44 36.77 24.24
CA SER I 45 7.40 35.79 24.56
C SER I 45 7.51 35.29 25.99
N ILE I 46 8.73 35.04 26.46
CA ILE I 46 8.93 34.64 27.85
C ILE I 46 8.64 35.81 28.79
N ARG I 47 9.12 37.00 28.44
CA ARG I 47 8.79 38.20 29.19
C ARG I 47 7.33 38.58 28.98
N THR I 48 6.88 39.58 29.74
CA THR I 48 5.57 40.21 29.60
C THR I 48 4.42 39.21 29.66
N SER I 49 4.63 38.07 30.31
CA SER I 49 3.67 36.97 30.30
C SER I 49 3.21 36.68 31.72
N ASN I 50 1.89 36.52 31.88
CA ASN I 50 1.33 36.17 33.18
C ASN I 50 1.75 34.78 33.63
N ASP I 51 2.16 33.92 32.70
CA ASP I 51 2.72 32.63 33.09
C ASP I 51 4.06 32.80 33.80
N PHE I 52 4.82 33.84 33.45
CA PHE I 52 6.06 34.15 34.16
C PHE I 52 5.88 35.22 35.22
N LYS I 53 4.92 36.14 35.04
CA LYS I 53 4.71 37.21 36.01
C LYS I 53 4.19 36.68 37.34
N ALA I 54 3.61 35.48 37.37
CA ALA I 54 3.16 34.87 38.62
C ALA I 54 4.33 34.21 39.34
N LEU I 138 17.93 42.45 42.80
CA LEU I 138 16.87 43.09 43.59
C LEU I 138 15.51 42.91 42.93
N ALA I 139 15.44 43.20 41.63
CA ALA I 139 14.21 43.08 40.87
C ALA I 139 14.26 41.85 40.00
N PRO I 140 13.40 40.85 40.23
CA PRO I 140 13.35 39.69 39.33
C PRO I 140 12.95 40.09 37.91
N ASP I 141 13.46 39.32 36.95
CA ASP I 141 13.18 39.41 35.51
C ASP I 141 13.82 40.65 34.88
N ILE I 142 14.40 41.52 35.68
CA ILE I 142 15.34 42.51 35.14
C ILE I 142 16.71 41.88 35.00
N ALA I 143 17.08 41.01 35.94
CA ALA I 143 18.33 40.28 35.83
C ALA I 143 18.25 39.16 34.81
N LEU I 144 17.07 38.55 34.64
CA LEU I 144 16.94 37.47 33.65
C LEU I 144 16.97 38.02 32.23
N CYS I 145 16.24 39.10 31.97
CA CYS I 145 16.32 39.82 30.70
C CYS I 145 16.49 41.30 31.02
N GLY I 146 17.54 41.91 30.49
CA GLY I 146 17.99 43.19 30.97
C GLY I 146 17.11 44.35 30.54
N ARG I 147 17.29 45.46 31.24
CA ARG I 147 16.64 46.72 30.89
C ARG I 147 17.53 47.86 31.38
N MET I 148 17.80 48.81 30.48
CA MET I 148 18.76 49.93 30.61
C MET I 148 19.84 49.82 31.69
N THR I 166 24.15 48.62 31.80
CA THR I 166 25.13 47.54 31.86
C THR I 166 24.60 46.38 32.71
N VAL I 167 23.34 46.03 32.49
CA VAL I 167 22.73 44.93 33.25
C VAL I 167 23.38 43.60 32.88
N GLU I 168 23.51 43.33 31.57
CA GLU I 168 24.15 42.13 31.03
C GLU I 168 23.46 40.86 31.58
N ALA I 169 22.23 40.68 31.13
CA ALA I 169 21.31 39.70 31.68
C ALA I 169 21.88 38.28 31.64
N ALA I 170 21.58 37.52 32.71
CA ALA I 170 22.11 36.17 32.85
C ALA I 170 21.57 35.23 31.78
N LEU I 171 20.30 35.39 31.42
CA LEU I 171 19.66 34.50 30.46
C LEU I 171 19.67 35.13 29.07
N GLN I 172 20.21 34.39 28.11
CA GLN I 172 20.05 34.75 26.70
C GLN I 172 19.72 33.49 25.93
N VAL I 173 19.02 33.68 24.81
CA VAL I 173 18.54 32.56 24.02
C VAL I 173 19.16 32.66 22.63
N ALA I 174 19.38 31.50 22.02
CA ALA I 174 19.86 31.44 20.66
C ALA I 174 18.68 31.44 19.69
N HIS I 175 18.99 31.75 18.44
CA HIS I 175 17.99 31.65 17.40
C HIS I 175 17.58 30.19 17.22
N ALA I 176 16.28 29.95 17.12
CA ALA I 176 15.75 28.59 17.08
C ALA I 176 16.02 28.00 15.71
N ILE I 177 17.12 27.27 15.58
CA ILE I 177 17.45 26.59 14.33
C ILE I 177 16.66 25.29 14.26
N SER I 178 15.98 25.09 13.14
CA SER I 178 15.23 23.87 12.94
C SER I 178 16.18 22.68 12.77
N THR I 179 15.71 21.50 13.14
CA THR I 179 16.49 20.29 12.96
C THR I 179 16.42 19.73 11.55
N HIS I 180 15.53 20.27 10.71
CA HIS I 180 15.32 19.76 9.36
C HIS I 180 15.24 20.92 8.38
N ILE I 181 15.11 20.58 7.10
CA ILE I 181 15.03 21.59 6.05
C ILE I 181 13.67 22.27 6.13
N ALA I 182 13.69 23.61 6.10
CA ALA I 182 12.46 24.38 6.23
C ALA I 182 11.54 24.15 5.04
N ARG I 183 10.24 24.14 5.31
CA ARG I 183 9.22 23.88 4.31
C ARG I 183 8.18 24.99 4.36
N PRO I 184 8.50 26.16 3.80
CA PRO I 184 7.53 27.26 3.81
C PRO I 184 6.42 27.03 2.79
N GLU I 185 5.20 27.42 3.17
CA GLU I 185 4.02 27.15 2.38
C GLU I 185 3.15 28.39 2.24
N ILE I 186 2.52 28.47 1.08
CA ILE I 186 1.54 29.51 0.75
C ILE I 186 0.16 29.04 1.19
N ASP I 187 -0.54 29.87 1.94
CA ASP I 187 -1.95 29.67 2.25
C ASP I 187 -2.73 30.77 1.54
N TYR I 188 -3.73 30.38 0.75
CA TYR I 188 -4.53 31.33 0.00
C TYR I 188 -5.85 31.56 0.71
N PHE I 189 -6.14 32.82 1.01
CA PHE I 189 -7.36 33.20 1.72
C PHE I 189 -8.19 34.16 0.87
N VAL I 190 -9.50 34.11 1.08
CA VAL I 190 -10.40 35.15 0.60
C VAL I 190 -11.29 35.55 1.76
N ALA I 191 -11.82 36.76 1.68
CA ALA I 191 -12.73 37.28 2.69
C ALA I 191 -14.04 37.64 2.00
N ALA I 192 -15.11 36.94 2.38
CA ALA I 192 -16.39 37.10 1.71
C ALA I 192 -17.01 38.46 2.02
N ASP I 193 -17.76 38.98 1.05
CA ASP I 193 -18.42 40.26 1.23
C ASP I 193 -19.60 40.17 2.19
N ASP I 194 -20.15 38.96 2.39
CA ASP I 194 -21.33 38.59 3.19
C ASP I 194 -22.47 39.61 3.10
N VAL I 195 -22.62 40.20 1.91
CA VAL I 195 -23.77 40.99 1.51
C VAL I 195 -24.06 40.58 0.07
N PRO I 196 -25.30 40.18 -0.25
CA PRO I 196 -25.60 39.67 -1.60
C PRO I 196 -25.41 40.75 -2.66
N GLY I 197 -24.41 40.56 -3.51
CA GLY I 197 -24.18 41.45 -4.63
C GLY I 197 -24.11 40.69 -5.94
N GLU I 198 -23.86 41.41 -7.04
CA GLU I 198 -23.75 40.77 -8.34
C GLU I 198 -22.43 40.05 -8.53
N ASP I 199 -21.42 40.34 -7.71
CA ASP I 199 -20.11 39.71 -7.78
C ASP I 199 -19.90 38.82 -6.56
N ALA I 200 -18.68 38.28 -6.44
CA ALA I 200 -18.28 37.48 -5.29
C ALA I 200 -16.85 37.84 -4.92
N GLY I 201 -16.53 37.72 -3.63
CA GLY I 201 -15.20 38.03 -3.15
C GLY I 201 -15.02 39.51 -2.90
N ALA I 202 -14.50 39.87 -1.73
CA ALA I 202 -14.27 41.28 -1.43
C ALA I 202 -12.95 41.58 -0.73
N GLY I 203 -12.32 40.62 -0.06
CA GLY I 203 -11.23 40.91 0.85
C GLY I 203 -9.92 41.19 0.16
N HIS I 204 -8.83 40.91 0.90
CA HIS I 204 -7.49 41.11 0.34
C HIS I 204 -7.21 40.16 -0.80
N ILE I 205 -7.83 38.97 -0.78
CA ILE I 205 -7.65 37.89 -1.75
C ILE I 205 -6.16 37.61 -1.90
N GLY I 206 -5.44 37.63 -0.79
CA GLY I 206 -4.01 37.53 -0.79
C GLY I 206 -3.51 36.16 -0.43
N GLU I 207 -2.26 36.11 0.04
CA GLU I 207 -1.62 34.87 0.43
C GLU I 207 -0.79 35.11 1.68
N SER I 208 -0.92 34.21 2.65
CA SER I 208 -0.11 34.21 3.84
C SER I 208 0.92 33.08 3.76
N MET I 209 1.89 33.12 4.65
CA MET I 209 2.98 32.16 4.68
C MET I 209 3.01 31.44 6.01
N PHE I 210 3.29 30.14 5.98
CA PHE I 210 3.35 29.37 7.21
C PHE I 210 4.35 28.22 7.07
N ALA I 211 4.80 27.71 8.21
CA ALA I 211 5.77 26.62 8.22
C ALA I 211 5.68 25.88 9.55
N SER I 212 5.93 24.58 9.51
CA SER I 212 6.01 23.75 10.71
C SER I 212 7.44 23.24 10.84
N ALA I 213 8.01 23.41 12.03
CA ALA I 213 9.40 23.04 12.25
C ALA I 213 9.58 22.49 13.66
N CYS I 214 10.59 21.65 13.82
CA CYS I 214 11.06 21.19 15.11
C CYS I 214 12.29 22.02 15.48
N PHE I 215 12.13 22.90 16.46
CA PHE I 215 13.15 23.85 16.81
C PHE I 215 14.03 23.32 17.94
N TYR I 216 15.35 23.48 17.77
CA TYR I 216 16.30 23.40 18.87
C TYR I 216 16.46 24.79 19.43
N LYS I 217 16.24 24.94 20.72
CA LYS I 217 16.27 26.22 21.40
C LYS I 217 17.30 26.14 22.52
N TYR I 218 18.28 27.03 22.48
CA TYR I 218 19.36 27.03 23.45
C TYR I 218 19.14 28.16 24.45
N PHE I 219 19.28 27.86 25.73
CA PHE I 219 19.22 28.85 26.79
C PHE I 219 20.45 28.67 27.67
N SER I 220 21.04 29.78 28.08
CA SER I 220 22.20 29.75 28.96
C SER I 220 21.97 30.72 30.11
N ILE I 221 22.20 30.25 31.33
CA ILE I 221 22.23 31.12 32.50
C ILE I 221 23.60 30.98 33.15
N ASP I 222 24.20 32.10 33.48
CA ASP I 222 25.25 32.11 34.48
C ASP I 222 24.63 32.24 35.87
N TRP I 223 25.01 31.33 36.77
CA TRP I 223 24.48 31.39 38.13
C TRP I 223 25.11 32.52 38.93
N GLU I 224 26.43 32.70 38.83
CA GLU I 224 27.13 33.60 39.72
C GLU I 224 26.74 35.05 39.47
N GLN I 225 26.63 35.45 38.20
CA GLN I 225 26.21 36.81 37.91
C GLN I 225 24.72 37.01 38.15
N LEU I 226 23.90 35.96 37.98
CA LEU I 226 22.49 36.05 38.34
C LEU I 226 22.31 36.28 39.83
N VAL I 227 23.16 35.66 40.66
CA VAL I 227 23.17 35.99 42.08
C VAL I 227 23.70 37.41 42.29
N LYS I 228 24.70 37.80 41.48
CA LYS I 228 25.39 39.07 41.69
C LYS I 228 24.46 40.26 41.46
N ASN I 229 23.64 40.24 40.42
CA ASN I 229 22.71 41.34 40.22
C ASN I 229 21.44 41.19 41.04
N LEU I 230 21.27 40.07 41.74
CA LEU I 230 20.18 39.89 42.68
C LEU I 230 20.58 40.23 44.10
N LYS I 231 21.78 40.80 44.29
CA LYS I 231 22.29 41.23 45.60
C LYS I 231 22.35 40.09 46.59
N GLY I 232 22.75 38.91 46.12
CA GLY I 232 22.96 37.77 47.00
C GLY I 232 21.71 37.03 47.40
N ASP I 233 20.56 37.33 46.79
CA ASP I 233 19.32 36.62 47.10
C ASP I 233 19.35 35.29 46.36
N THR I 234 19.93 34.28 47.00
CA THR I 234 20.07 32.96 46.36
C THR I 234 18.73 32.26 46.21
N ASN I 235 17.87 32.37 47.23
CA ASN I 235 16.56 31.72 47.16
C ASN I 235 15.68 32.36 46.09
N LEU I 236 15.72 33.69 45.98
CA LEU I 236 14.98 34.38 44.92
C LEU I 236 15.50 33.99 43.54
N ALA I 237 16.82 33.81 43.41
CA ALA I 237 17.39 33.41 42.14
C ALA I 237 16.99 31.98 41.78
N ALA I 238 16.96 31.08 42.77
CA ALA I 238 16.48 29.72 42.51
C ALA I 238 15.02 29.73 42.10
N HIS I 239 14.20 30.56 42.77
CA HIS I 239 12.79 30.65 42.40
C HIS I 239 12.61 31.22 41.00
N THR I 240 13.41 32.21 40.62
CA THR I 240 13.24 32.80 39.29
C THR I 240 13.80 31.88 38.20
N VAL I 241 14.78 31.03 38.52
CA VAL I 241 15.22 30.03 37.55
C VAL I 241 14.15 28.96 37.36
N GLY I 242 13.53 28.53 38.46
CA GLY I 242 12.38 27.64 38.34
C GLY I 242 11.24 28.25 37.56
N ALA I 243 11.01 29.55 37.75
CA ALA I 243 9.99 30.25 36.99
C ALA I 243 10.35 30.33 35.50
N PHE I 244 11.63 30.48 35.18
CA PHE I 244 12.08 30.44 33.80
C PHE I 244 11.74 29.08 33.20
N LEU I 245 12.07 28.00 33.92
CA LEU I 245 11.76 26.66 33.44
C LEU I 245 10.27 26.48 33.23
N LEU I 246 9.45 26.94 34.19
CA LEU I 246 8.00 26.80 34.08
C LEU I 246 7.46 27.59 32.89
N ALA I 247 7.95 28.82 32.69
CA ALA I 247 7.45 29.64 31.59
C ALA I 247 7.89 29.09 30.24
N ALA I 248 9.21 28.98 30.03
CA ALA I 248 9.74 28.53 28.76
C ALA I 248 9.35 27.09 28.43
N ALA I 249 8.92 26.32 29.43
CA ALA I 249 8.31 25.02 29.12
C ALA I 249 6.92 25.21 28.51
N LYS I 250 6.14 26.18 29.00
CA LYS I 250 4.79 26.32 28.47
C LYS I 250 4.47 27.73 27.96
N THR I 251 5.43 28.43 27.36
CA THR I 251 5.07 29.66 26.64
C THR I 251 5.56 29.51 25.21
N ASN I 252 4.72 29.89 24.27
CA ASN I 252 5.08 29.88 22.86
C ASN I 252 5.19 31.31 22.38
N PRO I 253 5.90 31.54 21.27
CA PRO I 253 5.90 32.87 20.65
C PRO I 253 4.49 33.29 20.27
N SER I 254 4.05 34.41 20.82
CA SER I 254 2.69 34.90 20.60
C SER I 254 2.60 35.66 19.28
N GLY I 255 3.02 34.98 18.21
CA GLY I 255 2.96 35.53 16.88
C GLY I 255 1.58 35.38 16.29
N LYS I 256 1.50 34.99 15.03
CA LYS I 256 0.20 34.83 14.38
C LYS I 256 -0.33 33.49 14.88
N GLN I 257 -1.23 33.57 15.86
CA GLN I 257 -1.76 32.41 16.55
C GLN I 257 -3.28 32.36 16.58
N ASN I 258 -3.95 33.48 16.30
CA ASN I 258 -5.41 33.46 16.23
C ASN I 258 -5.89 32.62 15.04
N SER I 259 -5.20 32.72 13.91
CA SER I 259 -5.53 31.89 12.75
C SER I 259 -4.73 30.60 12.70
N PHE I 260 -3.63 30.51 13.45
CA PHE I 260 -2.79 29.31 13.50
C PHE I 260 -2.57 28.97 14.97
N ALA I 261 -3.51 28.26 15.57
CA ALA I 261 -3.47 27.98 17.00
C ALA I 261 -2.44 26.88 17.27
N ALA I 262 -1.17 27.28 17.28
CA ALA I 262 -0.07 26.38 17.56
C ALA I 262 0.32 26.55 19.03
N HIS I 263 -0.10 25.61 19.86
CA HIS I 263 0.21 25.64 21.28
C HIS I 263 0.85 24.33 21.71
N ASN I 264 1.73 23.80 20.86
CA ASN I 264 2.39 22.54 21.16
C ASN I 264 3.40 22.72 22.28
N TYR I 265 3.67 21.64 22.97
CA TYR I 265 4.62 21.64 24.07
C TYR I 265 5.91 20.93 23.66
N PRO I 266 7.04 21.30 24.26
CA PRO I 266 8.29 20.59 23.98
C PRO I 266 8.21 19.13 24.41
N ASP I 267 8.84 18.27 23.61
CA ASP I 267 8.92 16.85 23.91
C ASP I 267 10.26 16.45 24.50
N GLY I 268 11.17 17.39 24.69
CA GLY I 268 12.47 17.07 25.27
C GLY I 268 13.25 18.27 25.76
N ILE I 269 13.73 18.19 26.99
CA ILE I 269 14.54 19.25 27.59
C ILE I 269 15.77 18.61 28.21
N LEU I 270 16.95 19.09 27.83
CA LEU I 270 18.21 18.63 28.41
C LEU I 270 18.82 19.79 29.19
N VAL I 271 19.07 19.57 30.48
CA VAL I 271 19.68 20.58 31.33
C VAL I 271 21.01 20.05 31.82
N GLU I 272 22.08 20.79 31.54
CA GLU I 272 23.40 20.43 32.04
C GLU I 272 24.01 21.61 32.79
N PHE I 273 25.06 21.30 33.54
CA PHE I 273 25.76 22.26 34.38
C PHE I 273 27.25 22.24 34.05
N LYS I 274 27.55 22.28 32.76
CA LYS I 274 28.91 22.05 32.28
C LYS I 274 29.76 23.31 32.45
N ASN I 275 30.99 23.23 31.93
CA ASN I 275 32.02 24.23 32.19
C ASN I 275 31.99 25.37 31.18
N SER I 276 32.06 25.05 29.89
CA SER I 276 32.11 26.03 28.81
C SER I 276 30.77 26.10 28.09
N PRO I 277 30.38 27.28 27.60
CA PRO I 277 29.11 27.38 26.85
C PRO I 277 29.19 26.77 25.46
N ILE I 278 28.52 25.64 25.28
CA ILE I 278 28.49 24.94 24.00
C ILE I 278 27.05 24.78 23.55
N SER I 279 26.79 25.02 22.27
CA SER I 279 25.50 24.76 21.67
C SER I 279 25.57 23.48 20.86
N TYR I 280 24.50 22.68 20.93
CA TYR I 280 24.43 21.41 20.20
C TYR I 280 23.85 21.57 18.81
N ALA I 281 23.91 22.78 18.24
CA ALA I 281 23.44 22.98 16.88
C ALA I 281 24.20 22.12 15.88
N ASN I 282 25.47 21.85 16.15
CA ASN I 282 26.28 20.96 15.32
C ASN I 282 25.74 19.54 15.27
N ALA I 283 24.88 19.16 16.22
CA ALA I 283 24.18 17.88 16.13
C ALA I 283 23.31 17.80 14.89
N PHE I 284 22.70 18.92 14.51
CA PHE I 284 21.75 18.97 13.41
C PHE I 284 22.33 19.57 12.14
N VAL I 285 23.64 19.40 11.92
CA VAL I 285 24.23 19.67 10.61
C VAL I 285 23.60 18.74 9.58
N ARG I 286 23.30 17.52 9.98
CA ARG I 286 22.27 16.71 9.32
C ARG I 286 20.86 17.22 9.53
N PRO I 287 20.18 17.65 8.47
CA PRO I 287 18.74 17.81 8.55
C PRO I 287 18.08 16.46 8.76
N VAL I 288 17.01 16.46 9.55
CA VAL I 288 16.41 15.21 9.98
C VAL I 288 15.54 14.67 8.85
N SER I 289 15.95 13.55 8.28
CA SER I 289 15.13 12.82 7.33
C SER I 289 14.22 11.88 8.10
N VAL I 290 12.95 11.83 7.70
CA VAL I 290 11.93 11.08 8.42
C VAL I 290 11.84 9.69 7.82
N VAL I 291 11.84 8.68 8.69
CA VAL I 291 11.69 7.30 8.28
C VAL I 291 10.27 6.85 8.63
N LYS I 292 9.90 5.66 8.14
CA LYS I 292 8.55 5.16 8.40
C LYS I 292 8.39 4.72 9.85
N GLU I 293 9.42 4.13 10.43
CA GLU I 293 9.30 3.53 11.76
C GLU I 293 9.54 4.51 12.90
N SER I 294 10.00 5.73 12.62
CA SER I 294 10.25 6.71 13.65
C SER I 294 9.70 8.07 13.23
N ASP I 295 9.39 8.91 14.21
CA ASP I 295 8.86 10.23 13.96
C ASP I 295 9.97 11.27 14.00
N LEU I 296 9.59 12.52 13.74
CA LEU I 296 10.56 13.60 13.64
C LEU I 296 11.18 13.93 14.98
N VAL I 297 10.38 13.99 16.04
CA VAL I 297 10.90 14.38 17.35
C VAL I 297 11.80 13.29 17.91
N GLU I 298 11.43 12.03 17.71
CA GLU I 298 12.27 10.93 18.16
C GLU I 298 13.62 10.93 17.44
N GLN I 299 13.62 11.21 16.14
CA GLN I 299 14.87 11.26 15.39
C GLN I 299 15.72 12.46 15.80
N SER I 300 15.09 13.61 16.07
CA SER I 300 15.84 14.78 16.51
C SER I 300 16.47 14.55 17.88
N ILE I 301 15.71 13.95 18.80
CA ILE I 301 16.23 13.63 20.12
C ILE I 301 17.32 12.57 20.03
N GLY I 302 17.18 11.63 19.09
CA GLY I 302 18.23 10.64 18.88
C GLY I 302 19.51 11.24 18.32
N GLN I 303 19.37 12.23 17.43
CA GLN I 303 20.54 12.94 16.93
C GLN I 303 21.25 13.70 18.06
N LEU I 304 20.46 14.34 18.93
CA LEU I 304 21.03 14.97 20.11
C LEU I 304 21.75 13.95 20.99
N SER I 305 21.14 12.77 21.20
CA SER I 305 21.73 11.75 22.04
C SER I 305 23.03 11.21 21.45
N ASN I 306 23.06 11.00 20.13
CA ASN I 306 24.27 10.52 19.45
C ASN I 306 25.35 11.58 19.43
N TYR I 307 24.98 12.86 19.53
CA TYR I 307 25.99 13.91 19.66
C TYR I 307 26.51 14.11 21.08
N VAL I 308 25.68 13.98 22.12
CA VAL I 308 26.20 13.99 23.49
C VAL I 308 26.88 12.67 23.85
N ASN I 309 26.66 11.61 23.06
CA ASN I 309 27.45 10.40 23.24
C ASN I 309 28.91 10.67 22.89
N ASP I 310 29.15 11.56 21.94
CA ASP I 310 30.48 12.11 21.68
C ASP I 310 30.74 13.23 22.70
N ILE I 311 31.75 14.06 22.44
CA ILE I 311 32.18 15.17 23.31
C ILE I 311 32.72 14.66 24.64
N ARG I 312 31.92 13.88 25.37
CA ARG I 312 32.42 13.22 26.56
C ARG I 312 33.58 12.27 26.24
N LEU I 313 33.45 11.51 25.15
CA LEU I 313 34.57 10.67 24.72
C LEU I 313 35.67 11.50 24.09
N GLY I 314 35.34 12.64 23.51
CA GLY I 314 36.33 13.50 22.89
C GLY I 314 35.89 14.05 21.54
N VAL I 322 30.94 16.37 33.89
CA VAL I 322 29.65 17.01 33.69
C VAL I 322 28.53 15.98 33.74
N ILE I 323 27.29 16.46 33.73
CA ILE I 323 26.11 15.63 33.92
C ILE I 323 25.03 16.07 32.93
N GLY I 324 23.87 15.43 33.01
CA GLY I 324 22.73 15.84 32.22
C GLY I 324 21.40 15.32 32.75
N PHE I 325 20.44 16.24 32.95
CA PHE I 325 19.08 15.89 33.31
C PHE I 325 18.21 15.92 32.06
N TRP I 326 17.52 14.81 31.80
CA TRP I 326 16.69 14.67 30.62
C TRP I 326 15.23 14.62 31.01
N PHE I 327 14.42 15.44 30.35
CA PHE I 327 12.98 15.50 30.61
C PHE I 327 12.21 15.26 29.32
N SER I 328 11.31 14.29 29.37
CA SER I 328 10.32 14.00 28.35
C SER I 328 9.05 13.75 29.13
N PRO I 329 7.87 14.11 28.59
CA PRO I 329 6.63 13.90 29.34
C PRO I 329 6.32 12.42 29.55
N ASN I 330 6.40 11.97 30.81
CA ASN I 330 6.17 10.58 31.21
C ASN I 330 7.07 9.62 30.44
N ASN I 331 8.33 10.01 30.26
CA ASN I 331 9.36 9.21 29.57
C ASN I 331 8.91 8.83 28.16
N ARG I 332 8.24 9.76 27.48
CA ARG I 332 7.78 9.50 26.11
C ARG I 332 8.97 9.34 25.16
N TYR I 333 9.98 10.18 25.31
CA TYR I 333 11.18 10.11 24.47
C TYR I 333 12.42 9.98 25.35
N PRO I 334 12.99 8.78 25.49
CA PRO I 334 14.19 8.62 26.30
C PRO I 334 15.44 9.03 25.52
N LEU I 335 16.29 9.83 26.16
CA LEU I 335 17.54 10.27 25.54
C LEU I 335 18.51 9.09 25.53
N GLY I 336 18.64 8.45 24.39
CA GLY I 336 19.50 7.29 24.27
C GLY I 336 18.72 6.00 24.44
N TYR I 337 18.48 5.30 23.34
CA TYR I 337 17.68 4.08 23.38
C TYR I 337 18.53 2.88 23.79
N LYS I 338 19.24 3.00 24.90
CA LYS I 338 20.09 1.94 25.44
C LYS I 338 20.15 2.10 26.94
N HIS I 339 20.98 1.28 27.58
CA HIS I 339 21.26 1.40 29.00
C HIS I 339 22.56 2.14 29.27
N SER I 340 23.12 2.78 28.25
CA SER I 340 24.41 3.46 28.40
C SER I 340 24.28 4.69 29.29
N LYS I 341 25.38 5.01 29.97
CA LYS I 341 25.45 6.20 30.83
C LYS I 341 25.58 7.43 29.95
N LEU I 342 24.44 7.89 29.44
CA LEU I 342 24.38 9.09 28.62
C LEU I 342 23.57 10.19 29.28
N ALA I 343 22.47 9.85 29.96
CA ALA I 343 21.69 10.81 30.72
C ALA I 343 21.77 10.42 32.20
N SER I 344 22.11 11.41 33.03
CA SER I 344 22.28 11.12 34.46
C SER I 344 20.96 10.73 35.11
N ARG I 345 19.86 11.40 34.76
CA ARG I 345 18.55 11.12 35.34
C ARG I 345 17.49 11.30 34.27
N ASN I 346 16.83 10.21 33.89
CA ASN I 346 15.68 10.29 33.01
C ASN I 346 14.47 10.70 33.84
N ILE I 347 13.93 11.88 33.56
CA ILE I 347 12.87 12.48 34.36
C ILE I 347 11.62 12.57 33.49
N GLY I 348 10.49 12.09 34.03
CA GLY I 348 9.24 12.05 33.29
C GLY I 348 8.31 13.22 33.49
N ASN I 349 8.54 14.06 34.49
CA ASN I 349 7.65 15.16 34.82
C ASN I 349 8.45 16.44 34.99
N LEU I 350 7.84 17.56 34.61
CA LEU I 350 8.57 18.83 34.61
C LEU I 350 8.80 19.35 36.03
N ASN I 351 7.83 19.13 36.93
CA ASN I 351 7.96 19.63 38.28
C ASN I 351 9.12 18.97 39.03
N GLU I 352 9.27 17.65 38.87
CA GLU I 352 10.39 16.99 39.53
C GLU I 352 11.71 17.30 38.84
N LEU I 353 11.68 17.61 37.54
CA LEU I 353 12.88 18.11 36.87
C LEU I 353 13.35 19.43 37.49
N VAL I 354 12.41 20.37 37.69
CA VAL I 354 12.74 21.65 38.30
C VAL I 354 13.21 21.42 39.74
N GLY I 355 12.57 20.49 40.46
CA GLY I 355 13.00 20.20 41.82
C GLY I 355 14.40 19.62 41.89
N ALA I 356 14.73 18.71 40.98
CA ALA I 356 16.07 18.12 40.95
C ALA I 356 17.13 19.17 40.60
N VAL I 357 16.82 20.03 39.62
CA VAL I 357 17.76 21.09 39.25
C VAL I 357 17.96 22.05 40.40
N LEU I 358 16.87 22.42 41.09
CA LEU I 358 16.97 23.36 42.20
C LEU I 358 17.73 22.77 43.39
N ASP I 359 17.49 21.49 43.70
CA ASP I 359 18.22 20.89 44.81
C ASP I 359 19.68 20.58 44.46
N TYR I 360 20.00 20.44 43.17
CA TYR I 360 21.40 20.41 42.77
C TYR I 360 22.03 21.78 43.01
N ILE I 361 21.36 22.84 42.57
CA ILE I 361 21.91 24.18 42.77
C ILE I 361 21.87 24.56 44.25
N GLY I 362 20.76 24.30 44.91
CA GLY I 362 20.63 24.61 46.32
C GLY I 362 19.19 24.72 46.78
N PRO J 4 56.39 28.51 27.76
CA PRO J 4 56.81 28.05 26.44
C PRO J 4 55.79 28.21 25.28
N PRO J 5 54.49 27.92 25.43
CA PRO J 5 53.60 28.16 24.28
C PRO J 5 53.30 29.64 24.13
N ASN J 6 53.72 30.21 23.01
CA ASN J 6 53.55 31.64 22.76
C ASN J 6 52.31 31.97 21.95
N THR J 7 51.54 30.98 21.52
CA THR J 7 50.33 31.21 20.74
C THR J 7 49.12 30.65 21.48
N LEU J 8 48.03 31.42 21.48
CA LEU J 8 46.74 30.94 21.97
C LEU J 8 45.77 30.86 20.80
N PHE J 9 44.92 29.84 20.81
CA PHE J 9 43.98 29.58 19.73
C PHE J 9 42.55 29.71 20.21
N LEU J 10 41.71 30.30 19.37
CA LEU J 10 40.29 30.43 19.60
C LEU J 10 39.54 29.82 18.43
N ARG J 11 38.57 28.97 18.73
CA ARG J 11 37.70 28.38 17.72
C ARG J 11 36.35 29.09 17.78
N LEU J 12 35.97 29.74 16.68
CA LEU J 12 34.73 30.50 16.60
C LEU J 12 33.83 29.81 15.58
N GLU J 13 32.88 29.03 16.08
CA GLU J 13 31.88 28.38 15.24
C GLU J 13 30.54 28.40 15.94
N GLY J 14 29.50 28.73 15.20
CA GLY J 14 28.15 28.73 15.71
C GLY J 14 27.18 28.65 14.55
N ALA J 15 25.89 28.57 14.89
CA ALA J 15 24.86 28.61 13.86
C ALA J 15 24.85 29.95 13.15
N LEU J 16 24.99 31.03 13.90
CA LEU J 16 25.11 32.37 13.34
C LEU J 16 26.21 33.11 14.09
N GLN J 17 26.79 34.10 13.43
CA GLN J 17 27.78 34.97 14.05
C GLN J 17 27.74 36.31 13.34
N SER J 18 28.15 37.35 14.05
CA SER J 18 28.12 38.70 13.48
C SER J 18 29.19 39.55 14.13
N TRP J 19 30.27 39.80 13.41
CA TRP J 19 31.31 40.74 13.83
C TRP J 19 31.13 42.00 12.99
N GLY J 20 30.46 42.99 13.57
CA GLY J 20 30.07 44.16 12.81
C GLY J 20 31.25 45.02 12.41
N SER J 21 31.09 45.71 11.30
CA SER J 21 32.15 46.52 10.73
C SER J 21 32.08 47.95 11.27
N ASN J 22 32.86 48.85 10.68
CA ASN J 22 32.91 50.22 11.16
C ASN J 22 31.69 51.01 10.73
N GLU J 23 31.11 50.69 9.58
CA GLU J 23 30.00 51.48 9.04
C GLU J 23 28.65 51.00 9.56
N ALA J 24 28.54 50.82 10.88
CA ALA J 24 27.26 50.35 11.44
C ALA J 24 27.17 50.77 12.91
N LYS J 25 26.49 51.90 13.16
CA LYS J 25 25.73 52.04 14.40
C LYS J 25 24.42 52.78 14.14
N PHE J 26 24.02 52.93 12.87
CA PHE J 26 22.67 53.35 12.51
C PHE J 26 21.73 52.15 12.65
N ALA J 27 20.52 52.28 12.10
CA ALA J 27 19.56 51.19 12.16
C ALA J 27 19.96 50.01 11.28
N LEU J 28 20.79 50.22 10.27
CA LEU J 28 21.34 49.15 9.44
C LEU J 28 22.68 48.77 10.03
N ARG J 29 22.79 47.54 10.52
CA ARG J 29 23.87 47.15 11.42
C ARG J 29 24.52 45.90 10.82
N ARG J 30 25.44 46.12 9.88
CA ARG J 30 26.02 45.07 9.05
C ARG J 30 27.18 44.39 9.77
N THR J 31 27.77 43.41 9.08
CA THR J 31 28.84 42.60 9.64
C THR J 31 30.02 42.54 8.68
N ALA J 32 31.17 42.15 9.23
CA ALA J 32 32.38 41.92 8.45
C ALA J 32 32.55 40.44 8.16
N ASP J 33 33.29 40.14 7.09
CA ASP J 33 33.47 38.75 6.67
C ASP J 33 34.35 37.96 7.63
N ALA J 34 35.17 38.62 8.44
CA ALA J 34 36.06 37.97 9.38
C ALA J 34 35.89 38.57 10.76
N PRO J 35 36.19 37.82 11.81
CA PRO J 35 36.15 38.40 13.17
C PRO J 35 37.14 39.55 13.33
N THR J 36 36.61 40.69 13.76
CA THR J 36 37.44 41.85 13.99
C THR J 36 38.26 41.66 15.27
N LYS J 37 39.29 42.50 15.41
CA LYS J 37 40.19 42.40 16.55
C LYS J 37 39.47 42.76 17.85
N SER J 38 38.56 43.75 17.79
CA SER J 38 37.80 44.11 18.97
C SER J 38 36.88 42.98 19.41
N GLY J 39 36.37 42.19 18.46
CA GLY J 39 35.49 41.09 18.82
C GLY J 39 36.19 39.99 19.58
N VAL J 40 37.33 39.53 19.05
CA VAL J 40 38.07 38.47 19.75
C VAL J 40 38.66 39.01 21.05
N LEU J 41 39.07 40.29 21.07
CA LEU J 41 39.56 40.90 22.30
C LEU J 41 38.47 40.95 23.36
N GLY J 42 37.24 41.27 22.95
CA GLY J 42 36.12 41.26 23.89
C GLY J 42 35.78 39.87 24.37
N LEU J 43 35.87 38.88 23.48
CA LEU J 43 35.66 37.49 23.89
C LEU J 43 36.66 37.08 24.96
N LEU J 44 37.94 37.42 24.75
CA LEU J 44 38.95 37.12 25.75
C LEU J 44 38.75 37.92 27.04
N CYS J 45 38.27 39.16 26.92
CA CYS J 45 37.99 39.98 28.09
C CYS J 45 36.86 39.40 28.93
N ALA J 46 35.84 38.85 28.28
CA ALA J 46 34.78 38.15 28.99
C ALA J 46 35.29 36.86 29.61
N ALA J 47 36.18 36.16 28.89
CA ALA J 47 36.75 34.92 29.41
C ALA J 47 37.55 35.17 30.68
N MET J 48 38.34 36.25 30.69
CA MET J 48 38.93 36.69 31.95
C MET J 48 37.87 37.23 32.89
N GLY J 49 36.95 38.03 32.37
CA GLY J 49 35.84 38.53 33.16
C GLY J 49 36.15 39.80 33.92
N ILE J 50 36.56 40.85 33.20
CA ILE J 50 36.74 42.16 33.80
C ILE J 50 35.60 43.07 33.34
N GLY J 51 35.46 44.20 34.03
CA GLY J 51 34.33 45.08 33.83
C GLY J 51 34.43 45.89 32.56
N ARG J 52 33.48 46.82 32.41
CA ARG J 52 33.46 47.70 31.25
C ARG J 52 34.70 48.58 31.20
N ALA J 53 34.99 49.26 32.30
CA ALA J 53 36.14 50.15 32.40
C ALA J 53 37.41 49.45 32.87
N GLU J 54 37.30 48.26 33.44
CA GLU J 54 38.49 47.50 33.81
C GLU J 54 39.26 47.06 32.57
N ALA J 55 38.56 46.83 31.46
CA ALA J 55 39.25 46.67 30.19
C ALA J 55 39.97 47.94 29.80
N ALA J 56 39.34 49.10 30.02
CA ALA J 56 39.96 50.37 29.68
C ALA J 56 41.19 50.64 30.53
N ASP J 57 41.14 50.29 31.82
CA ASP J 57 42.24 50.57 32.74
C ASP J 57 43.36 49.57 32.50
N SER J 58 44.13 49.83 31.44
CA SER J 58 45.37 49.13 31.11
C SER J 58 45.15 47.63 30.92
N TRP J 59 44.26 47.31 29.98
CA TRP J 59 44.08 45.91 29.59
C TRP J 59 44.06 45.76 28.07
N LEU J 60 43.68 46.82 27.34
CA LEU J 60 43.65 46.71 25.88
C LEU J 60 45.02 46.50 25.25
N PRO J 61 46.06 47.33 25.49
CA PRO J 61 47.29 47.17 24.68
C PRO J 61 48.07 45.92 25.02
N LYS J 62 47.83 45.30 26.17
CA LYS J 62 48.48 44.03 26.46
C LYS J 62 47.95 42.91 25.56
N LEU J 63 46.67 42.98 25.21
CA LEU J 63 46.07 42.01 24.29
C LEU J 63 46.11 42.49 22.84
N ALA J 64 46.40 43.76 22.61
CA ALA J 64 46.33 44.34 21.28
C ALA J 64 47.69 44.36 20.58
N ASN J 65 48.78 44.45 21.32
CA ASN J 65 50.10 44.30 20.70
C ASN J 65 50.36 42.86 20.27
N LEU J 66 49.53 41.92 20.68
CA LEU J 66 49.58 40.55 20.22
C LEU J 66 49.13 40.53 18.77
N ARG J 67 50.09 40.54 17.84
CA ARG J 67 49.76 40.48 16.42
C ARG J 67 49.18 39.11 16.11
N MET J 68 47.94 39.09 15.63
CA MET J 68 47.23 37.84 15.51
C MET J 68 46.86 37.57 14.05
N GLY J 69 46.32 36.37 13.84
CA GLY J 69 45.71 36.01 12.58
C GLY J 69 44.38 35.35 12.81
N VAL J 70 43.52 35.43 11.79
CA VAL J 70 42.21 34.81 11.78
C VAL J 70 42.15 33.96 10.52
N ARG J 71 41.84 32.68 10.66
CA ARG J 71 41.87 31.73 9.57
C ARG J 71 40.44 31.31 9.27
N ILE J 72 39.99 31.54 8.04
CA ILE J 72 38.60 31.30 7.65
C ILE J 72 38.51 29.91 7.05
N ASP J 73 37.84 28.98 7.75
CA ASP J 73 37.75 27.61 7.24
C ASP J 73 36.77 27.53 6.07
N ARG J 74 35.51 27.85 6.34
CA ARG J 74 34.48 27.86 5.32
C ARG J 74 33.78 29.21 5.30
N PRO J 75 33.37 29.71 4.14
CA PRO J 75 32.72 31.02 4.10
C PRO J 75 31.23 30.92 4.38
N GLY J 76 30.81 31.45 5.52
CA GLY J 76 29.39 31.54 5.81
C GLY J 76 28.75 32.65 5.02
N ILE J 77 27.47 32.47 4.71
CA ILE J 77 26.79 33.42 3.86
C ILE J 77 26.20 34.53 4.72
N ARG J 78 25.91 35.67 4.10
CA ARG J 78 25.40 36.83 4.82
C ARG J 78 23.88 36.75 4.88
N TRP J 79 23.34 36.56 6.07
CA TRP J 79 21.90 36.50 6.29
C TRP J 79 21.44 37.75 7.00
N TRP J 80 20.42 38.39 6.47
CA TRP J 80 19.90 39.61 7.05
C TRP J 80 18.61 39.31 7.81
N ASP J 81 18.62 39.63 9.10
CA ASP J 81 17.49 39.42 9.98
C ASP J 81 16.73 40.73 10.14
N PHE J 82 15.41 40.66 10.05
CA PHE J 82 14.53 41.82 10.12
C PHE J 82 14.12 42.01 11.57
N HIS J 83 14.81 42.91 12.27
CA HIS J 83 14.63 43.11 13.70
C HIS J 83 13.81 44.37 13.94
N THR J 84 12.66 44.20 14.59
CA THR J 84 11.80 45.31 14.95
C THR J 84 11.89 45.55 16.46
N VAL J 85 12.60 46.60 16.84
CA VAL J 85 12.67 46.99 18.24
C VAL J 85 11.35 47.64 18.63
N GLY J 86 10.85 47.31 19.82
CA GLY J 86 9.57 47.86 20.22
C GLY J 86 9.60 49.30 20.66
N ALA J 87 10.79 49.85 20.90
CA ALA J 87 10.99 51.19 21.45
C ALA J 87 10.20 51.35 22.75
N GLY J 88 8.97 51.85 22.65
CA GLY J 88 8.11 51.92 23.81
C GLY J 88 6.94 50.97 23.73
N GLN J 89 6.97 49.91 24.54
CA GLN J 89 5.87 48.96 24.61
C GLN J 89 5.43 48.77 26.06
N LYS J 119 5.91 58.36 28.94
CA LYS J 119 7.29 57.99 28.66
C LYS J 119 7.35 56.99 27.51
N THR J 120 6.24 56.29 27.28
CA THR J 120 6.14 55.29 26.23
C THR J 120 5.03 55.66 25.25
N ARG J 121 5.19 55.19 24.02
CA ARG J 121 4.24 55.48 22.96
C ARG J 121 4.35 54.41 21.89
N ALA J 122 3.32 54.31 21.07
CA ALA J 122 3.25 53.27 20.03
C ALA J 122 4.10 53.71 18.84
N GLU J 123 5.39 53.46 18.94
CA GLU J 123 6.32 53.62 17.84
C GLU J 123 7.21 52.40 17.75
N THR J 124 7.40 51.88 16.54
CA THR J 124 8.21 50.69 16.31
C THR J 124 9.49 51.09 15.59
N LEU J 125 10.63 50.72 16.18
CA LEU J 125 11.92 50.95 15.56
C LEU J 125 12.25 49.82 14.59
N LEU J 126 12.79 50.20 13.43
CA LEU J 126 13.00 49.28 12.32
C LEU J 126 14.50 49.05 12.16
N SER J 127 14.89 47.79 11.92
CA SER J 127 16.31 47.49 11.78
C SER J 127 16.49 46.22 10.96
N ARG J 128 17.65 46.13 10.33
CA ARG J 128 18.09 44.91 9.65
C ARG J 128 19.51 44.63 10.07
N ARG J 129 19.78 43.40 10.48
CA ARG J 129 21.06 43.03 11.07
C ARG J 129 21.68 41.88 10.29
N GLU J 130 22.99 42.00 10.02
CA GLU J 130 23.68 41.01 9.21
C GLU J 130 24.36 39.97 10.10
N TYR J 131 24.24 38.70 9.71
CA TYR J 131 24.84 37.59 10.41
C TYR J 131 25.62 36.74 9.41
N LEU J 132 26.68 36.11 9.89
CA LEU J 132 27.40 35.11 9.10
C LEU J 132 26.86 33.74 9.45
N ALA J 133 26.30 33.05 8.47
CA ALA J 133 25.67 31.76 8.67
C ALA J 133 26.60 30.67 8.19
N ASP J 134 26.86 29.69 9.07
CA ASP J 134 27.65 28.49 8.80
C ASP J 134 29.07 28.85 8.37
N ALA J 135 29.80 29.48 9.28
CA ALA J 135 31.21 29.80 9.09
C ALA J 135 32.01 29.38 10.31
N SER J 136 33.24 28.97 10.09
CA SER J 136 34.14 28.56 11.16
C SER J 136 35.44 29.33 11.05
N PHE J 137 35.89 29.88 12.17
CA PHE J 137 37.08 30.72 12.21
C PHE J 137 38.04 30.18 13.26
N LEU J 138 39.33 30.33 12.99
CA LEU J 138 40.38 30.06 13.97
C LEU J 138 41.20 31.31 14.15
N VAL J 139 41.34 31.76 15.39
CA VAL J 139 42.04 32.99 15.72
C VAL J 139 43.27 32.64 16.54
N ALA J 140 44.45 32.99 16.04
CA ALA J 140 45.71 32.68 16.69
C ALA J 140 46.36 33.97 17.17
N LEU J 141 46.37 34.18 18.47
CA LEU J 141 47.03 35.35 19.05
C LEU J 141 48.42 34.95 19.55
N GLN J 142 49.44 35.65 19.06
CA GLN J 142 50.83 35.36 19.40
C GLN J 142 51.34 36.40 20.37
N GLY J 143 51.82 35.95 21.51
CA GLY J 143 52.33 36.84 22.53
C GLY J 143 53.27 36.12 23.44
N GLU J 144 53.58 36.76 24.57
CA GLU J 144 54.48 36.14 25.53
C GLU J 144 53.78 34.98 26.24
N PRO J 145 54.51 33.92 26.59
CA PRO J 145 53.89 32.67 27.05
C PRO J 145 52.93 32.79 28.24
N GLU J 146 53.22 33.65 29.22
CA GLU J 146 52.41 33.66 30.43
C GLU J 146 51.02 34.21 30.15
N LEU J 147 50.94 35.21 29.26
CA LEU J 147 49.64 35.73 28.83
C LEU J 147 48.84 34.65 28.11
N VAL J 148 49.52 33.86 27.27
CA VAL J 148 48.84 32.78 26.55
C VAL J 148 48.31 31.72 27.52
N ALA J 149 49.10 31.39 28.54
CA ALA J 149 48.65 30.42 29.55
C ALA J 149 47.46 30.95 30.33
N LYS J 150 47.50 32.23 30.72
CA LYS J 150 46.36 32.83 31.43
C LYS J 150 45.13 32.88 30.54
N LEU J 151 45.32 33.16 29.25
CA LEU J 151 44.20 33.22 28.31
C LEU J 151 43.56 31.85 28.13
N SER J 152 44.38 30.79 28.02
CA SER J 152 43.81 29.45 27.89
C SER J 152 43.11 29.02 29.17
N ALA J 153 43.67 29.36 30.33
CA ALA J 153 43.03 29.03 31.60
C ALA J 153 41.69 29.74 31.75
N ALA J 154 41.61 31.01 31.35
CA ALA J 154 40.36 31.74 31.41
C ALA J 154 39.38 31.27 30.33
N LEU J 155 39.90 30.75 29.21
CA LEU J 155 39.04 30.21 28.17
C LEU J 155 38.39 28.90 28.63
N ALA J 156 39.11 28.08 29.39
CA ALA J 156 38.50 26.87 29.95
C ALA J 156 37.50 27.22 31.04
N LYS J 157 37.65 28.38 31.67
CA LYS J 157 36.80 28.81 32.78
C LYS J 157 36.22 30.19 32.50
N PRO J 158 35.21 30.31 31.63
CA PRO J 158 34.62 31.63 31.37
C PRO J 158 33.73 32.06 32.53
N VAL J 159 34.16 33.11 33.24
CA VAL J 159 33.38 33.57 34.39
C VAL J 159 32.10 34.27 33.95
N TRP J 160 32.02 34.67 32.68
CA TRP J 160 30.81 35.22 32.10
C TRP J 160 30.48 34.44 30.83
N ALA J 161 29.22 34.50 30.43
CA ALA J 161 28.78 33.79 29.24
C ALA J 161 29.38 34.45 28.00
N ILE J 162 30.12 33.67 27.21
CA ILE J 162 30.77 34.18 26.02
C ILE J 162 29.98 33.72 24.80
N TYR J 163 30.11 34.50 23.72
CA TYR J 163 29.32 34.26 22.52
C TYR J 163 30.16 34.70 21.31
N LEU J 164 29.50 34.84 20.17
CA LEU J 164 30.17 35.03 18.89
C LEU J 164 29.99 36.44 18.35
N GLY J 165 30.13 37.44 19.22
CA GLY J 165 30.08 38.83 18.81
C GLY J 165 28.78 39.49 19.19
N ARG J 166 27.67 38.78 18.96
CA ARG J 166 26.36 39.20 19.43
C ARG J 166 25.88 38.19 20.48
N LYS J 167 25.20 38.70 21.51
CA LYS J 167 24.81 37.86 22.64
C LYS J 167 23.88 36.73 22.22
N SER J 168 23.10 36.93 21.16
CA SER J 168 22.19 35.92 20.64
C SER J 168 22.89 34.87 19.78
N CYS J 169 24.21 34.80 19.81
CA CYS J 169 24.97 33.84 19.00
C CYS J 169 25.96 33.08 19.88
N PRO J 170 25.49 32.07 20.61
CA PRO J 170 26.40 31.27 21.41
C PRO J 170 27.17 30.29 20.55
N PRO J 171 28.38 29.91 20.97
CA PRO J 171 29.20 29.03 20.12
C PRO J 171 28.67 27.61 20.08
N SER J 172 28.90 26.95 18.93
CA SER J 172 28.53 25.56 18.76
C SER J 172 29.68 24.59 19.00
N ARG J 173 30.92 25.08 18.94
CA ARG J 173 32.11 24.32 19.24
C ARG J 173 32.87 25.01 20.37
N PRO J 174 33.61 24.26 21.19
CA PRO J 174 34.34 24.89 22.29
C PRO J 174 35.39 25.88 21.79
N VAL J 175 35.45 27.03 22.47
CA VAL J 175 36.44 28.05 22.10
C VAL J 175 37.83 27.63 22.51
N CYS J 176 37.95 26.81 23.55
CA CYS J 176 39.23 26.27 24.00
C CYS J 176 39.46 24.86 23.49
N GLU J 177 38.97 24.56 22.28
CA GLU J 177 39.08 23.20 21.74
C GLU J 177 40.51 22.86 21.37
N HIS J 178 41.19 23.75 20.67
CA HIS J 178 42.54 23.45 20.21
C HIS J 178 43.56 23.88 21.24
N PRO J 179 44.49 22.99 21.63
CA PRO J 179 45.42 23.35 22.70
C PRO J 179 46.44 24.36 22.21
N PRO J 180 46.98 25.17 23.12
CA PRO J 180 48.02 26.13 22.72
C PRO J 180 49.33 25.43 22.41
N GLY J 181 50.19 26.16 21.68
CA GLY J 181 51.50 25.65 21.33
C GLY J 181 52.48 26.78 21.13
N PHE J 182 53.73 26.41 20.85
CA PHE J 182 54.78 27.38 20.57
C PHE J 182 55.03 27.43 19.07
N TYR J 183 54.93 28.62 18.49
CA TYR J 183 55.19 28.82 17.07
C TYR J 183 55.89 30.15 16.88
N ASN J 184 56.83 30.18 15.94
CA ASN J 184 57.66 31.37 15.73
C ASN J 184 56.85 32.49 15.08
N THR J 185 56.06 32.16 14.06
CA THR J 185 55.31 33.15 13.31
C THR J 185 53.83 32.80 13.34
N LEU J 186 53.01 33.75 12.88
CA LEU J 186 51.57 33.53 12.80
C LEU J 186 51.21 32.48 11.76
N GLU J 187 51.96 32.45 10.64
CA GLU J 187 51.65 31.53 9.56
C GLU J 187 51.82 30.07 9.99
N GLU J 188 52.89 29.77 10.73
CA GLU J 188 53.11 28.41 11.21
C GLU J 188 52.01 27.99 12.19
N ALA J 189 51.62 28.90 13.09
CA ALA J 189 50.57 28.59 14.05
C ALA J 189 49.23 28.36 13.35
N LEU J 190 48.90 29.18 12.36
CA LEU J 190 47.62 29.03 11.68
C LEU J 190 47.61 27.88 10.67
N SER J 191 48.79 27.41 10.25
CA SER J 191 48.83 26.24 9.39
C SER J 191 48.96 24.93 10.16
N ALA J 192 49.34 25.00 11.44
CA ALA J 192 49.51 23.77 12.22
C ALA J 192 48.17 23.15 12.59
N VAL J 193 47.19 23.97 12.96
CA VAL J 193 45.90 23.47 13.45
C VAL J 193 45.11 22.89 12.27
N PRO J 194 44.63 21.66 12.35
CA PRO J 194 43.95 21.04 11.22
C PRO J 194 42.54 21.59 11.04
N LEU J 195 41.97 21.28 9.87
CA LEU J 195 40.60 21.67 9.53
C LEU J 195 39.69 20.47 9.77
N GLN J 196 38.65 20.68 10.58
CA GLN J 196 37.80 19.60 11.05
C GLN J 196 36.55 19.49 10.18
N LYS J 197 36.35 18.31 9.58
CA LYS J 197 35.14 18.06 8.83
C LYS J 197 33.99 17.75 9.78
N ARG J 198 32.87 18.42 9.58
CA ARG J 198 31.69 18.16 10.40
C ARG J 198 31.07 16.81 10.07
N TRP J 199 31.07 16.44 8.80
CA TRP J 199 30.57 15.15 8.35
C TRP J 199 31.46 14.61 7.23
N HIS J 200 31.09 13.43 6.74
CA HIS J 200 32.01 12.61 5.95
C HIS J 200 32.17 13.10 4.50
N ASN J 201 31.11 13.59 3.87
CA ASN J 201 31.15 13.90 2.44
C ASN J 201 30.72 15.35 2.19
N GLU J 202 31.51 16.31 2.65
CA GLU J 202 31.14 17.70 2.49
C GLU J 202 32.19 18.42 1.66
N PRO J 203 31.78 19.38 0.83
CA PRO J 203 32.75 20.10 0.00
C PRO J 203 33.63 21.01 0.84
N LEU J 204 34.92 20.80 0.74
CA LEU J 204 35.87 21.60 1.49
C LEU J 204 36.48 22.66 0.61
N PRO J 205 36.76 23.85 1.15
CA PRO J 205 37.39 24.90 0.34
C PRO J 205 38.83 24.52 0.00
N GLN J 206 39.11 24.41 -1.30
CA GLN J 206 40.47 24.15 -1.75
C GLN J 206 41.40 25.30 -1.38
N ILE J 207 40.87 26.52 -1.38
CA ILE J 207 41.64 27.72 -1.04
C ILE J 207 41.06 28.27 0.26
N LEU J 208 41.93 28.70 1.17
CA LEU J 208 41.54 29.04 2.54
C LEU J 208 42.13 30.38 2.93
N PRO J 209 41.31 31.41 3.14
CA PRO J 209 41.85 32.74 3.43
C PRO J 209 42.31 32.88 4.87
N CYS J 210 43.31 33.74 5.05
CA CYS J 210 43.85 34.07 6.36
C CYS J 210 44.13 35.56 6.41
N VAL J 211 43.67 36.20 7.49
CA VAL J 211 43.72 37.65 7.65
C VAL J 211 44.48 37.94 8.92
N MET J 212 45.60 38.66 8.79
CA MET J 212 46.47 38.90 9.93
C MET J 212 46.78 40.38 10.10
N ASP J 213 47.08 40.72 11.35
CA ASP J 213 47.65 42.03 11.66
C ASP J 213 48.98 42.18 10.92
N TRP J 214 49.21 43.39 10.41
CA TRP J 214 50.34 43.62 9.51
C TRP J 214 51.64 43.66 10.31
N ILE J 215 52.52 42.70 10.05
CA ILE J 215 53.83 42.66 10.67
C ILE J 215 54.69 43.75 10.05
N PRO J 216 55.24 44.67 10.85
CA PRO J 216 56.01 45.79 10.27
C PRO J 216 57.36 45.38 9.71
N GLY J 217 57.84 44.18 9.98
CA GLY J 217 59.16 43.78 9.55
C GLY J 217 60.25 44.57 10.23
N TYR J 218 61.10 45.24 9.47
CA TYR J 218 62.12 46.08 10.05
C TYR J 218 61.52 47.44 10.44
N ASP J 219 62.32 48.24 11.15
CA ASP J 219 61.88 49.56 11.56
C ASP J 219 61.73 50.47 10.34
N GLY J 220 60.63 51.20 10.29
CA GLY J 220 60.25 51.90 9.08
C GLY J 220 59.25 51.07 8.32
N GLU J 221 59.53 50.79 7.04
CA GLU J 221 58.78 49.82 6.23
C GLU J 221 57.29 50.21 6.16
N HIS J 222 57.05 51.30 5.45
CA HIS J 222 55.69 51.77 5.24
C HIS J 222 54.85 50.69 4.55
N ALA J 223 53.55 50.68 4.88
CA ALA J 223 52.70 49.54 4.60
C ALA J 223 52.55 49.32 3.10
N PRO J 224 52.45 48.06 2.65
CA PRO J 224 52.34 47.80 1.21
C PRO J 224 51.01 48.25 0.65
N ASP J 225 50.89 48.15 -0.68
CA ASP J 225 49.72 48.63 -1.38
C ASP J 225 48.47 47.80 -1.10
N ASP J 226 48.64 46.57 -0.61
CA ASP J 226 47.51 45.70 -0.29
C ASP J 226 47.03 45.86 1.15
N ALA J 227 47.68 46.70 1.95
CA ALA J 227 47.33 46.86 3.35
C ALA J 227 46.09 47.73 3.46
N GLU J 228 45.00 47.16 3.95
CA GLU J 228 43.75 47.87 4.12
C GLU J 228 43.61 48.35 5.56
N ILE J 229 42.81 49.38 5.73
CA ILE J 229 42.59 49.96 7.05
C ILE J 229 41.38 49.27 7.68
N HIS J 230 41.42 49.15 9.00
CA HIS J 230 40.35 48.50 9.76
C HIS J 230 40.31 49.11 11.14
N TYR J 231 39.17 49.72 11.47
CA TYR J 231 39.01 50.44 12.74
C TYR J 231 38.53 49.45 13.79
N ASP J 232 39.46 48.60 14.25
CA ASP J 232 39.10 47.60 15.25
C ASP J 232 40.19 47.42 16.31
N LEU J 233 40.92 48.47 16.67
CA LEU J 233 41.82 48.38 17.80
C LEU J 233 41.17 49.11 18.97
N PRO J 234 40.72 48.42 20.01
CA PRO J 234 40.02 49.10 21.10
C PRO J 234 40.97 49.83 22.02
N VAL J 235 40.60 51.06 22.39
CA VAL J 235 41.32 51.81 23.40
C VAL J 235 40.41 52.26 24.55
N SER J 236 39.11 52.32 24.33
CA SER J 236 38.10 52.48 25.37
C SER J 236 36.89 51.73 24.88
N PHE J 237 36.08 51.21 25.80
CA PHE J 237 35.11 50.22 25.39
C PHE J 237 33.71 50.58 25.87
N GLN J 238 33.54 51.75 26.50
CA GLN J 238 32.28 52.30 26.95
C GLN J 238 32.44 53.82 27.10
N PRO J 239 32.16 54.61 26.05
CA PRO J 239 31.70 54.23 24.70
C PRO J 239 32.82 53.63 23.85
N PRO J 240 32.49 52.81 22.85
CA PRO J 240 33.54 52.16 22.06
C PRO J 240 34.32 53.12 21.18
N ARG J 241 35.61 53.28 21.46
CA ARG J 241 36.52 54.01 20.59
C ARG J 241 37.42 52.99 19.91
N HIS J 242 37.43 53.00 18.58
CA HIS J 242 38.23 52.08 17.79
C HIS J 242 39.28 52.86 17.01
N LEU J 243 40.46 52.35 17.00
CA LEU J 243 41.63 52.83 16.29
C LEU J 243 41.86 52.01 15.04
N PRO J 244 42.36 52.65 13.98
CA PRO J 244 42.64 51.92 12.74
C PRO J 244 43.83 50.99 12.88
N ARG J 245 43.85 49.96 12.04
CA ARG J 245 44.97 49.04 11.98
C ARG J 245 45.13 48.56 10.54
N PHE J 246 46.33 48.07 10.24
CA PHE J 246 46.64 47.58 8.91
C PHE J 246 46.44 46.07 8.88
N VAL J 247 45.71 45.59 7.88
CA VAL J 247 45.24 44.22 7.81
C VAL J 247 45.63 43.63 6.47
N ILE J 248 46.30 42.47 6.48
CA ILE J 248 46.79 41.86 5.26
C ILE J 248 46.32 40.41 5.19
N ARG J 249 45.98 39.96 3.98
CA ARG J 249 45.46 38.62 3.77
C ARG J 249 46.40 37.79 2.90
N ARG J 250 46.74 36.59 3.39
CA ARG J 250 47.30 35.52 2.59
C ARG J 250 46.29 34.40 2.35
N GLU J 251 46.67 33.54 1.40
CA GLU J 251 45.89 32.39 1.00
C GLU J 251 46.66 31.12 1.34
N LEU J 252 45.97 30.13 1.88
CA LEU J 252 46.55 28.82 2.16
C LEU J 252 45.85 27.78 1.28
N VAL J 253 46.58 26.74 0.93
CA VAL J 253 46.07 25.67 0.08
C VAL J 253 46.01 24.40 0.91
N VAL J 254 44.82 23.81 1.01
CA VAL J 254 44.68 22.61 1.82
C VAL J 254 45.30 21.42 1.09
N GLY J 255 45.71 20.44 1.88
CA GLY J 255 46.36 19.26 1.35
C GLY J 255 47.87 19.33 1.30
N GLU J 256 48.46 20.51 1.51
CA GLU J 256 49.91 20.61 1.52
C GLU J 256 50.42 21.34 2.76
N ASP J 257 49.60 22.24 3.30
CA ASP J 257 49.93 22.91 4.57
C ASP J 257 48.79 22.92 5.56
N VAL J 258 47.55 22.74 5.13
CA VAL J 258 46.41 22.57 6.02
C VAL J 258 45.82 21.20 5.72
N GLN J 259 45.76 20.34 6.72
CA GLN J 259 45.30 18.96 6.54
C GLN J 259 43.98 18.74 7.26
N VAL J 260 43.16 17.89 6.68
CA VAL J 260 41.83 17.59 7.21
C VAL J 260 41.95 16.66 8.41
N SER J 261 40.87 16.52 9.17
CA SER J 261 40.82 15.63 10.32
C SER J 261 39.85 14.49 10.04
N ARG J 262 39.68 13.63 11.05
CA ARG J 262 38.73 12.54 10.95
C ARG J 262 37.33 13.04 11.31
N GLU J 263 36.34 12.16 11.08
CA GLU J 263 34.95 12.55 11.34
C GLU J 263 34.67 12.60 12.84
N THR J 264 35.17 11.61 13.59
CA THR J 264 35.08 11.55 15.06
C THR J 264 33.64 11.61 15.55
N GLY J 265 32.79 10.76 14.98
CA GLY J 265 31.43 10.65 15.45
C GLY J 265 30.51 10.17 14.36
N THR J 266 29.21 10.15 14.70
CA THR J 266 28.15 9.79 13.77
C THR J 266 27.15 10.93 13.67
N SER J 267 26.57 11.07 12.47
CA SER J 267 25.63 12.15 12.19
C SER J 267 24.18 11.69 12.35
N VAL J 268 23.77 10.69 11.57
CA VAL J 268 22.40 10.21 11.63
C VAL J 268 22.20 9.35 12.87
N TRP J 269 20.93 9.20 13.27
CA TRP J 269 20.62 8.48 14.50
C TRP J 269 20.46 6.98 14.27
N ARG J 270 19.63 6.59 13.28
CA ARG J 270 19.43 5.20 12.87
C ARG J 270 19.04 4.28 14.02
N PRO J 271 17.76 4.29 14.46
CA PRO J 271 17.33 3.46 15.60
C PRO J 271 17.67 1.98 15.49
N LYS J 272 17.57 1.26 16.61
CA LYS J 272 18.26 0.01 16.82
C LYS J 272 17.71 -1.10 15.93
N GLY J 273 18.45 -2.21 15.90
CA GLY J 273 18.30 -3.21 14.85
C GLY J 273 17.37 -4.36 15.21
N THR J 274 16.41 -4.60 14.33
CA THR J 274 15.54 -5.79 14.36
C THR J 274 16.19 -6.87 13.50
N ARG J 275 15.39 -7.87 13.09
CA ARG J 275 15.79 -8.91 12.13
C ARG J 275 16.90 -9.80 12.71
N ALA J 276 16.53 -10.49 13.79
CA ALA J 276 17.37 -11.54 14.33
C ALA J 276 17.54 -12.67 13.32
N ASP J 277 18.74 -13.21 13.23
CA ASP J 277 19.01 -14.28 12.29
C ASP J 277 18.59 -15.63 12.89
N TYR J 278 18.81 -16.70 12.13
CA TYR J 278 18.40 -18.04 12.54
C TYR J 278 19.47 -19.09 12.27
N ASN J 279 20.71 -18.67 12.06
CA ASN J 279 21.79 -19.61 11.82
C ASN J 279 22.99 -19.43 12.73
N ASN J 280 23.04 -18.37 13.52
CA ASN J 280 24.19 -18.13 14.38
C ASN J 280 24.16 -19.06 15.59
N SER J 281 25.35 -19.33 16.14
CA SER J 281 25.48 -20.33 17.21
C SER J 281 24.89 -19.84 18.53
N GLU J 282 24.89 -18.52 18.76
CA GLU J 282 24.32 -18.00 19.99
C GLU J 282 22.79 -18.13 20.02
N TYR J 283 22.17 -18.33 18.86
CA TYR J 283 20.72 -18.52 18.80
C TYR J 283 20.31 -19.89 19.30
N LYS J 284 21.02 -20.94 18.87
CA LYS J 284 20.55 -22.30 19.11
C LYS J 284 20.69 -22.68 20.58
N LYS J 285 21.67 -22.12 21.30
CA LYS J 285 21.81 -22.43 22.71
C LYS J 285 20.66 -21.87 23.54
N VAL J 286 20.24 -20.63 23.25
CA VAL J 286 19.09 -20.06 23.94
C VAL J 286 17.81 -20.79 23.54
N ARG J 287 17.69 -21.16 22.25
CA ARG J 287 16.50 -21.88 21.79
C ARG J 287 16.37 -23.24 22.47
N ALA J 288 17.49 -23.96 22.60
CA ALA J 288 17.46 -25.24 23.30
C ALA J 288 17.28 -25.08 24.81
N GLU J 289 17.78 -23.97 25.38
CA GLU J 289 17.59 -23.75 26.82
C GLU J 289 16.13 -23.47 27.15
N ARG J 290 15.44 -22.71 26.29
CA ARG J 290 14.03 -22.45 26.53
C ARG J 290 13.17 -23.71 26.41
N LEU J 291 13.65 -24.72 25.68
CA LEU J 291 12.92 -25.98 25.54
C LEU J 291 13.09 -26.91 26.74
N VAL J 292 13.63 -26.44 27.86
CA VAL J 292 13.90 -27.31 28.99
C VAL J 292 12.84 -27.16 30.08
N MET J 293 12.68 -25.94 30.60
CA MET J 293 11.68 -25.73 31.64
C MET J 293 10.26 -25.83 31.10
N ASP J 294 10.09 -25.72 29.79
CA ASP J 294 8.81 -25.95 29.15
C ASP J 294 8.60 -27.42 28.77
N HIS J 295 9.62 -28.26 29.00
CA HIS J 295 9.52 -29.72 28.87
C HIS J 295 9.10 -30.15 27.46
N ALA J 296 9.60 -29.42 26.45
CA ALA J 296 9.33 -29.70 25.04
C ALA J 296 7.83 -29.71 24.76
N ALA J 297 7.10 -28.83 25.43
CA ALA J 297 5.65 -28.76 25.32
C ALA J 297 5.22 -27.38 24.85
N CYS J 298 4.18 -27.34 24.02
CA CYS J 298 3.65 -26.09 23.52
C CYS J 298 2.98 -25.32 24.66
N MET J 299 2.75 -24.03 24.42
CA MET J 299 2.22 -23.17 25.47
C MET J 299 0.75 -22.83 25.32
N VAL J 300 0.19 -22.92 24.11
CA VAL J 300 -1.22 -22.64 23.89
C VAL J 300 -2.03 -23.91 23.79
N CYS J 301 -1.49 -24.96 23.17
CA CYS J 301 -2.20 -26.22 23.01
C CYS J 301 -1.51 -27.40 23.69
N LYS J 302 -0.33 -27.17 24.29
CA LYS J 302 0.39 -28.16 25.09
C LYS J 302 0.77 -29.41 24.29
N ALA J 303 0.90 -29.27 22.97
CA ALA J 303 1.43 -30.31 22.12
C ALA J 303 2.94 -30.41 22.32
N PRO J 304 3.57 -31.51 21.90
CA PRO J 304 5.03 -31.57 21.88
C PRO J 304 5.63 -30.43 21.04
N ALA J 305 6.59 -29.72 21.64
CA ALA J 305 7.15 -28.53 21.05
C ALA J 305 8.45 -28.85 20.33
N THR J 306 8.71 -28.10 19.26
CA THR J 306 9.93 -28.27 18.49
C THR J 306 10.63 -26.98 18.11
N THR J 307 10.05 -25.80 18.39
CA THR J 307 10.68 -24.55 18.02
C THR J 307 10.42 -23.51 19.10
N VAL J 308 10.89 -22.29 18.85
CA VAL J 308 10.76 -21.20 19.80
C VAL J 308 10.25 -19.97 19.07
N GLN J 309 9.64 -19.06 19.83
CA GLN J 309 9.09 -17.82 19.31
C GLN J 309 9.47 -16.67 20.24
N HIS J 310 9.64 -15.49 19.65
CA HIS J 310 10.07 -14.31 20.37
C HIS J 310 8.87 -13.44 20.75
N VAL J 311 8.96 -12.85 21.93
CA VAL J 311 7.92 -11.95 22.43
C VAL J 311 8.22 -10.50 22.11
N ASN J 312 9.48 -10.07 22.28
CA ASN J 312 9.88 -8.74 21.87
C ASN J 312 11.25 -8.81 21.23
N TYR J 313 11.54 -7.82 20.37
CA TYR J 313 12.82 -7.71 19.69
C TYR J 313 13.65 -6.53 20.22
N ARG J 314 13.51 -6.21 21.51
CA ARG J 314 14.41 -5.24 22.11
C ARG J 314 15.84 -5.75 22.09
N ARG J 315 16.02 -7.04 22.32
CA ARG J 315 17.29 -7.72 22.13
C ARG J 315 17.12 -8.79 21.07
N ALA J 316 18.05 -8.83 20.12
CA ALA J 316 17.91 -9.72 18.97
C ALA J 316 19.28 -9.93 18.33
N GLY J 317 19.29 -10.68 17.23
CA GLY J 317 20.49 -11.01 16.49
C GLY J 317 21.24 -12.18 17.12
N GLY J 318 21.96 -11.91 18.19
CA GLY J 318 22.51 -12.97 19.01
C GLY J 318 22.22 -12.76 20.48
N LYS J 319 21.99 -11.50 20.86
CA LYS J 319 21.79 -11.15 22.27
C LYS J 319 20.33 -11.48 22.58
N GLU J 320 20.13 -12.64 23.22
CA GLU J 320 18.81 -13.10 23.63
C GLU J 320 18.93 -13.75 24.99
N ILE J 321 18.07 -13.38 25.92
CA ILE J 321 18.07 -14.00 27.25
C ILE J 321 16.77 -14.78 27.42
N PRO J 322 16.78 -15.92 28.13
CA PRO J 322 15.60 -16.80 28.14
C PRO J 322 14.55 -16.41 29.17
N GLU J 323 14.01 -15.20 29.01
CA GLU J 323 12.81 -14.78 29.72
C GLU J 323 11.78 -14.14 28.82
N ASP J 324 12.12 -13.83 27.56
CA ASP J 324 11.17 -13.34 26.58
C ASP J 324 10.97 -14.31 25.42
N LEU J 325 11.28 -15.58 25.61
CA LEU J 325 11.10 -16.60 24.56
C LEU J 325 10.06 -17.62 25.01
N ARG J 326 9.21 -18.02 24.07
CA ARG J 326 8.15 -18.99 24.30
C ARG J 326 8.40 -20.25 23.47
N ALA J 327 8.41 -21.41 24.14
CA ALA J 327 8.60 -22.67 23.45
C ALA J 327 7.28 -23.09 22.79
N LEU J 328 7.31 -23.23 21.46
CA LEU J 328 6.10 -23.45 20.69
C LEU J 328 6.26 -24.68 19.80
N CYS J 329 5.13 -25.31 19.49
CA CYS J 329 5.11 -26.44 18.58
C CYS J 329 5.10 -25.96 17.14
N ARG J 330 5.19 -26.92 16.21
CA ARG J 330 5.30 -26.58 14.80
C ARG J 330 4.00 -26.01 14.26
N LEU J 331 2.86 -26.55 14.67
CA LEU J 331 1.57 -26.16 14.12
C LEU J 331 1.05 -24.84 14.68
N CYS J 332 1.62 -24.33 15.78
CA CYS J 332 1.18 -23.09 16.37
C CYS J 332 2.17 -21.94 16.21
N HIS J 333 3.45 -22.25 16.04
CA HIS J 333 4.43 -21.22 15.65
C HIS J 333 4.07 -20.64 14.29
N ASP J 334 3.64 -21.50 13.36
CA ASP J 334 3.20 -21.04 12.04
C ASP J 334 1.96 -20.16 12.15
N ALA J 335 1.02 -20.53 13.04
CA ALA J 335 -0.16 -19.70 13.24
C ALA J 335 0.20 -18.35 13.85
N CYS J 336 1.13 -18.36 14.80
CA CYS J 336 1.58 -17.11 15.42
C CYS J 336 2.20 -16.19 14.39
N THR J 337 3.11 -16.73 13.56
CA THR J 337 3.72 -15.94 12.49
C THR J 337 2.72 -15.50 11.44
N MET J 338 1.70 -16.31 11.16
CA MET J 338 0.60 -15.90 10.31
C MET J 338 -0.18 -14.73 10.88
N LEU J 339 -0.23 -14.61 12.21
CA LEU J 339 -0.99 -13.55 12.84
C LEU J 339 -0.17 -12.27 13.08
N GLU J 340 1.14 -12.35 13.30
CA GLU J 340 1.90 -11.17 13.68
C GLU J 340 2.49 -10.41 12.49
N TYR J 341 2.34 -10.92 11.27
CA TYR J 341 3.07 -10.35 10.14
C TYR J 341 2.58 -8.93 9.81
N GLY J 342 1.26 -8.74 9.74
CA GLY J 342 0.73 -7.46 9.33
C GLY J 342 -0.25 -6.84 10.30
N SER J 343 -0.11 -7.15 11.58
CA SER J 343 -0.95 -6.55 12.61
C SER J 343 -0.32 -5.29 13.20
N GLY J 344 0.76 -4.81 12.61
CA GLY J 344 1.48 -3.67 13.15
C GLY J 344 2.06 -3.95 14.53
N MET J 345 2.61 -5.14 14.73
CA MET J 345 3.02 -5.58 16.05
C MET J 345 4.34 -4.95 16.48
N THR J 346 5.04 -4.29 15.57
CA THR J 346 6.27 -3.53 15.82
C THR J 346 7.36 -4.35 16.50
N THR J 347 7.47 -4.23 17.82
CA THR J 347 8.47 -4.94 18.59
C THR J 347 7.88 -6.03 19.46
N ASN J 348 6.89 -5.70 20.27
CA ASN J 348 6.27 -6.66 21.18
C ASN J 348 5.34 -7.57 20.39
N ARG J 349 5.77 -8.80 20.15
CA ARG J 349 5.01 -9.76 19.36
C ARG J 349 3.84 -10.33 20.17
N ILE J 350 3.20 -11.35 19.61
CA ILE J 350 2.10 -12.02 20.29
C ILE J 350 2.63 -12.83 21.46
N ASP J 351 2.08 -12.57 22.63
CA ASP J 351 2.40 -13.45 23.75
C ASP J 351 1.38 -14.57 23.83
N PRO J 352 1.81 -15.83 23.92
CA PRO J 352 0.88 -16.91 24.27
C PRO J 352 0.61 -17.01 25.77
N CYS J 353 1.01 -16.02 26.55
CA CYS J 353 0.89 -16.06 28.01
C CYS J 353 -0.03 -15.00 28.57
N ASP J 354 -0.97 -14.49 27.77
CA ASP J 354 -2.03 -13.64 28.28
C ASP J 354 -3.36 -14.06 27.66
N PRO J 355 -4.46 -13.92 28.41
CA PRO J 355 -5.77 -14.34 27.87
C PRO J 355 -6.25 -13.48 26.71
N ILE J 356 -5.76 -12.25 26.58
CA ILE J 356 -6.30 -11.33 25.57
C ILE J 356 -5.93 -11.78 24.17
N TRP J 357 -4.71 -12.28 23.99
CA TRP J 357 -4.21 -12.65 22.68
C TRP J 357 -4.45 -14.11 22.32
N ARG J 358 -5.19 -14.85 23.16
CA ARG J 358 -5.23 -16.30 22.96
C ARG J 358 -6.48 -16.75 22.20
N GLU J 359 -7.63 -16.11 22.46
CA GLU J 359 -8.92 -16.64 22.00
C GLU J 359 -9.04 -16.69 20.48
N ARG J 360 -8.29 -15.84 19.76
CA ARG J 360 -8.26 -15.89 18.31
C ARG J 360 -7.14 -16.78 17.77
N ILE J 361 -6.18 -17.17 18.61
CA ILE J 361 -5.13 -18.10 18.18
C ILE J 361 -5.73 -19.46 17.85
N LEU J 362 -6.68 -19.92 18.66
CA LEU J 362 -7.37 -21.19 18.38
C LEU J 362 -8.21 -21.09 17.12
N ALA J 363 -8.89 -19.95 16.93
CA ALA J 363 -9.67 -19.75 15.72
C ALA J 363 -8.78 -19.75 14.49
N LYS J 364 -7.56 -19.22 14.62
CA LYS J 364 -6.59 -19.30 13.53
C LYS J 364 -6.13 -20.74 13.31
N ARG J 365 -5.75 -21.44 14.38
CA ARG J 365 -5.23 -22.80 14.29
C ARG J 365 -6.28 -23.79 13.81
N LYS J 366 -7.55 -23.40 13.80
CA LYS J 366 -8.59 -24.24 13.22
C LYS J 366 -8.30 -24.53 11.75
N GLU J 367 -7.84 -23.55 10.98
CA GLU J 367 -7.78 -23.69 9.53
C GLU J 367 -6.39 -23.90 8.94
N ILE J 368 -5.31 -23.89 9.74
CA ILE J 368 -4.05 -24.37 9.17
C ILE J 368 -4.10 -25.89 8.98
N VAL J 369 -4.83 -26.59 9.85
CA VAL J 369 -5.07 -28.01 9.61
C VAL J 369 -5.92 -28.20 8.36
N GLU J 370 -6.83 -27.28 8.09
CA GLU J 370 -7.87 -27.48 7.08
C GLU J 370 -7.32 -27.51 5.65
N PHE J 371 -6.36 -26.65 5.32
CA PHE J 371 -6.04 -26.43 3.91
C PHE J 371 -4.62 -26.77 3.50
N ARG J 372 -3.71 -27.04 4.43
CA ARG J 372 -2.33 -27.31 4.05
C ARG J 372 -2.19 -28.72 3.51
N SER J 373 -1.54 -28.85 2.36
CA SER J 373 -1.13 -30.16 1.88
C SER J 373 0.00 -30.70 2.77
N ARG J 374 -0.16 -31.93 3.25
CA ARG J 374 0.80 -32.49 4.20
C ARG J 374 2.13 -32.84 3.56
N GLY J 375 2.19 -32.97 2.24
CA GLY J 375 3.43 -33.28 1.56
C GLY J 375 4.35 -32.08 1.43
N ARG J 377 11.89 -30.62 1.41
CA ARG J 377 10.49 -30.92 1.67
C ARG J 377 10.18 -32.38 1.34
N MET K 1 -15.99 -47.17 44.02
CA MET K 1 -16.36 -45.94 43.35
C MET K 1 -15.23 -45.43 42.46
N ILE K 2 -14.83 -46.25 41.50
CA ILE K 2 -13.69 -45.91 40.66
C ILE K 2 -14.08 -45.02 39.49
N TYR K 3 -13.09 -44.38 38.89
CA TYR K 3 -13.29 -43.28 37.95
C TYR K 3 -12.90 -43.78 36.56
N LEU K 4 -13.90 -44.27 35.83
CA LEU K 4 -13.74 -44.86 34.51
C LEU K 4 -14.45 -43.96 33.51
N SER K 5 -13.74 -43.59 32.44
CA SER K 5 -14.29 -42.70 31.44
C SER K 5 -13.79 -43.13 30.06
N ARG K 6 -13.97 -42.27 29.07
CA ARG K 6 -13.56 -42.58 27.70
C ARG K 6 -13.05 -41.30 27.04
N LEU K 7 -11.87 -41.38 26.45
CA LEU K 7 -11.35 -40.36 25.56
C LEU K 7 -11.37 -40.91 24.14
N LEU K 8 -11.82 -40.10 23.20
CA LEU K 8 -12.17 -40.58 21.87
C LEU K 8 -11.29 -39.88 20.84
N ILE K 9 -10.56 -40.66 20.05
CA ILE K 9 -9.56 -40.14 19.12
C ILE K 9 -9.97 -40.55 17.71
N ASP K 10 -9.85 -39.63 16.76
CA ASP K 10 -10.24 -39.87 15.38
C ASP K 10 -9.45 -40.98 14.69
N THR K 11 -8.14 -40.77 14.49
CA THR K 11 -7.27 -41.67 13.71
C THR K 11 -7.88 -42.03 12.36
N GLY K 12 -8.45 -41.03 11.70
CA GLY K 12 -9.09 -41.28 10.42
C GLY K 12 -9.52 -39.97 9.79
N GLY K 13 -10.15 -40.09 8.63
CA GLY K 13 -10.59 -38.94 7.88
C GLY K 13 -9.69 -38.61 6.72
N ASN K 14 -9.54 -37.32 6.41
CA ASN K 14 -8.73 -36.90 5.28
C ASN K 14 -7.25 -36.95 5.65
N PRO K 15 -6.43 -37.69 4.90
CA PRO K 15 -4.99 -37.72 5.19
C PRO K 15 -4.29 -36.39 4.99
N ASP K 16 -4.83 -35.49 4.15
CA ASP K 16 -4.17 -34.22 3.89
C ASP K 16 -4.19 -33.29 5.10
N ARG K 17 -5.22 -33.38 5.92
CA ARG K 17 -5.29 -32.57 7.12
C ARG K 17 -4.30 -33.10 8.16
N PRO K 18 -3.39 -32.27 8.66
CA PRO K 18 -2.50 -32.71 9.74
C PRO K 18 -3.31 -32.94 11.02
N ARG K 19 -3.24 -34.17 11.53
CA ARG K 19 -4.01 -34.56 12.70
C ARG K 19 -3.08 -34.69 13.90
N PRO K 20 -3.05 -33.73 14.82
CA PRO K 20 -2.11 -33.80 15.95
C PRO K 20 -2.38 -34.97 16.90
N GLY K 21 -3.61 -35.49 16.94
CA GLY K 21 -3.88 -36.65 17.76
C GLY K 21 -3.14 -37.89 17.28
N ARG K 22 -2.95 -38.03 15.97
CA ARG K 22 -2.27 -39.20 15.42
C ARG K 22 -0.82 -39.28 15.89
N LYS K 23 -0.10 -38.16 15.84
CA LYS K 23 1.24 -38.16 16.43
C LYS K 23 1.20 -38.10 17.95
N TRP K 24 0.08 -37.68 18.55
CA TRP K 24 -0.04 -37.73 20.00
C TRP K 24 -0.03 -39.18 20.50
N LEU K 25 -0.75 -40.08 19.82
CA LEU K 25 -0.74 -41.48 20.25
C LEU K 25 0.52 -42.22 19.81
N ASP K 26 1.24 -41.74 18.79
CA ASP K 26 2.39 -42.51 18.32
C ASP K 26 3.66 -42.26 19.13
N ASN K 27 3.53 -42.29 20.45
CA ASN K 27 4.62 -42.16 21.43
C ASN K 27 4.01 -42.37 22.80
N ILE K 28 4.79 -42.98 23.70
CA ILE K 28 4.30 -43.26 25.04
C ILE K 28 4.24 -41.99 25.88
N TYR K 29 5.33 -41.21 25.84
CA TYR K 29 5.48 -40.09 26.77
C TYR K 29 4.48 -38.98 26.52
N ASN K 30 4.00 -38.82 25.28
CA ASN K 30 3.03 -37.76 25.00
C ASN K 30 1.71 -38.03 25.69
N VAL K 31 1.15 -39.23 25.50
CA VAL K 31 -0.11 -39.57 26.17
C VAL K 31 0.10 -39.69 27.67
N HIS K 32 1.28 -40.14 28.11
CA HIS K 32 1.59 -40.21 29.53
C HIS K 32 1.56 -38.83 30.17
N ARG K 33 2.22 -37.86 29.54
CA ARG K 33 2.25 -36.49 30.04
C ARG K 33 0.87 -35.86 30.02
N ARG K 34 0.12 -36.07 28.93
CA ARG K 34 -1.17 -35.40 28.78
C ARG K 34 -2.19 -35.95 29.77
N LEU K 35 -2.15 -37.25 30.03
CA LEU K 35 -3.03 -37.81 31.05
C LEU K 35 -2.51 -37.57 32.46
N SER K 36 -1.21 -37.34 32.63
CA SER K 36 -0.68 -37.02 33.94
C SER K 36 -1.07 -35.61 34.36
N MET K 37 -1.06 -34.68 33.40
CA MET K 37 -1.51 -33.32 33.65
C MET K 37 -3.01 -33.27 33.91
N ALA K 38 -3.76 -34.28 33.43
CA ALA K 38 -5.21 -34.36 33.59
C ALA K 38 -5.68 -34.55 35.03
N PHE K 39 -4.78 -34.54 36.01
CA PHE K 39 -5.14 -34.40 37.43
C PHE K 39 -4.26 -33.31 38.02
N PRO K 40 -4.57 -32.04 37.75
CA PRO K 40 -3.71 -30.95 38.23
C PRO K 40 -3.86 -30.73 39.73
N SER K 41 -2.84 -30.12 40.31
CA SER K 41 -2.88 -29.78 41.72
C SER K 41 -3.88 -28.65 41.97
N GLY K 42 -4.47 -28.66 43.17
CA GLY K 42 -5.59 -27.77 43.45
C GLY K 42 -5.22 -26.32 43.60
N LEU K 43 -3.98 -26.00 43.97
CA LEU K 43 -3.58 -24.61 44.13
C LEU K 43 -3.41 -23.92 42.77
N ARG K 44 -3.09 -24.69 41.72
CA ARG K 44 -2.96 -24.10 40.39
C ARG K 44 -4.31 -23.64 39.85
N ARG K 45 -5.37 -24.39 40.13
CA ARG K 45 -6.71 -23.97 39.71
C ARG K 45 -7.13 -22.68 40.40
N GLU K 46 -6.75 -22.51 41.67
CA GLU K 46 -7.03 -21.26 42.35
C GLU K 46 -6.16 -20.14 41.80
N GLN K 47 -4.91 -20.44 41.47
CA GLN K 47 -4.00 -19.43 40.93
C GLN K 47 -4.33 -19.10 39.48
N ASP K 48 -4.24 -20.10 38.60
CA ASP K 48 -4.55 -19.93 37.18
C ASP K 48 -5.66 -20.90 36.80
N PRO K 49 -6.93 -20.47 36.83
CA PRO K 49 -8.04 -21.37 36.50
C PRO K 49 -8.30 -21.55 35.02
N HIS K 50 -7.37 -21.15 34.16
CA HIS K 50 -7.66 -21.06 32.73
C HIS K 50 -6.67 -21.87 31.90
N PHE K 51 -5.73 -22.58 32.53
CA PHE K 51 -4.70 -23.39 31.88
C PHE K 51 -3.86 -22.56 30.91
N LEU K 52 -3.23 -21.52 31.44
CA LEU K 52 -2.62 -20.52 30.59
C LEU K 52 -1.26 -20.12 31.17
N LYS K 53 -0.45 -21.10 31.52
CA LYS K 53 0.86 -20.86 32.11
C LYS K 53 1.82 -21.96 31.69
N PRO K 54 3.12 -21.69 31.68
CA PRO K 54 4.11 -22.78 31.48
C PRO K 54 4.16 -23.66 32.72
N PHE K 55 3.74 -24.91 32.56
CA PHE K 55 3.60 -25.82 33.69
C PHE K 55 4.94 -26.34 34.16
N SER K 56 4.93 -26.97 35.33
CA SER K 56 6.08 -27.62 35.95
C SER K 56 5.54 -28.81 36.73
N PRO K 57 6.17 -29.99 36.63
CA PRO K 57 5.61 -31.16 37.31
C PRO K 57 5.83 -31.14 38.81
N ASN K 58 6.76 -30.32 39.31
CA ASN K 58 6.88 -30.14 40.76
C ASN K 58 5.65 -29.45 41.33
N ASP K 59 5.05 -28.52 40.58
CA ASP K 59 3.78 -27.93 41.00
C ASP K 59 2.65 -28.94 40.90
N PHE K 60 2.75 -29.90 39.98
CA PHE K 60 1.77 -30.97 39.89
C PHE K 60 1.95 -31.96 41.04
N GLN K 61 0.93 -32.78 41.25
CA GLN K 61 0.97 -33.85 42.23
C GLN K 61 1.13 -35.19 41.52
N LYS K 62 1.59 -36.19 42.27
CA LYS K 62 1.95 -37.49 41.71
C LYS K 62 1.03 -38.59 42.24
N THR K 63 0.43 -39.35 41.33
CA THR K 63 -0.44 -40.46 41.67
C THR K 63 -0.14 -41.62 40.72
N PRO K 64 -0.20 -42.87 41.20
CA PRO K 64 -0.07 -44.01 40.29
C PRO K 64 -1.27 -44.18 39.37
N PHE K 65 -1.33 -43.33 38.36
CA PHE K 65 -2.35 -43.32 37.32
C PHE K 65 -2.04 -44.31 36.19
N LEU K 66 -3.06 -44.62 35.39
CA LEU K 66 -2.94 -45.68 34.40
C LEU K 66 -4.04 -45.54 33.36
N PHE K 67 -3.74 -45.97 32.14
CA PHE K 67 -4.69 -45.86 31.03
C PHE K 67 -4.62 -47.11 30.17
N ARG K 68 -5.35 -47.07 29.06
CA ARG K 68 -5.47 -48.18 28.12
C ARG K 68 -5.71 -47.62 26.73
N VAL K 69 -4.93 -48.09 25.76
CA VAL K 69 -5.03 -47.65 24.37
C VAL K 69 -5.65 -48.76 23.56
N ASP K 70 -6.89 -48.56 23.11
CA ASP K 70 -7.60 -49.51 22.27
C ASP K 70 -8.14 -48.76 21.07
N ASN K 71 -8.97 -49.42 20.26
CA ASN K 71 -9.53 -48.79 19.07
C ASN K 71 -10.70 -49.62 18.57
N ASN K 72 -11.31 -49.14 17.48
CA ASN K 72 -12.23 -49.88 16.62
C ASN K 72 -13.56 -50.30 17.22
N ILE K 73 -14.35 -49.35 17.71
CA ILE K 73 -15.80 -49.58 17.74
C ILE K 73 -16.34 -49.36 16.34
N ASP K 74 -16.78 -50.43 15.70
CA ASP K 74 -17.17 -50.40 14.32
C ASP K 74 -18.63 -49.94 14.20
N GLY K 75 -19.20 -50.12 13.01
CA GLY K 75 -20.47 -49.50 12.70
C GLY K 75 -20.25 -48.40 11.70
N ASN K 76 -19.33 -48.66 10.77
CA ASN K 76 -18.93 -47.73 9.70
C ASN K 76 -18.26 -46.47 10.26
N ASP K 77 -17.44 -46.63 11.30
CA ASP K 77 -16.56 -45.55 11.73
C ASP K 77 -15.39 -46.16 12.51
N LYS K 78 -14.19 -46.08 11.93
CA LYS K 78 -12.98 -46.47 12.65
C LYS K 78 -12.67 -45.35 13.65
N ARG K 79 -12.45 -45.73 14.91
CA ARG K 79 -12.25 -44.77 15.97
C ARG K 79 -11.37 -45.40 17.04
N ALA K 80 -10.63 -44.55 17.77
CA ALA K 80 -9.64 -44.99 18.75
C ALA K 80 -10.07 -44.59 20.15
N ILE K 81 -9.72 -45.42 21.13
CA ILE K 81 -10.36 -45.42 22.44
C ILE K 81 -9.26 -45.32 23.49
N ILE K 82 -9.45 -44.43 24.46
CA ILE K 82 -8.57 -44.30 25.61
C ILE K 82 -9.42 -44.54 26.85
N ILE K 83 -9.03 -45.53 27.65
CA ILE K 83 -9.75 -45.89 28.87
C ILE K 83 -8.83 -45.64 30.06
N VAL K 84 -9.20 -44.72 30.93
CA VAL K 84 -8.30 -44.24 31.97
C VAL K 84 -8.89 -44.56 33.34
N GLN K 85 -8.02 -44.84 34.32
CA GLN K 85 -8.48 -44.92 35.70
C GLN K 85 -7.31 -44.60 36.63
N SER K 86 -7.65 -44.00 37.77
CA SER K 86 -6.67 -43.63 38.80
C SER K 86 -7.45 -43.39 40.08
N VAL K 87 -6.75 -42.98 41.14
CA VAL K 87 -7.46 -42.62 42.36
C VAL K 87 -7.26 -41.15 42.69
N LEU K 88 -8.08 -40.31 42.06
CA LEU K 88 -8.47 -38.94 42.42
C LEU K 88 -9.38 -38.48 41.29
N GLU K 89 -10.12 -37.41 41.53
CA GLU K 89 -11.09 -36.95 40.54
C GLU K 89 -10.37 -36.27 39.37
N PRO K 90 -10.56 -36.73 38.14
CA PRO K 90 -9.98 -36.08 36.98
C PRO K 90 -10.87 -34.95 36.48
N ASP K 91 -10.30 -34.14 35.59
CA ASP K 91 -11.06 -33.09 34.91
C ASP K 91 -10.77 -33.17 33.42
N TRP K 92 -11.85 -33.15 32.63
CA TRP K 92 -11.73 -33.23 31.18
C TRP K 92 -11.99 -31.90 30.49
N ASP K 93 -12.78 -31.01 31.10
CA ASP K 93 -12.93 -29.68 30.55
C ASP K 93 -11.69 -28.84 30.81
N TYR K 94 -10.98 -29.09 31.91
CA TYR K 94 -9.72 -28.40 32.17
C TYR K 94 -8.62 -28.94 31.26
N CYS K 95 -8.62 -30.23 30.99
CA CYS K 95 -7.50 -30.88 30.32
C CYS K 95 -7.45 -30.56 28.82
N PHE K 96 -8.60 -30.60 28.14
CA PHE K 96 -8.65 -30.47 26.69
C PHE K 96 -9.41 -29.22 26.26
N GLN K 97 -9.23 -28.13 27.02
CA GLN K 97 -9.86 -26.86 26.72
C GLN K 97 -9.18 -26.08 25.59
N ASN K 98 -7.99 -26.51 25.16
CA ASN K 98 -7.38 -26.00 23.94
C ASN K 98 -7.11 -27.09 22.92
N ALA K 99 -7.46 -28.32 23.22
CA ALA K 99 -7.11 -29.47 22.39
C ALA K 99 -8.36 -30.14 21.82
N LEU K 100 -9.29 -29.33 21.31
CA LEU K 100 -10.47 -29.89 20.65
C LEU K 100 -10.11 -30.60 19.36
N ASP K 101 -8.96 -30.30 18.75
CA ASP K 101 -8.53 -31.02 17.56
C ASP K 101 -7.99 -32.40 17.92
N PHE K 102 -7.62 -32.63 19.18
CA PHE K 102 -7.13 -33.93 19.60
C PHE K 102 -8.23 -34.98 19.50
N LEU K 103 -9.45 -34.64 19.91
CA LEU K 103 -10.54 -35.59 19.98
C LEU K 103 -11.38 -35.57 18.70
N ALA K 104 -12.22 -36.58 18.56
CA ALA K 104 -13.23 -36.63 17.51
C ALA K 104 -14.66 -36.56 18.06
N ALA K 105 -14.83 -36.69 19.37
CA ALA K 105 -16.12 -36.55 20.03
C ALA K 105 -15.85 -36.07 21.45
N PRO K 106 -16.77 -35.31 22.05
CA PRO K 106 -16.57 -34.85 23.42
C PRO K 106 -16.50 -36.02 24.39
N PRO K 107 -15.65 -35.94 25.41
CA PRO K 107 -15.53 -37.05 26.36
C PRO K 107 -16.75 -37.15 27.25
N GLU K 108 -17.00 -38.38 27.72
CA GLU K 108 -18.12 -38.66 28.61
C GLU K 108 -17.64 -39.49 29.78
N THR K 109 -18.30 -39.31 30.93
CA THR K 109 -17.95 -39.99 32.16
C THR K 109 -19.21 -40.29 32.96
N LYS K 110 -19.26 -41.47 33.58
CA LYS K 110 -20.30 -41.85 34.52
C LYS K 110 -19.64 -42.44 35.75
N GLU K 111 -20.47 -42.76 36.74
CA GLU K 111 -20.00 -43.47 37.94
C GLU K 111 -20.07 -44.97 37.71
N TYR K 112 -18.95 -45.66 37.98
CA TYR K 112 -18.86 -47.11 37.91
C TYR K 112 -18.32 -47.66 39.22
N ASN K 113 -18.80 -48.84 39.61
CA ASN K 113 -18.39 -49.51 40.84
C ASN K 113 -18.13 -51.00 40.59
N PRO K 114 -16.97 -51.51 40.97
CA PRO K 114 -16.68 -52.94 40.77
C PRO K 114 -17.02 -53.81 41.97
N GLU K 115 -17.47 -55.02 41.68
CA GLU K 115 -17.77 -56.03 42.70
C GLU K 115 -17.14 -57.35 42.29
N PHE K 116 -16.69 -58.12 43.28
CA PHE K 116 -16.07 -59.41 43.05
C PHE K 116 -16.62 -60.44 44.03
N LYS K 117 -16.59 -61.70 43.62
CA LYS K 117 -17.08 -62.82 44.42
C LYS K 117 -16.02 -63.92 44.42
N ALA K 118 -16.39 -65.05 45.02
CA ALA K 118 -15.50 -66.20 45.11
C ALA K 118 -15.92 -67.25 44.10
N GLY K 119 -14.98 -67.67 43.25
CA GLY K 119 -15.27 -68.63 42.21
C GLY K 119 -16.24 -68.11 41.16
N GLN K 120 -16.10 -66.85 40.76
CA GLN K 120 -17.01 -66.23 39.82
C GLN K 120 -16.28 -65.92 38.52
N LEU K 121 -16.95 -66.19 37.40
CA LEU K 121 -16.39 -65.96 36.09
C LEU K 121 -16.25 -64.46 35.79
N LEU K 122 -15.35 -64.14 34.88
CA LEU K 122 -15.07 -62.77 34.50
C LEU K 122 -14.60 -62.74 33.05
N ARG K 123 -14.67 -61.55 32.46
CA ARG K 123 -14.11 -61.31 31.13
C ARG K 123 -13.17 -60.12 31.22
N PHE K 124 -11.99 -60.26 30.63
CA PHE K 124 -10.90 -59.32 30.90
C PHE K 124 -10.06 -59.10 29.66
N ARG K 125 -9.45 -57.91 29.58
CA ARG K 125 -8.34 -57.62 28.68
C ARG K 125 -7.23 -56.96 29.46
N LEU K 126 -6.02 -57.47 29.33
CA LEU K 126 -4.85 -56.91 29.99
C LEU K 126 -3.76 -56.66 28.95
N ARG K 127 -2.78 -55.85 29.35
CA ARG K 127 -1.60 -55.57 28.55
C ARG K 127 -0.40 -55.59 29.48
N VAL K 128 0.50 -56.55 29.27
CA VAL K 128 1.73 -56.66 30.06
C VAL K 128 2.89 -56.80 29.09
N ASN K 129 3.92 -55.98 29.27
CA ASN K 129 5.13 -56.11 28.46
C ASN K 129 5.87 -57.38 28.81
N ALA K 130 6.32 -58.10 27.78
CA ALA K 130 7.08 -59.33 27.97
C ALA K 130 8.47 -58.96 28.47
N SER K 131 8.73 -59.21 29.76
CA SER K 131 9.94 -58.75 30.42
C SER K 131 10.51 -59.88 31.26
N VAL K 132 11.72 -60.32 30.93
CA VAL K 132 12.43 -61.35 31.67
C VAL K 132 13.81 -60.80 32.01
N ARG K 133 14.07 -60.59 33.29
CA ARG K 133 15.37 -60.07 33.72
C ARG K 133 16.43 -61.13 33.53
N ARG K 134 17.49 -60.80 32.79
CA ARG K 134 18.52 -61.79 32.44
C ARG K 134 19.89 -61.14 32.46
N HIS K 135 20.91 -61.99 32.64
CA HIS K 135 22.30 -61.61 32.46
C HIS K 135 22.69 -61.89 31.01
N ILE K 136 23.15 -60.87 30.29
CA ILE K 136 23.48 -61.03 28.89
C ILE K 136 24.97 -60.77 28.67
N PRO K 137 25.59 -61.43 27.68
CA PRO K 137 26.91 -60.99 27.24
C PRO K 137 26.78 -59.72 26.42
N GLU K 138 27.63 -58.73 26.73
CA GLU K 138 27.54 -57.45 26.05
C GLU K 138 28.02 -57.60 24.60
N MET K 139 27.47 -56.76 23.73
CA MET K 139 27.72 -56.88 22.29
C MET K 139 27.69 -55.46 21.72
N VAL K 140 28.87 -54.86 21.62
CA VAL K 140 28.98 -53.45 21.23
C VAL K 140 29.79 -53.31 19.95
N GLN K 141 29.92 -52.07 19.46
CA GLN K 141 30.70 -51.71 18.28
C GLN K 141 30.16 -52.36 17.01
N GLN K 142 30.30 -53.69 16.90
CA GLN K 142 29.85 -54.46 15.75
C GLN K 142 30.49 -53.97 14.44
N ASP K 143 31.77 -53.60 14.51
CA ASP K 143 32.48 -53.07 13.35
C ASP K 143 33.16 -54.23 12.63
N GLY K 144 32.36 -54.98 11.87
CA GLY K 144 32.88 -56.07 11.08
C GLY K 144 32.96 -57.39 11.82
N GLN K 145 33.43 -57.35 13.06
CA GLN K 145 33.55 -58.54 13.90
C GLN K 145 33.02 -58.23 15.29
N THR K 146 32.58 -59.28 15.98
CA THR K 146 32.02 -59.12 17.32
C THR K 146 33.12 -58.88 18.35
N ILE K 147 32.81 -58.05 19.33
CA ILE K 147 33.73 -57.76 20.44
C ILE K 147 32.95 -57.83 21.74
N GLU K 148 33.41 -58.68 22.66
CA GLU K 148 32.79 -58.84 23.96
C GLU K 148 33.86 -58.82 25.04
N THR K 149 33.44 -58.42 26.24
CA THR K 149 34.26 -58.56 27.44
C THR K 149 33.54 -59.48 28.43
N GLY K 150 34.23 -59.77 29.53
CA GLY K 150 33.70 -60.71 30.51
C GLY K 150 32.56 -60.18 31.34
N LYS K 151 32.28 -58.88 31.24
CA LYS K 151 31.17 -58.30 31.99
C LYS K 151 29.83 -58.80 31.45
N ILE K 152 28.94 -59.14 32.37
CA ILE K 152 27.59 -59.59 32.02
C ILE K 152 26.64 -58.45 32.35
N LEU K 153 26.03 -57.87 31.32
CA LEU K 153 25.15 -56.74 31.51
C LEU K 153 23.79 -57.23 32.03
N HIS K 154 23.18 -56.42 32.90
CA HIS K 154 21.89 -56.75 33.49
C HIS K 154 20.81 -55.89 32.86
N LYS K 155 19.82 -56.53 32.25
CA LYS K 155 18.66 -55.84 31.71
C LYS K 155 17.50 -56.82 31.65
N ARG K 156 16.37 -56.36 31.11
CA ARG K 156 15.18 -57.18 30.93
C ARG K 156 15.02 -57.52 29.46
N VAL K 157 15.38 -58.74 29.10
CA VAL K 157 15.24 -59.26 27.74
C VAL K 157 13.77 -59.50 27.46
N SER K 158 13.35 -59.27 26.21
CA SER K 158 12.01 -59.67 25.79
C SER K 158 11.90 -61.19 25.81
N LEU K 159 10.66 -61.67 25.99
CA LEU K 159 10.42 -63.09 26.12
C LEU K 159 10.72 -63.82 24.82
N THR K 160 11.44 -64.94 24.93
CA THR K 160 11.70 -65.82 23.81
C THR K 160 11.23 -67.21 24.16
N TRP K 161 10.93 -68.00 23.12
CA TRP K 161 10.45 -69.36 23.30
C TRP K 161 11.28 -70.29 22.43
N ASP K 162 11.22 -71.58 22.76
CA ASP K 162 11.95 -72.57 22.00
C ASP K 162 11.34 -72.74 20.61
N ALA K 163 12.14 -73.28 19.69
CA ALA K 163 11.72 -73.41 18.29
C ALA K 163 10.57 -74.40 18.13
N SER K 164 10.39 -75.33 19.06
CA SER K 164 9.28 -76.26 19.02
C SER K 164 8.06 -75.75 19.80
N SER K 165 7.96 -74.44 19.98
CA SER K 165 6.83 -73.84 20.68
C SER K 165 6.32 -72.64 19.90
N THR K 166 5.00 -72.60 19.66
CA THR K 166 4.31 -71.47 19.07
C THR K 166 4.19 -70.36 20.12
N PRO K 167 4.03 -69.10 19.69
CA PRO K 167 3.87 -68.03 20.69
C PRO K 167 2.63 -68.15 21.55
N ASP K 168 1.59 -68.82 21.03
CA ASP K 168 0.27 -68.81 21.67
C ASP K 168 0.30 -69.49 23.03
N GLN K 169 0.66 -70.78 23.07
CA GLN K 169 0.64 -71.43 24.38
C GLN K 169 1.85 -71.04 25.22
N ALA K 170 2.87 -70.44 24.62
CA ALA K 170 3.95 -69.86 25.41
C ALA K 170 3.44 -68.71 26.27
N LEU K 171 2.69 -67.77 25.67
CA LEU K 171 2.10 -66.71 26.48
C LEU K 171 0.97 -67.23 27.35
N ALA K 172 0.27 -68.27 26.91
CA ALA K 172 -0.72 -68.91 27.78
C ALA K 172 -0.06 -69.51 29.02
N ASP K 173 1.10 -70.12 28.85
CA ASP K 173 1.83 -70.68 29.99
C ASP K 173 2.39 -69.57 30.87
N TRP K 174 2.79 -68.45 30.28
CA TRP K 174 3.19 -67.28 31.08
C TRP K 174 2.03 -66.80 31.95
N LEU K 175 0.84 -66.68 31.35
CA LEU K 175 -0.30 -66.20 32.12
C LEU K 175 -0.72 -67.23 33.17
N ALA K 176 -0.60 -68.52 32.84
CA ALA K 176 -0.90 -69.58 33.79
C ALA K 176 0.08 -69.59 34.95
N ALA K 177 1.35 -69.30 34.68
CA ALA K 177 2.34 -69.24 35.76
C ALA K 177 2.13 -68.02 36.63
N LYS K 178 1.76 -66.89 36.03
CA LYS K 178 1.58 -65.66 36.81
C LYS K 178 0.23 -65.60 37.51
N SER K 179 -0.73 -66.45 37.12
CA SER K 179 -2.06 -66.41 37.74
C SER K 179 -2.08 -66.72 39.24
N PRO K 180 -1.51 -67.84 39.74
CA PRO K 180 -1.71 -68.15 41.17
C PRO K 180 -0.98 -67.20 42.10
N LYS K 181 0.06 -66.52 41.63
CA LYS K 181 0.73 -65.53 42.46
C LYS K 181 -0.15 -64.30 42.67
N LEU K 182 -0.78 -63.82 41.60
CA LEU K 182 -1.54 -62.58 41.70
C LEU K 182 -2.89 -62.79 42.36
N GLY K 183 -3.44 -64.00 42.30
CA GLY K 183 -4.70 -64.29 42.97
C GLY K 183 -5.85 -64.73 42.09
N PHE K 184 -5.56 -65.42 40.99
CA PHE K 184 -6.62 -65.95 40.14
C PHE K 184 -6.14 -67.22 39.45
N THR K 185 -7.05 -67.86 38.73
CA THR K 185 -6.76 -69.06 37.96
C THR K 185 -7.62 -69.06 36.71
N LEU K 186 -7.00 -69.29 35.56
CA LEU K 186 -7.68 -69.30 34.27
C LEU K 186 -7.74 -70.70 33.71
N GLN K 187 -8.51 -70.87 32.64
CA GLN K 187 -8.53 -72.11 31.89
C GLN K 187 -8.01 -71.98 30.47
N ARG K 188 -8.12 -70.80 29.86
CA ARG K 188 -7.58 -70.52 28.53
C ARG K 188 -7.62 -69.02 28.30
N CYS K 189 -6.66 -68.52 27.53
CA CYS K 189 -6.65 -67.12 27.11
C CYS K 189 -6.07 -67.03 25.71
N GLU K 190 -6.51 -66.01 24.97
CA GLU K 190 -6.17 -65.89 23.56
C GLU K 190 -5.21 -64.71 23.33
N LEU K 191 -4.15 -64.98 22.60
CA LEU K 191 -3.22 -63.96 22.15
C LEU K 191 -3.78 -63.26 20.93
N LEU K 192 -3.86 -61.93 20.94
CA LEU K 192 -4.27 -61.23 19.73
C LEU K 192 -3.42 -60.01 19.41
N GLN K 193 -2.47 -59.63 20.26
CA GLN K 193 -1.52 -58.59 19.91
C GLN K 193 -0.18 -58.90 20.55
N LEU K 194 0.77 -59.37 19.74
CA LEU K 194 2.17 -59.47 20.11
C LEU K 194 2.95 -58.57 19.17
N GLY K 195 3.72 -57.65 19.72
CA GLY K 195 4.43 -56.74 18.86
C GLY K 195 5.39 -55.85 19.62
N TRP K 196 5.86 -54.83 18.92
CA TRP K 196 6.84 -53.90 19.44
C TRP K 196 6.16 -52.55 19.67
N VAL K 197 6.50 -51.90 20.78
CA VAL K 197 5.96 -50.58 21.10
C VAL K 197 7.13 -49.62 21.29
N TYR K 198 7.12 -48.52 20.54
CA TYR K 198 8.25 -47.60 20.47
C TYR K 198 7.87 -46.26 21.06
N GLY K 199 8.87 -45.58 21.63
CA GLY K 199 8.68 -44.26 22.21
C GLY K 199 10.00 -43.54 22.36
N SER K 200 9.92 -42.34 22.93
CA SER K 200 11.11 -41.54 23.18
C SER K 200 10.87 -40.67 24.40
N LYS K 201 11.97 -40.14 24.96
CA LYS K 201 11.88 -39.36 26.18
C LYS K 201 12.79 -38.13 26.14
N PRO K 202 12.30 -36.96 26.51
CA PRO K 202 13.17 -35.84 26.82
C PRO K 202 13.47 -35.77 28.32
N GLU K 203 14.60 -35.14 28.64
CA GLU K 203 15.05 -35.08 30.02
C GLU K 203 15.97 -33.89 30.19
N PRO K 204 16.00 -33.27 31.38
CA PRO K 204 16.99 -32.23 31.65
C PRO K 204 18.37 -32.84 31.80
N TRP K 217 22.76 -24.95 30.18
CA TRP K 217 22.10 -24.56 28.94
C TRP K 217 21.32 -25.72 28.33
N ARG K 218 21.84 -26.95 28.45
CA ARG K 218 21.13 -28.20 28.19
C ARG K 218 20.74 -28.41 26.73
N GLU K 219 20.34 -29.64 26.40
CA GLU K 219 19.89 -30.02 25.08
C GLU K 219 18.70 -30.96 25.24
N HIS K 220 18.34 -31.64 24.16
CA HIS K 220 17.35 -32.70 24.19
C HIS K 220 17.92 -33.93 23.48
N LYS K 221 17.53 -35.10 23.95
CA LYS K 221 18.05 -36.36 23.42
C LYS K 221 16.90 -37.31 23.08
N TYR K 222 17.12 -38.11 22.05
CA TYR K 222 16.15 -39.10 21.59
C TYR K 222 16.75 -40.48 21.77
N ASN K 223 16.02 -41.36 22.45
CA ASN K 223 16.42 -42.75 22.62
C ASN K 223 15.16 -43.59 22.41
N PRO K 224 15.25 -44.68 21.64
CA PRO K 224 14.05 -45.48 21.37
C PRO K 224 13.58 -46.26 22.58
N LEU K 225 12.47 -45.84 23.19
CA LEU K 225 11.86 -46.62 24.25
C LEU K 225 11.36 -47.94 23.69
N ARG K 226 11.59 -49.01 24.44
CA ARG K 226 11.37 -50.36 23.94
C ARG K 226 10.52 -51.16 24.91
N PHE K 227 9.45 -51.74 24.38
CA PHE K 227 8.52 -52.54 25.18
C PHE K 227 7.90 -53.61 24.30
N ARG K 228 7.95 -54.86 24.75
CA ARG K 228 7.34 -55.99 24.05
C ARG K 228 5.95 -56.22 24.61
N ALA K 229 4.99 -55.44 24.10
CA ALA K 229 3.64 -55.46 24.64
C ALA K 229 2.92 -56.75 24.27
N ALA K 230 1.96 -57.13 25.11
CA ALA K 230 1.17 -58.34 24.92
C ALA K 230 -0.26 -58.03 25.39
N LEU K 231 -1.17 -57.87 24.44
CA LEU K 231 -2.57 -57.58 24.75
C LEU K 231 -3.37 -58.85 24.53
N LEU K 232 -4.10 -59.26 25.57
CA LEU K 232 -4.87 -60.50 25.54
C LEU K 232 -6.31 -60.20 25.95
N GLU K 233 -7.17 -61.21 25.82
CA GLU K 233 -8.61 -61.03 25.94
C GLU K 233 -9.28 -62.38 26.16
N GLY K 234 -10.21 -62.44 27.10
CA GLY K 234 -11.19 -63.50 27.08
C GLY K 234 -11.25 -64.45 28.26
N VAL K 235 -12.37 -64.38 29.00
CA VAL K 235 -12.82 -65.39 29.97
C VAL K 235 -11.85 -65.55 31.13
N LEU K 236 -12.17 -64.94 32.26
CA LEU K 236 -11.37 -65.03 33.47
C LEU K 236 -12.15 -65.72 34.58
N GLU K 237 -11.42 -66.45 35.42
CA GLU K 237 -11.98 -67.05 36.62
C GLU K 237 -11.15 -66.59 37.81
N VAL K 238 -11.80 -66.43 38.95
CA VAL K 238 -11.16 -65.93 40.15
C VAL K 238 -11.12 -67.03 41.20
N ASP K 239 -10.18 -66.90 42.13
CA ASP K 239 -10.06 -67.78 43.27
C ASP K 239 -10.54 -67.16 44.57
N ASP K 240 -10.44 -65.84 44.71
CA ASP K 240 -10.89 -65.14 45.90
C ASP K 240 -11.18 -63.70 45.53
N PRO K 241 -12.28 -63.11 46.00
CA PRO K 241 -12.56 -61.70 45.66
C PRO K 241 -11.62 -60.72 46.32
N LYS K 242 -10.97 -61.09 47.43
CA LYS K 242 -10.11 -60.16 48.15
C LYS K 242 -8.77 -59.95 47.47
N LEU K 243 -8.40 -60.78 46.50
CA LEU K 243 -7.13 -60.67 45.81
C LEU K 243 -7.23 -59.86 44.52
N PHE K 244 -8.32 -59.14 44.31
CA PHE K 244 -8.51 -58.36 43.10
C PHE K 244 -8.69 -56.86 43.34
N LEU K 245 -9.12 -56.45 44.53
CA LEU K 245 -9.33 -55.02 44.79
C LEU K 245 -8.03 -54.25 44.84
N LYS K 246 -6.93 -54.89 45.25
CA LYS K 246 -5.62 -54.26 45.27
C LYS K 246 -4.91 -54.33 43.93
N THR K 247 -5.52 -54.98 42.93
CA THR K 247 -4.95 -55.11 41.59
C THR K 247 -5.38 -53.99 40.67
N LEU K 248 -6.63 -53.56 40.77
CA LEU K 248 -7.13 -52.45 39.97
C LEU K 248 -6.47 -51.16 40.41
N SER K 249 -6.31 -50.25 39.43
CA SER K 249 -5.69 -48.93 39.60
C SER K 249 -4.24 -49.00 40.07
N SER K 250 -3.63 -50.18 40.01
CA SER K 250 -2.23 -50.34 40.37
C SER K 250 -1.40 -51.01 39.28
N GLY K 251 -1.96 -52.00 38.59
CA GLY K 251 -1.26 -52.73 37.55
C GLY K 251 -0.77 -54.07 38.03
N ILE K 252 -0.56 -54.99 37.09
CA ILE K 252 -0.13 -56.34 37.40
C ILE K 252 1.20 -56.73 36.75
N GLY K 253 1.72 -55.93 35.83
CA GLY K 253 2.89 -56.32 35.07
C GLY K 253 4.08 -55.39 35.22
N LYS K 254 4.66 -54.96 34.11
CA LYS K 254 5.60 -53.86 34.11
C LYS K 254 5.08 -52.74 33.21
N ALA K 255 5.84 -51.65 33.16
CA ALA K 255 5.41 -50.38 32.55
C ALA K 255 4.07 -49.95 33.14
N LYS K 256 4.02 -49.89 34.47
CA LYS K 256 2.75 -49.65 35.17
C LYS K 256 2.21 -48.27 34.87
N SER K 257 3.05 -47.24 34.98
CA SER K 257 2.61 -45.88 34.71
C SER K 257 2.42 -45.61 33.22
N PHE K 258 2.94 -46.49 32.36
CA PHE K 258 2.88 -46.31 30.92
C PHE K 258 1.58 -46.84 30.32
N GLY K 259 0.66 -47.33 31.14
CA GLY K 259 -0.62 -47.82 30.64
C GLY K 259 -0.65 -49.30 30.34
N PHE K 260 -0.27 -50.11 31.32
CA PHE K 260 -0.17 -51.55 31.13
C PHE K 260 -0.73 -52.31 32.33
N GLY K 261 -1.82 -51.81 32.92
CA GLY K 261 -2.35 -52.50 34.07
C GLY K 261 -3.85 -52.46 34.31
N LEU K 262 -4.65 -52.11 33.31
CA LEU K 262 -6.09 -51.97 33.54
C LEU K 262 -6.75 -53.33 33.58
N LEU K 263 -7.50 -53.59 34.65
CA LEU K 263 -8.30 -54.79 34.78
C LEU K 263 -9.69 -54.48 34.22
N SER K 264 -10.05 -55.15 33.13
CA SER K 264 -11.34 -54.95 32.49
C SER K 264 -12.41 -55.61 33.34
N VAL K 265 -13.15 -54.81 34.09
CA VAL K 265 -14.16 -55.35 35.03
C VAL K 265 -15.46 -55.49 34.23
N LEU K 266 -15.55 -56.62 33.51
CA LEU K 266 -16.74 -56.97 32.74
C LEU K 266 -17.14 -58.39 33.10
N PRO K 267 -17.92 -58.58 34.17
CA PRO K 267 -18.32 -59.94 34.58
C PRO K 267 -19.40 -60.49 33.66
N ILE K 268 -19.02 -61.45 32.83
CA ILE K 268 -19.96 -62.09 31.91
C ILE K 268 -19.41 -63.45 31.50
#